data_8DM9
#
_entry.id   8DM9
#
_cell.length_a   1.00
_cell.length_b   1.00
_cell.length_c   1.00
_cell.angle_alpha   90.00
_cell.angle_beta   90.00
_cell.angle_gamma   90.00
#
_symmetry.space_group_name_H-M   'P 1'
#
loop_
_entity.id
_entity.type
_entity.pdbx_description
1 polymer 'Spike glycoprotein'
2 polymer 'Angiotensin-converting enzyme 2'
3 branched 2-acetamido-2-deoxy-beta-D-glucopyranose-(1-4)-2-acetamido-2-deoxy-beta-D-glucopyranose
4 non-polymer 2-acetamido-2-deoxy-beta-D-glucopyranose
#
loop_
_entity_poly.entity_id
_entity_poly.type
_entity_poly.pdbx_seq_one_letter_code
_entity_poly.pdbx_strand_id
1 'polypeptide(L)'
;MFVFLVLLPLVSSQCVNLTTRTQLPPAYTNSFTRGVYYPDKVFRSSVLHSTQDLFLPFFSNVTWFHVISGTNGTKRFDNP
VLPFNDGVYFASIEKSNIIRGWIFGTTLDSKTQSLLIVNNATNVVIKVCEFQFCNDPFLDHKNNKSWMESEFRVYSSANN
CTFEYVSQPFLMDLEGKQGNFKNLREFVFKNIDGYFKIYSKHTPIIVREPEDLPQGFSALEPLVDLPIGINITRFQTLLA
LHRSYLTPGDSSSGWTAGAAAYYVGYLQPRTFLLKYNENGTITDAVDCALDPLSETKCTLKSFTVEKGIYQTSNFRVQPT
ESIVRFPNITNLCPFDEVFNATRFASVYAWNRKRISNCVADYSVLYNLAPFFTFKCYGVSPTKLNDLCFTNVYADSFVIR
GDEVRQIAPGQTGNIADYNYKLPDDFTGCVIAWNSNKLDSKVSGNYNYLYRLFRKSNLKPFERDISTEIYQAGNKPCNGV
AGFNCYFPLRSYSFRPTYGVGHQPYRVVVLSFELLHAPATVCGPKKSTNLVKNKCVNFNFNGLKGTGVLTESNKKFLPFQ
QFGRDIADTTDAVRDPQTLEILDITPCSFGGVSVITPGTNTSNQVAVLYQGVNCTEVPVAIHADQLTPTWRVYSTGSNVF
QTRAGCLIGAEYVNNSYECDIPIGAGICASYQTQTKSHGSASSVASQSIIAYTMSLGAENSVAYSNNSIAIPTNFTISVT
TEILPVSMTKTSVDCTMYICGDSTECSNLLLQYGSFCTQLKRALTGIAVEQDKNTQEVFAQVKQIYKTPPIKYFGGFNFS
QILPDPSKPSKRSPIEDLLFNKVTLADAGFIKQYGDCLGDIAARDLICAQKFKGLTVLPPLLTDEMIAQYTSALLAGTIT
SGWTFGAGPALQIPFPMQMAYRFNGIGVTQNVLYENQKLIANQFNSAIGKIQDSLSSTPSALGKLQDVVNHNAQALNTLV
KQLSSKFGAISSVLNDIFSRLDPPEAEVQIDRLITGRLQSLQTYVTQQLIRAAEIRASANLAATKMSECVLGQSKRVDFC
GKGYHLMSFPQSAPHGVVFLHVTYVPAQEKNFTTAPAICHDGKAHFPREGVFVSNGTHWFVTQRNFYEPQIITTDNTFVS
GNCDVVIGIVNNTVYDPLQPELDSFKEELDKYFKNHTSPDVDLGDISGINASVVNIQKEIDRLNEVAKNLNESLIDLQEL
GKYEQGSGYIPEAPRDGQAYVRKDGEWVLLSTFLGRSLEVLFQGPGHHHHHHHHSAWSHPQFEKGGGSGGGGSGGSAWSH
PQFEK
;
A,B,C
2 'polypeptide(L)'
;MSSSSWLLLSLVAVTTAQSLTEENAKTFLNNFNQEAEDLSYQSSLASWNYNTNITEENAQKMSEAAAKWSAFYEEQSKTA
QSFSLQEIQTPIIKRQLQALQQSGSSALSADKNKQLNTILNTMSTIYSTGKVCNPKNPQECLLLEPGLDEIMATSTDYNS
RLWAWEGWRAEVGKQLRPLYEEYVVLKNEMARANNYNDYGDYWRGDYEAEGADGYNYNRNQLIEDVERTFAEIKPLYEHL
HAYVRRKLMDTYPSYISPTGCLPAHLLGDMWGRFWTNLYPLTVPFAQKPNIDVTDAMMNQGWDAERIFQEAEKFFVSVGL
PHMTQGFWANSMLTEPADGRKVVCHPTAWDLGHGDFRIKMCTKVTMDNFLTAHHEMGHIQYDMAYARQPFLLRNGANEGF
HEAVGEIMSLSAATPKHLKSIGLLPSDFQEDSETEINFLLKQALTIVGTLPFTYMLEKWRWMVFRGEIPKEQWMKKWWEM
KREIVGVVEPLPHDETYCDPASLFHVSNDYSFIRYYTRTIYQFQFQEALCQAAKYNGSLHKCDISNSTEAGQKLLKMLSL
GNSEPWTKALENVVGARNMDVKPLLNYFQPLFDWLKEQNRNSFVGWNTEWSPYADHHHHHH
;
D
#
# COMPACT_ATOMS: atom_id res chain seq x y z
N GLN A 14 21.99 6.82 -52.95
CA GLN A 14 23.18 7.56 -53.37
C GLN A 14 23.82 8.23 -52.15
N CYS A 15 25.13 8.08 -52.02
CA CYS A 15 25.88 8.67 -50.92
C CYS A 15 27.12 9.39 -51.44
N VAL A 16 27.48 10.49 -50.79
CA VAL A 16 28.66 11.27 -51.14
C VAL A 16 29.47 11.50 -49.86
N ASN A 17 30.76 11.14 -49.89
CA ASN A 17 31.66 11.41 -48.78
C ASN A 17 32.11 12.87 -48.80
N LEU A 18 32.10 13.50 -47.63
CA LEU A 18 32.64 14.84 -47.44
C LEU A 18 34.03 14.72 -46.84
N THR A 19 35.06 15.06 -47.63
CA THR A 19 36.45 14.87 -47.25
C THR A 19 37.21 16.18 -47.06
N THR A 20 36.49 17.31 -46.93
CA THR A 20 37.12 18.61 -46.76
C THR A 20 36.91 19.19 -45.37
N ARG A 21 36.59 18.35 -44.39
CA ARG A 21 36.38 18.82 -43.03
C ARG A 21 37.70 19.20 -42.37
N THR A 22 37.61 20.07 -41.37
CA THR A 22 38.76 20.45 -40.55
C THR A 22 38.57 19.85 -39.17
N GLN A 23 39.60 19.16 -38.66
CA GLN A 23 39.48 18.48 -37.38
C GLN A 23 39.54 19.49 -36.24
N LEU A 24 38.54 19.44 -35.35
CA LEU A 24 38.49 20.31 -34.19
C LEU A 24 37.64 19.60 -33.15
N PRO A 25 38.02 19.65 -31.86
CA PRO A 25 37.16 19.07 -30.83
C PRO A 25 35.90 19.89 -30.66
N PRO A 26 34.78 19.26 -30.33
CA PRO A 26 33.55 20.03 -30.08
C PRO A 26 33.68 20.85 -28.82
N ALA A 27 32.98 21.99 -28.81
CA ALA A 27 33.06 22.91 -27.70
C ALA A 27 32.00 22.58 -26.65
N TYR A 28 32.09 23.28 -25.52
CA TYR A 28 31.07 23.16 -24.48
C TYR A 28 30.75 24.55 -23.98
N THR A 29 29.50 24.73 -23.56
CA THR A 29 29.05 26.01 -23.06
C THR A 29 27.95 25.77 -22.03
N ASN A 30 27.38 26.87 -21.54
CA ASN A 30 26.42 26.82 -20.46
C ASN A 30 25.01 26.78 -21.02
N SER A 31 24.17 25.93 -20.43
CA SER A 31 22.79 25.81 -20.87
C SER A 31 21.96 27.01 -20.43
N PHE A 32 22.38 27.68 -19.36
CA PHE A 32 21.67 28.78 -18.68
C PHE A 32 20.33 28.21 -18.22
N THR A 33 19.21 28.85 -18.52
CA THR A 33 17.90 28.39 -18.09
C THR A 33 17.05 28.04 -19.30
N ARG A 34 17.67 27.41 -20.29
CA ARG A 34 16.98 27.04 -21.51
C ARG A 34 16.59 25.56 -21.44
N GLY A 35 15.69 25.16 -22.31
CA GLY A 35 15.29 23.77 -22.40
C GLY A 35 14.02 23.43 -21.67
N VAL A 36 13.31 24.43 -21.13
CA VAL A 36 12.08 24.20 -20.40
C VAL A 36 10.92 24.12 -21.40
N TYR A 37 10.12 23.08 -21.28
CA TYR A 37 8.98 22.85 -22.15
C TYR A 37 7.72 22.66 -21.32
N TYR A 38 6.57 22.77 -21.98
CA TYR A 38 5.31 22.58 -21.28
C TYR A 38 5.12 21.09 -21.01
N PRO A 39 4.92 20.68 -19.75
CA PRO A 39 4.83 19.24 -19.47
C PRO A 39 3.54 18.58 -19.91
N ASP A 40 2.49 19.35 -20.17
CA ASP A 40 1.19 18.79 -20.52
C ASP A 40 0.39 19.83 -21.30
N LYS A 41 -0.83 19.45 -21.68
CA LYS A 41 -1.71 20.28 -22.49
C LYS A 41 -2.76 21.01 -21.65
N VAL A 42 -2.51 21.19 -20.36
CA VAL A 42 -3.47 21.78 -19.45
C VAL A 42 -3.13 23.25 -19.24
N PHE A 43 -4.14 24.12 -19.37
CA PHE A 43 -3.93 25.54 -19.13
C PHE A 43 -3.77 25.79 -17.64
N ARG A 44 -2.77 26.58 -17.29
CA ARG A 44 -2.58 27.03 -15.92
C ARG A 44 -2.22 28.50 -15.92
N SER A 45 -2.82 29.27 -15.01
CA SER A 45 -2.59 30.71 -14.97
C SER A 45 -2.24 31.14 -13.57
N SER A 46 -1.17 31.95 -13.45
CA SER A 46 -0.74 32.58 -12.19
C SER A 46 -0.48 31.55 -11.08
N VAL A 47 0.13 30.43 -11.43
CA VAL A 47 0.30 29.34 -10.48
C VAL A 47 1.75 28.85 -10.54
N LEU A 48 2.17 28.20 -9.46
CA LEU A 48 3.49 27.57 -9.39
C LEU A 48 3.28 26.07 -9.32
N HIS A 49 3.69 25.35 -10.36
CA HIS A 49 3.41 23.92 -10.48
C HIS A 49 4.72 23.13 -10.45
N SER A 50 4.76 22.09 -9.63
CA SER A 50 5.92 21.24 -9.49
C SER A 50 5.70 19.97 -10.30
N THR A 51 6.60 19.69 -11.24
CA THR A 51 6.51 18.49 -12.06
C THR A 51 7.82 17.71 -12.05
N GLN A 52 7.72 16.39 -12.01
CA GLN A 52 8.89 15.52 -12.04
C GLN A 52 8.90 14.81 -13.39
N ASP A 53 9.87 15.14 -14.24
CA ASP A 53 9.90 14.63 -15.60
C ASP A 53 11.35 14.65 -16.10
N LEU A 54 11.52 14.21 -17.35
CA LEU A 54 12.83 14.15 -17.99
C LEU A 54 13.11 15.56 -18.50
N PHE A 55 13.95 16.30 -17.79
CA PHE A 55 14.25 17.69 -18.10
C PHE A 55 15.74 17.93 -18.30
N LEU A 56 16.05 19.06 -18.91
CA LEU A 56 17.44 19.44 -19.09
C LEU A 56 17.89 20.23 -17.86
N PRO A 57 18.97 19.84 -17.20
CA PRO A 57 19.42 20.55 -16.00
C PRO A 57 19.87 21.98 -16.30
N PHE A 58 19.60 22.87 -15.36
CA PHE A 58 19.95 24.27 -15.54
C PHE A 58 21.46 24.43 -15.40
N PHE A 59 22.02 25.34 -16.20
CA PHE A 59 23.45 25.66 -16.22
C PHE A 59 24.31 24.43 -16.46
N SER A 60 23.81 23.50 -17.28
CA SER A 60 24.54 22.27 -17.55
C SER A 60 25.55 22.49 -18.66
N ASN A 61 26.37 21.48 -18.89
CA ASN A 61 27.42 21.54 -19.90
C ASN A 61 26.81 21.04 -21.20
N VAL A 62 26.49 21.97 -22.09
CA VAL A 62 25.84 21.66 -23.37
C VAL A 62 26.87 21.73 -24.49
N THR A 63 26.89 20.69 -25.34
CA THR A 63 27.91 20.58 -26.38
C THR A 63 27.59 21.53 -27.54
N TRP A 64 28.64 22.20 -28.02
CA TRP A 64 28.55 23.23 -29.05
C TRP A 64 29.25 22.75 -30.30
N PHE A 65 28.53 22.81 -31.43
CA PHE A 65 29.01 22.46 -32.75
C PHE A 65 28.83 23.66 -33.68
N HIS A 66 29.77 23.82 -34.60
CA HIS A 66 29.79 24.98 -35.50
C HIS A 66 29.62 24.51 -36.94
N VAL A 67 29.11 25.41 -37.78
CA VAL A 67 29.01 25.20 -39.22
C VAL A 67 29.53 26.48 -39.84
N ILE A 68 30.75 26.44 -40.37
CA ILE A 68 31.39 27.64 -40.91
C ILE A 68 32.39 27.24 -41.98
N LYS A 75 36.55 25.82 -42.24
CA LYS A 75 35.62 24.86 -42.83
C LYS A 75 35.16 23.86 -41.77
N ARG A 76 34.00 24.14 -41.17
CA ARG A 76 33.41 23.28 -40.15
C ARG A 76 32.10 22.69 -40.65
N PHE A 77 31.97 21.37 -40.54
CA PHE A 77 30.73 20.67 -40.88
C PHE A 77 30.56 19.58 -39.84
N ASP A 78 29.81 19.86 -38.79
CA ASP A 78 29.71 18.95 -37.65
C ASP A 78 28.53 18.01 -37.79
N ASN A 79 28.78 16.78 -38.24
CA ASN A 79 27.79 15.71 -38.25
C ASN A 79 28.40 14.47 -37.61
N PRO A 80 28.55 14.45 -36.26
CA PRO A 80 29.15 13.27 -35.63
C PRO A 80 28.09 12.25 -35.26
N VAL A 81 28.50 11.14 -34.65
CA VAL A 81 27.56 10.14 -34.15
C VAL A 81 27.39 10.38 -32.65
N LEU A 82 26.20 10.79 -32.24
CA LEU A 82 25.98 11.13 -30.86
C LEU A 82 24.97 10.19 -30.21
N PRO A 83 25.16 9.85 -28.93
CA PRO A 83 24.13 9.08 -28.23
C PRO A 83 22.88 9.92 -27.99
N PHE A 84 21.74 9.23 -27.84
CA PHE A 84 20.49 9.91 -27.55
C PHE A 84 20.15 9.91 -26.08
N ASN A 85 20.40 8.80 -25.39
CA ASN A 85 20.12 8.58 -23.96
C ASN A 85 18.61 8.80 -23.76
N ASP A 86 18.21 9.49 -22.69
CA ASP A 86 16.80 9.64 -22.40
C ASP A 86 16.13 10.72 -23.23
N GLY A 87 16.87 11.70 -23.74
CA GLY A 87 16.28 12.77 -24.52
C GLY A 87 17.34 13.76 -24.93
N VAL A 88 17.01 14.56 -25.95
CA VAL A 88 17.99 15.48 -26.52
C VAL A 88 17.37 16.86 -26.68
N TYR A 89 18.05 17.88 -26.14
CA TYR A 89 17.70 19.28 -26.37
C TYR A 89 18.58 19.77 -27.50
N PHE A 90 17.98 20.35 -28.54
CA PHE A 90 18.70 20.81 -29.72
C PHE A 90 18.47 22.31 -29.88
N ALA A 91 19.55 23.09 -29.79
CA ALA A 91 19.48 24.53 -29.96
C ALA A 91 20.17 24.91 -31.26
N SER A 92 19.63 25.91 -31.95
CA SER A 92 20.22 26.38 -33.21
C SER A 92 20.29 27.89 -33.25
N ILE A 93 21.50 28.43 -33.36
CA ILE A 93 21.68 29.85 -33.65
C ILE A 93 21.84 29.88 -35.17
N GLU A 94 20.77 30.28 -35.85
CA GLU A 94 20.62 30.13 -37.29
C GLU A 94 20.25 31.43 -37.98
N LYS A 95 20.88 31.66 -39.13
CA LYS A 95 20.47 32.69 -40.07
C LYS A 95 20.57 32.06 -41.45
N SER A 96 19.68 32.47 -42.36
CA SER A 96 19.66 32.11 -43.78
C SER A 96 19.28 30.64 -44.01
N ASN A 97 18.77 29.96 -42.97
CA ASN A 97 18.13 28.63 -43.05
C ASN A 97 19.03 27.52 -43.62
N ILE A 98 20.08 27.19 -42.87
CA ILE A 98 20.93 26.05 -43.25
C ILE A 98 20.41 24.75 -42.63
N ILE A 99 20.01 24.77 -41.36
CA ILE A 99 19.59 23.52 -40.68
C ILE A 99 18.22 23.09 -41.19
N ARG A 100 18.13 21.83 -41.63
CA ARG A 100 16.93 21.33 -42.30
C ARG A 100 16.22 20.17 -41.61
N GLY A 101 16.88 19.40 -40.75
CA GLY A 101 16.18 18.26 -40.18
C GLY A 101 17.04 17.40 -39.28
N TRP A 102 16.46 16.27 -38.88
CA TRP A 102 17.11 15.35 -37.95
C TRP A 102 16.88 13.89 -38.35
N ILE A 103 17.79 13.04 -37.86
CA ILE A 103 17.73 11.60 -38.03
C ILE A 103 17.73 10.98 -36.64
N PHE A 104 16.81 10.06 -36.39
CA PHE A 104 16.78 9.31 -35.12
C PHE A 104 16.77 7.82 -35.40
N GLY A 105 17.39 7.04 -34.52
CA GLY A 105 17.35 5.61 -34.66
C GLY A 105 18.24 4.94 -33.64
N THR A 106 18.51 3.65 -33.88
CA THR A 106 19.42 2.89 -33.03
C THR A 106 20.66 2.45 -33.79
N THR A 107 20.49 1.84 -34.96
CA THR A 107 21.58 1.34 -35.78
C THR A 107 21.72 2.09 -37.09
N LEU A 108 20.73 2.92 -37.45
CA LEU A 108 20.73 3.78 -38.65
C LEU A 108 20.88 3.00 -39.95
N ASP A 109 20.23 1.84 -40.02
CA ASP A 109 20.27 1.00 -41.21
C ASP A 109 18.91 0.34 -41.37
N SER A 110 18.82 -0.60 -42.32
CA SER A 110 17.56 -1.29 -42.59
C SER A 110 17.18 -2.29 -41.52
N LYS A 111 18.10 -2.64 -40.61
CA LYS A 111 17.81 -3.63 -39.56
C LYS A 111 16.75 -3.11 -38.59
N THR A 112 16.84 -1.84 -38.21
CA THR A 112 15.90 -1.24 -37.27
C THR A 112 15.10 -0.17 -37.99
N GLN A 113 14.16 0.43 -37.27
CA GLN A 113 13.28 1.45 -37.85
C GLN A 113 13.75 2.81 -37.37
N SER A 114 13.85 3.76 -38.31
CA SER A 114 14.43 5.06 -38.03
C SER A 114 13.47 6.19 -38.42
N LEU A 115 13.71 7.36 -37.82
CA LEU A 115 12.89 8.54 -38.00
C LEU A 115 13.63 9.59 -38.82
N LEU A 116 12.94 10.15 -39.82
CA LEU A 116 13.42 11.20 -40.69
C LEU A 116 12.55 12.42 -40.48
N ILE A 117 13.17 13.56 -40.15
CA ILE A 117 12.46 14.83 -40.12
C ILE A 117 13.18 15.79 -41.06
N VAL A 118 12.45 16.32 -42.05
CA VAL A 118 13.01 17.30 -42.98
C VAL A 118 12.07 18.49 -43.10
N ASN A 119 12.64 19.66 -43.34
CA ASN A 119 11.89 20.88 -43.63
C ASN A 119 12.47 21.47 -44.91
N ASN A 120 11.93 21.10 -46.07
CA ASN A 120 12.44 21.63 -47.32
C ASN A 120 11.76 22.97 -47.62
N ALA A 121 11.89 23.45 -48.86
CA ALA A 121 11.37 24.76 -49.25
C ALA A 121 9.85 24.90 -49.17
N THR A 122 9.11 23.79 -49.12
CA THR A 122 7.65 23.84 -49.19
C THR A 122 6.97 23.44 -47.89
N ASN A 123 7.30 22.28 -47.32
CA ASN A 123 6.55 21.76 -46.20
C ASN A 123 7.47 20.93 -45.31
N VAL A 124 6.95 20.54 -44.16
CA VAL A 124 7.69 19.73 -43.20
C VAL A 124 7.24 18.28 -43.32
N VAL A 125 8.17 17.37 -43.54
CA VAL A 125 7.86 15.97 -43.77
C VAL A 125 8.50 15.14 -42.67
N ILE A 126 7.70 14.28 -42.06
CA ILE A 126 8.15 13.32 -41.05
C ILE A 126 7.84 11.93 -41.58
N LYS A 127 8.86 11.08 -41.65
CA LYS A 127 8.64 9.70 -42.07
C LYS A 127 9.35 8.76 -41.11
N VAL A 128 8.67 7.67 -40.77
CA VAL A 128 9.26 6.63 -39.93
C VAL A 128 9.40 5.40 -40.81
N CYS A 129 10.62 5.11 -41.25
CA CYS A 129 10.85 4.01 -42.18
C CYS A 129 12.15 3.34 -41.81
N GLU A 130 12.40 2.18 -42.40
CA GLU A 130 13.70 1.53 -42.23
C GLU A 130 14.61 2.01 -43.35
N PHE A 131 15.15 3.21 -43.16
CA PHE A 131 16.02 3.81 -44.16
C PHE A 131 17.42 3.21 -44.09
N GLN A 132 18.00 2.94 -45.26
CA GLN A 132 19.42 2.58 -45.31
C GLN A 132 20.17 3.90 -45.45
N PHE A 133 20.56 4.47 -44.31
CA PHE A 133 21.15 5.79 -44.27
C PHE A 133 22.59 5.80 -44.77
N CYS A 134 22.96 6.94 -45.36
CA CYS A 134 24.33 7.17 -45.75
C CYS A 134 25.18 7.49 -44.52
N ASN A 135 26.50 7.36 -44.68
CA ASN A 135 27.42 7.71 -43.60
C ASN A 135 27.38 9.22 -43.33
N ASP A 136 27.21 10.02 -44.38
CA ASP A 136 27.13 11.47 -44.27
C ASP A 136 25.84 11.94 -44.93
N PRO A 137 24.72 11.88 -44.22
CA PRO A 137 23.47 12.39 -44.79
C PRO A 137 23.46 13.91 -44.77
N PHE A 138 22.98 14.50 -45.88
CA PHE A 138 23.03 15.94 -46.03
C PHE A 138 21.98 16.39 -47.04
N LEU A 139 21.71 17.69 -47.02
CA LEU A 139 20.87 18.36 -48.02
C LEU A 139 21.71 19.39 -48.77
N ASP A 140 21.11 19.92 -49.84
CA ASP A 140 21.73 20.89 -50.76
C ASP A 140 20.70 21.93 -51.17
N MET A 148 18.38 27.45 -54.84
CA MET A 148 17.31 26.48 -54.93
C MET A 148 17.77 25.10 -54.49
N GLU A 149 16.85 24.30 -53.97
CA GLU A 149 17.16 22.93 -53.54
C GLU A 149 16.68 21.95 -54.59
N SER A 150 17.62 21.26 -55.24
CA SER A 150 17.27 20.29 -56.27
C SER A 150 18.09 19.01 -56.14
N GLU A 151 18.67 18.77 -54.96
CA GLU A 151 19.55 17.62 -54.73
C GLU A 151 19.25 17.10 -53.33
N PHE A 152 18.94 15.81 -53.22
CA PHE A 152 18.61 15.21 -51.93
C PHE A 152 19.24 13.83 -51.86
N ARG A 153 20.27 13.69 -51.02
CA ARG A 153 20.98 12.42 -50.81
C ARG A 153 21.14 12.13 -49.32
N VAL A 154 20.13 11.48 -48.73
CA VAL A 154 20.13 11.13 -47.31
C VAL A 154 20.12 9.61 -47.12
N TYR A 155 19.23 8.93 -47.84
CA TYR A 155 19.08 7.48 -47.72
C TYR A 155 19.01 6.88 -49.11
N SER A 156 19.34 5.60 -49.20
CA SER A 156 19.27 4.88 -50.47
C SER A 156 18.01 4.06 -50.65
N SER A 157 17.30 3.73 -49.57
CA SER A 157 16.11 2.89 -49.69
C SER A 157 15.18 3.16 -48.51
N ALA A 158 13.92 2.81 -48.71
CA ALA A 158 12.92 2.85 -47.64
C ALA A 158 11.90 1.75 -47.92
N ASN A 159 11.96 0.67 -47.14
CA ASN A 159 11.15 -0.51 -47.41
C ASN A 159 9.89 -0.59 -46.54
N ASN A 160 10.01 -0.44 -45.22
CA ASN A 160 8.88 -0.63 -44.32
C ASN A 160 8.62 0.70 -43.64
N CYS A 161 7.51 1.34 -44.02
CA CYS A 161 7.14 2.65 -43.50
C CYS A 161 5.84 2.55 -42.71
N THR A 162 5.84 3.08 -41.49
CA THR A 162 4.68 2.99 -40.63
C THR A 162 3.96 4.32 -40.44
N PHE A 163 4.71 5.42 -40.36
CA PHE A 163 4.12 6.72 -40.05
C PHE A 163 4.62 7.78 -41.03
N GLU A 164 3.69 8.56 -41.59
CA GLU A 164 4.00 9.68 -42.45
C GLU A 164 3.19 10.88 -41.99
N TYR A 165 3.80 12.07 -41.99
CA TYR A 165 3.12 13.26 -41.49
C TYR A 165 3.67 14.48 -42.20
N VAL A 166 2.83 15.12 -43.02
CA VAL A 166 3.19 16.34 -43.74
C VAL A 166 2.48 17.52 -43.08
N SER A 167 3.25 18.54 -42.72
CA SER A 167 2.69 19.67 -41.99
C SER A 167 3.31 20.97 -42.51
N GLN A 168 2.98 22.06 -41.81
CA GLN A 168 3.40 23.41 -42.16
C GLN A 168 4.90 23.58 -41.90
N PRO A 169 5.55 24.54 -42.57
CA PRO A 169 6.97 24.83 -42.28
C PRO A 169 7.17 25.35 -40.85
N PHE A 170 8.02 24.63 -40.10
CA PHE A 170 8.32 25.03 -38.73
C PHE A 170 9.13 26.32 -38.66
N LEU A 171 10.12 26.47 -39.54
CA LEU A 171 11.02 27.61 -39.46
C LEU A 171 10.53 28.78 -40.31
N ASN A 180 25.31 39.28 -38.88
CA ASN A 180 24.62 39.21 -37.60
C ASN A 180 23.65 38.02 -37.60
N PHE A 181 23.69 37.24 -36.52
CA PHE A 181 22.76 36.13 -36.37
C PHE A 181 21.38 36.68 -36.06
N LYS A 182 20.36 36.21 -36.78
CA LYS A 182 19.02 36.76 -36.62
C LYS A 182 17.99 35.79 -36.06
N ASN A 183 18.21 34.48 -36.12
CA ASN A 183 17.18 33.54 -35.71
C ASN A 183 17.68 32.59 -34.63
N LEU A 184 16.83 32.35 -33.64
CA LEU A 184 17.11 31.38 -32.58
C LEU A 184 16.04 30.31 -32.64
N ARG A 185 16.44 29.05 -32.81
CA ARG A 185 15.53 27.92 -32.87
C ARG A 185 15.79 27.00 -31.69
N GLU A 186 14.79 26.78 -30.85
CA GLU A 186 14.94 25.81 -29.77
C GLU A 186 14.02 24.63 -30.02
N PHE A 187 14.56 23.41 -29.88
CA PHE A 187 13.79 22.18 -30.02
C PHE A 187 14.12 21.26 -28.86
N VAL A 188 13.12 20.49 -28.42
CA VAL A 188 13.30 19.44 -27.43
C VAL A 188 12.72 18.16 -28.01
N PHE A 189 13.54 17.11 -28.07
CA PHE A 189 13.13 15.82 -28.61
C PHE A 189 13.12 14.82 -27.46
N LYS A 190 11.96 14.19 -27.24
CA LYS A 190 11.81 13.17 -26.22
C LYS A 190 11.09 11.95 -26.78
N ASN A 191 11.40 10.77 -26.22
CA ASN A 191 10.75 9.53 -26.64
C ASN A 191 10.28 8.80 -25.38
N ILE A 192 9.00 8.93 -25.05
CA ILE A 192 8.40 8.26 -23.89
C ILE A 192 7.11 7.58 -24.34
N ASP A 193 6.93 6.31 -23.95
CA ASP A 193 5.69 5.54 -24.13
C ASP A 193 5.29 5.41 -25.60
N GLY A 194 6.28 5.32 -26.48
CA GLY A 194 6.04 5.22 -27.90
C GLY A 194 5.69 6.53 -28.56
N TYR A 195 5.78 7.63 -27.83
CA TYR A 195 5.50 8.96 -28.32
C TYR A 195 6.79 9.78 -28.40
N PHE A 196 7.00 10.41 -29.55
CA PHE A 196 8.11 11.31 -29.78
C PHE A 196 7.55 12.71 -29.65
N LYS A 197 7.94 13.41 -28.60
CA LYS A 197 7.46 14.75 -28.36
C LYS A 197 8.51 15.72 -28.89
N ILE A 198 8.09 16.62 -29.79
CA ILE A 198 8.95 17.68 -30.30
C ILE A 198 8.37 19.01 -29.82
N TYR A 199 9.19 19.75 -29.06
CA TYR A 199 8.81 21.05 -28.55
C TYR A 199 9.65 22.09 -29.28
N SER A 200 9.08 23.24 -29.59
CA SER A 200 9.80 24.23 -30.37
C SER A 200 9.51 25.65 -29.89
N LYS A 201 10.49 26.53 -30.14
CA LYS A 201 10.33 27.96 -29.87
C LYS A 201 11.20 28.73 -30.85
N HIS A 202 10.63 29.80 -31.42
CA HIS A 202 11.28 30.64 -32.41
C HIS A 202 11.50 32.03 -31.84
N THR A 203 12.74 32.52 -31.91
CA THR A 203 13.06 33.79 -31.28
C THR A 203 13.81 34.68 -32.27
N PRO A 204 13.36 35.92 -32.49
CA PRO A 204 14.13 36.86 -33.32
C PRO A 204 15.29 37.42 -32.51
N ILE A 205 16.51 37.23 -33.01
CA ILE A 205 17.72 37.70 -32.32
C ILE A 205 18.60 38.46 -33.30
N ASP A 212 27.18 33.38 -28.76
CA ASP A 212 26.74 32.33 -27.85
C ASP A 212 25.24 32.41 -27.63
N LEU A 213 24.73 31.58 -26.73
CA LEU A 213 23.32 31.62 -26.37
C LEU A 213 23.03 32.85 -25.52
N PRO A 214 22.01 33.64 -25.88
CA PRO A 214 21.61 34.78 -25.03
C PRO A 214 21.10 34.29 -23.69
N GLN A 215 21.28 35.13 -22.67
CA GLN A 215 20.92 34.77 -21.31
C GLN A 215 19.52 35.31 -21.04
N GLY A 216 18.60 34.40 -20.77
CA GLY A 216 17.21 34.74 -20.54
C GLY A 216 16.41 33.47 -20.45
N PHE A 217 15.09 33.64 -20.41
CA PHE A 217 14.20 32.49 -20.29
C PHE A 217 13.14 32.57 -21.36
N SER A 218 12.89 31.44 -22.03
CA SER A 218 11.84 31.35 -23.02
C SER A 218 11.36 29.91 -23.00
N ALA A 219 10.10 29.71 -22.62
CA ALA A 219 9.55 28.38 -22.46
C ALA A 219 9.16 27.82 -23.82
N LEU A 220 9.49 26.55 -24.05
CA LEU A 220 9.29 25.96 -25.36
C LEU A 220 7.86 25.45 -25.44
N GLU A 221 7.10 25.96 -26.39
CA GLU A 221 5.76 25.46 -26.61
C GLU A 221 5.85 24.10 -27.31
N PRO A 222 4.93 23.18 -27.03
CA PRO A 222 4.90 21.94 -27.79
C PRO A 222 4.48 22.18 -29.22
N LEU A 223 5.26 21.61 -30.14
CA LEU A 223 5.07 21.82 -31.56
C LEU A 223 4.33 20.64 -32.18
N VAL A 224 4.78 19.42 -31.92
CA VAL A 224 4.15 18.26 -32.52
C VAL A 224 4.39 17.07 -31.61
N ASP A 225 3.46 16.13 -31.63
CA ASP A 225 3.56 14.88 -30.89
C ASP A 225 3.38 13.77 -31.90
N LEU A 226 4.38 12.92 -32.05
CA LEU A 226 4.40 11.91 -33.10
C LEU A 226 4.28 10.50 -32.54
N PRO A 227 3.33 9.71 -33.02
CA PRO A 227 3.18 8.30 -32.57
C PRO A 227 4.14 7.36 -33.30
N ILE A 228 5.45 7.55 -33.09
CA ILE A 228 6.40 6.75 -33.87
C ILE A 228 6.57 5.35 -33.28
N GLY A 229 6.61 5.22 -31.96
CA GLY A 229 6.75 3.93 -31.28
C GLY A 229 7.98 3.10 -31.57
N ILE A 230 9.14 3.74 -31.71
CA ILE A 230 10.37 3.02 -32.06
C ILE A 230 11.46 3.29 -31.03
N ASN A 231 12.44 2.38 -31.00
CA ASN A 231 13.59 2.52 -30.12
C ASN A 231 14.58 3.51 -30.74
N ILE A 232 15.02 4.48 -29.94
CA ILE A 232 15.99 5.47 -30.37
C ILE A 232 17.15 5.52 -29.39
N THR A 233 18.38 5.31 -29.87
CA THR A 233 19.58 5.46 -29.03
C THR A 233 20.64 6.37 -29.63
N ARG A 234 20.56 6.69 -30.92
CA ARG A 234 21.53 7.51 -31.63
C ARG A 234 20.79 8.48 -32.55
N PHE A 235 21.38 9.65 -32.78
CA PHE A 235 20.76 10.65 -33.63
C PHE A 235 21.82 11.39 -34.45
N GLN A 236 21.35 12.01 -35.54
CA GLN A 236 22.18 12.73 -36.50
C GLN A 236 21.51 14.05 -36.86
N THR A 237 22.31 15.08 -37.08
CA THR A 237 21.80 16.37 -37.55
C THR A 237 21.91 16.46 -39.08
N LEU A 238 20.88 17.01 -39.73
CA LEU A 238 20.85 17.20 -41.17
C LEU A 238 21.13 18.67 -41.48
N LEU A 239 22.10 18.90 -42.35
CA LEU A 239 22.50 20.25 -42.73
C LEU A 239 22.27 20.46 -44.22
N ALA A 240 22.45 21.70 -44.66
CA ALA A 240 22.32 22.05 -46.08
C ALA A 240 23.62 22.67 -46.54
N LEU A 241 24.14 22.18 -47.67
CA LEU A 241 25.32 22.78 -48.26
C LEU A 241 24.96 24.01 -49.10
N HIS A 242 25.97 24.84 -49.35
CA HIS A 242 25.86 25.95 -50.28
C HIS A 242 26.86 25.68 -51.38
N ARG A 243 26.39 25.62 -52.61
CA ARG A 243 27.24 25.32 -53.76
C ARG A 243 27.38 26.55 -54.64
N SER A 244 28.62 26.94 -54.93
CA SER A 244 28.90 28.10 -55.75
C SER A 244 29.91 27.76 -56.85
N GLY A 254 32.99 21.23 -55.14
CA GLY A 254 33.22 21.83 -53.84
C GLY A 254 31.95 22.36 -53.20
N TRP A 255 31.97 22.48 -51.87
CA TRP A 255 30.86 23.04 -51.12
C TRP A 255 31.37 24.08 -50.14
N THR A 256 30.48 24.98 -49.74
CA THR A 256 30.77 26.01 -48.75
C THR A 256 29.69 25.94 -47.69
N ALA A 257 30.08 26.10 -46.43
CA ALA A 257 29.15 26.05 -45.31
C ALA A 257 28.73 27.44 -44.86
N GLY A 258 27.41 27.64 -44.78
CA GLY A 258 26.87 28.89 -44.27
C GLY A 258 27.07 28.98 -42.77
N ALA A 259 27.01 30.20 -42.24
CA ALA A 259 27.28 30.42 -40.83
C ALA A 259 26.11 29.95 -39.98
N ALA A 260 26.37 28.95 -39.13
CA ALA A 260 25.33 28.37 -38.27
C ALA A 260 26.00 27.75 -37.05
N ALA A 261 25.22 27.58 -35.98
CA ALA A 261 25.75 26.89 -34.81
C ALA A 261 24.64 26.10 -34.14
N TYR A 262 24.95 24.90 -33.65
CA TYR A 262 23.94 24.15 -32.93
C TYR A 262 24.52 23.59 -31.64
N TYR A 263 23.61 23.26 -30.72
CA TYR A 263 23.94 22.81 -29.37
C TYR A 263 23.15 21.55 -29.04
N VAL A 264 23.82 20.57 -28.45
CA VAL A 264 23.19 19.32 -28.03
C VAL A 264 23.31 19.16 -26.52
N GLY A 265 22.15 18.95 -25.86
CA GLY A 265 22.13 18.71 -24.44
C GLY A 265 21.36 17.43 -24.15
N TYR A 266 21.61 16.88 -22.96
CA TYR A 266 21.04 15.59 -22.55
C TYR A 266 20.08 15.76 -21.38
N LEU A 267 18.93 15.11 -21.47
CA LEU A 267 17.92 15.16 -20.41
C LEU A 267 18.20 14.16 -19.30
N GLN A 268 17.85 14.54 -18.08
CA GLN A 268 17.95 13.73 -16.88
C GLN A 268 16.62 13.80 -16.13
N PRO A 269 16.27 12.76 -15.37
CA PRO A 269 15.02 12.80 -14.57
C PRO A 269 15.16 13.71 -13.35
N ARG A 270 14.35 14.77 -13.31
CA ARG A 270 14.42 15.72 -12.20
C ARG A 270 13.09 16.46 -12.08
N THR A 271 13.00 17.28 -11.04
CA THR A 271 11.80 18.04 -10.72
C THR A 271 12.04 19.51 -11.04
N PHE A 272 11.06 20.15 -11.67
CA PHE A 272 11.07 21.58 -11.90
C PHE A 272 9.86 22.25 -11.26
N LEU A 273 10.06 23.49 -10.84
CA LEU A 273 8.99 24.36 -10.36
C LEU A 273 8.75 25.41 -11.43
N LEU A 274 7.59 25.36 -12.09
CA LEU A 274 7.26 26.26 -13.19
C LEU A 274 6.32 27.36 -12.73
N LYS A 275 6.52 28.57 -13.25
CA LYS A 275 5.68 29.72 -12.93
C LYS A 275 4.82 30.06 -14.14
N TYR A 276 3.50 30.02 -13.97
CA TYR A 276 2.54 30.40 -15.00
C TYR A 276 2.00 31.78 -14.68
N ASN A 277 2.06 32.71 -15.64
CA ASN A 277 1.64 34.09 -15.40
C ASN A 277 0.13 34.23 -15.59
N GLU A 278 -0.35 35.47 -15.67
CA GLU A 278 -1.78 35.70 -15.89
C GLU A 278 -2.23 35.34 -17.29
N ASN A 279 -1.31 35.24 -18.25
CA ASN A 279 -1.63 34.96 -19.63
C ASN A 279 -1.38 33.50 -19.99
N GLY A 280 -1.05 32.67 -19.00
CA GLY A 280 -0.85 31.24 -19.21
C GLY A 280 0.47 30.84 -19.80
N THR A 281 1.45 31.75 -19.85
CA THR A 281 2.75 31.47 -20.43
C THR A 281 3.75 31.22 -19.31
N ILE A 282 4.55 30.17 -19.44
CA ILE A 282 5.58 29.89 -18.45
C ILE A 282 6.67 30.94 -18.57
N THR A 283 6.86 31.73 -17.50
CA THR A 283 7.79 32.85 -17.54
C THR A 283 9.05 32.63 -16.71
N ASP A 284 9.05 31.66 -15.80
CA ASP A 284 10.25 31.37 -15.00
C ASP A 284 10.18 29.94 -14.52
N ALA A 285 11.36 29.38 -14.22
CA ALA A 285 11.45 28.00 -13.77
C ALA A 285 12.57 27.85 -12.74
N VAL A 286 12.45 26.84 -11.89
CA VAL A 286 13.44 26.54 -10.87
C VAL A 286 13.79 25.05 -10.95
N ASP A 287 15.09 24.75 -11.06
CA ASP A 287 15.57 23.38 -11.04
C ASP A 287 15.69 22.96 -9.57
N CYS A 288 14.93 21.93 -9.19
CA CYS A 288 14.83 21.54 -7.78
C CYS A 288 16.12 20.92 -7.24
N ALA A 289 16.96 20.34 -8.10
CA ALA A 289 18.17 19.66 -7.64
C ALA A 289 19.47 20.33 -8.09
N LEU A 290 19.43 21.62 -8.46
CA LEU A 290 20.63 22.26 -8.97
C LEU A 290 21.55 22.74 -7.85
N ASP A 291 21.04 23.55 -6.94
CA ASP A 291 21.77 24.14 -5.84
C ASP A 291 20.82 24.22 -4.64
N PRO A 292 21.36 24.35 -3.41
CA PRO A 292 20.48 24.51 -2.24
C PRO A 292 19.52 25.69 -2.26
N LEU A 293 19.85 26.80 -2.92
CA LEU A 293 18.90 27.92 -3.00
C LEU A 293 17.67 27.55 -3.80
N SER A 294 17.88 26.95 -4.97
CA SER A 294 16.74 26.54 -5.79
C SER A 294 16.03 25.35 -5.17
N GLU A 295 16.75 24.50 -4.45
CA GLU A 295 16.11 23.42 -3.71
C GLU A 295 15.21 23.98 -2.61
N THR A 296 15.65 25.09 -1.98
CA THR A 296 14.82 25.77 -1.00
C THR A 296 13.57 26.34 -1.65
N LYS A 297 13.74 26.88 -2.87
CA LYS A 297 12.60 27.40 -3.62
C LYS A 297 11.64 26.28 -3.98
N CYS A 298 12.19 25.12 -4.31
CA CYS A 298 11.40 23.94 -4.67
C CYS A 298 10.62 23.42 -3.46
N THR A 299 11.25 23.38 -2.29
CA THR A 299 10.59 22.90 -1.09
C THR A 299 9.52 23.88 -0.63
N LEU A 300 9.82 25.18 -0.66
CA LEU A 300 8.89 26.17 -0.15
C LEU A 300 7.79 26.51 -1.15
N LYS A 301 7.91 26.03 -2.39
CA LYS A 301 6.96 26.27 -3.49
C LYS A 301 6.80 27.76 -3.79
N SER A 302 7.91 28.50 -3.70
CA SER A 302 7.91 29.92 -3.97
C SER A 302 9.22 30.30 -4.64
N PHE A 303 9.18 31.37 -5.43
CA PHE A 303 10.37 31.85 -6.12
C PHE A 303 11.12 32.90 -5.30
N THR A 304 10.52 33.42 -4.24
CA THR A 304 11.16 34.36 -3.33
C THR A 304 11.26 33.70 -1.96
N VAL A 305 12.46 33.71 -1.38
CA VAL A 305 12.70 33.12 -0.07
C VAL A 305 13.00 34.24 0.91
N GLU A 306 12.23 34.30 1.99
CA GLU A 306 12.44 35.26 3.06
C GLU A 306 13.68 34.86 3.86
N LYS A 307 14.28 35.83 4.57
CA LYS A 307 15.46 35.57 5.38
C LYS A 307 15.15 34.60 6.51
N GLY A 308 15.97 33.58 6.65
CA GLY A 308 15.81 32.62 7.72
C GLY A 308 16.53 31.33 7.38
N ILE A 309 16.29 30.33 8.23
CA ILE A 309 16.82 28.99 8.05
C ILE A 309 15.64 28.08 7.75
N TYR A 310 15.76 27.30 6.67
CA TYR A 310 14.68 26.43 6.23
C TYR A 310 15.21 25.02 6.07
N GLN A 311 14.54 24.07 6.72
CA GLN A 311 14.94 22.68 6.53
C GLN A 311 14.36 22.27 5.19
N THR A 312 15.24 22.04 4.22
CA THR A 312 14.79 21.84 2.84
C THR A 312 15.03 20.45 2.29
N SER A 313 16.10 19.78 2.69
CA SER A 313 16.43 18.55 2.01
C SER A 313 17.03 17.58 2.99
N ASN A 314 17.44 16.43 2.47
CA ASN A 314 18.03 15.38 3.30
C ASN A 314 19.28 14.85 2.62
N PHE A 315 20.45 15.13 3.20
CA PHE A 315 21.67 14.58 2.63
C PHE A 315 21.64 13.07 2.78
N ARG A 316 21.87 12.36 1.70
CA ARG A 316 21.93 10.92 1.69
C ARG A 316 23.13 10.49 0.88
N VAL A 317 23.82 9.45 1.32
CA VAL A 317 24.85 8.84 0.50
C VAL A 317 24.12 7.87 -0.42
N GLN A 318 24.10 8.18 -1.71
CA GLN A 318 23.31 7.40 -2.66
C GLN A 318 23.94 6.02 -2.85
N PRO A 319 23.13 4.96 -2.97
CA PRO A 319 23.69 3.61 -3.15
C PRO A 319 24.43 3.51 -4.49
N THR A 320 25.58 2.87 -4.46
CA THR A 320 26.41 2.71 -5.64
C THR A 320 26.30 1.34 -6.29
N GLU A 321 26.39 0.27 -5.51
CA GLU A 321 26.40 -1.08 -6.05
C GLU A 321 25.32 -1.91 -5.37
N SER A 322 25.08 -3.09 -5.92
CA SER A 322 24.16 -4.06 -5.32
C SER A 322 24.95 -5.29 -4.91
N ILE A 323 24.83 -5.67 -3.64
CA ILE A 323 25.52 -6.83 -3.09
C ILE A 323 24.46 -7.80 -2.64
N VAL A 324 24.38 -8.95 -3.29
CA VAL A 324 23.36 -9.96 -3.02
C VAL A 324 24.09 -11.25 -2.71
N ARG A 325 23.82 -11.82 -1.54
CA ARG A 325 24.55 -12.99 -1.08
C ARG A 325 23.55 -14.04 -0.60
N PHE A 326 23.93 -15.30 -0.78
CA PHE A 326 23.15 -16.46 -0.38
C PHE A 326 24.12 -17.48 0.18
N PRO A 327 23.63 -18.50 0.93
CA PRO A 327 24.56 -19.45 1.58
C PRO A 327 25.37 -20.30 0.59
N ASN A 328 26.53 -20.79 1.06
CA ASN A 328 27.45 -21.58 0.24
C ASN A 328 26.74 -22.80 -0.34
N ILE A 329 27.00 -23.09 -1.60
CA ILE A 329 26.31 -24.20 -2.25
C ILE A 329 26.99 -25.49 -1.82
N THR A 330 26.35 -26.23 -0.92
CA THR A 330 26.90 -27.46 -0.38
C THR A 330 25.80 -28.51 -0.53
N ASN A 331 25.98 -29.64 0.17
CA ASN A 331 25.07 -30.80 0.21
C ASN A 331 24.56 -31.22 -1.18
N LEU A 332 25.46 -31.19 -2.16
CA LEU A 332 25.23 -31.54 -3.56
C LEU A 332 24.47 -32.84 -3.77
N CYS A 333 23.28 -32.73 -4.40
CA CYS A 333 22.37 -33.82 -4.81
C CYS A 333 23.17 -34.93 -5.49
N PRO A 334 22.85 -36.21 -5.26
CA PRO A 334 23.74 -37.25 -5.83
C PRO A 334 23.54 -37.46 -7.33
N PHE A 335 23.96 -36.46 -8.12
CA PHE A 335 23.98 -36.63 -9.56
C PHE A 335 25.21 -37.40 -10.03
N ASP A 336 26.25 -37.50 -9.20
CA ASP A 336 27.40 -38.31 -9.57
C ASP A 336 27.06 -39.79 -9.54
N GLU A 337 26.15 -40.20 -8.65
CA GLU A 337 25.70 -41.58 -8.60
C GLU A 337 24.75 -41.91 -9.73
N VAL A 338 24.11 -40.91 -10.33
CA VAL A 338 23.19 -41.16 -11.43
C VAL A 338 23.90 -41.10 -12.78
N PHE A 339 24.62 -40.01 -13.04
CA PHE A 339 25.19 -39.85 -14.37
C PHE A 339 26.49 -40.61 -14.53
N ASN A 340 27.36 -40.60 -13.52
CA ASN A 340 28.65 -41.26 -13.61
C ASN A 340 28.64 -42.65 -12.98
N ALA A 341 27.52 -43.35 -13.01
CA ALA A 341 27.50 -44.74 -12.57
C ALA A 341 28.15 -45.65 -13.61
N THR A 342 28.77 -46.73 -13.13
CA THR A 342 29.44 -47.66 -14.02
C THR A 342 28.44 -48.49 -14.84
N ARG A 343 27.35 -48.92 -14.21
CA ARG A 343 26.46 -49.93 -14.78
C ARG A 343 25.02 -49.45 -14.62
N PHE A 344 24.38 -49.07 -15.72
CA PHE A 344 22.95 -48.76 -15.71
C PHE A 344 22.12 -50.04 -15.82
N ALA A 345 20.81 -49.86 -15.99
CA ALA A 345 19.84 -50.94 -16.07
C ALA A 345 19.21 -50.95 -17.45
N SER A 346 18.58 -52.07 -17.80
CA SER A 346 17.86 -52.20 -19.05
C SER A 346 16.62 -51.31 -19.05
N VAL A 347 16.13 -50.98 -20.25
CA VAL A 347 15.04 -50.01 -20.35
C VAL A 347 13.71 -50.58 -19.87
N TYR A 348 13.54 -51.90 -19.87
CA TYR A 348 12.31 -52.47 -19.33
C TYR A 348 12.28 -52.35 -17.80
N ALA A 349 13.41 -52.62 -17.15
CA ALA A 349 13.59 -52.38 -15.71
C ALA A 349 14.39 -51.11 -15.48
N TRP A 350 13.83 -49.98 -15.91
CA TRP A 350 14.53 -48.70 -15.85
C TRP A 350 14.68 -48.26 -14.40
N ASN A 351 15.84 -47.71 -14.07
CA ASN A 351 16.18 -47.49 -12.67
C ASN A 351 15.74 -46.09 -12.22
N ARG A 352 14.93 -46.03 -11.17
CA ARG A 352 14.38 -44.78 -10.67
C ARG A 352 15.00 -44.46 -9.32
N LYS A 353 15.55 -43.26 -9.19
CA LYS A 353 16.11 -42.77 -7.94
C LYS A 353 15.42 -41.47 -7.56
N ARG A 354 14.89 -41.41 -6.35
CA ARG A 354 14.29 -40.18 -5.88
C ARG A 354 15.35 -39.27 -5.28
N ILE A 355 15.14 -37.96 -5.47
CA ILE A 355 16.11 -36.93 -5.10
C ILE A 355 15.35 -35.86 -4.34
N SER A 356 15.80 -35.59 -3.11
CA SER A 356 15.13 -34.66 -2.21
C SER A 356 16.16 -34.11 -1.24
N ASN A 357 15.75 -33.04 -0.54
CA ASN A 357 16.50 -32.33 0.53
C ASN A 357 17.96 -32.05 0.17
N CYS A 358 18.21 -31.62 -1.07
CA CYS A 358 19.56 -31.26 -1.46
C CYS A 358 19.50 -30.11 -2.46
N VAL A 359 20.69 -29.60 -2.80
CA VAL A 359 20.85 -28.52 -3.76
C VAL A 359 21.36 -29.10 -5.08
N ALA A 360 20.56 -28.96 -6.14
CA ALA A 360 20.89 -29.54 -7.45
C ALA A 360 21.49 -28.47 -8.36
N ASP A 361 22.72 -28.69 -8.79
CA ASP A 361 23.38 -27.93 -9.86
C ASP A 361 23.41 -28.68 -11.18
N TYR A 362 23.04 -27.97 -12.26
CA TYR A 362 23.02 -28.55 -13.59
C TYR A 362 24.18 -28.09 -14.47
N SER A 363 25.06 -27.22 -13.97
CA SER A 363 26.22 -26.75 -14.72
C SER A 363 27.32 -27.81 -14.78
N VAL A 364 27.20 -28.84 -13.95
CA VAL A 364 28.06 -30.02 -14.01
C VAL A 364 27.84 -30.76 -15.32
N LEU A 365 26.59 -30.87 -15.75
CA LEU A 365 26.21 -31.68 -16.91
C LEU A 365 26.67 -30.98 -18.19
N TYR A 366 26.57 -29.65 -18.24
CA TYR A 366 26.94 -28.86 -19.41
C TYR A 366 28.45 -28.78 -19.58
N ASN A 367 29.23 -28.98 -18.54
CA ASN A 367 30.67 -28.87 -18.73
C ASN A 367 31.29 -30.14 -19.31
N LEU A 368 30.54 -31.23 -19.49
CA LEU A 368 31.05 -32.44 -20.12
C LEU A 368 30.54 -32.44 -21.56
N ALA A 369 31.46 -32.37 -22.52
CA ALA A 369 31.13 -32.41 -23.94
C ALA A 369 30.50 -33.70 -24.49
N PRO A 370 30.77 -34.91 -23.95
CA PRO A 370 29.99 -36.09 -24.38
C PRO A 370 28.47 -36.06 -24.18
N PHE A 371 27.91 -35.32 -23.21
CA PHE A 371 26.45 -35.32 -23.09
C PHE A 371 25.76 -34.55 -24.21
N PHE A 372 25.52 -35.25 -25.33
CA PHE A 372 25.13 -34.63 -26.58
C PHE A 372 23.68 -34.13 -26.58
N THR A 373 22.75 -34.95 -26.08
CA THR A 373 21.32 -34.62 -26.13
C THR A 373 20.88 -34.05 -24.79
N PHE A 374 20.49 -32.77 -24.79
CA PHE A 374 19.91 -32.11 -23.62
C PHE A 374 18.63 -31.43 -24.07
N LYS A 375 17.53 -32.17 -24.10
CA LYS A 375 16.26 -31.64 -24.58
C LYS A 375 15.28 -31.63 -23.42
N CYS A 376 14.61 -30.50 -23.20
CA CYS A 376 13.88 -30.35 -21.94
C CYS A 376 12.51 -29.74 -22.23
N TYR A 377 11.49 -30.24 -21.54
CA TYR A 377 10.10 -29.92 -21.83
C TYR A 377 9.44 -29.34 -20.58
N GLY A 378 8.68 -28.25 -20.76
CA GLY A 378 7.85 -27.69 -19.72
C GLY A 378 8.53 -26.76 -18.73
N VAL A 379 9.86 -26.70 -18.70
CA VAL A 379 10.60 -25.76 -17.87
C VAL A 379 11.74 -25.22 -18.71
N SER A 380 12.19 -24.02 -18.37
CA SER A 380 13.33 -23.46 -19.06
C SER A 380 14.61 -24.19 -18.64
N PRO A 381 15.47 -24.56 -19.60
CA PRO A 381 16.80 -25.08 -19.23
C PRO A 381 17.66 -24.04 -18.56
N THR A 382 17.48 -22.76 -18.91
CA THR A 382 18.25 -21.70 -18.27
C THR A 382 17.76 -21.45 -16.85
N LYS A 383 16.45 -21.57 -16.60
CA LYS A 383 15.92 -21.33 -15.28
C LYS A 383 15.87 -22.59 -14.42
N LEU A 384 16.72 -23.58 -14.71
CA LEU A 384 16.72 -24.80 -13.91
C LEU A 384 17.30 -24.54 -12.51
N ASN A 385 18.21 -23.57 -12.39
CA ASN A 385 18.79 -23.26 -11.10
C ASN A 385 17.96 -22.25 -10.32
N ASP A 386 16.90 -21.71 -10.92
CA ASP A 386 16.08 -20.69 -10.30
C ASP A 386 14.74 -21.25 -9.87
N LEU A 387 13.97 -21.80 -10.79
CA LEU A 387 12.69 -22.42 -10.44
C LEU A 387 12.98 -23.76 -9.76
N CYS A 388 12.30 -24.02 -8.65
CA CYS A 388 12.68 -25.16 -7.84
C CYS A 388 11.44 -25.90 -7.33
N PHE A 389 11.65 -27.18 -7.02
CA PHE A 389 10.60 -28.18 -6.99
C PHE A 389 10.66 -28.97 -5.69
N THR A 390 9.63 -29.79 -5.49
CA THR A 390 9.55 -30.61 -4.27
C THR A 390 10.38 -31.88 -4.38
N ASN A 391 10.22 -32.65 -5.46
CA ASN A 391 10.99 -33.87 -5.64
C ASN A 391 11.52 -33.95 -7.06
N VAL A 392 12.68 -34.61 -7.23
CA VAL A 392 13.25 -34.85 -8.54
C VAL A 392 13.48 -36.35 -8.71
N TYR A 393 12.86 -36.94 -9.73
CA TYR A 393 13.00 -38.36 -10.04
C TYR A 393 14.00 -38.50 -11.19
N ALA A 394 15.03 -39.30 -10.97
CA ALA A 394 16.03 -39.57 -12.00
C ALA A 394 15.82 -41.00 -12.50
N ASP A 395 15.40 -41.14 -13.75
CA ASP A 395 15.19 -42.42 -14.39
C ASP A 395 16.34 -42.67 -15.36
N SER A 396 17.09 -43.73 -15.14
CA SER A 396 18.26 -44.06 -15.94
C SER A 396 18.02 -45.36 -16.70
N PHE A 397 18.38 -45.35 -17.99
CA PHE A 397 18.31 -46.56 -18.82
C PHE A 397 19.24 -46.39 -20.02
N VAL A 398 19.31 -47.44 -20.83
CA VAL A 398 20.15 -47.50 -22.02
C VAL A 398 19.30 -47.95 -23.20
N ILE A 399 19.31 -47.18 -24.28
CA ILE A 399 18.63 -47.58 -25.52
C ILE A 399 19.59 -47.50 -26.69
N ARG A 400 19.10 -47.69 -27.91
CA ARG A 400 19.93 -47.47 -29.08
C ARG A 400 19.71 -46.05 -29.59
N GLY A 401 20.43 -45.69 -30.66
CA GLY A 401 20.54 -44.29 -31.04
C GLY A 401 19.27 -43.71 -31.65
N ASP A 402 18.58 -44.47 -32.49
CA ASP A 402 17.39 -43.94 -33.17
C ASP A 402 16.14 -43.96 -32.29
N GLU A 403 16.20 -44.54 -31.09
CA GLU A 403 15.08 -44.56 -30.18
C GLU A 403 15.15 -43.48 -29.11
N VAL A 404 16.16 -42.60 -29.16
CA VAL A 404 16.21 -41.44 -28.27
C VAL A 404 15.09 -40.47 -28.60
N ARG A 405 14.68 -40.41 -29.88
CA ARG A 405 13.54 -39.60 -30.32
C ARG A 405 12.23 -40.03 -29.64
N GLN A 406 12.10 -41.33 -29.34
CA GLN A 406 10.91 -41.84 -28.67
C GLN A 406 10.80 -41.41 -27.22
N ILE A 407 11.86 -40.90 -26.62
CA ILE A 407 11.80 -40.43 -25.21
C ILE A 407 11.33 -38.99 -25.27
N ALA A 408 10.01 -38.83 -25.37
CA ALA A 408 9.35 -37.55 -25.52
C ALA A 408 7.85 -37.76 -25.28
N PRO A 409 7.12 -36.71 -24.90
CA PRO A 409 5.67 -36.85 -24.78
C PRO A 409 5.00 -37.03 -26.13
N GLY A 410 4.06 -37.98 -26.20
CA GLY A 410 3.26 -38.19 -27.38
C GLY A 410 3.90 -39.02 -28.47
N GLN A 411 5.00 -39.72 -28.19
CA GLN A 411 5.68 -40.54 -29.18
C GLN A 411 5.25 -41.99 -29.08
N THR A 412 5.48 -42.73 -30.17
CA THR A 412 5.15 -44.14 -30.25
C THR A 412 6.38 -44.93 -30.68
N GLY A 413 6.36 -46.21 -30.36
CA GLY A 413 7.46 -47.10 -30.68
C GLY A 413 7.50 -48.26 -29.70
N ASN A 414 8.60 -49.01 -29.75
CA ASN A 414 8.78 -50.08 -28.77
C ASN A 414 9.08 -49.52 -27.38
N ILE A 415 9.97 -48.54 -27.31
CA ILE A 415 10.38 -47.97 -26.01
C ILE A 415 9.26 -47.14 -25.40
N ALA A 416 8.53 -46.38 -26.23
CA ALA A 416 7.51 -45.47 -25.70
C ALA A 416 6.32 -46.25 -25.15
N ASP A 417 5.80 -47.20 -25.91
CA ASP A 417 4.60 -47.92 -25.47
C ASP A 417 4.88 -49.17 -24.63
N TYR A 418 6.07 -49.78 -24.76
CA TYR A 418 6.32 -51.04 -24.06
C TYR A 418 7.41 -50.97 -23.01
N ASN A 419 8.26 -49.94 -23.01
CA ASN A 419 9.39 -49.90 -22.09
C ASN A 419 9.37 -48.70 -21.17
N TYR A 420 9.19 -47.49 -21.70
CA TYR A 420 9.25 -46.27 -20.89
C TYR A 420 8.37 -45.20 -21.51
N LYS A 421 7.33 -44.79 -20.78
CA LYS A 421 6.35 -43.83 -21.28
C LYS A 421 6.37 -42.57 -20.42
N LEU A 422 6.42 -41.38 -21.09
CA LEU A 422 6.29 -40.09 -20.47
C LEU A 422 4.87 -39.54 -20.66
N PRO A 423 4.34 -38.81 -19.69
CA PRO A 423 2.99 -38.25 -19.85
C PRO A 423 2.98 -37.07 -20.80
N ASP A 424 1.76 -36.69 -21.21
CA ASP A 424 1.61 -35.59 -22.16
C ASP A 424 1.89 -34.24 -21.50
N ASP A 425 1.83 -34.17 -20.17
CA ASP A 425 2.10 -32.95 -19.42
C ASP A 425 3.42 -33.02 -18.66
N PHE A 426 4.42 -33.69 -19.24
CA PHE A 426 5.68 -33.96 -18.55
C PHE A 426 6.51 -32.69 -18.41
N THR A 427 6.91 -32.39 -17.18
CA THR A 427 7.74 -31.23 -16.89
C THR A 427 9.09 -31.75 -16.40
N GLY A 428 10.10 -31.65 -17.24
CA GLY A 428 11.41 -32.13 -16.89
C GLY A 428 12.28 -32.21 -18.12
N CYS A 429 13.50 -32.69 -17.90
CA CYS A 429 14.51 -32.76 -18.95
C CYS A 429 14.84 -34.21 -19.27
N VAL A 430 15.24 -34.47 -20.52
CA VAL A 430 15.80 -35.75 -20.92
C VAL A 430 17.21 -35.50 -21.46
N ILE A 431 18.15 -36.32 -21.01
CA ILE A 431 19.58 -36.19 -21.30
C ILE A 431 20.05 -37.53 -21.84
N ALA A 432 20.77 -37.50 -22.96
CA ALA A 432 21.28 -38.72 -23.56
C ALA A 432 22.68 -38.49 -24.10
N TRP A 433 23.49 -39.56 -24.07
CA TRP A 433 24.83 -39.50 -24.62
C TRP A 433 25.30 -40.86 -25.12
N ASN A 434 26.23 -40.83 -26.07
CA ASN A 434 26.80 -42.05 -26.62
C ASN A 434 27.66 -42.78 -25.59
N SER A 435 27.57 -44.10 -25.56
CA SER A 435 28.31 -44.92 -24.61
C SER A 435 28.89 -46.16 -25.28
N ASN A 436 29.59 -45.96 -26.40
CA ASN A 436 30.29 -47.07 -27.05
C ASN A 436 31.39 -47.63 -26.17
N LYS A 437 32.16 -46.76 -25.52
CA LYS A 437 33.32 -47.20 -24.74
C LYS A 437 32.93 -47.82 -23.40
N LEU A 438 31.67 -47.77 -23.01
CA LEU A 438 31.21 -48.37 -21.75
C LEU A 438 30.23 -49.52 -21.92
N ASP A 439 29.47 -49.56 -23.01
CA ASP A 439 28.38 -50.52 -23.14
C ASP A 439 28.48 -51.41 -24.37
N SER A 440 29.49 -51.26 -25.22
CA SER A 440 29.66 -52.10 -26.38
C SER A 440 30.79 -53.09 -26.15
N LYS A 441 30.57 -54.34 -26.57
CA LYS A 441 31.58 -55.38 -26.50
C LYS A 441 31.74 -56.03 -27.87
N VAL A 442 32.98 -56.44 -28.17
CA VAL A 442 33.26 -57.02 -29.49
C VAL A 442 32.58 -58.37 -29.64
N SER A 443 32.57 -59.17 -28.57
CA SER A 443 31.79 -60.41 -28.57
C SER A 443 30.30 -60.15 -28.47
N GLY A 444 29.90 -58.95 -28.03
CA GLY A 444 28.51 -58.58 -27.92
C GLY A 444 28.08 -58.41 -26.47
N ASN A 445 27.41 -57.29 -26.17
CA ASN A 445 26.88 -57.03 -24.84
C ASN A 445 25.44 -57.56 -24.81
N TYR A 446 25.20 -58.63 -24.06
CA TYR A 446 23.89 -59.26 -23.98
C TYR A 446 23.20 -59.02 -22.64
N ASN A 447 23.66 -58.02 -21.89
CA ASN A 447 23.08 -57.68 -20.60
C ASN A 447 22.09 -56.52 -20.67
N TYR A 448 21.84 -55.97 -21.85
CA TYR A 448 20.86 -54.92 -22.06
C TYR A 448 19.66 -55.46 -22.82
N LEU A 449 18.48 -55.35 -22.22
CA LEU A 449 17.26 -55.96 -22.74
C LEU A 449 16.19 -54.88 -22.95
N TYR A 450 15.18 -55.23 -23.75
CA TYR A 450 14.02 -54.36 -23.95
C TYR A 450 12.79 -55.22 -24.18
N ARG A 451 11.62 -54.62 -23.98
CA ARG A 451 10.35 -55.32 -24.15
C ARG A 451 9.82 -55.00 -25.54
N LEU A 452 9.63 -56.03 -26.36
CA LEU A 452 9.11 -55.88 -27.71
C LEU A 452 7.62 -56.18 -27.81
N PHE A 453 7.10 -57.04 -26.93
CA PHE A 453 5.73 -57.49 -27.01
C PHE A 453 5.05 -57.22 -25.67
N ARG A 454 3.84 -56.66 -25.73
CA ARG A 454 3.03 -56.43 -24.54
C ARG A 454 1.56 -56.35 -24.97
N LYS A 455 0.67 -56.84 -24.08
CA LYS A 455 -0.75 -56.89 -24.38
C LYS A 455 -1.35 -55.49 -24.55
N SER A 456 -0.98 -54.55 -23.68
CA SER A 456 -1.52 -53.20 -23.72
C SER A 456 -0.39 -52.19 -23.54
N ASN A 457 -0.66 -50.95 -23.92
CA ASN A 457 0.35 -49.91 -23.84
C ASN A 457 0.64 -49.54 -22.39
N LEU A 458 1.85 -49.04 -22.15
CA LEU A 458 2.25 -48.62 -20.81
C LEU A 458 1.60 -47.29 -20.43
N LYS A 459 1.18 -47.20 -19.18
CA LYS A 459 0.84 -45.92 -18.58
C LYS A 459 2.10 -45.10 -18.34
N PRO A 460 1.99 -43.77 -18.23
CA PRO A 460 3.17 -42.95 -17.94
C PRO A 460 3.79 -43.27 -16.59
N PHE A 461 5.13 -43.32 -16.57
CA PHE A 461 5.95 -43.67 -15.40
C PHE A 461 5.56 -45.02 -14.81
N GLU A 462 5.28 -45.99 -15.68
CA GLU A 462 5.02 -47.37 -15.27
C GLU A 462 6.15 -48.26 -15.74
N ARG A 463 6.48 -49.26 -14.94
CA ARG A 463 7.46 -50.28 -15.29
C ARG A 463 6.80 -51.64 -15.38
N ASP A 464 7.41 -52.53 -16.17
CA ASP A 464 7.00 -53.92 -16.25
C ASP A 464 8.26 -54.78 -16.30
N ILE A 465 8.55 -55.48 -15.21
CA ILE A 465 9.70 -56.38 -15.15
C ILE A 465 9.29 -57.84 -15.29
N SER A 466 8.06 -58.10 -15.75
CA SER A 466 7.57 -59.45 -15.87
C SER A 466 8.18 -60.16 -17.08
N THR A 467 8.42 -61.46 -16.92
CA THR A 467 8.98 -62.31 -17.97
C THR A 467 7.96 -63.33 -18.47
N GLU A 468 6.68 -63.01 -18.35
CA GLU A 468 5.63 -63.91 -18.81
C GLU A 468 5.64 -63.99 -20.35
N ILE A 469 5.45 -65.21 -20.86
CA ILE A 469 5.53 -65.46 -22.30
C ILE A 469 4.35 -64.80 -23.00
N TYR A 470 4.65 -63.98 -24.02
CA TYR A 470 3.63 -63.27 -24.77
C TYR A 470 2.87 -64.23 -25.68
N GLN A 471 1.56 -64.37 -25.43
CA GLN A 471 0.72 -65.21 -26.28
C GLN A 471 0.18 -64.35 -27.40
N ALA A 472 0.68 -64.57 -28.61
CA ALA A 472 0.24 -63.83 -29.79
C ALA A 472 -0.91 -64.50 -30.52
N GLY A 473 -1.25 -65.73 -30.16
CA GLY A 473 -2.26 -66.48 -30.88
C GLY A 473 -3.43 -66.91 -30.02
N ASN A 474 -3.98 -68.09 -30.30
CA ASN A 474 -5.09 -68.64 -29.53
C ASN A 474 -4.70 -69.82 -28.67
N LYS A 475 -3.66 -70.56 -29.04
CA LYS A 475 -3.20 -71.67 -28.22
C LYS A 475 -2.47 -71.16 -26.98
N PRO A 476 -2.68 -71.80 -25.83
CA PRO A 476 -1.99 -71.35 -24.61
C PRO A 476 -0.50 -71.67 -24.68
N CYS A 477 0.31 -70.73 -24.19
CA CYS A 477 1.76 -70.88 -24.29
C CYS A 477 2.28 -71.91 -23.29
N ASN A 478 1.74 -71.88 -22.07
CA ASN A 478 2.15 -72.73 -20.93
C ASN A 478 3.63 -72.62 -20.62
N GLY A 479 4.19 -71.42 -20.79
CA GLY A 479 5.55 -71.14 -20.39
C GLY A 479 6.62 -71.58 -21.37
N VAL A 480 6.24 -72.22 -22.47
CA VAL A 480 7.19 -72.72 -23.47
C VAL A 480 7.05 -71.89 -24.72
N ALA A 481 8.18 -71.38 -25.22
CA ALA A 481 8.18 -70.55 -26.41
C ALA A 481 8.04 -71.40 -27.67
N GLY A 482 7.97 -70.73 -28.82
CA GLY A 482 7.80 -71.44 -30.08
C GLY A 482 7.08 -70.61 -31.11
N PHE A 483 6.06 -71.18 -31.73
CA PHE A 483 5.26 -70.47 -32.72
C PHE A 483 4.05 -69.85 -32.05
N ASN A 484 3.84 -68.55 -32.29
CA ASN A 484 2.84 -67.70 -31.63
C ASN A 484 3.00 -67.69 -30.10
N CYS A 485 4.25 -67.84 -29.63
CA CYS A 485 4.57 -67.82 -28.20
C CYS A 485 6.00 -67.29 -28.08
N TYR A 486 6.12 -66.01 -27.76
CA TYR A 486 7.41 -65.32 -27.78
C TYR A 486 7.79 -64.81 -26.40
N PHE A 487 9.07 -64.97 -26.07
CA PHE A 487 9.64 -64.34 -24.88
C PHE A 487 9.66 -62.82 -25.06
N PRO A 488 9.14 -62.05 -24.10
CA PRO A 488 8.96 -60.60 -24.35
C PRO A 488 10.24 -59.79 -24.31
N LEU A 489 11.30 -60.28 -23.67
CA LEU A 489 12.52 -59.52 -23.48
C LEU A 489 13.55 -59.91 -24.53
N ARG A 490 13.96 -58.94 -25.35
CA ARG A 490 14.93 -59.15 -26.41
C ARG A 490 16.20 -58.35 -26.11
N SER A 491 17.35 -58.91 -26.50
CA SER A 491 18.62 -58.38 -26.07
C SER A 491 19.13 -57.29 -27.01
N TYR A 492 19.62 -56.20 -26.42
CA TYR A 492 20.31 -55.13 -27.14
C TYR A 492 21.77 -55.54 -27.32
N SER A 493 22.02 -56.33 -28.36
CA SER A 493 23.36 -56.92 -28.57
C SER A 493 24.31 -55.85 -29.09
N PHE A 494 24.80 -55.02 -28.16
CA PHE A 494 25.62 -53.87 -28.53
C PHE A 494 27.02 -54.32 -28.92
N ARG A 495 27.49 -53.81 -30.06
CA ARG A 495 28.83 -54.05 -30.56
C ARG A 495 29.43 -52.73 -31.04
N PRO A 496 30.75 -52.54 -30.91
CA PRO A 496 31.33 -51.20 -31.16
C PRO A 496 31.38 -50.81 -32.63
N THR A 497 31.15 -51.74 -33.55
CA THR A 497 31.22 -51.46 -34.98
C THR A 497 29.86 -51.16 -35.60
N TYR A 498 28.83 -50.95 -34.77
CA TYR A 498 27.51 -50.64 -35.28
C TYR A 498 27.44 -49.23 -35.85
N GLY A 499 26.38 -48.97 -36.62
CA GLY A 499 26.07 -47.63 -37.04
C GLY A 499 25.54 -46.79 -35.89
N VAL A 500 25.57 -45.47 -36.10
CA VAL A 500 25.32 -44.49 -35.03
C VAL A 500 23.88 -44.59 -34.52
N GLY A 501 22.94 -44.96 -35.38
CA GLY A 501 21.56 -45.13 -34.94
C GLY A 501 21.32 -46.39 -34.13
N HIS A 502 22.29 -47.31 -34.10
CA HIS A 502 22.20 -48.53 -33.32
C HIS A 502 23.24 -48.60 -32.21
N GLN A 503 24.13 -47.61 -32.10
CA GLN A 503 25.08 -47.56 -31.01
C GLN A 503 24.36 -47.24 -29.69
N PRO A 504 24.88 -47.74 -28.56
CA PRO A 504 24.17 -47.54 -27.28
C PRO A 504 24.23 -46.10 -26.80
N TYR A 505 23.08 -45.61 -26.36
CA TYR A 505 22.93 -44.28 -25.78
C TYR A 505 22.38 -44.41 -24.37
N ARG A 506 23.07 -43.79 -23.41
CA ARG A 506 22.62 -43.75 -22.03
C ARG A 506 21.73 -42.53 -21.84
N VAL A 507 20.56 -42.74 -21.24
CA VAL A 507 19.55 -41.71 -21.08
C VAL A 507 19.22 -41.58 -19.60
N VAL A 508 19.23 -40.35 -19.10
CA VAL A 508 18.75 -39.98 -17.77
C VAL A 508 17.62 -38.98 -17.94
N VAL A 509 16.46 -39.30 -17.39
CA VAL A 509 15.27 -38.46 -17.44
C VAL A 509 15.06 -37.86 -16.05
N LEU A 510 15.18 -36.54 -15.95
CA LEU A 510 14.93 -35.81 -14.73
C LEU A 510 13.49 -35.30 -14.76
N SER A 511 12.67 -35.77 -13.83
CA SER A 511 11.28 -35.38 -13.73
C SER A 511 11.08 -34.58 -12.44
N PHE A 512 10.59 -33.36 -12.57
CA PHE A 512 10.43 -32.46 -11.44
C PHE A 512 8.96 -32.42 -11.03
N GLU A 513 8.69 -32.61 -9.74
CA GLU A 513 7.33 -32.48 -9.24
C GLU A 513 7.27 -31.51 -8.07
N LEU A 514 6.17 -30.76 -8.02
CA LEU A 514 5.81 -29.91 -6.90
C LEU A 514 4.58 -30.50 -6.20
N LEU A 515 4.62 -30.53 -4.87
CA LEU A 515 3.50 -31.03 -4.09
C LEU A 515 3.08 -29.99 -3.07
N HIS A 516 2.23 -30.38 -2.11
CA HIS A 516 1.91 -29.49 -1.00
C HIS A 516 3.05 -29.36 -0.01
N ALA A 517 4.03 -30.25 -0.06
CA ALA A 517 5.18 -30.18 0.82
C ALA A 517 6.04 -28.96 0.47
N PRO A 518 6.82 -28.44 1.42
CA PRO A 518 7.78 -27.38 1.10
C PRO A 518 8.84 -27.88 0.13
N ALA A 519 9.09 -27.09 -0.92
CA ALA A 519 10.00 -27.46 -1.99
C ALA A 519 11.44 -27.39 -1.49
N THR A 520 12.01 -28.56 -1.19
CA THR A 520 13.30 -28.66 -0.52
C THR A 520 14.43 -29.01 -1.49
N VAL A 521 14.16 -29.05 -2.79
CA VAL A 521 15.21 -29.22 -3.78
C VAL A 521 15.36 -27.91 -4.53
N CYS A 522 16.24 -27.03 -4.08
CA CYS A 522 16.39 -25.72 -4.71
C CYS A 522 17.85 -25.41 -4.98
N GLY A 523 18.20 -25.30 -6.26
CA GLY A 523 19.56 -25.18 -6.73
C GLY A 523 20.28 -23.90 -6.32
N PRO A 524 21.50 -23.73 -6.86
CA PRO A 524 22.34 -22.57 -6.50
C PRO A 524 21.65 -21.22 -6.70
N LYS A 525 21.94 -20.30 -5.78
CA LYS A 525 21.46 -18.93 -5.85
C LYS A 525 22.64 -18.01 -6.11
N LYS A 526 22.42 -17.01 -6.98
CA LYS A 526 23.49 -16.12 -7.41
C LYS A 526 24.06 -15.35 -6.21
N SER A 527 25.38 -15.31 -6.11
CA SER A 527 26.07 -14.55 -5.09
C SER A 527 27.21 -13.76 -5.72
N THR A 528 27.29 -12.47 -5.36
CA THR A 528 28.39 -11.62 -5.80
C THR A 528 29.34 -11.41 -4.63
N ASN A 529 30.48 -10.78 -4.94
CA ASN A 529 31.48 -10.45 -3.93
C ASN A 529 30.91 -9.48 -2.90
N LEU A 530 31.53 -9.45 -1.73
CA LEU A 530 31.09 -8.59 -0.64
C LEU A 530 31.94 -7.33 -0.64
N VAL A 531 31.29 -6.17 -0.58
CA VAL A 531 31.96 -4.88 -0.52
C VAL A 531 31.59 -4.23 0.81
N LYS A 532 32.60 -3.82 1.57
CA LYS A 532 32.36 -3.22 2.87
C LYS A 532 32.68 -1.73 2.85
N ASN A 533 32.21 -1.05 3.90
CA ASN A 533 32.46 0.36 4.20
C ASN A 533 31.87 1.30 3.15
N LYS A 534 30.90 0.84 2.36
CA LYS A 534 30.25 1.67 1.36
C LYS A 534 28.75 1.42 1.39
N CYS A 535 27.99 2.43 1.01
CA CYS A 535 26.53 2.37 1.04
C CYS A 535 26.06 1.60 -0.20
N VAL A 536 25.71 0.33 0.01
CA VAL A 536 25.32 -0.58 -1.08
C VAL A 536 23.95 -1.17 -0.74
N ASN A 537 23.32 -1.73 -1.77
CA ASN A 537 22.05 -2.42 -1.63
C ASN A 537 22.29 -3.88 -1.27
N PHE A 538 21.90 -4.27 -0.05
CA PHE A 538 22.15 -5.61 0.44
C PHE A 538 20.89 -6.46 0.33
N ASN A 539 21.09 -7.76 0.16
CA ASN A 539 19.99 -8.74 0.12
C ASN A 539 20.54 -10.07 0.61
N PHE A 540 20.27 -10.38 1.87
CA PHE A 540 20.69 -11.63 2.49
C PHE A 540 19.47 -12.46 2.83
N ASN A 541 19.37 -13.65 2.20
CA ASN A 541 18.31 -14.64 2.43
C ASN A 541 16.92 -14.04 2.27
N GLY A 542 16.77 -13.15 1.30
CA GLY A 542 15.50 -12.54 1.00
C GLY A 542 15.33 -11.18 1.64
N LEU A 543 16.12 -10.89 2.68
CA LEU A 543 16.00 -9.65 3.42
C LEU A 543 16.79 -8.57 2.67
N LYS A 544 16.09 -7.55 2.18
CA LYS A 544 16.67 -6.51 1.34
C LYS A 544 16.73 -5.16 2.06
N GLY A 545 17.61 -4.31 1.56
CA GLY A 545 17.74 -2.96 2.10
C GLY A 545 18.94 -2.25 1.51
N THR A 546 19.23 -1.08 2.08
CA THR A 546 20.38 -0.26 1.69
C THR A 546 21.16 0.12 2.94
N GLY A 547 22.48 -0.08 2.92
CA GLY A 547 23.26 0.32 4.08
C GLY A 547 24.75 0.20 3.83
N VAL A 548 25.51 0.65 4.82
CA VAL A 548 26.96 0.54 4.86
C VAL A 548 27.28 -0.66 5.73
N LEU A 549 27.99 -1.63 5.17
CA LEU A 549 28.31 -2.87 5.87
C LEU A 549 29.71 -2.73 6.45
N THR A 550 29.80 -2.59 7.77
CA THR A 550 31.08 -2.44 8.44
C THR A 550 31.32 -3.62 9.37
N GLU A 551 32.54 -3.71 9.86
CA GLU A 551 32.89 -4.75 10.83
C GLU A 551 32.13 -4.48 12.13
N SER A 552 31.74 -5.56 12.80
CA SER A 552 30.94 -5.46 14.01
C SER A 552 31.68 -6.02 15.21
N ASN A 553 31.52 -5.34 16.34
CA ASN A 553 32.06 -5.79 17.62
C ASN A 553 31.02 -6.55 18.42
N LYS A 554 29.84 -6.74 17.86
CA LYS A 554 28.75 -7.44 18.54
C LYS A 554 28.98 -8.94 18.43
N LYS A 555 29.01 -9.63 19.57
CA LYS A 555 29.24 -11.07 19.57
C LYS A 555 27.89 -11.77 19.50
N PHE A 556 27.54 -12.23 18.31
CA PHE A 556 26.31 -12.99 18.12
C PHE A 556 26.44 -14.39 18.69
N LEU A 557 25.31 -14.93 19.12
CA LEU A 557 25.30 -16.33 19.47
C LEU A 557 25.23 -17.11 18.15
N PRO A 558 25.70 -18.36 18.10
CA PRO A 558 25.78 -19.09 16.81
C PRO A 558 24.47 -19.28 16.06
N PHE A 559 23.33 -19.22 16.73
CA PHE A 559 22.04 -19.40 16.08
C PHE A 559 21.44 -18.12 15.49
N GLN A 560 21.99 -16.96 15.79
CA GLN A 560 21.36 -15.71 15.39
C GLN A 560 21.87 -15.25 14.03
N GLN A 561 20.97 -14.71 13.22
CA GLN A 561 21.28 -14.21 11.89
C GLN A 561 21.17 -12.70 11.79
N PHE A 562 20.07 -12.10 12.23
CA PHE A 562 19.85 -10.67 12.06
C PHE A 562 19.95 -10.02 13.44
N GLY A 563 20.12 -8.71 13.43
CA GLY A 563 20.26 -7.96 14.66
C GLY A 563 19.37 -6.74 14.70
N ARG A 564 18.80 -6.46 15.87
CA ARG A 564 17.94 -5.30 16.03
C ARG A 564 18.43 -4.48 17.23
N ASP A 565 18.23 -3.17 17.13
CA ASP A 565 18.61 -2.21 18.15
C ASP A 565 17.41 -1.97 19.07
N ILE A 566 17.46 -0.87 19.84
CA ILE A 566 16.36 -0.48 20.73
C ILE A 566 15.10 -0.20 19.91
N ALA A 567 15.25 0.45 18.77
CA ALA A 567 14.12 0.92 17.98
C ALA A 567 13.58 -0.11 16.99
N ASP A 568 13.99 -1.39 17.14
CA ASP A 568 13.52 -2.53 16.34
C ASP A 568 13.83 -2.36 14.85
N THR A 569 14.99 -1.80 14.54
CA THR A 569 15.48 -1.64 13.18
C THR A 569 16.66 -2.57 12.97
N THR A 570 16.78 -3.14 11.77
CA THR A 570 17.82 -4.13 11.50
C THR A 570 19.15 -3.40 11.34
N ASP A 571 20.03 -3.56 12.32
CA ASP A 571 21.33 -2.89 12.35
C ASP A 571 22.51 -3.83 12.38
N ALA A 572 22.30 -5.13 12.55
CA ALA A 572 23.36 -6.12 12.50
C ALA A 572 22.89 -7.32 11.69
N VAL A 573 23.82 -8.00 11.04
CA VAL A 573 23.50 -9.12 10.17
C VAL A 573 24.70 -10.05 10.16
N ARG A 574 24.51 -11.27 9.68
CA ARG A 574 25.56 -12.26 9.51
C ARG A 574 25.52 -12.70 8.07
N ASP A 575 26.63 -12.54 7.37
CA ASP A 575 26.72 -12.89 5.96
C ASP A 575 26.51 -14.40 5.77
N PRO A 576 25.71 -14.81 4.79
CA PRO A 576 25.45 -16.25 4.63
C PRO A 576 26.70 -17.05 4.27
N GLN A 577 27.52 -16.54 3.34
CA GLN A 577 28.75 -17.22 2.97
C GLN A 577 29.79 -17.21 4.08
N THR A 578 29.99 -16.08 4.75
CA THR A 578 31.04 -15.95 5.75
C THR A 578 30.43 -15.74 7.12
N LEU A 579 30.80 -16.57 8.09
CA LEU A 579 30.23 -16.51 9.43
C LEU A 579 30.81 -15.39 10.29
N GLU A 580 30.90 -14.20 9.72
CA GLU A 580 31.35 -12.98 10.37
C GLU A 580 30.14 -12.09 10.61
N ILE A 581 30.25 -11.20 11.58
CA ILE A 581 29.13 -10.34 11.94
C ILE A 581 29.41 -8.97 11.34
N LEU A 582 28.43 -8.42 10.62
CA LEU A 582 28.58 -7.13 9.99
C LEU A 582 27.48 -6.20 10.50
N ASP A 583 27.88 -4.99 10.87
CA ASP A 583 26.92 -3.96 11.22
C ASP A 583 26.42 -3.29 9.95
N ILE A 584 25.11 -3.07 9.90
CA ILE A 584 24.51 -2.33 8.80
C ILE A 584 24.23 -0.95 9.37
N THR A 585 25.17 -0.07 9.15
CA THR A 585 24.95 1.32 9.52
C THR A 585 24.17 1.96 8.40
N PRO A 586 23.05 2.63 8.68
CA PRO A 586 22.28 3.24 7.59
C PRO A 586 23.10 4.34 6.93
N CYS A 587 22.85 4.54 5.63
CA CYS A 587 23.59 5.51 4.82
C CYS A 587 23.47 6.89 5.47
N SER A 588 24.54 7.67 5.37
CA SER A 588 24.71 8.82 6.26
C SER A 588 23.70 9.93 6.03
N PHE A 589 22.53 9.73 6.65
CA PHE A 589 21.42 10.64 6.49
C PHE A 589 21.70 11.90 7.30
N GLY A 590 21.22 13.02 6.79
CA GLY A 590 21.29 14.26 7.55
C GLY A 590 20.19 15.17 7.07
N GLY A 591 19.82 16.13 7.91
CA GLY A 591 18.89 17.13 7.47
C GLY A 591 19.69 18.28 6.90
N VAL A 592 19.35 18.65 5.67
CA VAL A 592 19.97 19.77 4.97
C VAL A 592 19.08 20.99 5.22
N SER A 593 19.62 21.95 5.95
CA SER A 593 18.94 23.21 6.21
C SER A 593 19.70 24.28 5.46
N VAL A 594 18.97 25.21 4.87
CA VAL A 594 19.58 26.27 4.06
C VAL A 594 19.39 27.58 4.80
N ILE A 595 20.50 28.25 5.06
CA ILE A 595 20.50 29.54 5.73
C ILE A 595 20.71 30.59 4.66
N THR A 596 19.72 31.44 4.48
CA THR A 596 19.81 32.46 3.46
C THR A 596 19.17 33.76 3.92
N PRO A 597 19.65 34.89 3.42
CA PRO A 597 18.92 36.15 3.62
C PRO A 597 17.81 36.22 2.58
N GLY A 598 17.11 37.35 2.49
CA GLY A 598 16.12 37.50 1.44
C GLY A 598 16.73 37.45 0.06
N THR A 599 15.97 36.90 -0.89
CA THR A 599 16.39 36.93 -2.29
C THR A 599 16.40 38.34 -2.86
N ASN A 600 15.68 39.26 -2.23
CA ASN A 600 15.75 40.67 -2.62
C ASN A 600 17.15 41.22 -2.34
N THR A 601 17.78 40.74 -1.27
CA THR A 601 19.10 41.21 -0.86
C THR A 601 20.23 40.46 -1.54
N SER A 602 20.23 39.13 -1.48
CA SER A 602 21.33 38.35 -2.04
C SER A 602 20.88 36.93 -2.31
N ASN A 603 21.66 36.22 -3.13
CA ASN A 603 21.40 34.83 -3.47
C ASN A 603 22.40 33.88 -2.82
N GLN A 604 23.25 34.38 -1.92
CA GLN A 604 24.20 33.53 -1.23
C GLN A 604 23.48 32.68 -0.18
N VAL A 605 23.88 31.41 -0.07
CA VAL A 605 23.30 30.51 0.91
C VAL A 605 24.41 29.79 1.67
N ALA A 606 24.04 29.25 2.82
CA ALA A 606 24.89 28.38 3.62
C ALA A 606 24.12 27.12 3.90
N VAL A 607 24.83 26.00 4.05
CA VAL A 607 24.19 24.70 4.21
C VAL A 607 24.58 24.12 5.57
N LEU A 608 23.58 23.73 6.35
CA LEU A 608 23.79 23.07 7.63
C LEU A 608 23.38 21.62 7.48
N TYR A 609 24.32 20.72 7.72
CA TYR A 609 24.06 19.28 7.75
C TYR A 609 23.91 18.90 9.21
N GLN A 610 22.68 18.57 9.61
CA GLN A 610 22.40 18.32 11.03
C GLN A 610 22.94 16.97 11.44
N GLY A 611 23.69 16.95 12.55
CA GLY A 611 24.21 15.73 13.14
C GLY A 611 25.18 14.98 12.26
N VAL A 612 25.87 15.69 11.37
CA VAL A 612 26.89 15.12 10.50
C VAL A 612 28.21 15.84 10.79
N ASN A 613 29.25 15.06 11.08
CA ASN A 613 30.57 15.63 11.28
C ASN A 613 31.08 16.20 9.96
N CYS A 614 31.95 17.22 10.07
CA CYS A 614 32.39 17.92 8.87
C CYS A 614 33.32 17.10 7.98
N THR A 615 33.87 16.01 8.48
CA THR A 615 34.76 15.18 7.67
C THR A 615 34.00 14.09 6.92
N GLU A 616 32.69 13.99 7.11
CA GLU A 616 31.87 12.94 6.51
C GLU A 616 30.89 13.48 5.49
N VAL A 617 31.12 14.69 4.99
CA VAL A 617 30.22 15.29 4.01
C VAL A 617 30.96 15.53 2.70
N ASN A 638 35.35 27.74 4.17
CA ASN A 638 34.19 28.19 4.93
C ASN A 638 33.42 27.02 5.52
N VAL A 639 34.14 26.14 6.22
CA VAL A 639 33.55 24.96 6.85
C VAL A 639 33.75 25.11 8.35
N PHE A 640 32.65 25.04 9.10
CA PHE A 640 32.67 25.21 10.54
C PHE A 640 31.92 24.06 11.19
N GLN A 641 32.41 23.58 12.32
CA GLN A 641 31.79 22.50 13.05
C GLN A 641 31.00 23.07 14.23
N THR A 642 29.71 22.79 14.26
CA THR A 642 28.82 23.18 15.36
C THR A 642 28.27 21.93 16.02
N ARG A 643 27.68 22.09 17.20
CA ARG A 643 27.03 20.96 17.85
C ARG A 643 25.76 20.57 17.12
N ALA A 644 25.15 21.50 16.39
CA ALA A 644 23.99 21.17 15.55
C ALA A 644 24.41 20.29 14.38
N GLY A 645 25.58 20.55 13.83
CA GLY A 645 26.07 19.82 12.67
C GLY A 645 27.14 20.64 11.98
N CYS A 646 27.40 20.28 10.72
CA CYS A 646 28.43 20.97 9.93
C CYS A 646 27.81 22.10 9.12
N LEU A 647 28.38 23.29 9.25
CA LEU A 647 27.91 24.45 8.51
C LEU A 647 28.94 24.80 7.44
N ILE A 648 28.53 24.74 6.17
CA ILE A 648 29.40 25.02 5.03
C ILE A 648 28.89 26.28 4.35
N GLY A 649 29.79 27.20 4.05
CA GLY A 649 29.42 28.42 3.35
C GLY A 649 29.33 29.65 4.22
N ALA A 650 29.58 29.52 5.52
CA ALA A 650 29.59 30.65 6.44
C ALA A 650 30.92 30.64 7.17
N GLU A 651 31.47 31.83 7.41
CA GLU A 651 32.77 31.97 8.04
C GLU A 651 32.60 32.38 9.49
N TYR A 652 33.18 31.59 10.40
CA TYR A 652 33.07 31.87 11.82
C TYR A 652 33.80 33.18 12.15
N VAL A 653 33.13 34.05 12.89
CA VAL A 653 33.70 35.30 13.36
C VAL A 653 33.72 35.30 14.89
N ASN A 654 34.88 35.60 15.47
CA ASN A 654 35.02 35.56 16.93
C ASN A 654 34.26 36.69 17.63
N ASN A 655 33.69 37.63 16.89
CA ASN A 655 32.88 38.69 17.46
C ASN A 655 31.49 38.15 17.76
N SER A 656 30.82 38.81 18.71
CA SER A 656 29.47 38.43 19.12
C SER A 656 28.50 39.55 18.77
N TYR A 657 27.41 39.19 18.10
CA TYR A 657 26.36 40.11 17.71
C TYR A 657 25.03 39.55 18.16
N GLU A 658 23.95 40.28 17.87
CA GLU A 658 22.63 39.78 18.15
C GLU A 658 22.26 38.68 17.15
N CYS A 659 21.33 37.82 17.55
CA CYS A 659 20.96 36.70 16.70
C CYS A 659 20.06 37.18 15.58
N ASP A 660 20.44 36.89 14.34
CA ASP A 660 19.65 37.24 13.17
C ASP A 660 18.96 36.01 12.60
N ILE A 661 19.73 34.98 12.27
CA ILE A 661 19.19 33.69 11.85
C ILE A 661 19.67 32.66 12.86
N PRO A 662 18.78 32.01 13.60
CA PRO A 662 19.24 31.03 14.60
C PRO A 662 19.72 29.74 13.97
N ILE A 663 20.90 29.30 14.37
CA ILE A 663 21.46 28.03 13.91
C ILE A 663 21.28 26.96 14.96
N GLY A 664 21.56 27.30 16.22
CA GLY A 664 21.48 26.32 17.27
C GLY A 664 22.76 26.19 18.06
N ALA A 665 22.64 25.72 19.31
CA ALA A 665 23.77 25.52 20.24
C ALA A 665 24.58 26.80 20.42
N GLY A 666 23.88 27.93 20.42
CA GLY A 666 24.52 29.21 20.63
C GLY A 666 25.03 29.85 19.37
N ILE A 667 24.89 29.19 18.23
CA ILE A 667 25.38 29.69 16.96
C ILE A 667 24.23 30.38 16.25
N CYS A 668 24.50 31.56 15.70
CA CYS A 668 23.56 32.31 14.90
C CYS A 668 24.27 32.79 13.64
N ALA A 669 23.49 33.06 12.59
CA ALA A 669 24.05 33.49 11.32
C ALA A 669 23.48 34.84 10.91
N SER A 670 24.27 35.59 10.14
CA SER A 670 23.85 36.90 9.68
C SER A 670 24.51 37.19 8.34
N TYR A 671 23.96 38.17 7.63
CA TYR A 671 24.49 38.63 6.36
C TYR A 671 25.07 40.03 6.53
N GLN A 672 26.33 40.21 6.12
CA GLN A 672 26.95 41.52 6.17
C GLN A 672 27.83 41.77 4.95
N SER A 688 28.85 38.72 2.58
CA SER A 688 28.95 37.28 2.82
C SER A 688 28.14 36.91 4.07
N ILE A 689 27.98 35.60 4.28
CA ILE A 689 27.24 35.07 5.41
C ILE A 689 28.23 34.69 6.50
N ILE A 690 28.03 35.21 7.70
CA ILE A 690 28.90 34.94 8.83
C ILE A 690 28.12 34.18 9.90
N ALA A 691 28.84 33.38 10.66
CA ALA A 691 28.29 32.61 11.77
C ALA A 691 29.04 33.01 13.03
N TYR A 692 28.32 33.18 14.13
CA TYR A 692 28.95 33.67 15.34
C TYR A 692 28.21 33.16 16.57
N THR A 693 28.87 33.25 17.72
CA THR A 693 28.23 32.96 18.99
C THR A 693 27.52 34.23 19.41
N MET A 694 26.20 34.16 19.59
CA MET A 694 25.40 35.35 19.86
C MET A 694 25.70 35.94 21.23
N SER A 695 25.74 37.26 21.31
CA SER A 695 25.94 37.94 22.58
C SER A 695 24.64 37.95 23.36
N LEU A 696 24.74 37.66 24.66
CA LEU A 696 23.56 37.74 25.51
C LEU A 696 23.20 39.19 25.82
N GLY A 697 24.19 40.01 26.15
CA GLY A 697 23.93 41.40 26.44
C GLY A 697 25.24 42.15 26.61
N ALA A 698 25.12 43.46 26.75
CA ALA A 698 26.29 44.27 27.08
C ALA A 698 26.69 44.00 28.52
N GLU A 699 27.99 43.99 28.78
CA GLU A 699 28.48 43.68 30.11
C GLU A 699 28.41 44.92 30.99
N ASN A 700 27.74 44.81 32.13
CA ASN A 700 27.63 45.89 33.09
C ASN A 700 28.01 45.38 34.47
N SER A 701 28.89 46.10 35.15
CA SER A 701 29.28 45.76 36.52
C SER A 701 28.64 46.76 37.46
N VAL A 702 27.82 46.27 38.39
CA VAL A 702 27.12 47.14 39.32
C VAL A 702 28.07 47.48 40.46
N ALA A 703 28.19 48.77 40.78
CA ALA A 703 29.14 49.22 41.79
C ALA A 703 28.53 49.03 43.18
N TYR A 704 28.49 47.77 43.61
CA TYR A 704 27.91 47.46 44.91
C TYR A 704 28.91 47.75 46.02
N SER A 705 28.43 48.41 47.08
CA SER A 705 29.20 48.54 48.30
C SER A 705 28.18 48.57 49.43
N ASN A 706 28.67 48.32 50.64
CA ASN A 706 27.78 48.15 51.78
C ASN A 706 27.22 49.46 52.34
N ASN A 707 27.70 50.62 51.89
CA ASN A 707 27.20 51.87 52.48
C ASN A 707 26.90 52.94 51.43
N SER A 708 26.74 52.59 50.16
CA SER A 708 26.48 53.55 49.10
C SER A 708 25.19 53.19 48.38
N ILE A 709 24.41 54.21 48.03
CA ILE A 709 23.15 54.02 47.33
C ILE A 709 23.16 54.94 46.11
N ALA A 710 22.37 54.57 45.11
CA ALA A 710 22.21 55.37 43.91
C ALA A 710 20.76 55.84 43.85
N ILE A 711 20.56 57.15 43.77
CA ILE A 711 19.24 57.74 43.78
C ILE A 711 19.03 58.44 42.45
N PRO A 712 17.90 58.22 41.77
CA PRO A 712 17.64 58.93 40.51
C PRO A 712 17.36 60.40 40.73
N THR A 713 17.86 61.23 39.82
CA THR A 713 17.64 62.67 39.89
C THR A 713 16.73 63.16 38.77
N ASN A 714 16.29 62.25 37.90
CA ASN A 714 15.47 62.64 36.75
C ASN A 714 14.68 61.42 36.30
N PHE A 715 13.80 61.64 35.32
CA PHE A 715 12.93 60.56 34.86
C PHE A 715 12.66 60.71 33.38
N THR A 716 12.24 59.60 32.78
CA THR A 716 11.86 59.53 31.37
C THR A 716 10.46 58.93 31.31
N ILE A 717 9.55 59.62 30.62
CA ILE A 717 8.22 59.08 30.39
C ILE A 717 8.30 58.24 29.13
N SER A 718 8.27 56.92 29.29
CA SER A 718 8.47 55.99 28.18
C SER A 718 7.16 55.34 27.78
N VAL A 719 6.81 55.43 26.51
CA VAL A 719 5.63 54.78 25.98
C VAL A 719 6.10 53.61 25.12
N THR A 720 5.63 52.41 25.43
CA THR A 720 6.02 51.20 24.72
C THR A 720 4.80 50.51 24.14
N THR A 721 5.01 49.76 23.07
CA THR A 721 3.92 49.10 22.37
C THR A 721 3.87 47.62 22.75
N GLU A 722 2.66 47.11 22.96
CA GLU A 722 2.44 45.69 23.17
C GLU A 722 1.31 45.23 22.25
N ILE A 723 1.61 44.33 21.32
CA ILE A 723 0.66 43.86 20.33
C ILE A 723 0.18 42.48 20.73
N LEU A 724 -1.13 42.34 20.92
CA LEU A 724 -1.70 41.05 21.33
C LEU A 724 -2.81 40.64 20.39
N PRO A 725 -2.73 39.44 19.80
CA PRO A 725 -3.86 38.93 19.00
C PRO A 725 -5.06 38.62 19.88
N VAL A 726 -6.25 38.92 19.36
CA VAL A 726 -7.49 38.75 20.09
C VAL A 726 -8.38 37.68 19.45
N SER A 727 -8.54 37.75 18.12
CA SER A 727 -9.43 36.84 17.42
C SER A 727 -8.77 36.36 16.14
N MET A 728 -9.37 35.34 15.53
CA MET A 728 -8.92 34.81 14.26
C MET A 728 -10.00 34.98 13.21
N THR A 729 -9.68 34.51 12.01
CA THR A 729 -10.66 34.49 10.94
C THR A 729 -11.66 33.37 11.21
N LYS A 730 -12.94 33.71 11.15
CA LYS A 730 -14.00 32.73 11.40
C LYS A 730 -14.24 31.97 10.11
N THR A 731 -13.98 30.67 10.11
CA THR A 731 -14.08 29.87 8.90
C THR A 731 -15.19 28.85 9.03
N SER A 732 -15.94 28.66 7.95
CA SER A 732 -16.94 27.62 7.86
C SER A 732 -16.65 26.78 6.63
N VAL A 733 -16.76 25.46 6.77
CA VAL A 733 -16.46 24.54 5.69
C VAL A 733 -17.69 23.71 5.39
N ASP A 734 -18.12 23.71 4.13
CA ASP A 734 -19.19 22.83 3.68
C ASP A 734 -18.55 21.46 3.51
N CYS A 735 -18.88 20.53 4.41
CA CYS A 735 -18.24 19.23 4.43
C CYS A 735 -18.57 18.41 3.18
N THR A 736 -19.86 18.41 2.79
CA THR A 736 -20.31 17.65 1.63
C THR A 736 -19.71 18.18 0.33
N MET A 737 -19.67 19.52 0.17
CA MET A 737 -19.13 20.08 -1.06
C MET A 737 -17.62 19.92 -1.12
N TYR A 738 -16.93 20.03 0.01
CA TYR A 738 -15.47 19.87 0.02
C TYR A 738 -15.10 18.44 -0.34
N ILE A 739 -15.75 17.46 0.30
CA ILE A 739 -15.38 16.05 0.07
C ILE A 739 -15.86 15.58 -1.30
N CYS A 740 -17.07 15.97 -1.72
CA CYS A 740 -17.68 15.38 -2.89
C CYS A 740 -17.93 16.32 -4.06
N GLY A 741 -17.96 17.62 -3.85
CA GLY A 741 -18.31 18.55 -4.91
C GLY A 741 -19.74 18.44 -5.38
N ASP A 742 -19.94 18.16 -6.66
CA ASP A 742 -21.26 18.16 -7.27
C ASP A 742 -21.84 16.76 -7.45
N SER A 743 -21.16 15.73 -6.95
CA SER A 743 -21.60 14.35 -7.18
C SER A 743 -22.68 13.98 -6.17
N THR A 744 -23.86 13.59 -6.68
CA THR A 744 -24.93 13.13 -5.80
C THR A 744 -24.61 11.77 -5.20
N GLU A 745 -24.00 10.89 -5.99
CA GLU A 745 -23.66 9.55 -5.53
C GLU A 745 -22.60 9.58 -4.44
N CYS A 746 -21.64 10.51 -4.55
CA CYS A 746 -20.64 10.67 -3.50
C CYS A 746 -21.29 11.11 -2.19
N SER A 747 -22.28 12.00 -2.26
CA SER A 747 -22.98 12.41 -1.04
C SER A 747 -23.76 11.24 -0.45
N ASN A 748 -24.34 10.41 -1.31
CA ASN A 748 -25.04 9.21 -0.83
C ASN A 748 -24.09 8.24 -0.15
N LEU A 749 -22.89 8.06 -0.72
CA LEU A 749 -21.89 7.22 -0.05
C LEU A 749 -21.32 7.89 1.20
N LEU A 750 -21.31 9.22 1.22
CA LEU A 750 -20.79 9.96 2.36
C LEU A 750 -21.73 9.87 3.56
N LEU A 751 -23.03 9.68 3.29
CA LEU A 751 -23.99 9.52 4.38
C LEU A 751 -23.73 8.26 5.22
N GLN A 752 -23.01 7.28 4.66
CA GLN A 752 -22.68 6.04 5.37
C GLN A 752 -21.64 6.24 6.46
N TYR A 753 -20.91 7.36 6.42
CA TYR A 753 -19.85 7.63 7.39
C TYR A 753 -20.35 8.28 8.67
N GLY A 754 -21.62 8.64 8.73
CA GLY A 754 -22.20 9.11 9.98
C GLY A 754 -22.11 10.60 10.22
N SER A 755 -21.81 10.98 11.46
CA SER A 755 -21.83 12.37 11.89
C SER A 755 -20.45 13.00 11.92
N PHE A 756 -19.56 12.65 10.99
CA PHE A 756 -18.28 13.35 10.89
C PHE A 756 -18.48 14.80 10.46
N CYS A 757 -19.37 15.02 9.47
CA CYS A 757 -19.61 16.36 8.94
C CYS A 757 -20.22 17.26 10.02
N THR A 758 -21.15 16.70 10.80
CA THR A 758 -21.78 17.44 11.89
C THR A 758 -20.76 17.78 12.97
N GLN A 759 -19.84 16.86 13.25
CA GLN A 759 -18.78 17.11 14.22
C GLN A 759 -17.87 18.25 13.77
N LEU A 760 -17.50 18.26 12.48
CA LEU A 760 -16.59 19.30 12.00
C LEU A 760 -17.29 20.65 11.98
N LYS A 761 -18.56 20.68 11.57
CA LYS A 761 -19.32 21.93 11.55
C LYS A 761 -19.52 22.47 12.96
N ARG A 762 -19.77 21.57 13.92
CA ARG A 762 -19.98 21.99 15.30
C ARG A 762 -18.70 22.54 15.91
N ALA A 763 -17.55 21.91 15.60
CA ALA A 763 -16.27 22.42 16.10
C ALA A 763 -15.94 23.79 15.49
N LEU A 764 -16.20 23.96 14.19
CA LEU A 764 -15.94 25.25 13.55
C LEU A 764 -16.88 26.32 14.09
N THR A 765 -18.14 25.96 14.36
CA THR A 765 -19.09 26.91 14.93
C THR A 765 -18.68 27.33 16.34
N GLY A 766 -18.15 26.38 17.11
CA GLY A 766 -17.64 26.69 18.43
C GLY A 766 -16.46 27.66 18.38
N ILE A 767 -15.55 27.44 17.41
CA ILE A 767 -14.44 28.36 17.21
C ILE A 767 -14.93 29.74 16.79
N ALA A 768 -15.94 29.77 15.91
CA ALA A 768 -16.47 31.03 15.39
C ALA A 768 -17.15 31.86 16.48
N VAL A 769 -17.93 31.22 17.35
CA VAL A 769 -18.53 31.95 18.47
C VAL A 769 -17.46 32.32 19.48
N GLU A 770 -16.39 31.51 19.59
CA GLU A 770 -15.32 31.78 20.55
C GLU A 770 -14.57 33.05 20.18
N GLN A 771 -14.39 33.31 18.87
CA GLN A 771 -13.68 34.52 18.44
C GLN A 771 -14.47 35.78 18.82
N ASP A 772 -15.78 35.74 18.63
CA ASP A 772 -16.64 36.87 19.00
C ASP A 772 -16.66 37.06 20.51
N LYS A 773 -16.65 35.95 21.26
CA LYS A 773 -16.60 36.04 22.71
C LYS A 773 -15.28 36.65 23.17
N ASN A 774 -14.18 36.33 22.47
CA ASN A 774 -12.88 36.90 22.78
C ASN A 774 -12.88 38.41 22.55
N THR A 775 -13.48 38.84 21.44
CA THR A 775 -13.54 40.27 21.14
C THR A 775 -14.42 41.01 22.15
N GLN A 776 -15.53 40.38 22.58
CA GLN A 776 -16.38 40.97 23.62
C GLN A 776 -15.62 41.09 24.94
N GLU A 777 -14.84 40.06 25.29
CA GLU A 777 -14.12 40.06 26.55
C GLU A 777 -13.03 41.12 26.57
N VAL A 778 -12.34 41.29 25.44
CA VAL A 778 -11.24 42.26 25.40
C VAL A 778 -11.78 43.69 25.32
N PHE A 779 -12.65 43.99 24.37
CA PHE A 779 -13.02 45.37 24.14
C PHE A 779 -14.29 45.84 24.83
N ALA A 780 -15.27 44.96 25.04
CA ALA A 780 -16.55 45.38 25.60
C ALA A 780 -16.54 45.18 27.12
N GLN A 781 -15.69 45.96 27.78
CA GLN A 781 -15.58 45.90 29.23
C GLN A 781 -16.25 47.08 29.91
N VAL A 782 -16.82 48.01 29.14
CA VAL A 782 -17.58 49.12 29.68
C VAL A 782 -18.98 49.11 29.08
N LYS A 783 -19.98 49.36 29.91
CA LYS A 783 -21.35 49.45 29.44
C LYS A 783 -21.78 50.88 29.20
N GLN A 784 -20.89 51.84 29.38
CA GLN A 784 -21.13 53.23 29.08
C GLN A 784 -20.15 53.68 27.99
N ILE A 785 -20.67 54.37 26.98
CA ILE A 785 -19.84 54.88 25.89
C ILE A 785 -19.44 56.30 26.28
N TYR A 786 -18.23 56.44 26.82
CA TYR A 786 -17.75 57.74 27.25
C TYR A 786 -17.24 58.54 26.07
N LYS A 787 -17.38 59.86 26.17
CA LYS A 787 -16.90 60.77 25.15
C LYS A 787 -16.04 61.86 25.77
N THR A 788 -15.04 62.30 25.01
CA THR A 788 -14.14 63.34 25.46
C THR A 788 -14.81 64.70 25.39
N PRO A 789 -14.40 65.66 26.23
CA PRO A 789 -14.93 67.01 26.11
C PRO A 789 -14.47 67.66 24.81
N PRO A 790 -15.23 68.61 24.27
CA PRO A 790 -14.86 69.22 22.99
C PRO A 790 -13.59 70.05 23.05
N ILE A 791 -13.21 70.57 24.22
CA ILE A 791 -11.96 71.29 24.38
C ILE A 791 -10.91 70.27 24.80
N LYS A 792 -10.02 69.92 23.88
CA LYS A 792 -8.99 68.92 24.18
C LYS A 792 -7.75 69.57 24.81
N TYR A 793 -7.94 70.09 26.02
CA TYR A 793 -6.84 70.58 26.83
C TYR A 793 -6.80 69.73 28.09
N PHE A 794 -5.69 69.07 28.34
CA PHE A 794 -5.54 68.19 29.50
C PHE A 794 -4.31 68.55 30.31
N GLY A 795 -4.02 69.85 30.43
CA GLY A 795 -2.84 70.28 31.17
C GLY A 795 -1.54 70.07 30.45
N GLY A 796 -1.54 70.17 29.12
CA GLY A 796 -0.36 70.07 28.31
C GLY A 796 -0.20 68.73 27.64
N PHE A 797 -0.99 67.74 28.04
CA PHE A 797 -0.90 66.40 27.49
C PHE A 797 -1.69 66.35 26.19
N ASN A 798 -1.07 65.79 25.16
CA ASN A 798 -1.61 65.73 23.82
C ASN A 798 -2.01 64.29 23.54
N PHE A 799 -3.29 64.08 23.20
CA PHE A 799 -3.79 62.74 22.89
C PHE A 799 -4.36 62.67 21.48
N SER A 800 -3.92 63.54 20.57
CA SER A 800 -4.45 63.56 19.21
C SER A 800 -4.12 62.28 18.45
N GLN A 801 -2.98 61.66 18.74
CA GLN A 801 -2.58 60.46 18.02
C GLN A 801 -3.35 59.23 18.47
N ILE A 802 -4.02 59.29 19.61
CA ILE A 802 -4.77 58.16 20.12
C ILE A 802 -6.27 58.41 20.17
N LEU A 803 -6.71 59.67 20.14
CA LEU A 803 -8.13 59.96 20.11
C LEU A 803 -8.63 59.83 18.67
N PRO A 804 -9.93 59.55 18.47
CA PRO A 804 -10.45 59.43 17.10
C PRO A 804 -10.34 60.71 16.28
N ASP A 805 -10.03 60.54 15.00
CA ASP A 805 -9.89 61.66 14.09
C ASP A 805 -11.25 61.98 13.48
N PRO A 806 -11.80 63.18 13.68
CA PRO A 806 -13.08 63.52 13.04
C PRO A 806 -13.02 63.57 11.52
N SER A 807 -11.85 63.89 10.95
CA SER A 807 -11.71 64.01 9.50
C SER A 807 -11.86 62.67 8.80
N LYS A 808 -11.52 61.58 9.46
CA LYS A 808 -11.56 60.28 8.82
C LYS A 808 -12.97 59.70 8.88
N PRO A 809 -13.46 59.11 7.79
CA PRO A 809 -14.79 58.47 7.81
C PRO A 809 -14.86 57.28 8.75
N SER A 810 -13.74 56.60 9.00
CA SER A 810 -13.71 55.42 9.83
C SER A 810 -13.72 55.73 11.32
N LYS A 811 -13.54 57.01 11.70
CA LYS A 811 -13.52 57.47 13.10
C LYS A 811 -12.43 56.79 13.92
N ARG A 812 -11.29 56.52 13.29
CA ARG A 812 -10.16 55.90 13.95
C ARG A 812 -9.11 56.95 14.30
N SER A 813 -8.25 56.58 15.23
CA SER A 813 -7.12 57.42 15.61
C SER A 813 -6.04 57.33 14.53
N PRO A 814 -5.11 58.30 14.49
CA PRO A 814 -3.98 58.16 13.55
C PRO A 814 -3.14 56.92 13.79
N ILE A 815 -2.93 56.55 15.05
CA ILE A 815 -2.21 55.32 15.36
C ILE A 815 -3.02 54.10 14.91
N GLU A 816 -4.34 54.11 15.15
CA GLU A 816 -5.20 52.99 14.74
C GLU A 816 -5.29 52.91 13.23
N ASP A 817 -5.31 54.06 12.55
CA ASP A 817 -5.34 54.07 11.09
C ASP A 817 -4.06 53.49 10.53
N LEU A 818 -2.92 53.82 11.16
CA LEU A 818 -1.63 53.27 10.75
C LEU A 818 -1.59 51.76 11.00
N LEU A 819 -2.17 51.32 12.11
CA LEU A 819 -2.20 49.90 12.46
C LEU A 819 -3.04 49.11 11.45
N PHE A 820 -4.19 49.66 11.06
CA PHE A 820 -5.04 49.01 10.08
C PHE A 820 -4.40 49.01 8.70
N ASN A 821 -3.66 50.07 8.35
CA ASN A 821 -2.94 50.06 7.08
C ASN A 821 -1.80 49.06 7.07
N LYS A 822 -1.14 48.84 8.21
CA LYS A 822 0.05 48.01 8.19
C LYS A 822 -0.23 46.52 8.28
N VAL A 823 -1.46 46.11 8.56
CA VAL A 823 -1.84 44.71 8.63
C VAL A 823 -2.69 44.40 7.40
N THR A 824 -2.24 43.45 6.58
CA THR A 824 -2.93 43.12 5.35
C THR A 824 -3.33 41.65 5.32
N LYS A 853 -15.38 26.05 -3.21
CA LYS A 853 -15.26 24.63 -2.91
C LYS A 853 -15.55 24.32 -1.46
N GLY A 854 -16.52 25.04 -0.92
CA GLY A 854 -17.02 24.86 0.42
C GLY A 854 -16.41 25.72 1.49
N LEU A 855 -15.42 26.54 1.16
CA LEU A 855 -14.77 27.38 2.16
C LEU A 855 -15.47 28.74 2.20
N THR A 856 -15.78 29.22 3.41
CA THR A 856 -16.37 30.53 3.59
C THR A 856 -15.74 31.18 4.80
N VAL A 857 -15.64 32.51 4.76
CA VAL A 857 -15.18 33.30 5.89
C VAL A 857 -16.37 34.09 6.43
N LEU A 858 -16.75 33.79 7.66
CA LEU A 858 -17.83 34.49 8.33
C LEU A 858 -17.34 35.83 8.86
N PRO A 859 -18.12 36.90 8.73
CA PRO A 859 -17.68 38.18 9.26
C PRO A 859 -17.74 38.20 10.78
N PRO A 860 -16.89 38.99 11.42
CA PRO A 860 -16.98 39.14 12.88
C PRO A 860 -18.24 39.88 13.29
N LEU A 861 -18.71 39.57 14.50
CA LEU A 861 -19.91 40.22 15.03
C LEU A 861 -19.69 41.72 15.26
N LEU A 862 -18.51 42.09 15.74
CA LEU A 862 -18.17 43.49 15.96
C LEU A 862 -17.36 43.98 14.77
N THR A 863 -17.86 44.99 14.07
CA THR A 863 -17.12 45.59 12.98
C THR A 863 -15.98 46.45 13.51
N ASP A 864 -15.12 46.90 12.57
CA ASP A 864 -13.94 47.67 12.94
C ASP A 864 -14.30 49.01 13.56
N GLU A 865 -15.36 49.66 13.06
CA GLU A 865 -15.76 50.95 13.61
C GLU A 865 -16.34 50.80 15.02
N MET A 866 -17.08 49.74 15.31
CA MET A 866 -17.59 49.55 16.66
C MET A 866 -16.48 49.18 17.64
N ILE A 867 -15.49 48.39 17.22
CA ILE A 867 -14.31 48.12 18.05
C ILE A 867 -13.54 49.40 18.31
N ALA A 868 -13.43 50.26 17.28
CA ALA A 868 -12.79 51.56 17.46
C ALA A 868 -13.59 52.44 18.42
N GLN A 869 -14.92 52.32 18.38
CA GLN A 869 -15.77 53.06 19.29
C GLN A 869 -15.58 52.59 20.73
N TYR A 870 -15.42 51.29 20.92
CA TYR A 870 -15.15 50.75 22.26
C TYR A 870 -13.81 51.23 22.79
N THR A 871 -12.78 51.24 21.93
CA THR A 871 -11.47 51.76 22.34
C THR A 871 -11.56 53.26 22.64
N SER A 872 -12.35 54.01 21.87
CA SER A 872 -12.55 55.42 22.13
C SER A 872 -13.24 55.67 23.46
N ALA A 873 -14.22 54.82 23.81
CA ALA A 873 -14.90 54.95 25.08
C ALA A 873 -13.95 54.65 26.24
N LEU A 874 -13.09 53.64 26.07
CA LEU A 874 -12.10 53.33 27.11
C LEU A 874 -11.08 54.44 27.26
N LEU A 875 -10.65 55.05 26.14
CA LEU A 875 -9.71 56.16 26.19
C LEU A 875 -10.34 57.38 26.86
N ALA A 876 -11.61 57.67 26.55
CA ALA A 876 -12.29 58.81 27.15
C ALA A 876 -12.49 58.61 28.65
N GLY A 877 -12.80 57.37 29.04
CA GLY A 877 -12.94 57.08 30.46
C GLY A 877 -11.61 57.20 31.20
N THR A 878 -10.53 56.67 30.62
CA THR A 878 -9.25 56.71 31.33
C THR A 878 -8.63 58.10 31.31
N ILE A 879 -9.02 58.96 30.37
CA ILE A 879 -8.48 60.30 30.32
C ILE A 879 -9.26 61.25 31.22
N THR A 880 -10.59 61.21 31.15
CA THR A 880 -11.39 62.16 31.92
C THR A 880 -11.63 61.71 33.35
N SER A 881 -11.58 60.40 33.62
CA SER A 881 -11.94 59.88 34.93
C SER A 881 -10.86 59.04 35.61
N GLY A 882 -9.74 58.78 34.96
CA GLY A 882 -8.72 57.91 35.53
C GLY A 882 -9.17 56.47 35.63
N TRP A 883 -8.98 55.86 36.79
CA TRP A 883 -9.42 54.49 37.02
C TRP A 883 -10.78 54.38 37.69
N THR A 884 -11.47 55.49 37.92
CA THR A 884 -12.75 55.46 38.62
C THR A 884 -13.83 54.76 37.80
N PHE A 885 -13.81 54.93 36.48
CA PHE A 885 -14.85 54.36 35.63
C PHE A 885 -14.78 52.84 35.56
N GLY A 886 -13.60 52.26 35.81
CA GLY A 886 -13.46 50.82 35.79
C GLY A 886 -13.96 50.13 37.03
N ALA A 887 -14.12 50.87 38.13
CA ALA A 887 -14.51 50.32 39.41
C ALA A 887 -15.91 50.77 39.83
N GLY A 888 -16.63 51.47 38.95
CA GLY A 888 -17.92 52.01 39.27
C GLY A 888 -18.23 53.20 38.40
N PRO A 889 -18.93 54.20 38.95
CA PRO A 889 -19.28 55.38 38.15
C PRO A 889 -18.04 56.19 37.80
N ALA A 890 -18.10 56.85 36.65
CA ALA A 890 -16.98 57.67 36.21
C ALA A 890 -16.99 58.99 36.96
N LEU A 891 -15.93 59.24 37.73
CA LEU A 891 -15.77 60.45 38.51
C LEU A 891 -14.74 61.32 37.82
N GLN A 892 -15.14 62.53 37.43
CA GLN A 892 -14.24 63.40 36.71
C GLN A 892 -13.10 63.87 37.63
N ILE A 893 -11.92 64.01 37.05
CA ILE A 893 -10.76 64.51 37.77
C ILE A 893 -9.88 65.19 36.73
N PRO A 894 -9.22 66.32 37.04
CA PRO A 894 -8.27 66.90 36.11
C PRO A 894 -7.13 65.94 35.82
N PHE A 895 -6.68 65.93 34.56
CA PHE A 895 -5.63 64.99 34.17
C PHE A 895 -4.30 65.20 34.90
N PRO A 896 -3.82 66.43 35.19
CA PRO A 896 -2.64 66.53 36.06
C PRO A 896 -2.84 65.89 37.43
N MET A 897 -4.02 66.05 38.03
CA MET A 897 -4.27 65.43 39.33
C MET A 897 -4.29 63.91 39.21
N GLN A 898 -4.84 63.40 38.11
CA GLN A 898 -4.83 61.96 37.86
C GLN A 898 -3.42 61.44 37.70
N MET A 899 -2.58 62.18 36.97
CA MET A 899 -1.18 61.81 36.79
C MET A 899 -0.44 61.86 38.12
N ALA A 900 -0.79 62.82 38.98
CA ALA A 900 -0.20 62.89 40.32
C ALA A 900 -0.58 61.67 41.15
N TYR A 901 -1.84 61.22 41.01
CA TYR A 901 -2.28 60.00 41.70
C TYR A 901 -1.48 58.79 41.22
N ARG A 902 -1.24 58.74 39.91
CA ARG A 902 -0.45 57.65 39.33
C ARG A 902 1.00 57.73 39.79
N PHE A 903 1.52 58.95 39.95
CA PHE A 903 2.86 59.15 40.49
C PHE A 903 2.94 58.63 41.92
N ASN A 904 1.88 58.86 42.70
CA ASN A 904 1.84 58.35 44.07
C ASN A 904 1.76 56.83 44.09
N GLY A 905 1.14 56.23 43.06
CA GLY A 905 1.05 54.79 42.99
C GLY A 905 2.40 54.12 42.89
N ILE A 906 3.34 54.75 42.18
CA ILE A 906 4.68 54.16 41.99
C ILE A 906 5.63 54.71 43.05
N GLY A 907 5.11 55.40 44.05
CA GLY A 907 5.95 55.86 45.15
C GLY A 907 6.68 57.16 44.96
N VAL A 908 6.21 58.02 44.06
CA VAL A 908 6.78 59.36 43.86
C VAL A 908 5.76 60.39 44.32
N THR A 909 6.22 61.39 45.08
CA THR A 909 5.33 62.39 45.67
C THR A 909 4.69 63.27 44.60
N GLN A 910 3.53 63.84 44.95
CA GLN A 910 2.75 64.70 44.05
C GLN A 910 3.51 65.94 43.59
N ASN A 911 4.37 66.48 44.45
CA ASN A 911 5.07 67.74 44.15
C ASN A 911 5.96 67.58 42.93
N VAL A 912 6.55 66.39 42.76
CA VAL A 912 7.43 66.11 41.63
C VAL A 912 6.66 66.24 40.32
N LEU A 913 5.43 65.72 40.29
CA LEU A 913 4.59 65.84 39.12
C LEU A 913 4.17 67.29 38.88
N TYR A 914 3.74 68.00 39.93
CA TYR A 914 3.25 69.36 39.74
C TYR A 914 4.35 70.33 39.32
N GLU A 915 5.53 70.21 39.93
CA GLU A 915 6.63 71.12 39.62
C GLU A 915 7.14 70.89 38.20
N ASN A 916 7.17 69.65 37.75
CA ASN A 916 7.69 69.28 36.43
C ASN A 916 6.58 68.88 35.47
N GLN A 917 5.44 69.56 35.55
CA GLN A 917 4.27 69.18 34.73
C GLN A 917 4.49 69.44 33.25
N LYS A 918 5.07 70.58 32.90
CA LYS A 918 5.35 70.89 31.49
C LYS A 918 6.38 69.94 30.89
N LEU A 919 7.42 69.60 31.66
CA LEU A 919 8.43 68.65 31.21
C LEU A 919 7.84 67.26 31.02
N ILE A 920 6.96 66.83 31.93
CA ILE A 920 6.36 65.51 31.85
C ILE A 920 5.41 65.44 30.65
N ALA A 921 4.65 66.52 30.41
CA ALA A 921 3.76 66.57 29.26
C ALA A 921 4.54 66.56 27.95
N ASN A 922 5.65 67.30 27.89
CA ASN A 922 6.49 67.30 26.70
C ASN A 922 7.11 65.93 26.44
N GLN A 923 7.56 65.26 27.51
CA GLN A 923 8.13 63.92 27.37
C GLN A 923 7.10 62.93 26.89
N PHE A 924 5.86 63.03 27.40
CA PHE A 924 4.79 62.13 26.98
C PHE A 924 4.43 62.35 25.52
N ASN A 925 4.34 63.62 25.09
CA ASN A 925 4.04 63.92 23.69
C ASN A 925 5.15 63.43 22.77
N SER A 926 6.40 63.62 23.18
CA SER A 926 7.54 63.15 22.39
C SER A 926 7.53 61.63 22.27
N ALA A 927 7.18 60.93 23.36
CA ALA A 927 7.14 59.48 23.34
C ALA A 927 6.03 58.98 22.43
N ILE A 928 4.86 59.64 22.45
CA ILE A 928 3.75 59.25 21.59
C ILE A 928 4.11 59.47 20.11
N GLY A 929 4.79 60.58 19.81
CA GLY A 929 5.27 60.81 18.46
C GLY A 929 6.29 59.78 18.02
N LYS A 930 7.18 59.40 18.93
CA LYS A 930 8.18 58.37 18.63
C LYS A 930 7.51 57.02 18.40
N ILE A 931 6.41 56.75 19.09
CA ILE A 931 5.67 55.50 18.91
C ILE A 931 5.06 55.45 17.52
N GLN A 932 4.48 56.58 17.08
CA GLN A 932 3.89 56.62 15.74
C GLN A 932 4.96 56.47 14.67
N ASP A 933 6.10 57.13 14.86
CA ASP A 933 7.21 57.02 13.90
C ASP A 933 7.77 55.60 13.87
N SER A 934 7.90 54.98 15.04
CA SER A 934 8.45 53.63 15.14
C SER A 934 7.52 52.60 14.48
N LEU A 935 6.21 52.77 14.67
CA LEU A 935 5.26 51.87 14.00
C LEU A 935 5.28 52.09 12.49
N SER A 936 5.38 53.36 12.05
CA SER A 936 5.40 53.65 10.62
C SER A 936 6.70 53.24 9.95
N SER A 937 7.78 53.08 10.72
CA SER A 937 9.10 52.84 10.15
C SER A 937 9.60 51.40 10.30
N THR A 938 8.86 50.53 10.98
CA THR A 938 9.31 49.16 11.19
C THR A 938 8.33 48.20 10.52
N PRO A 939 8.78 47.38 9.57
CA PRO A 939 7.86 46.42 8.93
C PRO A 939 7.44 45.27 9.84
N SER A 940 8.30 44.84 10.76
CA SER A 940 8.07 43.66 11.58
C SER A 940 7.47 44.01 12.95
N ALA A 941 6.97 45.24 13.11
CA ALA A 941 6.34 45.62 14.38
C ALA A 941 5.04 44.86 14.60
N LEU A 942 4.25 44.69 13.56
CA LEU A 942 2.92 44.08 13.65
C LEU A 942 2.94 42.64 13.17
N GLY A 943 4.03 41.94 13.48
CA GLY A 943 4.21 40.58 12.99
C GLY A 943 3.24 39.56 13.55
N LYS A 944 2.76 39.76 14.78
CA LYS A 944 1.90 38.76 15.42
C LYS A 944 0.53 38.66 14.74
N LEU A 945 -0.08 39.82 14.45
CA LEU A 945 -1.38 39.82 13.78
C LEU A 945 -1.28 39.35 12.34
N GLN A 946 -0.24 39.80 11.63
CA GLN A 946 -0.02 39.36 10.26
C GLN A 946 0.28 37.88 10.23
N ASP A 947 0.95 37.39 11.28
CA ASP A 947 1.26 35.96 11.41
C ASP A 947 -0.03 35.16 11.55
N VAL A 948 -0.98 35.67 12.34
CA VAL A 948 -2.26 34.97 12.52
C VAL A 948 -3.04 34.93 11.21
N VAL A 949 -3.03 36.05 10.48
CA VAL A 949 -3.70 36.13 9.18
C VAL A 949 -3.05 35.16 8.20
N ASN A 950 -1.71 35.09 8.24
CA ASN A 950 -0.96 34.19 7.36
C ASN A 950 -1.27 32.73 7.67
N HIS A 951 -1.39 32.38 8.96
CA HIS A 951 -1.68 30.99 9.30
C HIS A 951 -3.07 30.60 8.83
N ASN A 952 -4.06 31.49 8.98
CA ASN A 952 -5.41 31.14 8.55
C ASN A 952 -5.49 31.01 7.04
N ALA A 953 -4.87 31.95 6.31
CA ALA A 953 -4.87 31.88 4.84
C ALA A 953 -4.09 30.66 4.35
N GLN A 954 -2.97 30.35 4.99
CA GLN A 954 -2.15 29.21 4.61
C GLN A 954 -2.86 27.89 4.89
N ALA A 955 -3.60 27.81 6.00
CA ALA A 955 -4.38 26.61 6.30
C ALA A 955 -5.48 26.40 5.29
N LEU A 956 -6.16 27.48 4.88
CA LEU A 956 -7.19 27.36 3.84
C LEU A 956 -6.60 26.97 2.50
N ASN A 957 -5.43 27.55 2.15
CA ASN A 957 -4.78 27.21 0.89
C ASN A 957 -4.31 25.76 0.86
N THR A 958 -3.80 25.26 2.00
CA THR A 958 -3.40 23.86 2.10
C THR A 958 -4.61 22.94 1.99
N LEU A 959 -5.72 23.33 2.60
CA LEU A 959 -6.94 22.53 2.56
C LEU A 959 -7.49 22.46 1.14
N VAL A 960 -7.40 23.57 0.39
CA VAL A 960 -7.80 23.57 -1.00
C VAL A 960 -6.84 22.71 -1.84
N LYS A 961 -5.54 22.80 -1.54
CA LYS A 961 -4.51 22.08 -2.29
C LYS A 961 -4.65 20.56 -2.11
N GLN A 962 -5.16 20.13 -0.95
CA GLN A 962 -5.29 18.71 -0.64
C GLN A 962 -6.32 17.99 -1.52
N LEU A 963 -7.18 18.72 -2.22
CA LEU A 963 -8.11 18.11 -3.15
C LEU A 963 -7.42 17.51 -4.38
N SER A 964 -6.18 17.91 -4.66
CA SER A 964 -5.40 17.44 -5.79
C SER A 964 -4.64 16.15 -5.48
N SER A 965 -5.04 15.41 -4.45
CA SER A 965 -4.33 14.22 -4.02
C SER A 965 -5.15 12.99 -4.36
N LYS A 966 -4.51 12.04 -5.06
CA LYS A 966 -5.16 10.80 -5.47
C LYS A 966 -5.57 9.95 -4.28
N PHE A 967 -4.76 9.97 -3.21
CA PHE A 967 -4.96 9.18 -1.98
C PHE A 967 -4.97 7.68 -2.27
N GLY A 968 -4.17 7.26 -3.25
CA GLY A 968 -4.08 5.86 -3.57
C GLY A 968 -5.18 5.37 -4.49
N ALA A 969 -5.85 6.29 -5.18
CA ALA A 969 -6.86 5.94 -6.16
C ALA A 969 -6.33 6.23 -7.57
N ILE A 970 -7.09 5.79 -8.57
CA ILE A 970 -6.67 5.95 -9.95
C ILE A 970 -6.70 7.42 -10.38
N SER A 971 -7.57 8.23 -9.80
CA SER A 971 -7.67 9.63 -10.16
C SER A 971 -8.14 10.44 -8.96
N SER A 972 -7.86 11.74 -9.01
CA SER A 972 -8.28 12.66 -7.97
C SER A 972 -9.62 13.30 -8.29
N VAL A 973 -10.18 13.01 -9.46
CA VAL A 973 -11.47 13.54 -9.89
C VAL A 973 -12.51 12.45 -9.68
N LEU A 974 -13.58 12.78 -8.96
CA LEU A 974 -14.60 11.79 -8.63
C LEU A 974 -15.41 11.40 -9.86
N ASN A 975 -15.69 12.38 -10.73
CA ASN A 975 -16.50 12.17 -11.91
C ASN A 975 -15.83 11.20 -12.87
N ASP A 976 -14.49 11.26 -12.96
CA ASP A 976 -13.74 10.32 -13.78
C ASP A 976 -13.94 8.91 -13.26
N ILE A 977 -13.88 8.75 -11.93
CA ILE A 977 -14.04 7.45 -11.28
C ILE A 977 -15.40 6.86 -11.62
N PHE A 978 -16.47 7.67 -11.53
CA PHE A 978 -17.79 7.19 -11.96
C PHE A 978 -17.81 6.84 -13.45
N SER A 979 -17.31 7.77 -14.28
CA SER A 979 -17.30 7.59 -15.73
C SER A 979 -16.41 6.44 -16.21
N ARG A 980 -15.60 5.85 -15.35
CA ARG A 980 -14.63 4.87 -15.80
C ARG A 980 -14.78 3.48 -15.19
N LEU A 981 -15.37 3.33 -14.01
CA LEU A 981 -15.37 2.04 -13.36
C LEU A 981 -16.77 1.58 -13.00
N ASP A 982 -16.91 0.25 -12.84
CA ASP A 982 -18.14 -0.33 -12.36
C ASP A 982 -18.29 0.01 -10.87
N PRO A 983 -19.52 0.07 -10.37
CA PRO A 983 -19.76 0.44 -8.94
C PRO A 983 -19.03 -0.41 -7.91
N PRO A 984 -18.82 -1.75 -8.09
CA PRO A 984 -18.00 -2.47 -7.10
C PRO A 984 -16.58 -1.94 -6.92
N GLU A 985 -15.88 -1.55 -7.98
CA GLU A 985 -14.54 -0.99 -7.79
C GLU A 985 -14.54 0.53 -7.73
N ALA A 986 -15.51 1.19 -8.39
CA ALA A 986 -15.61 2.64 -8.26
C ALA A 986 -15.95 3.05 -6.85
N GLU A 987 -16.74 2.22 -6.14
CA GLU A 987 -17.09 2.50 -4.76
C GLU A 987 -15.83 2.50 -3.90
N VAL A 988 -14.93 1.55 -4.16
CA VAL A 988 -13.66 1.47 -3.46
C VAL A 988 -12.79 2.70 -3.75
N GLN A 989 -12.69 3.11 -5.02
CA GLN A 989 -11.87 4.28 -5.37
C GLN A 989 -12.42 5.57 -4.77
N ILE A 990 -13.75 5.73 -4.80
CA ILE A 990 -14.40 6.90 -4.22
C ILE A 990 -14.17 6.90 -2.72
N ASP A 991 -14.17 5.72 -2.12
CA ASP A 991 -13.86 5.58 -0.71
C ASP A 991 -12.45 6.07 -0.40
N ARG A 992 -11.48 5.67 -1.24
CA ARG A 992 -10.08 6.08 -1.05
C ARG A 992 -9.98 7.60 -1.04
N LEU A 993 -10.70 8.24 -1.97
CA LEU A 993 -10.73 9.70 -2.04
C LEU A 993 -11.44 10.32 -0.83
N ILE A 994 -12.56 9.72 -0.40
CA ILE A 994 -13.35 10.24 0.70
C ILE A 994 -12.58 10.16 2.01
N THR A 995 -11.93 9.02 2.28
CA THR A 995 -11.15 8.91 3.51
C THR A 995 -9.95 9.85 3.51
N GLY A 996 -9.29 10.04 2.35
CA GLY A 996 -8.20 11.01 2.29
C GLY A 996 -8.66 12.44 2.54
N ARG A 997 -9.77 12.84 1.91
CA ARG A 997 -10.27 14.21 2.07
C ARG A 997 -10.84 14.43 3.47
N LEU A 998 -11.48 13.42 4.04
CA LEU A 998 -12.00 13.51 5.40
C LEU A 998 -10.88 13.60 6.42
N GLN A 999 -9.79 12.86 6.19
CA GLN A 999 -8.62 12.98 7.04
C GLN A 999 -8.00 14.37 6.95
N SER A 1000 -7.97 14.94 5.74
CA SER A 1000 -7.46 16.29 5.54
C SER A 1000 -8.31 17.31 6.30
N LEU A 1001 -9.63 17.14 6.23
CA LEU A 1001 -10.55 18.09 6.85
C LEU A 1001 -10.48 18.00 8.38
N GLN A 1002 -10.37 16.77 8.90
CA GLN A 1002 -10.22 16.59 10.35
C GLN A 1002 -8.90 17.15 10.85
N THR A 1003 -7.82 16.98 10.05
CA THR A 1003 -6.53 17.58 10.39
C THR A 1003 -6.64 19.09 10.46
N TYR A 1004 -7.35 19.69 9.49
CA TYR A 1004 -7.50 21.15 9.47
C TYR A 1004 -8.30 21.63 10.67
N VAL A 1005 -9.35 20.90 11.04
CA VAL A 1005 -10.16 21.25 12.20
C VAL A 1005 -9.35 21.11 13.49
N THR A 1006 -8.48 20.09 13.56
CA THR A 1006 -7.63 19.89 14.73
C THR A 1006 -6.65 21.05 14.92
N GLN A 1007 -5.96 21.47 13.83
CA GLN A 1007 -5.09 22.64 13.98
C GLN A 1007 -5.87 23.91 14.23
N GLN A 1008 -7.11 24.00 13.71
CA GLN A 1008 -7.93 25.18 13.99
C GLN A 1008 -8.28 25.25 15.46
N LEU A 1009 -8.60 24.12 16.08
CA LEU A 1009 -8.92 24.08 17.50
C LEU A 1009 -7.71 24.40 18.36
N ILE A 1010 -6.52 23.90 17.98
CA ILE A 1010 -5.30 24.21 18.73
C ILE A 1010 -4.97 25.70 18.62
N ARG A 1011 -5.09 26.27 17.41
CA ARG A 1011 -4.86 27.71 17.24
C ARG A 1011 -5.93 28.51 17.98
N ALA A 1012 -7.16 28.00 18.04
CA ALA A 1012 -8.23 28.67 18.77
C ALA A 1012 -7.90 28.71 20.26
N ALA A 1013 -7.31 27.63 20.79
CA ALA A 1013 -6.91 27.62 22.19
C ALA A 1013 -5.79 28.62 22.45
N GLU A 1014 -4.83 28.72 21.51
CA GLU A 1014 -3.74 29.67 21.64
C GLU A 1014 -4.24 31.11 21.59
N ILE A 1015 -5.13 31.40 20.66
CA ILE A 1015 -5.70 32.74 20.49
C ILE A 1015 -6.61 33.08 21.68
N ARG A 1016 -7.32 32.08 22.22
CA ARG A 1016 -8.14 32.30 23.41
C ARG A 1016 -7.27 32.64 24.62
N ALA A 1017 -6.13 31.97 24.76
CA ALA A 1017 -5.20 32.32 25.85
C ALA A 1017 -4.66 33.72 25.67
N SER A 1018 -4.32 34.10 24.43
CA SER A 1018 -3.82 35.44 24.14
C SER A 1018 -4.90 36.49 24.39
N ALA A 1019 -6.14 36.18 24.03
CA ALA A 1019 -7.26 37.09 24.27
C ALA A 1019 -7.57 37.25 25.75
N ASN A 1020 -7.45 36.16 26.52
CA ASN A 1020 -7.62 36.26 27.96
C ASN A 1020 -6.53 37.12 28.57
N LEU A 1021 -5.30 36.99 28.07
CA LEU A 1021 -4.21 37.86 28.51
C LEU A 1021 -4.49 39.31 28.13
N ALA A 1022 -5.03 39.55 26.93
CA ALA A 1022 -5.33 40.90 26.47
C ALA A 1022 -6.44 41.53 27.31
N ALA A 1023 -7.44 40.72 27.69
CA ALA A 1023 -8.51 41.22 28.56
C ALA A 1023 -7.97 41.54 29.95
N THR A 1024 -7.04 40.72 30.44
CA THR A 1024 -6.40 41.00 31.73
C THR A 1024 -5.58 42.28 31.67
N LYS A 1025 -4.86 42.50 30.56
CA LYS A 1025 -4.10 43.74 30.40
C LYS A 1025 -5.02 44.95 30.29
N MET A 1026 -6.15 44.79 29.59
CA MET A 1026 -7.10 45.89 29.46
C MET A 1026 -7.70 46.25 30.81
N SER A 1027 -8.00 45.24 31.61
CA SER A 1027 -8.57 45.48 32.94
C SER A 1027 -7.56 46.09 33.89
N GLU A 1028 -6.32 45.58 33.89
CA GLU A 1028 -5.36 45.97 34.91
C GLU A 1028 -4.40 47.08 34.50
N CYS A 1029 -4.13 47.28 33.21
CA CYS A 1029 -3.24 48.36 32.78
C CYS A 1029 -4.00 49.60 32.34
N VAL A 1030 -5.13 49.42 31.64
CA VAL A 1030 -5.89 50.56 31.12
C VAL A 1030 -6.91 51.06 32.13
N LEU A 1031 -7.63 50.16 32.79
CA LEU A 1031 -8.70 50.54 33.70
C LEU A 1031 -8.20 50.74 35.12
N GLY A 1032 -6.90 50.59 35.36
CA GLY A 1032 -6.31 50.80 36.66
C GLY A 1032 -4.81 50.90 36.52
N GLN A 1033 -4.12 51.11 37.64
CA GLN A 1033 -2.68 51.18 37.65
C GLN A 1033 -2.17 49.89 38.29
N SER A 1034 -1.22 49.24 37.63
CA SER A 1034 -0.74 47.93 38.05
C SER A 1034 0.61 48.00 38.74
N LYS A 1035 0.74 47.29 39.86
CA LYS A 1035 1.99 47.16 40.57
C LYS A 1035 2.80 45.96 40.09
N ARG A 1036 2.28 45.20 39.13
CA ARG A 1036 2.96 44.02 38.63
C ARG A 1036 4.11 44.45 37.71
N VAL A 1037 5.29 43.92 37.96
CA VAL A 1037 6.48 44.32 37.21
C VAL A 1037 6.44 43.67 35.83
N ASP A 1038 6.63 44.49 34.80
CA ASP A 1038 6.71 44.14 33.38
C ASP A 1038 5.40 43.63 32.80
N PHE A 1039 4.30 43.72 33.55
CA PHE A 1039 3.01 43.34 33.00
C PHE A 1039 2.47 44.43 32.09
N CYS A 1040 2.74 45.69 32.39
CA CYS A 1040 2.21 46.82 31.65
C CYS A 1040 3.36 47.72 31.20
N GLY A 1041 4.36 47.12 30.57
CA GLY A 1041 5.47 47.86 30.00
C GLY A 1041 6.73 47.72 30.84
N LYS A 1042 7.83 48.17 30.24
CA LYS A 1042 9.12 48.20 30.93
C LYS A 1042 9.19 49.48 31.76
N GLY A 1043 9.42 49.34 33.06
CA GLY A 1043 9.49 50.48 33.95
C GLY A 1043 8.33 50.47 34.94
N TYR A 1044 8.27 51.52 35.74
CA TYR A 1044 7.19 51.66 36.70
C TYR A 1044 5.96 52.14 35.95
N HIS A 1045 4.88 51.37 36.00
CA HIS A 1045 3.73 51.61 35.16
C HIS A 1045 2.92 52.79 35.66
N LEU A 1046 2.60 53.71 34.75
CA LEU A 1046 1.73 54.83 35.08
C LEU A 1046 0.33 54.60 34.55
N MET A 1047 0.18 54.44 33.23
CA MET A 1047 -1.14 54.20 32.66
C MET A 1047 -0.97 53.57 31.29
N SER A 1048 -2.09 53.17 30.68
CA SER A 1048 -2.03 52.48 29.39
C SER A 1048 -3.18 52.94 28.51
N PHE A 1049 -2.97 52.86 27.20
CA PHE A 1049 -3.97 53.24 26.23
C PHE A 1049 -4.27 52.10 25.25
N PRO A 1050 -5.54 51.74 25.07
CA PRO A 1050 -5.88 50.70 24.08
C PRO A 1050 -6.08 51.26 22.68
N GLN A 1051 -5.59 50.52 21.68
CA GLN A 1051 -5.80 50.86 20.29
C GLN A 1051 -6.27 49.62 19.55
N SER A 1052 -7.31 49.76 18.74
CA SER A 1052 -7.80 48.64 17.97
C SER A 1052 -6.84 48.33 16.82
N ALA A 1053 -6.71 47.05 16.49
CA ALA A 1053 -5.88 46.61 15.38
C ALA A 1053 -6.58 45.43 14.71
N PRO A 1054 -6.30 45.17 13.44
CA PRO A 1054 -6.90 44.00 12.76
C PRO A 1054 -6.57 42.70 13.47
N HIS A 1055 -7.62 42.06 13.99
CA HIS A 1055 -7.57 40.83 14.79
C HIS A 1055 -6.75 41.02 16.06
N GLY A 1056 -6.74 42.21 16.65
CA GLY A 1056 -5.86 42.38 17.80
C GLY A 1056 -6.00 43.73 18.49
N VAL A 1057 -5.24 43.86 19.56
CA VAL A 1057 -5.21 45.08 20.37
C VAL A 1057 -3.76 45.49 20.55
N VAL A 1058 -3.51 46.80 20.51
CA VAL A 1058 -2.20 47.37 20.76
C VAL A 1058 -2.28 48.24 21.99
N PHE A 1059 -1.48 47.93 23.00
CA PHE A 1059 -1.45 48.67 24.24
C PHE A 1059 -0.26 49.63 24.20
N LEU A 1060 -0.53 50.91 24.40
CA LEU A 1060 0.52 51.91 24.55
C LEU A 1060 0.71 52.08 26.05
N HIS A 1061 1.77 51.50 26.58
CA HIS A 1061 2.05 51.55 28.00
C HIS A 1061 2.89 52.79 28.30
N VAL A 1062 2.33 53.71 29.09
CA VAL A 1062 3.04 54.88 29.58
C VAL A 1062 3.62 54.52 30.94
N THR A 1063 4.94 54.51 31.03
CA THR A 1063 5.67 54.09 32.21
C THR A 1063 6.69 55.17 32.59
N TYR A 1064 7.12 55.08 33.85
CA TYR A 1064 8.07 56.00 34.45
C TYR A 1064 9.40 55.27 34.56
N VAL A 1065 10.43 55.79 33.92
CA VAL A 1065 11.76 55.18 33.96
C VAL A 1065 12.68 56.12 34.72
N PRO A 1066 13.33 55.67 35.79
CA PRO A 1066 14.32 56.52 36.47
C PRO A 1066 15.53 56.79 35.58
N ALA A 1067 16.11 57.98 35.72
CA ALA A 1067 17.29 58.34 34.94
C ALA A 1067 18.13 59.33 35.71
N GLN A 1068 19.39 59.47 35.25
CA GLN A 1068 20.39 60.40 35.79
C GLN A 1068 20.66 60.15 37.28
N GLU A 1069 20.94 58.90 37.61
CA GLU A 1069 21.20 58.50 38.98
C GLU A 1069 22.52 59.06 39.50
N LYS A 1070 22.57 59.27 40.80
CA LYS A 1070 23.75 59.84 41.46
C LYS A 1070 24.06 59.03 42.70
N ASN A 1071 25.36 58.84 42.95
CA ASN A 1071 25.84 58.15 44.15
C ASN A 1071 25.63 59.00 45.38
N PHE A 1072 25.28 58.37 46.48
CA PHE A 1072 25.20 59.01 47.78
C PHE A 1072 25.67 58.04 48.84
N THR A 1073 26.13 58.57 49.97
CA THR A 1073 26.53 57.72 51.08
C THR A 1073 25.28 57.48 51.93
N THR A 1074 24.98 56.22 52.20
CA THR A 1074 23.73 55.91 52.87
C THR A 1074 23.97 55.22 54.20
N ALA A 1075 22.98 55.34 55.08
CA ALA A 1075 23.00 54.72 56.40
C ALA A 1075 21.64 54.12 56.69
N PRO A 1076 21.59 53.01 57.44
CA PRO A 1076 20.29 52.47 57.84
C PRO A 1076 19.53 53.35 58.82
N ALA A 1077 20.22 54.00 59.75
CA ALA A 1077 19.55 54.81 60.75
C ALA A 1077 20.44 55.97 61.16
N ILE A 1078 19.84 56.96 61.82
CA ILE A 1078 20.54 58.13 62.32
C ILE A 1078 20.52 58.07 63.84
N CYS A 1079 21.69 58.18 64.47
CA CYS A 1079 21.78 58.15 65.92
C CYS A 1079 21.72 59.58 66.45
N HIS A 1080 20.70 59.88 67.24
CA HIS A 1080 20.56 61.19 67.86
C HIS A 1080 20.02 61.03 69.27
N ASP A 1081 20.71 61.64 70.24
CA ASP A 1081 20.32 61.66 71.65
C ASP A 1081 20.19 60.24 72.22
N GLY A 1082 21.02 59.32 71.73
CA GLY A 1082 20.94 57.95 72.20
C GLY A 1082 19.78 57.18 71.64
N LYS A 1083 19.13 57.69 70.60
CA LYS A 1083 17.98 57.07 69.98
C LYS A 1083 18.24 56.86 68.50
N ALA A 1084 17.66 55.80 67.96
CA ALA A 1084 17.81 55.46 66.55
C ALA A 1084 16.61 55.99 65.78
N HIS A 1085 16.88 56.73 64.70
CA HIS A 1085 15.84 57.31 63.86
C HIS A 1085 15.86 56.61 62.51
N PHE A 1086 14.69 56.21 62.05
CA PHE A 1086 14.52 55.50 60.79
C PHE A 1086 13.58 56.30 59.90
N PRO A 1087 13.76 56.30 58.58
CA PRO A 1087 12.88 57.10 57.73
C PRO A 1087 11.48 56.53 57.68
N ARG A 1088 10.49 57.43 57.70
CA ARG A 1088 9.10 56.98 57.61
C ARG A 1088 8.80 56.45 56.22
N GLU A 1089 9.21 57.18 55.19
CA GLU A 1089 8.90 56.83 53.81
C GLU A 1089 10.10 56.91 52.89
N GLY A 1090 11.21 57.50 53.32
CA GLY A 1090 12.35 57.69 52.44
C GLY A 1090 13.58 56.87 52.78
N VAL A 1091 14.74 57.45 52.52
CA VAL A 1091 16.03 56.83 52.74
C VAL A 1091 17.03 57.93 53.11
N PHE A 1092 17.97 57.61 53.99
CA PHE A 1092 18.98 58.57 54.39
C PHE A 1092 20.09 58.60 53.35
N VAL A 1093 20.45 59.79 52.89
CA VAL A 1093 21.53 59.98 51.93
C VAL A 1093 22.45 61.07 52.46
N SER A 1094 23.69 61.03 51.97
CA SER A 1094 24.68 62.04 52.30
C SER A 1094 25.42 62.41 51.04
N ASN A 1095 25.59 63.72 50.81
CA ASN A 1095 26.31 64.23 49.67
C ASN A 1095 27.79 64.41 49.96
N GLY A 1096 28.24 64.04 51.16
CA GLY A 1096 29.63 64.10 51.53
C GLY A 1096 29.84 64.70 52.91
N THR A 1097 29.06 65.73 53.25
CA THR A 1097 29.23 66.42 54.52
C THR A 1097 27.92 66.48 55.31
N HIS A 1098 26.79 66.53 54.60
CA HIS A 1098 25.50 66.72 55.24
C HIS A 1098 24.59 65.53 54.97
N TRP A 1099 23.76 65.21 55.95
CA TRP A 1099 22.83 64.10 55.87
C TRP A 1099 21.42 64.62 55.59
N PHE A 1100 20.71 63.94 54.71
CA PHE A 1100 19.34 64.29 54.34
C PHE A 1100 18.51 63.03 54.21
N VAL A 1101 17.20 63.21 54.12
CA VAL A 1101 16.27 62.12 53.87
C VAL A 1101 15.54 62.44 52.56
N THR A 1102 15.46 61.44 51.68
CA THR A 1102 14.85 61.66 50.37
C THR A 1102 13.96 60.49 50.02
N GLN A 1103 13.01 60.73 49.12
CA GLN A 1103 12.18 59.64 48.64
C GLN A 1103 13.04 58.70 47.79
N ARG A 1104 12.67 57.42 47.78
CA ARG A 1104 13.53 56.40 47.18
C ARG A 1104 13.64 56.52 45.65
N ASN A 1105 12.60 56.95 44.96
CA ASN A 1105 12.59 56.90 43.50
C ASN A 1105 12.90 58.24 42.84
N PHE A 1106 13.17 59.29 43.61
CA PHE A 1106 13.56 60.57 43.03
C PHE A 1106 14.42 61.30 44.05
N TYR A 1107 15.44 62.01 43.58
CA TYR A 1107 16.31 62.70 44.53
C TYR A 1107 15.67 64.02 44.91
N GLU A 1108 15.21 64.12 46.15
CA GLU A 1108 14.71 65.37 46.71
C GLU A 1108 15.14 65.40 48.16
N PRO A 1109 16.33 65.95 48.43
CA PRO A 1109 16.85 65.94 49.80
C PRO A 1109 16.07 66.88 50.72
N GLN A 1110 15.75 66.37 51.90
CA GLN A 1110 15.08 67.17 52.93
C GLN A 1110 15.81 66.98 54.24
N ILE A 1111 15.65 67.98 55.13
CA ILE A 1111 16.36 67.96 56.41
C ILE A 1111 15.79 66.85 57.28
N ILE A 1112 16.66 66.13 57.97
CA ILE A 1112 16.24 65.00 58.80
C ILE A 1112 15.61 65.59 60.06
N THR A 1113 14.30 65.42 60.20
CA THR A 1113 13.56 65.92 61.34
C THR A 1113 12.80 64.79 62.01
N THR A 1114 12.07 65.13 63.06
CA THR A 1114 11.23 64.16 63.74
C THR A 1114 9.94 63.91 62.98
N ASP A 1115 9.56 64.83 62.08
CA ASP A 1115 8.34 64.69 61.31
C ASP A 1115 8.43 63.57 60.29
N ASN A 1116 9.61 63.35 59.70
CA ASN A 1116 9.78 62.34 58.65
C ASN A 1116 10.58 61.13 59.11
N THR A 1117 10.89 61.03 60.40
CA THR A 1117 11.57 59.86 60.96
C THR A 1117 10.81 59.37 62.19
N PHE A 1118 11.03 58.10 62.52
CA PHE A 1118 10.43 57.50 63.70
C PHE A 1118 11.52 56.84 64.54
N VAL A 1119 11.31 56.82 65.85
CA VAL A 1119 12.30 56.36 66.80
C VAL A 1119 11.94 54.96 67.28
N SER A 1120 12.88 54.03 67.18
CA SER A 1120 12.72 52.69 67.72
C SER A 1120 14.06 52.24 68.30
N GLY A 1121 14.15 52.20 69.63
CA GLY A 1121 15.34 51.67 70.26
C GLY A 1121 16.49 52.67 70.33
N ASN A 1122 17.61 52.19 70.83
CA ASN A 1122 18.82 52.99 70.97
C ASN A 1122 19.75 52.73 69.79
N CYS A 1123 20.97 53.26 69.86
CA CYS A 1123 21.92 53.18 68.77
C CYS A 1123 22.85 51.97 68.86
N ASP A 1124 22.68 51.11 69.86
CA ASP A 1124 23.62 50.01 70.09
C ASP A 1124 23.32 48.77 69.28
N VAL A 1125 22.16 48.67 68.65
CA VAL A 1125 21.72 47.43 68.01
C VAL A 1125 21.87 47.51 66.49
N VAL A 1126 21.55 48.65 65.89
CA VAL A 1126 21.53 48.77 64.44
C VAL A 1126 22.95 48.79 63.89
N ILE A 1127 23.22 47.93 62.90
CA ILE A 1127 24.55 47.82 62.33
C ILE A 1127 24.70 48.88 61.25
N GLY A 1128 25.70 49.74 61.39
CA GLY A 1128 25.97 50.77 60.41
C GLY A 1128 25.33 52.10 60.70
N ILE A 1129 24.80 52.31 61.91
CA ILE A 1129 24.18 53.58 62.27
C ILE A 1129 25.26 54.66 62.37
N VAL A 1130 24.93 55.86 61.87
CA VAL A 1130 25.84 56.99 61.90
C VAL A 1130 25.28 58.08 62.80
N ASN A 1131 26.17 58.96 63.27
CA ASN A 1131 25.80 60.04 64.17
C ASN A 1131 25.48 61.30 63.38
N ASN A 1132 24.27 61.81 63.55
CA ASN A 1132 23.88 63.08 62.95
C ASN A 1132 22.75 63.67 63.80
N THR A 1133 22.60 64.99 63.72
CA THR A 1133 21.55 65.66 64.45
C THR A 1133 20.20 65.47 63.77
N VAL A 1134 19.15 65.43 64.58
CA VAL A 1134 17.78 65.37 64.09
C VAL A 1134 17.05 66.63 64.54
N TYR A 1135 16.61 67.44 63.58
CA TYR A 1135 16.01 68.73 63.86
C TYR A 1135 14.62 68.55 64.46
N ASP A 1136 14.26 69.45 65.38
CA ASP A 1136 12.93 69.42 65.96
C ASP A 1136 12.17 70.66 65.54
N PRO A 1137 11.03 70.52 64.87
CA PRO A 1137 10.23 71.71 64.50
C PRO A 1137 9.70 72.48 65.70
N LEU A 1138 9.40 71.81 66.80
CA LEU A 1138 8.86 72.49 67.98
C LEU A 1138 9.93 73.27 68.72
N GLN A 1139 11.21 72.96 68.47
CA GLN A 1139 12.30 73.59 69.22
C GLN A 1139 12.41 75.11 69.04
N PRO A 1140 12.31 75.70 67.83
CA PRO A 1140 12.25 77.17 67.77
C PRO A 1140 10.98 77.79 68.37
N GLU A 1141 9.89 77.02 68.47
CA GLU A 1141 8.63 77.61 68.93
C GLU A 1141 8.65 77.92 70.42
N LEU A 1142 9.11 76.98 71.25
CA LEU A 1142 9.16 77.28 72.68
C LEU A 1142 10.32 78.21 73.02
N ASP A 1143 11.35 78.24 72.17
CA ASP A 1143 12.48 79.15 72.34
C ASP A 1143 12.04 80.61 72.19
N SER A 1144 11.17 80.89 71.23
CA SER A 1144 10.69 82.25 71.00
C SER A 1144 9.41 82.52 71.80
N GLN B 14 11.83 -56.69 15.82
CA GLN B 14 11.77 -57.48 17.05
C GLN B 14 11.23 -56.65 18.21
N CYS B 15 10.31 -57.25 18.97
CA CYS B 15 9.71 -56.61 20.14
C CYS B 15 9.79 -57.55 21.33
N VAL B 16 9.96 -56.97 22.52
CA VAL B 16 9.99 -57.73 23.77
C VAL B 16 9.03 -57.06 24.74
N ASN B 17 8.12 -57.85 25.32
CA ASN B 17 7.22 -57.35 26.35
C ASN B 17 7.92 -57.28 27.69
N LEU B 18 7.74 -56.17 28.40
CA LEU B 18 8.26 -56.00 29.75
C LEU B 18 7.12 -56.20 30.74
N THR B 19 7.21 -57.26 31.56
CA THR B 19 6.15 -57.61 32.48
C THR B 19 6.55 -57.45 33.94
N THR B 20 7.65 -56.74 34.21
CA THR B 20 8.15 -56.58 35.56
C THR B 20 7.92 -55.18 36.13
N ARG B 21 7.00 -54.41 35.56
CA ARG B 21 6.77 -53.06 36.04
C ARG B 21 6.04 -53.07 37.38
N THR B 22 6.21 -51.98 38.13
CA THR B 22 5.51 -51.76 39.38
C THR B 22 4.48 -50.65 39.16
N GLN B 23 3.23 -50.90 39.55
CA GLN B 23 2.16 -49.94 39.28
C GLN B 23 2.29 -48.73 40.20
N LEU B 24 2.28 -47.53 39.62
CA LEU B 24 2.32 -46.30 40.38
C LEU B 24 1.72 -45.19 39.52
N PRO B 25 0.93 -44.27 40.09
CA PRO B 25 0.45 -43.15 39.29
C PRO B 25 1.59 -42.17 38.98
N PRO B 26 1.51 -41.47 37.85
CA PRO B 26 2.53 -40.46 37.53
C PRO B 26 2.43 -39.26 38.47
N ALA B 27 3.58 -38.66 38.76
CA ALA B 27 3.62 -37.55 39.70
C ALA B 27 3.40 -36.22 38.98
N TYR B 28 3.23 -35.16 39.77
CA TYR B 28 3.16 -33.81 39.25
C TYR B 28 4.02 -32.90 40.11
N THR B 29 4.59 -31.87 39.49
CA THR B 29 5.39 -30.89 40.22
C THR B 29 5.27 -29.53 39.55
N ASN B 30 6.03 -28.57 40.07
CA ASN B 30 5.95 -27.19 39.63
C ASN B 30 6.98 -26.92 38.53
N SER B 31 6.55 -26.19 37.51
CA SER B 31 7.44 -25.85 36.40
C SER B 31 8.47 -24.80 36.77
N PHE B 32 8.18 -23.98 37.77
CA PHE B 32 8.97 -22.80 38.21
C PHE B 32 9.06 -21.85 37.02
N THR B 33 10.25 -21.38 36.64
CA THR B 33 10.43 -20.46 35.52
C THR B 33 11.15 -21.11 34.33
N ARG B 34 10.89 -22.39 34.09
CA ARG B 34 11.57 -23.12 33.03
C ARG B 34 10.70 -23.18 31.78
N GLY B 35 11.31 -23.66 30.69
CA GLY B 35 10.60 -23.82 29.44
C GLY B 35 10.70 -22.65 28.49
N VAL B 36 11.47 -21.63 28.84
CA VAL B 36 11.66 -20.46 27.98
C VAL B 36 12.67 -20.78 26.88
N TYR B 37 12.39 -20.29 25.67
CA TYR B 37 13.27 -20.48 24.53
C TYR B 37 13.32 -19.17 23.74
N TYR B 38 14.28 -19.09 22.82
CA TYR B 38 14.40 -17.92 21.97
C TYR B 38 13.31 -17.94 20.91
N PRO B 39 12.44 -16.92 20.85
CA PRO B 39 11.30 -16.97 19.91
C PRO B 39 11.69 -16.95 18.44
N ASP B 40 12.86 -16.40 18.10
CA ASP B 40 13.23 -16.21 16.71
C ASP B 40 14.76 -16.17 16.63
N LYS B 41 15.27 -15.98 15.41
CA LYS B 41 16.70 -15.98 15.14
C LYS B 41 17.29 -14.58 15.13
N VAL B 42 16.64 -13.63 15.81
CA VAL B 42 17.02 -12.22 15.77
C VAL B 42 17.81 -11.82 17.01
N PHE B 43 18.97 -11.20 16.80
CA PHE B 43 19.79 -10.70 17.90
C PHE B 43 19.17 -9.42 18.45
N ARG B 44 19.14 -9.31 19.77
CA ARG B 44 18.68 -8.12 20.46
C ARG B 44 19.61 -7.81 21.62
N SER B 45 19.92 -6.53 21.82
CA SER B 45 20.89 -6.12 22.84
C SER B 45 20.28 -5.06 23.75
N SER B 46 20.31 -5.33 25.06
CA SER B 46 19.91 -4.42 26.14
C SER B 46 18.45 -3.97 26.03
N VAL B 47 17.56 -4.83 25.54
CA VAL B 47 16.16 -4.44 25.34
C VAL B 47 15.22 -5.47 25.94
N LEU B 48 13.98 -5.04 26.12
CA LEU B 48 12.88 -5.89 26.56
C LEU B 48 11.95 -6.08 25.38
N HIS B 49 11.66 -7.32 25.02
CA HIS B 49 10.83 -7.60 23.85
C HIS B 49 9.64 -8.47 24.23
N SER B 50 8.46 -8.09 23.78
CA SER B 50 7.24 -8.85 24.05
C SER B 50 6.90 -9.76 22.87
N THR B 51 6.72 -11.04 23.15
CA THR B 51 6.40 -12.03 22.11
C THR B 51 5.14 -12.80 22.45
N GLN B 52 4.30 -13.04 21.45
CA GLN B 52 3.11 -13.90 21.57
C GLN B 52 3.47 -15.19 20.82
N ASP B 53 3.88 -16.20 21.58
CA ASP B 53 4.29 -17.50 21.03
C ASP B 53 3.73 -18.62 21.87
N LEU B 54 4.06 -19.85 21.49
CA LEU B 54 3.67 -21.04 22.23
C LEU B 54 4.70 -21.19 23.34
N PHE B 55 4.31 -20.88 24.57
CA PHE B 55 5.21 -20.92 25.71
C PHE B 55 4.65 -21.78 26.82
N LEU B 56 5.52 -22.17 27.72
CA LEU B 56 5.07 -22.91 28.88
C LEU B 56 4.83 -21.93 30.03
N PRO B 57 3.66 -21.98 30.67
CA PRO B 57 3.37 -21.04 31.75
C PRO B 57 4.28 -21.23 32.95
N PHE B 58 4.58 -20.11 33.61
CA PHE B 58 5.40 -20.17 34.81
C PHE B 58 4.61 -20.83 35.94
N PHE B 59 5.31 -21.62 36.75
CA PHE B 59 4.74 -22.32 37.93
C PHE B 59 3.57 -23.22 37.53
N SER B 60 3.67 -23.86 36.37
CA SER B 60 2.60 -24.72 35.89
C SER B 60 2.77 -26.13 36.43
N ASN B 61 1.74 -26.95 36.20
CA ASN B 61 1.70 -28.32 36.66
C ASN B 61 2.36 -29.20 35.59
N VAL B 62 3.59 -29.61 35.84
CA VAL B 62 4.36 -30.42 34.88
C VAL B 62 4.39 -31.86 35.36
N THR B 63 4.12 -32.80 34.44
CA THR B 63 4.06 -34.21 34.79
C THR B 63 5.45 -34.76 35.05
N TRP B 64 5.59 -35.54 36.12
CA TRP B 64 6.87 -36.07 36.57
C TRP B 64 6.85 -37.59 36.45
N PHE B 65 7.86 -38.15 35.78
CA PHE B 65 8.07 -39.57 35.65
C PHE B 65 9.46 -39.92 36.14
N HIS B 66 9.58 -41.12 36.73
CA HIS B 66 10.83 -41.59 37.31
C HIS B 66 11.29 -42.85 36.61
N VAL B 67 12.60 -43.09 36.60
CA VAL B 67 13.20 -44.30 36.10
C VAL B 67 14.15 -44.79 37.18
N ILE B 68 13.75 -45.86 37.88
CA ILE B 68 14.53 -46.36 39.02
C ILE B 68 14.28 -47.85 39.21
N LYS B 75 11.23 -51.20 41.15
CA LYS B 75 11.45 -51.32 39.71
C LYS B 75 10.44 -50.44 38.96
N ARG B 76 10.88 -49.25 38.57
CA ARG B 76 10.08 -48.30 37.82
C ARG B 76 10.63 -48.15 36.41
N PHE B 77 9.78 -48.36 35.41
CA PHE B 77 10.13 -48.13 34.00
C PHE B 77 8.97 -47.38 33.37
N ASP B 78 9.07 -46.05 33.36
CA ASP B 78 7.98 -45.19 32.88
C ASP B 78 8.18 -44.87 31.41
N ASN B 79 7.39 -45.53 30.55
CA ASN B 79 7.35 -45.19 29.13
C ASN B 79 5.90 -45.12 28.61
N PRO B 80 5.10 -44.15 29.05
CA PRO B 80 3.77 -44.00 28.46
C PRO B 80 3.84 -43.19 27.18
N VAL B 81 2.73 -43.19 26.45
CA VAL B 81 2.60 -42.41 25.22
C VAL B 81 1.69 -41.23 25.51
N LEU B 82 2.20 -40.00 25.30
CA LEU B 82 1.46 -38.79 25.68
C LEU B 82 0.99 -37.99 24.47
N PRO B 83 -0.15 -37.30 24.56
CA PRO B 83 -0.57 -36.40 23.48
C PRO B 83 0.38 -35.24 23.29
N PHE B 84 0.68 -34.92 22.02
CA PHE B 84 1.65 -33.86 21.73
C PHE B 84 1.09 -32.47 22.03
N ASN B 85 -0.19 -32.25 21.75
CA ASN B 85 -0.91 -30.95 21.90
C ASN B 85 -0.22 -29.95 20.96
N ASP B 86 -0.06 -28.69 21.37
CA ASP B 86 0.48 -27.66 20.49
C ASP B 86 1.98 -27.51 20.62
N GLY B 87 2.58 -28.17 21.61
CA GLY B 87 4.01 -28.06 21.84
C GLY B 87 4.34 -28.83 23.10
N VAL B 88 5.60 -29.21 23.20
CA VAL B 88 6.03 -30.07 24.31
C VAL B 88 7.32 -29.55 24.91
N TYR B 89 7.35 -29.42 26.23
CA TYR B 89 8.57 -29.10 26.96
C TYR B 89 8.99 -30.40 27.63
N PHE B 90 10.21 -30.84 27.38
CA PHE B 90 10.72 -32.06 27.98
C PHE B 90 11.92 -31.69 28.84
N ALA B 91 11.86 -32.05 30.11
CA ALA B 91 12.96 -31.81 31.03
C ALA B 91 13.54 -33.16 31.45
N SER B 92 14.85 -33.26 31.48
CA SER B 92 15.50 -34.51 31.87
C SER B 92 16.54 -34.25 32.95
N ILE B 93 16.30 -34.75 34.15
CA ILE B 93 17.30 -34.75 35.19
C ILE B 93 17.98 -36.10 35.01
N GLU B 94 19.13 -36.07 34.34
CA GLU B 94 19.80 -37.25 33.84
C GLU B 94 21.27 -37.34 34.26
N LYS B 95 21.69 -38.58 34.53
CA LYS B 95 23.09 -38.94 34.67
C LYS B 95 23.25 -40.26 33.92
N SER B 96 24.42 -40.45 33.29
CA SER B 96 24.84 -41.65 32.56
C SER B 96 24.13 -41.82 31.22
N ASN B 97 23.32 -40.82 30.79
CA ASN B 97 22.67 -40.77 29.47
C ASN B 97 21.76 -41.97 29.18
N ILE B 98 20.82 -42.24 30.10
CA ILE B 98 19.83 -43.29 29.86
C ILE B 98 18.87 -42.89 28.74
N ILE B 99 18.41 -41.64 28.74
CA ILE B 99 17.41 -41.22 27.76
C ILE B 99 18.12 -40.97 26.43
N ARG B 100 17.61 -41.59 25.36
CA ARG B 100 18.31 -41.53 24.08
C ARG B 100 17.54 -40.87 22.95
N GLY B 101 16.22 -40.77 23.03
CA GLY B 101 15.49 -40.23 21.89
C GLY B 101 13.99 -40.20 22.11
N TRP B 102 13.29 -39.82 21.05
CA TRP B 102 11.84 -39.65 21.09
C TRP B 102 11.20 -40.17 19.81
N ILE B 103 9.90 -40.43 19.91
CA ILE B 103 9.07 -40.92 18.81
C ILE B 103 7.89 -39.96 18.68
N PHE B 104 7.61 -39.51 17.46
CA PHE B 104 6.50 -38.61 17.18
C PHE B 104 5.65 -39.19 16.07
N GLY B 105 4.34 -38.94 16.14
CA GLY B 105 3.46 -39.40 15.08
C GLY B 105 2.02 -39.17 15.44
N THR B 106 1.13 -39.83 14.68
CA THR B 106 -0.30 -39.78 14.94
C THR B 106 -0.84 -41.11 15.43
N THR B 107 -0.52 -42.20 14.73
CA THR B 107 -1.01 -43.52 15.07
C THR B 107 0.09 -44.49 15.46
N LEU B 108 1.36 -44.14 15.22
CA LEU B 108 2.55 -44.92 15.59
C LEU B 108 2.55 -46.32 14.96
N ASP B 109 2.11 -46.42 13.72
CA ASP B 109 2.13 -47.69 13.00
C ASP B 109 2.43 -47.40 11.52
N SER B 110 2.34 -48.45 10.70
CA SER B 110 2.60 -48.31 9.27
C SER B 110 1.48 -47.59 8.52
N LYS B 111 0.32 -47.40 9.14
CA LYS B 111 -0.79 -46.71 8.50
C LYS B 111 -0.44 -45.26 8.20
N THR B 112 0.23 -44.59 9.12
CA THR B 112 0.64 -43.20 8.97
C THR B 112 2.15 -43.12 8.92
N GLN B 113 2.67 -41.90 8.84
CA GLN B 113 4.11 -41.68 8.79
C GLN B 113 4.57 -41.10 10.12
N SER B 114 5.69 -41.61 10.63
CA SER B 114 6.18 -41.22 11.95
C SER B 114 7.61 -40.69 11.88
N LEU B 115 7.93 -39.86 12.87
CA LEU B 115 9.25 -39.27 13.03
C LEU B 115 9.97 -39.94 14.20
N LEU B 116 11.23 -40.28 14.00
CA LEU B 116 12.06 -40.95 14.99
C LEU B 116 13.31 -40.12 15.23
N ILE B 117 13.61 -39.86 16.50
CA ILE B 117 14.83 -39.17 16.91
C ILE B 117 15.56 -40.14 17.80
N VAL B 118 16.80 -40.51 17.43
CA VAL B 118 17.60 -41.38 18.28
C VAL B 118 19.04 -40.88 18.34
N ASN B 119 19.68 -41.17 19.48
CA ASN B 119 21.11 -40.94 19.68
C ASN B 119 21.65 -42.23 20.27
N ASN B 120 22.28 -43.06 19.45
CA ASN B 120 22.88 -44.28 19.96
C ASN B 120 24.32 -43.97 20.39
N ALA B 121 25.15 -45.00 20.58
CA ALA B 121 26.50 -44.83 21.09
C ALA B 121 27.41 -44.02 20.17
N THR B 122 27.09 -43.91 18.89
CA THR B 122 27.99 -43.27 17.93
C THR B 122 27.48 -41.96 17.35
N ASN B 123 26.25 -41.91 16.86
CA ASN B 123 25.85 -40.72 16.11
C ASN B 123 24.36 -40.43 16.32
N VAL B 124 23.94 -39.21 16.00
CA VAL B 124 22.55 -38.79 16.16
C VAL B 124 21.83 -38.95 14.83
N VAL B 125 20.75 -39.74 14.84
CA VAL B 125 20.00 -40.08 13.63
C VAL B 125 18.56 -39.58 13.76
N ILE B 126 18.09 -38.90 12.72
CA ILE B 126 16.71 -38.43 12.61
C ILE B 126 16.14 -39.10 11.37
N LYS B 127 15.02 -39.80 11.52
CA LYS B 127 14.40 -40.48 10.40
C LYS B 127 12.92 -40.18 10.35
N VAL B 128 12.36 -40.14 9.14
CA VAL B 128 10.92 -40.01 8.96
C VAL B 128 10.50 -41.20 8.09
N CYS B 129 9.87 -42.19 8.70
CA CYS B 129 9.51 -43.41 7.99
C CYS B 129 8.16 -43.89 8.51
N GLU B 130 7.61 -44.90 7.85
CA GLU B 130 6.38 -45.53 8.34
C GLU B 130 6.81 -46.74 9.17
N PHE B 131 7.16 -46.48 10.43
CA PHE B 131 7.68 -47.54 11.29
C PHE B 131 6.54 -48.35 11.88
N GLN B 132 6.76 -49.66 11.98
CA GLN B 132 5.85 -50.53 12.74
C GLN B 132 6.44 -50.59 14.14
N PHE B 133 5.97 -49.69 15.00
CA PHE B 133 6.55 -49.54 16.32
C PHE B 133 6.13 -50.66 17.26
N CYS B 134 7.02 -51.00 18.19
CA CYS B 134 6.72 -51.95 19.23
C CYS B 134 5.81 -51.31 20.27
N ASN B 135 5.09 -52.15 21.03
CA ASN B 135 4.30 -51.63 22.13
C ASN B 135 5.20 -51.08 23.22
N ASP B 136 6.33 -51.75 23.46
CA ASP B 136 7.34 -51.30 24.42
C ASP B 136 8.66 -51.20 23.68
N PRO B 137 8.94 -50.07 23.03
CA PRO B 137 10.24 -49.90 22.36
C PRO B 137 11.32 -49.38 23.31
N PHE B 138 12.53 -49.93 23.16
CA PHE B 138 13.63 -49.52 24.02
C PHE B 138 14.97 -49.83 23.37
N LEU B 139 16.01 -49.34 24.03
CA LEU B 139 17.39 -49.59 23.65
C LEU B 139 17.96 -50.50 24.73
N ASP B 140 19.07 -51.17 24.42
CA ASP B 140 19.75 -52.10 25.34
C ASP B 140 21.24 -52.01 25.04
N MET B 148 28.26 -52.92 27.13
CA MET B 148 28.16 -52.32 25.81
C MET B 148 26.73 -52.41 25.26
N GLU B 149 26.35 -51.45 24.44
CA GLU B 149 25.01 -51.36 23.88
C GLU B 149 25.01 -51.95 22.47
N SER B 150 24.38 -53.13 22.32
CA SER B 150 24.37 -53.81 21.04
C SER B 150 22.99 -54.41 20.70
N GLU B 151 21.93 -53.96 21.37
CA GLU B 151 20.60 -54.52 21.16
C GLU B 151 19.62 -53.36 21.01
N PHE B 152 18.97 -53.27 19.84
CA PHE B 152 18.06 -52.18 19.52
C PHE B 152 16.68 -52.75 19.23
N ARG B 153 15.68 -52.53 20.12
CA ARG B 153 14.32 -53.02 19.81
C ARG B 153 13.32 -51.87 19.89
N VAL B 154 13.23 -51.11 18.81
CA VAL B 154 12.35 -49.95 18.72
C VAL B 154 11.21 -50.19 17.73
N TYR B 155 11.53 -50.69 16.54
CA TYR B 155 10.53 -50.90 15.51
C TYR B 155 10.81 -52.22 14.80
N SER B 156 9.78 -52.82 14.23
CA SER B 156 9.96 -54.07 13.50
C SER B 156 10.18 -53.86 12.01
N SER B 157 9.67 -52.76 11.44
CA SER B 157 9.78 -52.53 10.01
C SER B 157 9.74 -51.03 9.73
N ALA B 158 10.31 -50.65 8.59
CA ALA B 158 10.27 -49.29 8.08
C ALA B 158 10.14 -49.37 6.57
N ASN B 159 8.96 -49.08 6.03
CA ASN B 159 8.71 -49.32 4.62
C ASN B 159 8.99 -48.09 3.75
N ASN B 160 8.31 -46.98 4.01
CA ASN B 160 8.41 -45.78 3.17
C ASN B 160 9.14 -44.69 3.94
N CYS B 161 10.42 -44.51 3.65
CA CYS B 161 11.23 -43.50 4.31
C CYS B 161 11.39 -42.30 3.40
N THR B 162 10.95 -41.13 3.87
CA THR B 162 10.97 -39.94 3.04
C THR B 162 12.06 -38.94 3.43
N PHE B 163 12.63 -39.04 4.62
CA PHE B 163 13.61 -38.05 5.04
C PHE B 163 14.57 -38.65 6.07
N GLU B 164 15.86 -38.36 5.89
CA GLU B 164 16.90 -38.77 6.83
C GLU B 164 17.79 -37.58 7.12
N TYR B 165 18.22 -37.44 8.37
CA TYR B 165 19.09 -36.34 8.77
C TYR B 165 20.03 -36.82 9.87
N VAL B 166 21.33 -36.71 9.63
CA VAL B 166 22.36 -37.14 10.57
C VAL B 166 23.01 -35.89 11.14
N SER B 167 23.09 -35.80 12.48
CA SER B 167 23.57 -34.57 13.09
C SER B 167 24.56 -34.87 14.21
N GLN B 168 25.05 -33.79 14.83
CA GLN B 168 26.06 -33.87 15.86
C GLN B 168 25.47 -34.48 17.15
N PRO B 169 26.31 -35.02 18.04
CA PRO B 169 25.82 -35.50 19.34
C PRO B 169 25.20 -34.38 20.18
N PHE B 170 23.91 -34.55 20.50
CA PHE B 170 23.21 -33.55 21.30
C PHE B 170 23.64 -33.61 22.76
N LEU B 171 23.86 -34.80 23.30
CA LEU B 171 24.08 -34.96 24.73
C LEU B 171 25.49 -34.50 25.14
N ASN B 180 24.44 -38.95 42.68
CA ASN B 180 24.01 -37.57 42.47
C ASN B 180 23.69 -37.35 40.99
N PHE B 181 22.56 -36.70 40.73
CA PHE B 181 22.21 -36.32 39.36
C PHE B 181 23.05 -35.11 38.94
N LYS B 182 23.66 -35.20 37.76
CA LYS B 182 24.57 -34.15 37.34
C LYS B 182 24.13 -33.32 36.15
N ASN B 183 23.18 -33.79 35.33
CA ASN B 183 22.85 -33.08 34.10
C ASN B 183 21.36 -32.73 34.02
N LEU B 184 21.07 -31.49 33.62
CA LEU B 184 19.71 -31.07 33.29
C LEU B 184 19.68 -30.84 31.79
N ARG B 185 18.84 -31.59 31.09
CA ARG B 185 18.68 -31.45 29.65
C ARG B 185 17.28 -30.95 29.35
N GLU B 186 17.17 -29.76 28.78
CA GLU B 186 15.87 -29.16 28.49
C GLU B 186 15.67 -29.09 26.99
N PHE B 187 14.52 -29.56 26.53
CA PHE B 187 14.18 -29.55 25.11
C PHE B 187 12.77 -29.00 24.95
N VAL B 188 12.55 -28.29 23.85
CA VAL B 188 11.23 -27.80 23.49
C VAL B 188 10.98 -28.24 22.06
N PHE B 189 9.88 -28.94 21.83
CA PHE B 189 9.49 -29.40 20.51
C PHE B 189 8.22 -28.67 20.08
N LYS B 190 8.26 -28.08 18.88
CA LYS B 190 7.11 -27.43 18.29
C LYS B 190 6.90 -27.95 16.88
N ASN B 191 5.64 -28.00 16.46
CA ASN B 191 5.29 -28.45 15.11
C ASN B 191 4.38 -27.39 14.49
N ILE B 192 4.99 -26.34 13.93
CA ILE B 192 4.24 -25.22 13.37
C ILE B 192 4.50 -25.17 11.87
N ASP B 193 3.42 -25.13 11.07
CA ASP B 193 3.46 -24.99 9.60
C ASP B 193 4.23 -26.12 8.93
N GLY B 194 4.22 -27.30 9.54
CA GLY B 194 4.94 -28.43 9.01
C GLY B 194 6.42 -28.40 9.31
N TYR B 195 6.85 -27.48 10.15
CA TYR B 195 8.24 -27.32 10.57
C TYR B 195 8.35 -27.74 12.02
N PHE B 196 9.26 -28.65 12.31
CA PHE B 196 9.42 -29.20 13.65
C PHE B 196 10.67 -28.56 14.26
N LYS B 197 10.47 -27.72 15.26
CA LYS B 197 11.55 -26.98 15.89
C LYS B 197 11.96 -27.66 17.19
N ILE B 198 13.26 -27.91 17.32
CA ILE B 198 13.88 -28.47 18.52
C ILE B 198 14.75 -27.40 19.13
N TYR B 199 14.43 -27.00 20.37
CA TYR B 199 15.21 -26.06 21.15
C TYR B 199 15.86 -26.84 22.29
N SER B 200 17.13 -26.57 22.57
CA SER B 200 17.85 -27.36 23.56
C SER B 200 18.69 -26.49 24.49
N LYS B 201 18.89 -26.98 25.70
CA LYS B 201 19.78 -26.36 26.68
C LYS B 201 20.33 -27.43 27.60
N HIS B 202 21.62 -27.34 27.93
CA HIS B 202 22.27 -28.23 28.88
C HIS B 202 22.74 -27.43 30.08
N THR B 203 22.44 -27.94 31.28
CA THR B 203 22.80 -27.25 32.51
C THR B 203 23.51 -28.21 33.46
N PRO B 204 24.68 -27.84 33.99
CA PRO B 204 25.32 -28.67 35.03
C PRO B 204 24.60 -28.51 36.36
N ILE B 205 24.07 -29.61 36.89
CA ILE B 205 23.33 -29.56 38.15
C ILE B 205 23.90 -30.59 39.12
N ASP B 212 13.76 -32.73 42.62
CA ASP B 212 12.83 -31.99 41.78
C ASP B 212 13.59 -31.09 40.82
N LEU B 213 12.88 -30.28 40.06
CA LEU B 213 13.51 -29.36 39.12
C LEU B 213 14.22 -28.24 39.89
N PRO B 214 15.38 -27.79 39.41
CA PRO B 214 16.04 -26.64 40.04
C PRO B 214 15.28 -25.36 39.76
N GLN B 215 15.43 -24.40 40.66
CA GLN B 215 14.78 -23.11 40.51
C GLN B 215 15.80 -22.12 39.95
N GLY B 216 15.52 -21.62 38.75
CA GLY B 216 16.45 -20.73 38.09
C GLY B 216 15.97 -20.41 36.70
N PHE B 217 16.82 -19.72 35.94
CA PHE B 217 16.48 -19.30 34.59
C PHE B 217 17.53 -19.82 33.62
N SER B 218 17.07 -20.44 32.54
CA SER B 218 17.96 -20.90 31.47
C SER B 218 17.22 -20.85 30.16
N ALA B 219 17.68 -20.00 29.24
CA ALA B 219 17.03 -19.87 27.95
C ALA B 219 17.45 -21.03 27.05
N LEU B 220 16.49 -21.55 26.29
CA LEU B 220 16.77 -22.68 25.41
C LEU B 220 17.16 -22.16 24.03
N GLU B 221 18.35 -22.54 23.58
CA GLU B 221 18.81 -22.13 22.25
C GLU B 221 18.18 -23.02 21.19
N PRO B 222 17.78 -22.45 20.04
CA PRO B 222 17.28 -23.29 18.94
C PRO B 222 18.36 -24.19 18.38
N LEU B 223 18.02 -25.47 18.26
CA LEU B 223 18.98 -26.48 17.85
C LEU B 223 18.71 -27.01 16.45
N VAL B 224 17.49 -27.49 16.18
CA VAL B 224 17.19 -28.11 14.90
C VAL B 224 15.91 -27.53 14.32
N ASP B 225 15.97 -27.07 13.08
CA ASP B 225 14.79 -26.65 12.32
C ASP B 225 14.57 -27.78 11.33
N LEU B 226 13.46 -28.51 11.46
CA LEU B 226 13.30 -29.71 10.66
C LEU B 226 12.16 -29.56 9.68
N PRO B 227 12.40 -29.71 8.37
CA PRO B 227 11.29 -29.68 7.40
C PRO B 227 10.61 -31.03 7.17
N ILE B 228 9.61 -31.37 7.97
CA ILE B 228 8.94 -32.67 7.85
C ILE B 228 7.61 -32.55 7.09
N GLY B 229 6.80 -31.55 7.43
CA GLY B 229 5.48 -31.40 6.81
C GLY B 229 4.53 -32.55 7.07
N ILE B 230 4.52 -33.10 8.28
CA ILE B 230 3.61 -34.18 8.63
C ILE B 230 2.85 -33.81 9.91
N ASN B 231 1.74 -34.51 10.11
CA ASN B 231 0.90 -34.30 11.29
C ASN B 231 1.48 -35.05 12.47
N ILE B 232 1.63 -34.38 13.61
CA ILE B 232 2.07 -35.01 14.85
C ILE B 232 1.05 -34.70 15.94
N THR B 233 0.51 -35.74 16.57
CA THR B 233 -0.41 -35.58 17.68
C THR B 233 -0.04 -36.37 18.92
N ARG B 234 0.92 -37.30 18.85
CA ARG B 234 1.23 -38.13 19.99
C ARG B 234 2.73 -38.45 19.97
N PHE B 235 3.33 -38.57 21.16
CA PHE B 235 4.77 -38.83 21.25
C PHE B 235 5.04 -39.84 22.35
N GLN B 236 6.23 -40.44 22.30
CA GLN B 236 6.67 -41.39 23.32
C GLN B 236 8.19 -41.34 23.41
N THR B 237 8.74 -41.30 24.62
CA THR B 237 10.20 -41.27 24.76
C THR B 237 10.79 -42.67 24.77
N LEU B 238 12.07 -42.76 24.43
CA LEU B 238 12.81 -44.01 24.36
C LEU B 238 13.86 -44.06 25.46
N LEU B 239 13.89 -45.16 26.20
CA LEU B 239 14.84 -45.34 27.29
C LEU B 239 15.86 -46.41 26.93
N ALA B 240 16.90 -46.53 27.75
CA ALA B 240 17.91 -47.57 27.56
C ALA B 240 17.96 -48.44 28.81
N LEU B 241 17.89 -49.76 28.62
CA LEU B 241 18.04 -50.69 29.72
C LEU B 241 19.52 -51.02 29.97
N HIS B 242 19.79 -51.50 31.18
CA HIS B 242 21.09 -52.03 31.54
C HIS B 242 20.92 -53.52 31.82
N ARG B 243 21.74 -54.35 31.18
CA ARG B 243 21.63 -55.79 31.28
C ARG B 243 22.84 -56.35 32.02
N SER B 244 22.59 -57.24 32.98
CA SER B 244 23.65 -57.86 33.75
C SER B 244 23.56 -59.38 33.68
N GLY B 254 17.88 -60.32 34.88
CA GLY B 254 17.06 -59.58 33.93
C GLY B 254 17.68 -58.28 33.49
N TRP B 255 16.99 -57.18 33.77
CA TRP B 255 17.46 -55.84 33.43
C TRP B 255 17.34 -54.93 34.63
N THR B 256 18.17 -53.88 34.65
CA THR B 256 18.16 -52.88 35.71
C THR B 256 18.03 -51.50 35.09
N ALA B 257 17.24 -50.65 35.73
CA ALA B 257 17.01 -49.28 35.27
C ALA B 257 17.91 -48.32 36.03
N GLY B 258 18.67 -47.51 35.29
CA GLY B 258 19.50 -46.50 35.92
C GLY B 258 18.64 -45.36 36.46
N ALA B 259 19.21 -44.61 37.40
CA ALA B 259 18.48 -43.52 38.04
C ALA B 259 18.32 -42.34 37.08
N ALA B 260 17.08 -42.00 36.76
CA ALA B 260 16.80 -40.87 35.87
C ALA B 260 15.41 -40.33 36.17
N ALA B 261 15.18 -39.07 35.79
CA ALA B 261 13.83 -38.51 35.93
C ALA B 261 13.54 -37.61 34.74
N TYR B 262 12.29 -37.64 34.26
CA TYR B 262 11.93 -36.74 33.18
C TYR B 262 10.58 -36.08 33.49
N TYR B 263 10.36 -34.95 32.84
CA TYR B 263 9.19 -34.12 33.05
C TYR B 263 8.59 -33.74 31.71
N VAL B 264 7.27 -33.80 31.61
CA VAL B 264 6.56 -33.44 30.39
C VAL B 264 5.62 -32.28 30.68
N GLY B 265 5.74 -31.22 29.89
CA GLY B 265 4.86 -30.08 30.02
C GLY B 265 4.33 -29.70 28.65
N TYR B 266 3.22 -28.97 28.65
CA TYR B 266 2.56 -28.61 27.40
C TYR B 266 2.58 -27.11 27.20
N LEU B 267 2.76 -26.70 25.94
CA LEU B 267 2.84 -25.29 25.59
C LEU B 267 1.46 -24.74 25.26
N GLN B 268 1.24 -23.47 25.63
CA GLN B 268 0.01 -22.76 25.34
C GLN B 268 0.35 -21.42 24.71
N PRO B 269 -0.52 -20.85 23.88
CA PRO B 269 -0.23 -19.54 23.30
C PRO B 269 -0.37 -18.42 24.33
N ARG B 270 0.72 -17.69 24.53
CA ARG B 270 0.72 -16.58 25.48
C ARG B 270 1.84 -15.61 25.13
N THR B 271 1.83 -14.49 25.84
CA THR B 271 2.83 -13.44 25.65
C THR B 271 3.82 -13.47 26.80
N PHE B 272 5.10 -13.38 26.46
CA PHE B 272 6.17 -13.24 27.43
C PHE B 272 6.92 -11.95 27.17
N LEU B 273 7.40 -11.34 28.23
CA LEU B 273 8.27 -10.18 28.14
C LEU B 273 9.67 -10.70 28.41
N LEU B 274 10.53 -10.67 27.39
CA LEU B 274 11.86 -11.24 27.47
C LEU B 274 12.86 -10.13 27.71
N LYS B 275 13.86 -10.38 28.55
CA LYS B 275 14.94 -9.43 28.78
C LYS B 275 16.20 -9.94 28.11
N TYR B 276 16.82 -9.09 27.29
CA TYR B 276 18.03 -9.41 26.56
C TYR B 276 19.16 -8.56 27.12
N ASN B 277 20.30 -9.20 27.41
CA ASN B 277 21.41 -8.48 28.01
C ASN B 277 22.25 -7.83 26.91
N GLU B 278 23.44 -7.34 27.28
CA GLU B 278 24.33 -6.72 26.31
C GLU B 278 24.87 -7.71 25.29
N ASN B 279 24.94 -8.99 25.66
CA ASN B 279 25.50 -10.03 24.80
C ASN B 279 24.42 -10.79 24.04
N GLY B 280 23.16 -10.37 24.15
CA GLY B 280 22.09 -11.03 23.43
C GLY B 280 21.61 -12.32 24.04
N THR B 281 21.90 -12.57 25.31
CA THR B 281 21.47 -13.79 25.98
C THR B 281 20.27 -13.46 26.87
N ILE B 282 19.21 -14.25 26.73
CA ILE B 282 18.00 -14.04 27.54
C ILE B 282 18.28 -14.43 28.98
N THR B 283 18.07 -13.49 29.91
CA THR B 283 18.38 -13.71 31.31
C THR B 283 17.14 -13.75 32.20
N ASP B 284 16.05 -13.10 31.79
CA ASP B 284 14.83 -13.03 32.60
C ASP B 284 13.62 -12.95 31.67
N ALA B 285 12.47 -13.39 32.19
CA ALA B 285 11.23 -13.33 31.44
C ALA B 285 10.08 -13.07 32.40
N VAL B 286 9.01 -12.51 31.87
CA VAL B 286 7.80 -12.22 32.61
C VAL B 286 6.64 -12.87 31.87
N ASP B 287 5.82 -13.64 32.58
CA ASP B 287 4.60 -14.22 32.03
C ASP B 287 3.50 -13.21 32.28
N CYS B 288 2.96 -12.64 31.20
CA CYS B 288 1.97 -11.55 31.33
C CYS B 288 0.63 -12.01 31.90
N ALA B 289 0.33 -13.30 31.85
CA ALA B 289 -0.98 -13.80 32.29
C ALA B 289 -0.90 -14.59 33.59
N LEU B 290 0.22 -14.54 34.31
CA LEU B 290 0.36 -15.36 35.51
C LEU B 290 -0.30 -14.70 36.72
N ASP B 291 0.07 -13.45 37.01
CA ASP B 291 -0.42 -12.72 38.17
C ASP B 291 -0.53 -11.25 37.79
N PRO B 292 -1.33 -10.46 38.51
CA PRO B 292 -1.43 -9.02 38.20
C PRO B 292 -0.13 -8.23 38.24
N LEU B 293 0.82 -8.59 39.10
CA LEU B 293 2.10 -7.89 39.15
C LEU B 293 2.87 -8.06 37.84
N SER B 294 2.93 -9.29 37.34
CA SER B 294 3.61 -9.55 36.07
C SER B 294 2.83 -8.94 34.91
N GLU B 295 1.51 -8.87 35.03
CA GLU B 295 0.70 -8.21 34.01
C GLU B 295 1.03 -6.73 33.96
N THR B 296 1.23 -6.12 35.13
CA THR B 296 1.64 -4.72 35.19
C THR B 296 3.03 -4.54 34.58
N LYS B 297 3.93 -5.50 34.86
CA LYS B 297 5.29 -5.45 34.30
C LYS B 297 5.25 -5.55 32.79
N CYS B 298 4.38 -6.41 32.27
CA CYS B 298 4.22 -6.60 30.82
C CYS B 298 3.61 -5.37 30.18
N THR B 299 2.64 -4.75 30.87
CA THR B 299 1.97 -3.56 30.34
C THR B 299 2.93 -2.38 30.30
N LEU B 300 3.72 -2.18 31.35
CA LEU B 300 4.64 -1.05 31.39
C LEU B 300 5.95 -1.30 30.67
N LYS B 301 6.17 -2.53 30.20
CA LYS B 301 7.39 -2.95 29.48
C LYS B 301 8.64 -2.74 30.33
N SER B 302 8.53 -3.01 31.63
CA SER B 302 9.64 -2.88 32.55
C SER B 302 9.57 -3.97 33.60
N PHE B 303 10.73 -4.38 34.10
CA PHE B 303 10.78 -5.38 35.16
C PHE B 303 10.64 -4.77 36.54
N THR B 304 10.70 -3.44 36.65
CA THR B 304 10.50 -2.75 37.91
C THR B 304 9.28 -1.85 37.74
N VAL B 305 8.35 -1.95 38.69
CA VAL B 305 7.13 -1.16 38.69
C VAL B 305 7.18 -0.20 39.87
N GLU B 306 6.97 1.08 39.59
CA GLU B 306 6.96 2.09 40.63
C GLU B 306 5.64 2.05 41.39
N LYS B 307 5.60 2.73 42.52
CA LYS B 307 4.39 2.78 43.35
C LYS B 307 3.28 3.54 42.63
N GLY B 308 2.10 2.95 42.60
CA GLY B 308 0.96 3.62 42.01
C GLY B 308 -0.10 2.62 41.58
N ILE B 309 -1.10 3.14 40.89
CA ILE B 309 -2.20 2.34 40.34
C ILE B 309 -2.03 2.32 38.82
N TYR B 310 -2.11 1.13 38.23
CA TYR B 310 -1.90 0.98 36.80
C TYR B 310 -3.04 0.20 36.15
N GLN B 311 -3.61 0.77 35.08
CA GLN B 311 -4.64 0.08 34.31
C GLN B 311 -3.97 -0.94 33.41
N THR B 312 -4.31 -2.21 33.59
CA THR B 312 -3.64 -3.30 32.87
C THR B 312 -4.47 -3.95 31.79
N SER B 313 -5.69 -4.37 32.10
CA SER B 313 -6.52 -5.10 31.16
C SER B 313 -7.98 -4.87 31.51
N ASN B 314 -8.88 -5.52 30.78
CA ASN B 314 -10.30 -5.39 31.05
C ASN B 314 -10.90 -6.76 31.33
N PHE B 315 -11.38 -6.94 32.57
CA PHE B 315 -12.06 -8.17 32.94
C PHE B 315 -13.40 -8.26 32.22
N ARG B 316 -13.66 -9.41 31.60
CA ARG B 316 -14.95 -9.69 30.99
C ARG B 316 -15.28 -11.17 31.19
N VAL B 317 -16.51 -11.45 31.64
CA VAL B 317 -16.90 -12.83 31.89
C VAL B 317 -17.15 -13.53 30.55
N GLN B 318 -16.61 -14.76 30.40
CA GLN B 318 -16.71 -15.48 29.13
C GLN B 318 -18.01 -16.28 29.06
N PRO B 319 -18.52 -16.55 27.85
CA PRO B 319 -19.74 -17.37 27.74
C PRO B 319 -19.50 -18.81 28.13
N THR B 320 -20.53 -19.45 28.68
CA THR B 320 -20.40 -20.82 29.15
C THR B 320 -20.80 -21.86 28.12
N GLU B 321 -21.87 -21.63 27.36
CA GLU B 321 -22.26 -22.59 26.33
C GLU B 321 -22.96 -21.85 25.19
N SER B 322 -22.97 -22.49 24.02
CA SER B 322 -23.60 -21.93 22.82
C SER B 322 -25.02 -22.44 22.69
N ILE B 323 -25.97 -21.53 22.52
CA ILE B 323 -27.37 -21.87 22.27
C ILE B 323 -27.74 -21.40 20.87
N VAL B 324 -28.30 -22.32 20.08
CA VAL B 324 -28.82 -22.00 18.76
C VAL B 324 -30.34 -22.06 18.84
N ARG B 325 -31.01 -20.98 18.47
CA ARG B 325 -32.46 -20.95 18.41
C ARG B 325 -32.90 -20.73 16.98
N PHE B 326 -33.62 -21.70 16.44
CA PHE B 326 -34.18 -21.69 15.09
C PHE B 326 -35.64 -22.06 15.20
N PRO B 327 -36.48 -21.72 14.21
CA PRO B 327 -37.88 -22.16 14.22
C PRO B 327 -38.01 -23.68 14.25
N ASN B 328 -38.96 -24.17 15.06
CA ASN B 328 -39.13 -25.61 15.24
C ASN B 328 -39.61 -26.30 13.98
N ILE B 329 -40.38 -25.59 13.15
CA ILE B 329 -41.02 -26.16 11.97
C ILE B 329 -39.98 -26.70 10.99
N THR B 330 -40.14 -27.96 10.59
CA THR B 330 -39.25 -28.60 9.64
C THR B 330 -40.07 -29.21 8.50
N ASN B 331 -39.93 -28.65 7.31
CA ASN B 331 -40.54 -29.17 6.10
C ASN B 331 -39.46 -29.29 5.05
N LEU B 332 -39.36 -30.45 4.40
CA LEU B 332 -38.37 -30.62 3.33
C LEU B 332 -38.65 -29.61 2.22
N CYS B 333 -37.64 -28.86 1.87
CA CYS B 333 -37.87 -27.76 0.96
C CYS B 333 -37.93 -28.24 -0.50
N PRO B 334 -38.91 -27.78 -1.28
CA PRO B 334 -39.05 -28.27 -2.67
C PRO B 334 -38.02 -27.67 -3.62
N PHE B 335 -36.74 -27.98 -3.40
CA PHE B 335 -35.71 -27.61 -4.35
C PHE B 335 -35.67 -28.57 -5.53
N ASP B 336 -36.21 -29.77 -5.34
CA ASP B 336 -36.30 -30.76 -6.40
C ASP B 336 -37.19 -30.26 -7.53
N GLU B 337 -38.28 -29.59 -7.18
CA GLU B 337 -39.20 -29.06 -8.20
C GLU B 337 -38.50 -28.01 -9.07
N VAL B 338 -37.75 -27.10 -8.46
CA VAL B 338 -37.09 -26.05 -9.22
C VAL B 338 -35.92 -26.60 -10.03
N PHE B 339 -35.06 -27.41 -9.40
CA PHE B 339 -33.81 -27.80 -10.07
C PHE B 339 -33.90 -29.04 -10.96
N ASN B 340 -34.91 -29.88 -10.81
CA ASN B 340 -34.97 -31.13 -11.55
C ASN B 340 -36.12 -31.16 -12.56
N ALA B 341 -36.76 -30.00 -12.80
CA ALA B 341 -37.91 -29.96 -13.70
C ALA B 341 -37.52 -30.30 -15.13
N THR B 342 -38.43 -30.99 -15.83
CA THR B 342 -38.20 -31.32 -17.24
C THR B 342 -38.21 -30.08 -18.12
N ARG B 343 -39.11 -29.14 -17.87
CA ARG B 343 -39.26 -27.97 -18.72
C ARG B 343 -39.06 -26.69 -17.92
N PHE B 344 -38.30 -25.77 -18.50
CA PHE B 344 -38.11 -24.45 -17.94
C PHE B 344 -38.76 -23.41 -18.85
N ALA B 345 -39.00 -22.24 -18.26
CA ALA B 345 -39.59 -21.17 -19.04
C ALA B 345 -38.52 -20.48 -19.88
N SER B 346 -38.97 -19.70 -20.85
CA SER B 346 -38.08 -18.90 -21.67
C SER B 346 -37.57 -17.69 -20.88
N VAL B 347 -36.51 -17.07 -21.39
CA VAL B 347 -35.88 -15.95 -20.69
C VAL B 347 -36.78 -14.71 -20.67
N TYR B 348 -37.59 -14.50 -21.71
CA TYR B 348 -38.52 -13.37 -21.70
C TYR B 348 -39.64 -13.59 -20.68
N ALA B 349 -40.01 -14.84 -20.44
CA ALA B 349 -41.09 -15.17 -19.52
C ALA B 349 -40.57 -16.04 -18.39
N TRP B 350 -39.47 -15.63 -17.76
CA TRP B 350 -38.80 -16.41 -16.72
C TRP B 350 -39.71 -16.69 -15.53
N ASN B 351 -39.63 -17.92 -15.02
CA ASN B 351 -40.51 -18.37 -13.95
C ASN B 351 -39.95 -18.00 -12.58
N ARG B 352 -40.77 -17.37 -11.74
CA ARG B 352 -40.36 -17.00 -10.40
C ARG B 352 -41.14 -17.86 -9.41
N LYS B 353 -40.43 -18.63 -8.58
CA LYS B 353 -41.04 -19.48 -7.56
C LYS B 353 -40.63 -19.04 -6.17
N ARG B 354 -41.62 -18.91 -5.28
CA ARG B 354 -41.37 -18.57 -3.89
C ARG B 354 -40.98 -19.79 -3.07
N ILE B 355 -39.94 -19.65 -2.26
CA ILE B 355 -39.51 -20.69 -1.34
C ILE B 355 -39.78 -20.11 0.06
N SER B 356 -40.69 -20.75 0.79
CA SER B 356 -41.04 -20.30 2.13
C SER B 356 -41.52 -21.48 2.98
N ASN B 357 -41.38 -21.31 4.30
CA ASN B 357 -41.84 -22.27 5.32
C ASN B 357 -41.18 -23.63 5.07
N CYS B 358 -39.86 -23.59 4.92
CA CYS B 358 -39.11 -24.83 4.75
C CYS B 358 -37.74 -24.67 5.36
N VAL B 359 -37.11 -25.80 5.66
CA VAL B 359 -35.72 -25.83 6.08
C VAL B 359 -34.92 -26.29 4.87
N ALA B 360 -33.91 -25.51 4.49
CA ALA B 360 -33.16 -25.75 3.27
C ALA B 360 -31.77 -26.25 3.59
N ASP B 361 -31.39 -27.35 2.94
CA ASP B 361 -30.05 -27.90 3.03
C ASP B 361 -29.33 -27.50 1.74
N TYR B 362 -28.47 -26.49 1.81
CA TYR B 362 -27.75 -26.08 0.61
C TYR B 362 -26.52 -26.92 0.36
N SER B 363 -26.15 -27.78 1.32
CA SER B 363 -24.95 -28.60 1.20
C SER B 363 -25.08 -29.61 0.08
N VAL B 364 -26.29 -30.10 -0.19
CA VAL B 364 -26.51 -31.04 -1.27
C VAL B 364 -26.41 -30.38 -2.64
N LEU B 365 -26.51 -29.05 -2.70
CA LEU B 365 -26.35 -28.37 -3.99
C LEU B 365 -24.87 -28.17 -4.33
N TYR B 366 -24.06 -27.82 -3.33
CA TYR B 366 -22.64 -27.58 -3.56
C TYR B 366 -21.88 -28.86 -3.89
N ASN B 367 -22.18 -29.96 -3.18
CA ASN B 367 -21.38 -31.18 -3.34
C ASN B 367 -21.61 -31.87 -4.68
N LEU B 368 -22.79 -31.69 -5.28
CA LEU B 368 -23.09 -32.30 -6.56
C LEU B 368 -22.32 -31.62 -7.68
N ALA B 369 -21.78 -32.42 -8.61
CA ALA B 369 -20.97 -31.88 -9.69
C ALA B 369 -21.59 -31.45 -11.03
N PRO B 370 -22.92 -31.55 -11.33
CA PRO B 370 -23.34 -31.19 -12.70
C PRO B 370 -23.34 -29.69 -13.01
N PHE B 371 -23.43 -28.79 -12.02
CA PHE B 371 -23.58 -27.37 -12.29
C PHE B 371 -22.21 -26.77 -12.56
N PHE B 372 -22.04 -26.22 -13.77
CA PHE B 372 -20.80 -25.57 -14.15
C PHE B 372 -20.57 -24.26 -13.38
N THR B 373 -21.62 -23.47 -13.18
CA THR B 373 -21.47 -22.18 -12.51
C THR B 373 -22.33 -22.14 -11.25
N PHE B 374 -21.68 -21.89 -10.11
CA PHE B 374 -22.32 -21.70 -8.81
C PHE B 374 -21.70 -20.43 -8.23
N LYS B 375 -22.22 -19.26 -8.60
CA LYS B 375 -21.56 -18.02 -8.24
C LYS B 375 -22.47 -17.15 -7.38
N CYS B 376 -22.00 -16.80 -6.18
CA CYS B 376 -22.81 -16.02 -5.25
C CYS B 376 -22.21 -14.63 -5.10
N TYR B 377 -23.07 -13.62 -4.96
CA TYR B 377 -22.64 -12.24 -4.88
C TYR B 377 -22.74 -11.65 -3.49
N GLY B 378 -23.91 -11.73 -2.85
CA GLY B 378 -24.14 -11.09 -1.58
C GLY B 378 -24.00 -11.98 -0.37
N VAL B 379 -23.61 -13.25 -0.56
CA VAL B 379 -23.53 -14.19 0.53
C VAL B 379 -22.43 -15.18 0.19
N SER B 380 -21.78 -15.74 1.22
CA SER B 380 -20.78 -16.76 0.95
C SER B 380 -21.46 -18.07 0.56
N PRO B 381 -20.90 -18.81 -0.41
CA PRO B 381 -21.46 -20.14 -0.74
C PRO B 381 -21.43 -21.13 0.41
N THR B 382 -20.37 -21.13 1.22
CA THR B 382 -20.23 -22.13 2.27
C THR B 382 -21.03 -21.80 3.53
N LYS B 383 -21.54 -20.58 3.66
CA LYS B 383 -22.24 -20.15 4.86
C LYS B 383 -23.76 -20.32 4.76
N LEU B 384 -24.26 -20.78 3.62
CA LEU B 384 -25.71 -20.85 3.38
C LEU B 384 -26.42 -21.81 4.33
N ASN B 385 -25.73 -22.85 4.81
CA ASN B 385 -26.35 -23.79 5.75
C ASN B 385 -26.49 -23.22 7.16
N ASP B 386 -25.80 -22.13 7.47
CA ASP B 386 -25.77 -21.59 8.81
C ASP B 386 -26.67 -20.36 9.00
N LEU B 387 -27.38 -19.95 7.97
CA LEU B 387 -28.16 -18.73 8.00
C LEU B 387 -29.64 -19.01 7.79
N CYS B 388 -30.47 -18.03 8.18
CA CYS B 388 -31.91 -18.09 8.00
C CYS B 388 -32.32 -16.97 7.04
N PHE B 389 -33.24 -17.25 6.12
CA PHE B 389 -33.67 -16.23 5.17
C PHE B 389 -35.19 -16.25 4.99
N THR B 390 -35.72 -15.15 4.48
CA THR B 390 -37.11 -15.09 4.04
C THR B 390 -37.16 -14.27 2.77
N ASN B 391 -38.35 -14.25 2.15
CA ASN B 391 -38.60 -13.57 0.87
C ASN B 391 -37.73 -14.15 -0.23
N VAL B 392 -37.61 -15.48 -0.21
CA VAL B 392 -36.74 -16.23 -1.10
C VAL B 392 -37.45 -16.59 -2.41
N TYR B 393 -36.79 -16.26 -3.53
CA TYR B 393 -37.27 -16.55 -4.87
C TYR B 393 -36.23 -17.16 -5.80
N ALA B 394 -36.67 -18.15 -6.56
CA ALA B 394 -35.87 -18.81 -7.58
C ALA B 394 -36.41 -18.38 -8.94
N ASP B 395 -35.58 -17.73 -9.75
CA ASP B 395 -35.94 -17.29 -11.10
C ASP B 395 -35.27 -18.23 -12.09
N SER B 396 -36.08 -18.99 -12.81
CA SER B 396 -35.61 -20.01 -13.73
C SER B 396 -35.84 -19.59 -15.18
N PHE B 397 -34.82 -19.76 -16.00
CA PHE B 397 -34.92 -19.51 -17.44
C PHE B 397 -33.81 -20.29 -18.13
N VAL B 398 -33.87 -20.30 -19.46
CA VAL B 398 -32.87 -20.97 -20.29
C VAL B 398 -32.25 -19.94 -21.23
N ILE B 399 -30.92 -19.92 -21.28
CA ILE B 399 -30.19 -18.98 -22.13
C ILE B 399 -29.11 -19.77 -22.88
N ARG B 400 -28.25 -19.05 -23.58
CA ARG B 400 -27.15 -19.68 -24.31
C ARG B 400 -26.00 -19.97 -23.35
N GLY B 401 -25.01 -20.71 -23.86
CA GLY B 401 -23.82 -20.99 -23.08
C GLY B 401 -22.95 -19.78 -22.81
N ASP B 402 -22.83 -18.89 -23.78
CA ASP B 402 -21.96 -17.74 -23.72
C ASP B 402 -22.59 -16.54 -23.01
N GLU B 403 -23.88 -16.60 -22.73
CA GLU B 403 -24.65 -15.50 -22.16
C GLU B 403 -24.71 -15.56 -20.63
N VAL B 404 -24.04 -16.56 -20.03
CA VAL B 404 -24.05 -16.72 -18.58
C VAL B 404 -23.31 -15.59 -17.86
N ARG B 405 -22.40 -14.88 -18.53
CA ARG B 405 -21.75 -13.73 -17.93
C ARG B 405 -22.71 -12.55 -17.75
N GLN B 406 -23.80 -12.49 -18.53
CA GLN B 406 -24.72 -11.37 -18.48
C GLN B 406 -25.72 -11.49 -17.34
N ILE B 407 -25.83 -12.65 -16.72
CA ILE B 407 -26.68 -12.84 -15.53
C ILE B 407 -25.83 -12.44 -14.35
N ALA B 408 -25.70 -11.13 -14.16
CA ALA B 408 -24.87 -10.56 -13.10
C ALA B 408 -25.39 -9.16 -12.82
N PRO B 409 -25.16 -8.63 -11.62
CA PRO B 409 -25.53 -7.23 -11.34
C PRO B 409 -24.76 -6.23 -12.20
N GLY B 410 -25.47 -5.20 -12.64
CA GLY B 410 -24.89 -4.08 -13.34
C GLY B 410 -24.49 -4.33 -14.76
N GLN B 411 -24.98 -5.38 -15.40
CA GLN B 411 -24.51 -5.68 -16.75
C GLN B 411 -25.43 -5.12 -17.83
N THR B 412 -24.80 -4.67 -18.92
CA THR B 412 -25.48 -4.23 -20.12
C THR B 412 -25.39 -5.34 -21.16
N GLY B 413 -26.53 -5.72 -21.72
CA GLY B 413 -26.59 -6.83 -22.65
C GLY B 413 -27.98 -6.94 -23.22
N ASN B 414 -28.24 -8.02 -23.94
CA ASN B 414 -29.56 -8.08 -24.56
C ASN B 414 -30.53 -8.77 -23.62
N ILE B 415 -30.15 -9.94 -23.09
CA ILE B 415 -31.02 -10.57 -22.11
C ILE B 415 -30.94 -9.83 -20.78
N ALA B 416 -29.82 -9.11 -20.54
CA ALA B 416 -29.71 -8.30 -19.32
C ALA B 416 -30.66 -7.11 -19.34
N ASP B 417 -30.80 -6.44 -20.49
CA ASP B 417 -31.62 -5.24 -20.60
C ASP B 417 -33.08 -5.54 -20.92
N TYR B 418 -33.37 -6.51 -21.79
CA TYR B 418 -34.72 -6.68 -22.26
C TYR B 418 -35.39 -7.95 -21.75
N ASN B 419 -34.68 -8.79 -20.99
CA ASN B 419 -35.27 -10.03 -20.51
C ASN B 419 -35.20 -10.13 -18.98
N TYR B 420 -34.02 -10.02 -18.37
CA TYR B 420 -33.86 -10.18 -16.93
C TYR B 420 -32.77 -9.23 -16.44
N LYS B 421 -33.12 -8.31 -15.55
CA LYS B 421 -32.18 -7.32 -15.02
C LYS B 421 -31.94 -7.54 -13.54
N LEU B 422 -30.67 -7.46 -13.12
CA LEU B 422 -30.35 -7.55 -11.70
C LEU B 422 -30.03 -6.17 -11.12
N PRO B 423 -30.42 -5.90 -9.87
CA PRO B 423 -30.08 -4.62 -9.24
C PRO B 423 -28.61 -4.56 -8.86
N ASP B 424 -28.13 -3.33 -8.62
CA ASP B 424 -26.75 -3.13 -8.20
C ASP B 424 -26.47 -3.71 -6.82
N ASP B 425 -27.47 -3.68 -5.93
CA ASP B 425 -27.35 -4.17 -4.57
C ASP B 425 -27.90 -5.58 -4.42
N PHE B 426 -27.84 -6.36 -5.50
CA PHE B 426 -28.39 -7.70 -5.52
C PHE B 426 -27.60 -8.65 -4.62
N THR B 427 -28.32 -9.45 -3.84
CA THR B 427 -27.75 -10.51 -3.03
C THR B 427 -28.41 -11.83 -3.42
N GLY B 428 -27.62 -12.88 -3.47
CA GLY B 428 -28.11 -14.18 -3.85
C GLY B 428 -27.08 -14.91 -4.69
N CYS B 429 -27.52 -16.00 -5.33
CA CYS B 429 -26.62 -16.85 -6.10
C CYS B 429 -27.18 -17.17 -7.48
N VAL B 430 -26.31 -17.15 -8.50
CA VAL B 430 -26.68 -17.56 -9.84
C VAL B 430 -26.14 -18.97 -10.11
N ILE B 431 -27.02 -19.84 -10.58
CA ILE B 431 -26.71 -21.24 -10.88
C ILE B 431 -26.87 -21.43 -12.37
N ALA B 432 -25.84 -21.96 -13.03
CA ALA B 432 -25.94 -22.26 -14.46
C ALA B 432 -25.40 -23.65 -14.72
N TRP B 433 -26.15 -24.44 -15.51
CA TRP B 433 -25.67 -25.76 -15.92
C TRP B 433 -26.12 -26.07 -17.34
N ASN B 434 -25.31 -26.88 -18.03
CA ASN B 434 -25.61 -27.26 -19.41
C ASN B 434 -26.83 -28.18 -19.47
N SER B 435 -27.72 -27.91 -20.41
CA SER B 435 -28.93 -28.69 -20.60
C SER B 435 -29.07 -29.11 -22.06
N ASN B 436 -27.97 -29.52 -22.69
CA ASN B 436 -28.01 -30.00 -24.07
C ASN B 436 -28.78 -31.31 -24.19
N LYS B 437 -28.68 -32.17 -23.17
CA LYS B 437 -29.36 -33.47 -23.21
C LYS B 437 -30.87 -33.33 -23.16
N LEU B 438 -31.40 -32.30 -22.51
CA LEU B 438 -32.83 -32.18 -22.32
C LEU B 438 -33.47 -31.03 -23.10
N ASP B 439 -32.79 -29.89 -23.26
CA ASP B 439 -33.40 -28.72 -23.85
C ASP B 439 -32.94 -28.49 -25.30
N SER B 440 -32.60 -29.56 -26.01
CA SER B 440 -32.17 -29.45 -27.39
C SER B 440 -32.83 -30.55 -28.22
N LYS B 441 -33.08 -30.26 -29.49
CA LYS B 441 -33.61 -31.22 -30.43
C LYS B 441 -32.78 -31.19 -31.70
N VAL B 442 -32.71 -32.35 -32.38
CA VAL B 442 -31.93 -32.46 -33.62
C VAL B 442 -32.51 -31.56 -34.71
N SER B 443 -33.84 -31.41 -34.76
CA SER B 443 -34.48 -30.56 -35.75
C SER B 443 -34.43 -29.09 -35.36
N GLY B 444 -34.02 -28.78 -34.13
CA GLY B 444 -34.02 -27.42 -33.63
C GLY B 444 -35.08 -27.20 -32.58
N ASN B 445 -34.67 -26.88 -31.36
CA ASN B 445 -35.60 -26.58 -30.28
C ASN B 445 -35.82 -25.07 -30.24
N TYR B 446 -36.99 -24.64 -30.70
CA TYR B 446 -37.31 -23.23 -30.83
C TYR B 446 -38.31 -22.76 -29.78
N ASN B 447 -38.47 -23.52 -28.70
CA ASN B 447 -39.46 -23.18 -27.68
C ASN B 447 -39.01 -22.02 -26.78
N TYR B 448 -37.72 -21.69 -26.78
CA TYR B 448 -37.18 -20.65 -25.91
C TYR B 448 -36.99 -19.39 -26.73
N LEU B 449 -37.59 -18.28 -26.30
CA LEU B 449 -37.56 -17.04 -27.04
C LEU B 449 -37.02 -15.92 -26.18
N TYR B 450 -36.38 -14.94 -26.82
CA TYR B 450 -35.84 -13.78 -26.13
C TYR B 450 -36.33 -12.50 -26.80
N ARG B 451 -36.36 -11.42 -26.00
CA ARG B 451 -36.81 -10.11 -26.48
C ARG B 451 -35.61 -9.41 -27.12
N LEU B 452 -35.54 -9.47 -28.46
CA LEU B 452 -34.47 -8.79 -29.17
C LEU B 452 -34.64 -7.27 -29.14
N PHE B 453 -35.87 -6.78 -29.27
CA PHE B 453 -36.14 -5.36 -29.41
C PHE B 453 -37.10 -4.85 -28.34
N ARG B 454 -36.75 -3.72 -27.74
CA ARG B 454 -37.60 -3.02 -26.79
C ARG B 454 -37.24 -1.55 -26.81
N LYS B 455 -38.21 -0.70 -26.45
CA LYS B 455 -37.96 0.75 -26.45
C LYS B 455 -36.99 1.15 -25.34
N SER B 456 -37.11 0.54 -24.16
CA SER B 456 -36.29 0.94 -23.02
C SER B 456 -35.81 -0.30 -22.26
N ASN B 457 -34.77 -0.10 -21.48
CA ASN B 457 -34.22 -1.18 -20.66
C ASN B 457 -35.17 -1.50 -19.51
N LEU B 458 -35.14 -2.76 -19.08
CA LEU B 458 -36.02 -3.19 -17.99
C LEU B 458 -35.47 -2.77 -16.64
N LYS B 459 -36.34 -2.84 -15.65
CA LYS B 459 -36.01 -2.61 -14.25
C LYS B 459 -35.49 -3.91 -13.64
N PRO B 460 -34.83 -3.85 -12.48
CA PRO B 460 -34.45 -5.09 -11.77
C PRO B 460 -35.65 -5.97 -11.41
N PHE B 461 -35.46 -7.29 -11.59
CA PHE B 461 -36.48 -8.32 -11.31
C PHE B 461 -37.76 -8.07 -12.11
N GLU B 462 -37.60 -7.63 -13.36
CA GLU B 462 -38.73 -7.36 -14.24
C GLU B 462 -38.81 -8.30 -15.43
N ARG B 463 -40.02 -8.78 -15.69
CA ARG B 463 -40.34 -9.67 -16.80
C ARG B 463 -41.23 -8.93 -17.78
N ASP B 464 -40.91 -9.01 -19.07
CA ASP B 464 -41.74 -8.42 -20.11
C ASP B 464 -42.22 -9.53 -21.05
N ILE B 465 -43.53 -9.78 -21.07
CA ILE B 465 -44.07 -10.79 -21.98
C ILE B 465 -45.03 -10.20 -23.01
N SER B 466 -45.05 -8.88 -23.17
CA SER B 466 -46.00 -8.26 -24.08
C SER B 466 -45.57 -8.49 -25.53
N THR B 467 -46.43 -9.14 -26.31
CA THR B 467 -46.14 -9.44 -27.70
C THR B 467 -46.67 -8.35 -28.64
N GLU B 468 -46.23 -7.12 -28.38
CA GLU B 468 -46.58 -5.99 -29.23
C GLU B 468 -45.44 -5.76 -30.21
N ILE B 469 -45.78 -5.22 -31.39
CA ILE B 469 -44.76 -4.98 -32.40
C ILE B 469 -43.88 -3.80 -31.97
N TYR B 470 -42.66 -3.77 -32.49
CA TYR B 470 -41.71 -2.71 -32.19
C TYR B 470 -41.57 -1.82 -33.41
N GLN B 471 -41.47 -0.50 -33.18
CA GLN B 471 -41.23 0.46 -34.24
C GLN B 471 -39.75 0.82 -34.27
N ALA B 472 -39.03 0.33 -35.27
CA ALA B 472 -37.61 0.60 -35.40
C ALA B 472 -37.29 1.83 -36.23
N GLY B 473 -38.29 2.43 -36.88
CA GLY B 473 -38.07 3.56 -37.76
C GLY B 473 -39.00 4.71 -37.47
N ASN B 474 -38.95 5.75 -38.31
CA ASN B 474 -39.88 6.87 -38.15
C ASN B 474 -41.32 6.45 -38.42
N LYS B 475 -41.52 5.54 -39.37
CA LYS B 475 -42.87 5.15 -39.77
C LYS B 475 -43.53 4.26 -38.72
N PRO B 476 -44.77 4.56 -38.32
CA PRO B 476 -45.49 3.67 -37.40
C PRO B 476 -45.82 2.34 -38.06
N CYS B 477 -45.88 1.29 -37.24
CA CYS B 477 -46.07 -0.06 -37.75
C CYS B 477 -47.51 -0.53 -37.70
N ASN B 478 -48.30 0.00 -36.75
CA ASN B 478 -49.74 -0.27 -36.59
C ASN B 478 -50.02 -1.75 -36.34
N GLY B 479 -49.11 -2.44 -35.66
CA GLY B 479 -49.33 -3.83 -35.31
C GLY B 479 -49.10 -4.83 -36.42
N VAL B 480 -48.60 -4.38 -37.57
CA VAL B 480 -48.39 -5.24 -38.74
C VAL B 480 -46.91 -5.24 -39.08
N ALA B 481 -46.36 -6.42 -39.34
CA ALA B 481 -44.96 -6.54 -39.73
C ALA B 481 -44.73 -5.99 -41.14
N GLY B 482 -43.48 -5.62 -41.41
CA GLY B 482 -43.13 -5.04 -42.69
C GLY B 482 -41.72 -4.49 -42.67
N PHE B 483 -41.49 -3.46 -43.49
CA PHE B 483 -40.19 -2.81 -43.53
C PHE B 483 -39.94 -2.08 -42.22
N ASN B 484 -38.83 -2.41 -41.56
CA ASN B 484 -38.38 -1.84 -40.28
C ASN B 484 -39.37 -2.10 -39.15
N CYS B 485 -40.20 -3.13 -39.28
CA CYS B 485 -41.15 -3.55 -38.26
C CYS B 485 -40.88 -5.02 -37.98
N TYR B 486 -40.35 -5.33 -36.80
CA TYR B 486 -39.94 -6.68 -36.48
C TYR B 486 -40.58 -7.13 -35.17
N PHE B 487 -40.79 -8.44 -35.05
CA PHE B 487 -41.32 -8.99 -33.82
C PHE B 487 -40.22 -8.95 -32.74
N PRO B 488 -40.57 -8.57 -31.51
CA PRO B 488 -39.53 -8.48 -30.47
C PRO B 488 -38.98 -9.82 -30.01
N LEU B 489 -39.77 -10.88 -30.06
CA LEU B 489 -39.38 -12.17 -29.52
C LEU B 489 -38.90 -13.10 -30.62
N ARG B 490 -37.64 -13.52 -30.54
CA ARG B 490 -37.07 -14.47 -31.48
C ARG B 490 -36.58 -15.70 -30.74
N SER B 491 -36.68 -16.86 -31.41
CA SER B 491 -36.33 -18.13 -30.81
C SER B 491 -34.87 -18.50 -31.03
N TYR B 492 -34.31 -19.20 -30.04
CA TYR B 492 -32.95 -19.72 -30.16
C TYR B 492 -32.93 -20.98 -31.03
N SER B 493 -31.90 -21.10 -31.86
CA SER B 493 -31.72 -22.30 -32.68
C SER B 493 -30.85 -23.31 -31.95
N PHE B 494 -31.44 -24.00 -30.97
CA PHE B 494 -30.69 -24.93 -30.15
C PHE B 494 -30.54 -26.25 -30.89
N ARG B 495 -29.31 -26.63 -31.21
CA ARG B 495 -29.05 -27.94 -31.81
C ARG B 495 -27.92 -28.65 -31.05
N PRO B 496 -28.00 -29.97 -30.93
CA PRO B 496 -26.93 -30.73 -30.24
C PRO B 496 -25.58 -30.69 -30.96
N THR B 497 -25.55 -30.40 -32.26
CA THR B 497 -24.30 -30.44 -32.99
C THR B 497 -23.37 -29.28 -32.67
N TYR B 498 -23.87 -28.21 -32.05
CA TYR B 498 -23.02 -27.06 -31.77
C TYR B 498 -22.03 -27.37 -30.65
N GLY B 499 -20.93 -26.62 -30.66
CA GLY B 499 -19.89 -26.74 -29.65
C GLY B 499 -20.31 -25.98 -28.41
N VAL B 500 -19.44 -26.03 -27.39
CA VAL B 500 -19.74 -25.30 -26.16
C VAL B 500 -19.77 -23.81 -26.45
N GLY B 501 -20.57 -23.08 -25.68
CA GLY B 501 -20.74 -21.67 -25.94
C GLY B 501 -22.06 -21.35 -26.61
N HIS B 502 -22.67 -22.32 -27.29
CA HIS B 502 -23.95 -22.16 -27.94
C HIS B 502 -24.99 -23.15 -27.45
N GLN B 503 -24.58 -24.17 -26.70
CA GLN B 503 -25.49 -25.17 -26.19
C GLN B 503 -26.43 -24.54 -25.15
N PRO B 504 -27.65 -25.06 -24.99
CA PRO B 504 -28.59 -24.46 -24.02
C PRO B 504 -28.13 -24.66 -22.59
N TYR B 505 -28.19 -23.59 -21.80
CA TYR B 505 -27.85 -23.62 -20.39
C TYR B 505 -29.04 -23.15 -19.55
N ARG B 506 -29.36 -23.93 -18.53
CA ARG B 506 -30.41 -23.60 -17.59
C ARG B 506 -29.83 -22.76 -16.47
N VAL B 507 -30.41 -21.59 -16.23
CA VAL B 507 -29.94 -20.65 -15.21
C VAL B 507 -31.07 -20.39 -14.22
N VAL B 508 -30.76 -20.57 -12.93
CA VAL B 508 -31.66 -20.28 -11.82
C VAL B 508 -30.99 -19.25 -10.93
N VAL B 509 -31.70 -18.15 -10.64
CA VAL B 509 -31.20 -17.07 -9.80
C VAL B 509 -31.94 -17.14 -8.47
N LEU B 510 -31.20 -17.37 -7.38
CA LEU B 510 -31.75 -17.37 -6.04
C LEU B 510 -31.58 -16.01 -5.41
N SER B 511 -32.70 -15.41 -5.00
CA SER B 511 -32.75 -14.08 -4.40
C SER B 511 -33.23 -14.23 -2.95
N PHE B 512 -32.53 -13.54 -2.04
CA PHE B 512 -32.78 -13.56 -0.61
C PHE B 512 -32.89 -12.14 -0.08
N GLU B 513 -33.17 -12.02 1.22
CA GLU B 513 -33.05 -10.76 1.94
C GLU B 513 -32.23 -11.07 3.20
N LEU B 514 -31.48 -10.09 3.69
CA LEU B 514 -30.58 -10.33 4.82
C LEU B 514 -31.09 -9.75 6.13
N LEU B 515 -31.67 -10.59 6.99
CA LEU B 515 -31.96 -10.36 8.41
C LEU B 515 -33.00 -9.27 8.70
N HIS B 516 -33.55 -8.57 7.69
CA HIS B 516 -34.39 -7.41 7.96
C HIS B 516 -35.87 -7.74 8.10
N ALA B 517 -36.22 -9.01 8.29
CA ALA B 517 -37.61 -9.41 8.44
C ALA B 517 -37.63 -10.74 9.20
N PRO B 518 -38.79 -11.16 9.71
CA PRO B 518 -38.91 -12.52 10.27
C PRO B 518 -38.59 -13.56 9.20
N ALA B 519 -37.75 -14.53 9.55
CA ALA B 519 -37.27 -15.50 8.57
C ALA B 519 -38.10 -16.77 8.56
N THR B 520 -38.29 -17.33 7.37
CA THR B 520 -39.05 -18.56 7.17
C THR B 520 -38.26 -19.70 6.54
N VAL B 521 -37.11 -19.43 5.94
CA VAL B 521 -36.26 -20.47 5.35
C VAL B 521 -34.97 -20.50 6.16
N CYS B 522 -34.62 -21.67 6.68
CA CYS B 522 -33.48 -21.79 7.57
C CYS B 522 -32.65 -23.00 7.19
N GLY B 523 -31.44 -23.05 7.76
CA GLY B 523 -30.55 -24.17 7.55
C GLY B 523 -30.89 -25.33 8.46
N PRO B 524 -30.18 -26.45 8.26
CA PRO B 524 -30.49 -27.67 9.02
C PRO B 524 -30.05 -27.66 10.48
N LYS B 525 -29.52 -26.53 10.98
CA LYS B 525 -29.04 -26.45 12.35
C LYS B 525 -30.16 -26.64 13.35
N LYS B 526 -29.88 -27.42 14.40
CA LYS B 526 -30.90 -27.78 15.37
C LYS B 526 -31.08 -26.71 16.44
N SER B 527 -32.32 -26.54 16.88
CA SER B 527 -32.62 -25.59 17.94
C SER B 527 -32.26 -26.16 19.30
N THR B 528 -31.68 -25.32 20.15
CA THR B 528 -31.28 -25.69 21.50
C THR B 528 -32.28 -25.03 22.45
N ASN B 529 -32.23 -25.36 23.74
CA ASN B 529 -33.09 -24.76 24.75
C ASN B 529 -32.57 -23.37 25.11
N LEU B 530 -33.43 -22.57 25.74
CA LEU B 530 -33.09 -21.23 26.16
C LEU B 530 -32.68 -21.22 27.63
N VAL B 531 -31.64 -20.46 27.96
CA VAL B 531 -31.15 -20.31 29.32
C VAL B 531 -31.23 -18.84 29.74
N LYS B 532 -31.67 -18.60 30.97
CA LYS B 532 -31.86 -17.26 31.49
C LYS B 532 -30.73 -16.87 32.45
N ASN B 533 -30.43 -15.57 32.47
CA ASN B 533 -29.48 -14.94 33.41
C ASN B 533 -28.05 -15.49 33.34
N LYS B 534 -27.62 -15.99 32.18
CA LYS B 534 -26.26 -16.46 32.06
C LYS B 534 -25.63 -15.97 30.76
N CYS B 535 -24.31 -15.78 30.79
CA CYS B 535 -23.59 -15.28 29.64
C CYS B 535 -23.46 -16.42 28.65
N VAL B 536 -24.10 -16.29 27.48
CA VAL B 536 -24.04 -17.29 26.43
C VAL B 536 -23.81 -16.63 25.09
N ASN B 537 -23.24 -17.39 24.17
CA ASN B 537 -23.05 -16.98 22.79
C ASN B 537 -24.20 -17.61 21.99
N PHE B 538 -25.15 -16.78 21.61
CA PHE B 538 -26.39 -17.23 20.97
C PHE B 538 -26.36 -16.95 19.46
N ASN B 539 -27.19 -17.70 18.75
CA ASN B 539 -27.39 -17.54 17.31
C ASN B 539 -28.90 -17.58 17.10
N PHE B 540 -29.50 -16.40 16.91
CA PHE B 540 -30.92 -16.28 16.63
C PHE B 540 -31.10 -15.95 15.16
N ASN B 541 -31.54 -16.94 14.37
CA ASN B 541 -31.86 -16.80 12.94
C ASN B 541 -30.71 -16.22 12.13
N GLY B 542 -29.48 -16.59 12.49
CA GLY B 542 -28.31 -16.13 11.78
C GLY B 542 -27.67 -14.92 12.42
N LEU B 543 -28.25 -14.38 13.50
CA LEU B 543 -27.70 -13.25 14.22
C LEU B 543 -26.94 -13.80 15.43
N LYS B 544 -25.62 -13.59 15.43
CA LYS B 544 -24.76 -14.10 16.49
C LYS B 544 -24.44 -13.00 17.49
N GLY B 545 -24.48 -13.35 18.77
CA GLY B 545 -24.11 -12.39 19.80
C GLY B 545 -23.70 -13.09 21.07
N THR B 546 -23.01 -12.35 21.95
CA THR B 546 -22.64 -12.87 23.25
C THR B 546 -23.24 -11.98 24.33
N GLY B 547 -24.12 -12.54 25.15
CA GLY B 547 -24.79 -11.73 26.14
C GLY B 547 -25.59 -12.59 27.10
N VAL B 548 -26.24 -11.91 28.04
CA VAL B 548 -27.14 -12.54 29.00
C VAL B 548 -28.56 -12.26 28.53
N LEU B 549 -29.38 -13.32 28.46
CA LEU B 549 -30.76 -13.20 28.04
C LEU B 549 -31.62 -13.11 29.29
N THR B 550 -32.39 -12.04 29.41
CA THR B 550 -33.20 -11.79 30.58
C THR B 550 -34.63 -11.50 30.17
N GLU B 551 -35.52 -11.50 31.15
CA GLU B 551 -36.91 -11.14 30.91
C GLU B 551 -36.98 -9.65 30.59
N SER B 552 -37.98 -9.25 29.81
CA SER B 552 -38.09 -7.86 29.43
C SER B 552 -39.50 -7.34 29.69
N ASN B 553 -39.59 -6.03 29.84
CA ASN B 553 -40.86 -5.36 30.06
C ASN B 553 -41.18 -4.42 28.90
N LYS B 554 -40.57 -4.63 27.75
CA LYS B 554 -40.74 -3.77 26.59
C LYS B 554 -41.93 -4.29 25.80
N LYS B 555 -42.94 -3.45 25.59
CA LYS B 555 -44.16 -3.89 24.93
C LYS B 555 -43.97 -3.85 23.41
N PHE B 556 -43.46 -4.96 22.87
CA PHE B 556 -43.27 -5.05 21.43
C PHE B 556 -44.61 -5.17 20.73
N LEU B 557 -44.72 -4.51 19.58
CA LEU B 557 -45.89 -4.64 18.74
C LEU B 557 -45.81 -5.96 17.96
N PRO B 558 -46.96 -6.50 17.50
CA PRO B 558 -46.96 -7.80 16.81
C PRO B 558 -46.03 -7.91 15.60
N PHE B 559 -45.91 -6.87 14.78
CA PHE B 559 -44.97 -6.92 13.66
C PHE B 559 -43.52 -6.95 14.16
N GLN B 560 -43.24 -6.23 15.26
CA GLN B 560 -41.87 -6.05 15.75
C GLN B 560 -41.25 -7.36 16.22
N GLN B 561 -40.01 -7.60 15.80
CA GLN B 561 -39.29 -8.80 16.18
C GLN B 561 -38.11 -8.47 17.09
N PHE B 562 -37.20 -7.60 16.67
CA PHE B 562 -36.03 -7.31 17.47
C PHE B 562 -35.96 -5.80 17.75
N GLY B 563 -34.98 -5.43 18.57
CA GLY B 563 -34.83 -4.05 19.00
C GLY B 563 -33.38 -3.63 18.84
N ARG B 564 -33.18 -2.33 18.64
CA ARG B 564 -31.84 -1.80 18.41
C ARG B 564 -31.61 -0.62 19.33
N ASP B 565 -30.39 -0.53 19.86
CA ASP B 565 -29.98 0.53 20.78
C ASP B 565 -29.46 1.72 19.98
N ILE B 566 -28.82 2.67 20.67
CA ILE B 566 -28.28 3.86 20.01
C ILE B 566 -27.22 3.46 19.00
N ALA B 567 -26.40 2.47 19.34
CA ALA B 567 -25.30 1.99 18.53
C ALA B 567 -25.75 1.15 17.33
N ASP B 568 -27.03 0.74 17.28
CA ASP B 568 -27.74 -0.11 16.29
C ASP B 568 -27.49 -1.59 16.54
N THR B 569 -26.76 -1.95 17.59
CA THR B 569 -26.61 -3.35 17.96
C THR B 569 -27.88 -3.87 18.62
N THR B 570 -28.20 -5.13 18.37
CA THR B 570 -29.44 -5.71 18.87
C THR B 570 -29.46 -5.78 20.40
N ASP B 571 -30.53 -5.27 21.01
CA ASP B 571 -30.66 -5.23 22.46
C ASP B 571 -31.75 -6.15 22.97
N ALA B 572 -32.70 -6.52 22.12
CA ALA B 572 -33.79 -7.42 22.46
C ALA B 572 -34.14 -8.20 21.20
N VAL B 573 -34.65 -9.41 21.38
CA VAL B 573 -34.96 -10.27 20.25
C VAL B 573 -36.22 -11.06 20.58
N ARG B 574 -36.93 -11.50 19.55
CA ARG B 574 -38.08 -12.36 19.76
C ARG B 574 -37.66 -13.77 19.38
N ASP B 575 -37.72 -14.68 20.32
CA ASP B 575 -37.23 -16.03 20.06
C ASP B 575 -38.23 -16.80 19.21
N PRO B 576 -37.78 -17.59 18.24
CA PRO B 576 -38.71 -18.47 17.53
C PRO B 576 -39.18 -19.59 18.45
N GLN B 577 -40.21 -20.30 17.98
CA GLN B 577 -40.90 -21.45 18.60
C GLN B 577 -41.81 -20.99 19.75
N THR B 578 -41.34 -20.05 20.58
CA THR B 578 -42.06 -19.64 21.77
C THR B 578 -42.63 -18.23 21.66
N LEU B 579 -42.13 -17.41 20.73
CA LEU B 579 -42.56 -16.05 20.39
C LEU B 579 -42.34 -15.04 21.51
N GLU B 580 -41.65 -15.42 22.58
CA GLU B 580 -41.41 -14.54 23.72
C GLU B 580 -40.34 -13.51 23.34
N ILE B 581 -40.32 -12.40 24.07
CA ILE B 581 -39.35 -11.33 23.85
C ILE B 581 -38.29 -11.37 24.95
N LEU B 582 -37.05 -11.61 24.55
CA LEU B 582 -35.92 -11.72 25.46
C LEU B 582 -35.03 -10.49 25.34
N ASP B 583 -34.72 -9.88 26.48
CA ASP B 583 -33.79 -8.76 26.51
C ASP B 583 -32.36 -9.29 26.46
N ILE B 584 -31.51 -8.61 25.69
CA ILE B 584 -30.11 -8.98 25.55
C ILE B 584 -29.26 -7.92 26.23
N THR B 585 -28.52 -8.31 27.26
CA THR B 585 -27.64 -7.37 27.94
C THR B 585 -26.21 -7.88 27.80
N PRO B 586 -25.25 -7.04 27.43
CA PRO B 586 -23.86 -7.50 27.33
C PRO B 586 -23.32 -7.98 28.67
N CYS B 587 -22.43 -8.97 28.60
CA CYS B 587 -21.89 -9.62 29.79
C CYS B 587 -21.05 -8.65 30.61
N SER B 588 -20.92 -8.95 31.90
CA SER B 588 -20.22 -8.09 32.85
C SER B 588 -18.77 -7.84 32.43
N PHE B 589 -18.37 -6.58 32.48
CA PHE B 589 -17.01 -6.19 32.11
C PHE B 589 -16.62 -4.94 32.86
N GLY B 590 -15.32 -4.68 32.88
CA GLY B 590 -14.79 -3.54 33.60
C GLY B 590 -13.29 -3.50 33.45
N GLY B 591 -12.71 -2.41 33.91
CA GLY B 591 -11.27 -2.25 33.86
C GLY B 591 -10.62 -2.80 35.11
N VAL B 592 -9.47 -3.45 34.95
CA VAL B 592 -8.71 -3.96 36.07
C VAL B 592 -7.54 -3.03 36.29
N SER B 593 -7.43 -2.50 37.50
CA SER B 593 -6.31 -1.65 37.89
C SER B 593 -5.52 -2.37 38.96
N VAL B 594 -4.20 -2.42 38.79
CA VAL B 594 -3.34 -3.09 39.75
C VAL B 594 -2.69 -2.04 40.64
N ILE B 595 -3.12 -2.00 41.90
CA ILE B 595 -2.56 -1.10 42.89
C ILE B 595 -1.35 -1.80 43.48
N THR B 596 -0.19 -1.18 43.37
CA THR B 596 1.01 -1.81 43.89
C THR B 596 1.98 -0.75 44.41
N PRO B 597 2.76 -1.08 45.44
CA PRO B 597 3.88 -0.22 45.80
C PRO B 597 5.06 -0.52 44.87
N GLY B 598 6.22 0.06 45.11
CA GLY B 598 7.38 -0.27 44.30
C GLY B 598 7.78 -1.72 44.47
N THR B 599 8.35 -2.29 43.40
CA THR B 599 8.94 -3.63 43.50
C THR B 599 10.17 -3.65 44.40
N ASN B 600 10.80 -2.48 44.62
CA ASN B 600 11.89 -2.40 45.58
C ASN B 600 11.39 -2.69 46.98
N THR B 601 10.18 -2.24 47.31
CA THR B 601 9.64 -2.40 48.65
C THR B 601 8.96 -3.76 48.84
N SER B 602 8.04 -4.13 47.94
CA SER B 602 7.27 -5.35 48.11
C SER B 602 6.72 -5.80 46.77
N ASN B 603 6.29 -7.06 46.73
CA ASN B 603 5.69 -7.64 45.53
C ASN B 603 4.19 -7.84 45.67
N GLN B 604 3.59 -7.40 46.77
CA GLN B 604 2.16 -7.56 46.97
C GLN B 604 1.39 -6.59 46.09
N VAL B 605 0.25 -7.05 45.55
CA VAL B 605 -0.60 -6.23 44.70
C VAL B 605 -2.05 -6.38 45.14
N ALA B 606 -2.85 -5.38 44.77
CA ALA B 606 -4.29 -5.43 44.94
C ALA B 606 -4.92 -5.10 43.60
N VAL B 607 -6.14 -5.58 43.36
CA VAL B 607 -6.80 -5.37 42.07
C VAL B 607 -8.12 -4.64 42.28
N LEU B 608 -8.36 -3.65 41.44
CA LEU B 608 -9.62 -2.91 41.44
C LEU B 608 -10.36 -3.22 40.16
N TYR B 609 -11.59 -3.73 40.29
CA TYR B 609 -12.47 -3.95 39.15
C TYR B 609 -13.38 -2.73 39.09
N GLN B 610 -13.19 -1.91 38.08
CA GLN B 610 -13.89 -0.63 37.98
C GLN B 610 -15.34 -0.83 37.56
N GLY B 611 -16.26 -0.19 38.29
CA GLY B 611 -17.67 -0.20 37.93
C GLY B 611 -18.32 -1.55 38.00
N VAL B 612 -17.78 -2.46 38.80
CA VAL B 612 -18.29 -3.81 38.94
C VAL B 612 -18.55 -4.07 40.42
N ASN B 613 -19.76 -4.51 40.75
CA ASN B 613 -20.10 -4.84 42.13
C ASN B 613 -19.34 -6.09 42.54
N CYS B 614 -19.09 -6.21 43.85
CA CYS B 614 -18.25 -7.28 44.37
C CYS B 614 -18.87 -8.67 44.23
N THR B 615 -20.18 -8.77 44.02
CA THR B 615 -20.83 -10.07 43.98
C THR B 615 -20.84 -10.69 42.59
N GLU B 616 -20.33 -9.99 41.57
CA GLU B 616 -20.26 -10.51 40.21
C GLU B 616 -18.82 -10.72 39.75
N VAL B 617 -17.89 -10.90 40.67
CA VAL B 617 -16.52 -11.22 40.31
C VAL B 617 -16.01 -12.39 41.15
N ASN B 638 -10.27 -10.27 52.04
CA ASN B 638 -10.01 -8.84 51.80
C ASN B 638 -10.77 -8.35 50.58
N VAL B 639 -12.09 -8.27 50.71
CA VAL B 639 -12.97 -7.78 49.65
C VAL B 639 -13.62 -6.49 50.17
N PHE B 640 -13.47 -5.41 49.41
CA PHE B 640 -14.05 -4.13 49.83
C PHE B 640 -14.80 -3.51 48.67
N GLN B 641 -16.03 -3.06 48.90
CA GLN B 641 -16.84 -2.45 47.87
C GLN B 641 -16.70 -0.93 47.93
N THR B 642 -16.25 -0.33 46.83
CA THR B 642 -16.12 1.11 46.70
C THR B 642 -17.00 1.60 45.56
N ARG B 643 -17.21 2.91 45.52
CA ARG B 643 -17.95 3.52 44.41
C ARG B 643 -17.19 3.34 43.10
N ALA B 644 -15.85 3.36 43.17
CA ALA B 644 -15.02 3.17 42.00
C ALA B 644 -15.15 1.75 41.45
N GLY B 645 -15.33 0.78 42.34
CA GLY B 645 -15.49 -0.61 41.97
C GLY B 645 -15.14 -1.51 43.14
N CYS B 646 -14.91 -2.78 42.82
CA CYS B 646 -14.59 -3.76 43.86
C CYS B 646 -13.08 -3.86 44.01
N LEU B 647 -12.59 -3.75 45.25
CA LEU B 647 -11.16 -3.81 45.54
C LEU B 647 -10.86 -5.13 46.24
N ILE B 648 -9.97 -5.92 45.65
CA ILE B 648 -9.58 -7.23 46.16
C ILE B 648 -8.12 -7.14 46.58
N GLY B 649 -7.83 -7.56 47.80
CA GLY B 649 -6.47 -7.64 48.26
C GLY B 649 -6.04 -6.53 49.21
N ALA B 650 -6.89 -5.52 49.40
CA ALA B 650 -6.63 -4.45 50.35
C ALA B 650 -7.66 -4.50 51.47
N GLU B 651 -7.23 -4.17 52.68
CA GLU B 651 -8.09 -4.21 53.86
C GLU B 651 -8.46 -2.80 54.26
N TYR B 652 -9.76 -2.54 54.37
CA TYR B 652 -10.22 -1.21 54.74
C TYR B 652 -9.88 -0.92 56.19
N VAL B 653 -9.32 0.25 56.45
CA VAL B 653 -8.96 0.70 57.78
C VAL B 653 -9.73 1.97 58.08
N ASN B 654 -10.42 2.00 59.22
CA ASN B 654 -11.23 3.17 59.58
C ASN B 654 -10.38 4.39 59.90
N ASN B 655 -9.08 4.24 60.13
CA ASN B 655 -8.19 5.37 60.33
C ASN B 655 -8.01 6.13 59.04
N SER B 656 -7.75 7.43 59.16
CA SER B 656 -7.58 8.30 57.99
C SER B 656 -6.14 8.75 57.90
N TYR B 657 -5.56 8.62 56.71
CA TYR B 657 -4.20 9.05 56.44
C TYR B 657 -4.20 9.89 55.17
N GLU B 658 -3.03 10.41 54.81
CA GLU B 658 -2.92 11.15 53.57
C GLU B 658 -2.96 10.18 52.40
N CYS B 659 -3.30 10.71 51.22
CA CYS B 659 -3.45 9.86 50.05
C CYS B 659 -2.07 9.47 49.52
N ASP B 660 -1.84 8.17 49.39
CA ASP B 660 -0.59 7.66 48.84
C ASP B 660 -0.80 7.16 47.43
N ILE B 661 -1.73 6.24 47.23
CA ILE B 661 -2.11 5.77 45.91
C ILE B 661 -3.60 6.08 45.76
N PRO B 662 -3.99 6.94 44.83
CA PRO B 662 -5.41 7.30 44.70
C PRO B 662 -6.23 6.19 44.06
N ILE B 663 -7.34 5.84 44.70
CA ILE B 663 -8.26 4.82 44.19
C ILE B 663 -9.47 5.49 43.57
N GLY B 664 -10.04 6.46 44.28
CA GLY B 664 -11.24 7.13 43.80
C GLY B 664 -12.33 7.19 44.83
N ALA B 665 -13.24 8.17 44.68
CA ALA B 665 -14.40 8.37 45.55
C ALA B 665 -13.99 8.54 47.01
N GLY B 666 -12.87 9.22 47.22
CA GLY B 666 -12.39 9.46 48.56
C GLY B 666 -11.54 8.36 49.12
N ILE B 667 -11.37 7.28 48.39
CA ILE B 667 -10.64 6.11 48.86
C ILE B 667 -9.24 6.17 48.27
N CYS B 668 -8.24 5.93 49.13
CA CYS B 668 -6.84 5.89 48.75
C CYS B 668 -6.23 4.63 49.34
N ALA B 669 -5.11 4.20 48.79
CA ALA B 669 -4.45 2.98 49.25
C ALA B 669 -3.00 3.26 49.63
N SER B 670 -2.48 2.44 50.53
CA SER B 670 -1.10 2.59 50.98
C SER B 670 -0.56 1.22 51.39
N TYR B 671 0.75 1.17 51.59
CA TYR B 671 1.44 -0.03 52.08
C TYR B 671 1.98 0.25 53.47
N GLN B 672 1.64 -0.61 54.41
CA GLN B 672 2.15 -0.51 55.78
C GLN B 672 2.58 -1.86 56.32
N SER B 688 1.24 -5.27 54.52
CA SER B 688 0.04 -5.46 53.71
C SER B 688 -0.44 -4.12 53.15
N ILE B 689 -1.31 -4.18 52.14
CA ILE B 689 -1.86 -2.98 51.52
C ILE B 689 -3.19 -2.66 52.19
N ILE B 690 -3.31 -1.43 52.68
CA ILE B 690 -4.52 -0.95 53.35
C ILE B 690 -5.22 0.06 52.46
N ALA B 691 -6.53 0.14 52.60
CA ALA B 691 -7.36 1.11 51.91
C ALA B 691 -8.08 1.95 52.95
N TYR B 692 -8.14 3.26 52.72
CA TYR B 692 -8.73 4.15 53.71
C TYR B 692 -9.37 5.34 53.03
N THR B 693 -10.18 6.06 53.80
CA THR B 693 -10.73 7.33 53.35
C THR B 693 -9.67 8.40 53.59
N MET B 694 -9.35 9.18 52.56
CA MET B 694 -8.26 10.14 52.65
C MET B 694 -8.58 11.27 53.61
N SER B 695 -7.58 11.67 54.40
CA SER B 695 -7.71 12.74 55.37
C SER B 695 -7.43 14.06 54.70
N LEU B 696 -8.40 14.98 54.75
CA LEU B 696 -8.20 16.30 54.15
C LEU B 696 -7.14 17.10 54.88
N GLY B 697 -7.13 17.01 56.21
CA GLY B 697 -6.13 17.70 56.99
C GLY B 697 -6.49 17.64 58.46
N ALA B 698 -5.65 18.29 59.26
CA ALA B 698 -5.87 18.35 60.69
C ALA B 698 -6.91 19.43 61.00
N GLU B 699 -7.82 19.11 61.92
CA GLU B 699 -8.81 20.09 62.33
C GLU B 699 -8.16 21.15 63.21
N ASN B 700 -8.55 22.40 62.99
CA ASN B 700 -8.00 23.53 63.73
C ASN B 700 -9.15 24.53 63.95
N SER B 701 -9.77 24.48 65.11
CA SER B 701 -10.85 25.41 65.41
C SER B 701 -10.22 26.72 65.89
N VAL B 702 -10.38 27.77 65.10
CA VAL B 702 -9.79 29.06 65.43
C VAL B 702 -10.64 29.71 66.52
N ALA B 703 -9.99 30.23 67.55
CA ALA B 703 -10.70 30.78 68.70
C ALA B 703 -11.15 32.19 68.36
N TYR B 704 -12.23 32.27 67.58
CA TYR B 704 -12.77 33.57 67.21
C TYR B 704 -13.59 34.15 68.35
N SER B 705 -13.35 35.42 68.65
CA SER B 705 -14.20 36.17 69.56
C SER B 705 -14.25 37.60 69.07
N ASN B 706 -15.22 38.36 69.58
CA ASN B 706 -15.45 39.70 69.08
C ASN B 706 -14.43 40.74 69.57
N ASN B 707 -13.57 40.41 70.54
CA ASN B 707 -12.67 41.42 71.07
C ASN B 707 -11.23 40.93 71.25
N SER B 708 -10.84 39.84 70.61
CA SER B 708 -9.51 39.28 70.76
C SER B 708 -8.81 39.21 69.42
N ILE B 709 -7.52 39.54 69.42
CA ILE B 709 -6.70 39.50 68.22
C ILE B 709 -5.45 38.69 68.54
N ALA B 710 -4.86 38.08 67.52
CA ALA B 710 -3.60 37.35 67.66
C ALA B 710 -2.55 38.10 66.87
N ILE B 711 -1.47 38.49 67.54
CA ILE B 711 -0.40 39.27 66.94
C ILE B 711 0.85 38.41 66.92
N PRO B 712 1.55 38.32 65.79
CA PRO B 712 2.81 37.57 65.76
C PRO B 712 3.91 38.29 66.54
N THR B 713 4.69 37.50 67.28
CA THR B 713 5.80 38.03 68.05
C THR B 713 7.14 37.64 67.46
N ASN B 714 7.15 36.89 66.36
CA ASN B 714 8.38 36.41 65.75
C ASN B 714 8.09 36.04 64.30
N PHE B 715 9.14 35.66 63.58
CA PHE B 715 8.99 35.33 62.18
C PHE B 715 9.99 34.27 61.76
N THR B 716 9.67 33.62 60.65
CA THR B 716 10.51 32.60 60.04
C THR B 716 10.75 33.01 58.60
N ILE B 717 12.01 33.06 58.19
CA ILE B 717 12.36 33.34 56.81
C ILE B 717 12.34 31.99 56.09
N SER B 718 11.30 31.75 55.30
CA SER B 718 11.13 30.47 54.64
C SER B 718 11.47 30.57 53.17
N VAL B 719 12.34 29.68 52.69
CA VAL B 719 12.67 29.58 51.29
C VAL B 719 12.02 28.32 50.75
N THR B 720 11.25 28.46 49.69
CA THR B 720 10.51 27.36 49.08
C THR B 720 10.89 27.25 47.60
N THR B 721 10.69 26.07 47.04
CA THR B 721 11.06 25.82 45.65
C THR B 721 9.81 25.74 44.79
N GLU B 722 9.88 26.34 43.61
CA GLU B 722 8.82 26.20 42.61
C GLU B 722 9.48 25.81 41.30
N ILE B 723 9.11 24.65 40.78
CA ILE B 723 9.71 24.10 39.56
C ILE B 723 8.73 24.28 38.42
N LEU B 724 9.15 24.97 37.36
CA LEU B 724 8.29 25.20 36.21
C LEU B 724 8.98 24.75 34.93
N PRO B 725 8.37 23.86 34.16
CA PRO B 725 8.92 23.52 32.83
C PRO B 725 8.80 24.70 31.88
N VAL B 726 9.84 24.89 31.05
CA VAL B 726 9.92 26.02 30.15
C VAL B 726 9.93 25.58 28.69
N SER B 727 10.69 24.54 28.35
CA SER B 727 10.86 24.12 26.98
C SER B 727 10.76 22.60 26.88
N MET B 728 10.59 22.11 25.67
CA MET B 728 10.55 20.69 25.37
C MET B 728 11.69 20.33 24.45
N THR B 729 11.77 19.04 24.13
CA THR B 729 12.76 18.57 23.18
C THR B 729 12.30 18.97 21.79
N LYS B 730 13.19 19.62 21.03
CA LYS B 730 12.86 20.07 19.68
C LYS B 730 13.04 18.90 18.74
N THR B 731 11.96 18.42 18.14
CA THR B 731 12.03 17.24 17.28
C THR B 731 11.69 17.62 15.85
N SER B 732 12.42 17.05 14.90
CA SER B 732 12.17 17.21 13.49
C SER B 732 12.01 15.81 12.90
N VAL B 733 11.01 15.62 12.05
CA VAL B 733 10.76 14.32 11.44
C VAL B 733 10.86 14.45 9.93
N ASP B 734 11.69 13.60 9.33
CA ASP B 734 11.80 13.47 7.89
C ASP B 734 10.65 12.58 7.45
N CYS B 735 9.66 13.18 6.77
CA CYS B 735 8.43 12.47 6.43
C CYS B 735 8.70 11.33 5.44
N THR B 736 9.53 11.60 4.43
CA THR B 736 9.87 10.60 3.43
C THR B 736 10.66 9.44 4.04
N MET B 737 11.64 9.75 4.89
CA MET B 737 12.47 8.70 5.48
C MET B 737 11.70 7.91 6.54
N TYR B 738 10.80 8.57 7.28
CA TYR B 738 10.03 7.85 8.27
C TYR B 738 9.04 6.91 7.60
N ILE B 739 8.27 7.41 6.63
CA ILE B 739 7.23 6.58 6.04
C ILE B 739 7.81 5.53 5.09
N CYS B 740 8.81 5.92 4.29
CA CYS B 740 9.27 5.05 3.22
C CYS B 740 10.67 4.50 3.38
N GLY B 741 11.48 5.05 4.28
CA GLY B 741 12.87 4.62 4.36
C GLY B 741 13.62 4.97 3.08
N ASP B 742 14.10 3.95 2.38
CA ASP B 742 14.91 4.14 1.19
C ASP B 742 14.24 3.68 -0.09
N SER B 743 12.98 3.29 -0.04
CA SER B 743 12.31 2.77 -1.23
C SER B 743 11.91 3.91 -2.16
N THR B 744 12.42 3.89 -3.39
CA THR B 744 12.09 4.94 -4.35
C THR B 744 10.64 4.86 -4.81
N GLU B 745 10.10 3.65 -4.96
CA GLU B 745 8.71 3.46 -5.38
C GLU B 745 7.76 3.96 -4.30
N CYS B 746 8.13 3.76 -3.03
CA CYS B 746 7.31 4.26 -1.93
C CYS B 746 7.26 5.78 -1.95
N SER B 747 8.39 6.43 -2.25
CA SER B 747 8.42 7.89 -2.31
C SER B 747 7.56 8.38 -3.47
N ASN B 748 7.59 7.66 -4.60
CA ASN B 748 6.78 8.02 -5.76
C ASN B 748 5.30 7.91 -5.42
N LEU B 749 4.93 6.84 -4.69
CA LEU B 749 3.55 6.69 -4.24
C LEU B 749 3.19 7.74 -3.19
N LEU B 750 4.16 8.13 -2.37
CA LEU B 750 3.95 9.10 -1.30
C LEU B 750 3.68 10.49 -1.85
N LEU B 751 4.25 10.80 -3.02
CA LEU B 751 4.05 12.10 -3.65
C LEU B 751 2.60 12.34 -4.03
N GLN B 752 1.80 11.28 -4.18
CA GLN B 752 0.40 11.39 -4.56
C GLN B 752 -0.45 11.99 -3.44
N TYR B 753 0.02 11.96 -2.20
CA TYR B 753 -0.74 12.45 -1.05
C TYR B 753 -0.65 13.95 -0.84
N GLY B 754 0.24 14.66 -1.54
CA GLY B 754 0.17 16.10 -1.44
C GLY B 754 1.03 16.68 -0.35
N SER B 755 0.46 17.64 0.38
CA SER B 755 1.18 18.42 1.38
C SER B 755 0.97 17.94 2.80
N PHE B 756 0.77 16.63 3.01
CA PHE B 756 0.73 16.13 4.38
C PHE B 756 2.11 16.25 5.04
N CYS B 757 3.16 15.93 4.27
CA CYS B 757 4.53 15.96 4.78
C CYS B 757 4.91 17.39 5.15
N THR B 758 4.51 18.35 4.30
CA THR B 758 4.79 19.76 4.55
C THR B 758 4.07 20.25 5.79
N GLN B 759 2.82 19.80 5.99
CA GLN B 759 2.06 20.19 7.17
C GLN B 759 2.72 19.68 8.45
N LEU B 760 3.15 18.42 8.45
CA LEU B 760 3.78 17.86 9.65
C LEU B 760 5.11 18.53 9.94
N LYS B 761 5.92 18.78 8.89
CA LYS B 761 7.21 19.44 9.07
C LYS B 761 7.01 20.87 9.56
N ARG B 762 6.01 21.57 9.02
CA ARG B 762 5.74 22.95 9.40
C ARG B 762 5.29 23.04 10.85
N ALA B 763 4.43 22.10 11.28
CA ALA B 763 3.96 22.08 12.66
C ALA B 763 5.11 21.81 13.62
N LEU B 764 5.98 20.84 13.28
CA LEU B 764 7.13 20.55 14.13
C LEU B 764 8.10 21.73 14.17
N THR B 765 8.29 22.41 13.03
CA THR B 765 9.16 23.58 12.98
C THR B 765 8.61 24.70 13.86
N GLY B 766 7.27 24.85 13.85
CA GLY B 766 6.63 25.85 14.70
C GLY B 766 6.84 25.55 16.17
N ILE B 767 6.71 24.27 16.55
CA ILE B 767 6.96 23.87 17.93
C ILE B 767 8.43 24.11 18.30
N ALA B 768 9.34 23.81 17.37
CA ALA B 768 10.78 23.95 17.62
C ALA B 768 11.16 25.40 17.84
N VAL B 769 10.64 26.31 17.02
CA VAL B 769 10.92 27.74 17.24
C VAL B 769 10.20 28.22 18.50
N GLU B 770 9.05 27.62 18.83
CA GLU B 770 8.29 28.03 20.00
C GLU B 770 9.07 27.74 21.28
N GLN B 771 9.79 26.61 21.32
CA GLN B 771 10.57 26.26 22.51
C GLN B 771 11.67 27.27 22.77
N ASP B 772 12.36 27.69 21.69
CA ASP B 772 13.41 28.69 21.81
C ASP B 772 12.82 30.04 22.24
N LYS B 773 11.64 30.37 21.71
CA LYS B 773 10.95 31.59 22.11
C LYS B 773 10.58 31.54 23.59
N ASN B 774 10.15 30.36 24.07
CA ASN B 774 9.79 30.18 25.47
C ASN B 774 10.99 30.39 26.38
N THR B 775 12.13 29.82 26.01
CA THR B 775 13.35 29.99 26.80
C THR B 775 13.80 31.45 26.78
N GLN B 776 13.68 32.11 25.62
CA GLN B 776 14.06 33.50 25.47
C GLN B 776 13.17 34.40 26.32
N GLU B 777 11.87 34.10 26.37
CA GLU B 777 10.94 34.88 27.17
C GLU B 777 11.21 34.71 28.66
N VAL B 778 11.46 33.47 29.10
CA VAL B 778 11.65 33.22 30.53
C VAL B 778 12.98 33.77 31.03
N PHE B 779 14.08 33.45 30.34
CA PHE B 779 15.39 33.79 30.91
C PHE B 779 15.98 35.09 30.40
N ALA B 780 15.73 35.48 29.16
CA ALA B 780 16.38 36.68 28.61
C ALA B 780 15.51 37.91 28.84
N GLN B 781 15.34 38.25 30.11
CA GLN B 781 14.53 39.39 30.51
C GLN B 781 15.38 40.59 30.87
N VAL B 782 16.70 40.47 30.79
CA VAL B 782 17.63 41.57 31.00
C VAL B 782 18.55 41.66 29.79
N LYS B 783 18.84 42.87 29.36
CA LYS B 783 19.75 43.09 28.25
C LYS B 783 21.14 43.48 28.71
N GLN B 784 21.37 43.54 30.03
CA GLN B 784 22.67 43.83 30.61
C GLN B 784 23.09 42.62 31.44
N ILE B 785 24.31 42.14 31.24
CA ILE B 785 24.82 41.00 32.00
C ILE B 785 25.48 41.55 33.26
N TYR B 786 24.75 41.50 34.38
CA TYR B 786 25.25 42.02 35.64
C TYR B 786 26.21 41.02 36.30
N LYS B 787 27.17 41.56 37.05
CA LYS B 787 28.13 40.75 37.79
C LYS B 787 28.18 41.17 39.25
N THR B 788 28.39 40.19 40.12
CA THR B 788 28.48 40.42 41.55
C THR B 788 29.83 41.02 41.90
N PRO B 789 29.94 41.76 43.01
CA PRO B 789 31.25 42.25 43.44
C PRO B 789 32.16 41.10 43.85
N PRO B 790 33.48 41.27 43.71
CA PRO B 790 34.40 40.20 44.17
C PRO B 790 34.31 39.91 45.66
N ILE B 791 34.14 40.92 46.50
CA ILE B 791 33.97 40.70 47.94
C ILE B 791 32.50 40.38 48.16
N LYS B 792 32.16 39.10 48.20
CA LYS B 792 30.76 38.69 48.31
C LYS B 792 30.30 38.66 49.76
N TYR B 793 30.23 39.84 50.36
CA TYR B 793 29.66 40.01 51.69
C TYR B 793 28.45 40.91 51.54
N PHE B 794 27.28 40.43 51.91
CA PHE B 794 26.04 41.17 51.71
C PHE B 794 25.26 41.35 53.00
N GLY B 795 25.97 41.65 54.09
CA GLY B 795 25.29 41.93 55.34
C GLY B 795 24.98 40.70 56.16
N GLY B 796 25.84 39.69 56.12
CA GLY B 796 25.59 38.44 56.79
C GLY B 796 24.82 37.43 55.95
N PHE B 797 24.33 37.84 54.79
CA PHE B 797 23.53 36.99 53.92
C PHE B 797 24.48 36.20 53.01
N ASN B 798 24.23 34.90 52.89
CA ASN B 798 25.11 34.00 52.17
C ASN B 798 24.37 33.54 50.91
N PHE B 799 25.00 33.77 49.75
CA PHE B 799 24.43 33.38 48.46
C PHE B 799 25.34 32.41 47.71
N SER B 800 26.19 31.67 48.43
CA SER B 800 27.12 30.76 47.77
C SER B 800 26.41 29.64 47.03
N GLN B 801 25.28 29.18 47.57
CA GLN B 801 24.58 28.05 46.98
C GLN B 801 23.86 28.43 45.68
N ILE B 802 23.65 29.73 45.44
CA ILE B 802 22.93 30.17 44.26
C ILE B 802 23.81 30.97 43.31
N LEU B 803 24.93 31.52 43.76
CA LEU B 803 25.82 32.22 42.86
C LEU B 803 26.65 31.19 42.10
N PRO B 804 27.16 31.52 40.90
CA PRO B 804 28.00 30.57 40.16
C PRO B 804 29.28 30.19 40.90
N ASP B 805 29.68 28.93 40.73
CA ASP B 805 30.86 28.40 41.36
C ASP B 805 32.05 28.58 40.42
N PRO B 806 33.08 29.33 40.81
CA PRO B 806 34.28 29.45 39.96
C PRO B 806 35.03 28.14 39.76
N SER B 807 35.00 27.23 40.73
CA SER B 807 35.74 25.97 40.63
C SER B 807 35.18 25.06 39.54
N LYS B 808 33.90 25.17 39.22
CA LYS B 808 33.30 24.25 38.27
C LYS B 808 33.43 24.78 36.85
N PRO B 809 33.76 23.90 35.90
CA PRO B 809 33.90 24.32 34.50
C PRO B 809 32.60 24.85 33.88
N SER B 810 31.45 24.40 34.36
CA SER B 810 30.18 24.79 33.78
C SER B 810 29.69 26.15 34.25
N LYS B 811 30.36 26.73 35.26
CA LYS B 811 30.03 28.05 35.84
C LYS B 811 28.62 28.07 36.43
N ARG B 812 28.21 26.96 37.02
CA ARG B 812 26.89 26.84 37.60
C ARG B 812 26.95 26.90 39.12
N SER B 813 25.80 27.19 39.71
CA SER B 813 25.68 27.22 41.16
C SER B 813 25.63 25.79 41.69
N PRO B 814 25.91 25.58 42.99
CA PRO B 814 25.71 24.23 43.57
C PRO B 814 24.30 23.71 43.45
N ILE B 815 23.30 24.57 43.65
CA ILE B 815 21.91 24.18 43.47
C ILE B 815 21.63 23.84 42.02
N GLU B 816 22.12 24.65 41.08
CA GLU B 816 21.90 24.41 39.66
C GLU B 816 22.58 23.13 39.20
N ASP B 817 23.80 22.89 39.73
CA ASP B 817 24.53 21.66 39.40
C ASP B 817 23.77 20.45 39.92
N LEU B 818 23.18 20.56 41.11
CA LEU B 818 22.37 19.49 41.67
C LEU B 818 21.14 19.25 40.80
N LEU B 819 20.52 20.33 40.30
CA LEU B 819 19.33 20.20 39.46
C LEU B 819 19.66 19.51 38.15
N PHE B 820 20.79 19.87 37.53
CA PHE B 820 21.21 19.22 36.29
C PHE B 820 21.59 17.76 36.53
N ASN B 821 22.18 17.44 37.68
CA ASN B 821 22.48 16.05 37.98
C ASN B 821 21.21 15.23 38.20
N LYS B 822 20.18 15.83 38.80
CA LYS B 822 19.01 15.05 39.18
C LYS B 822 18.01 14.85 38.05
N VAL B 823 18.19 15.49 36.90
CA VAL B 823 17.33 15.27 35.73
C VAL B 823 18.12 14.46 34.71
N THR B 824 17.55 13.33 34.28
CA THR B 824 18.24 12.45 33.35
C THR B 824 17.42 12.24 32.08
N LYS B 853 16.31 6.98 10.98
CA LYS B 853 14.92 6.54 11.06
C LYS B 853 14.01 7.71 10.75
N GLY B 854 14.64 8.79 10.28
CA GLY B 854 13.95 9.99 9.85
C GLY B 854 13.74 10.99 10.97
N LEU B 855 14.04 10.60 12.20
CA LEU B 855 13.80 11.39 13.39
C LEU B 855 15.10 12.06 13.83
N THR B 856 15.04 13.36 14.11
CA THR B 856 16.19 14.09 14.63
C THR B 856 15.76 14.93 15.82
N VAL B 857 16.69 15.13 16.75
CA VAL B 857 16.49 16.04 17.87
C VAL B 857 17.40 17.23 17.66
N LEU B 858 16.81 18.40 17.59
CA LEU B 858 17.51 19.65 17.35
C LEU B 858 18.03 20.20 18.68
N PRO B 859 19.24 20.74 18.71
CA PRO B 859 19.73 21.35 19.94
C PRO B 859 18.99 22.64 20.23
N PRO B 860 18.85 23.00 21.51
CA PRO B 860 18.24 24.29 21.84
C PRO B 860 19.14 25.44 21.41
N LEU B 861 18.51 26.57 21.09
CA LEU B 861 19.26 27.75 20.67
C LEU B 861 20.11 28.28 21.81
N LEU B 862 19.59 28.31 23.03
CA LEU B 862 20.35 28.73 24.20
C LEU B 862 20.92 27.49 24.87
N THR B 863 22.24 27.46 25.02
CA THR B 863 22.92 26.38 25.71
C THR B 863 22.74 26.53 27.21
N ASP B 864 23.11 25.48 27.95
CA ASP B 864 23.01 25.50 29.40
C ASP B 864 23.91 26.57 30.00
N GLU B 865 25.06 26.81 29.39
CA GLU B 865 25.99 27.84 29.87
C GLU B 865 25.37 29.23 29.74
N MET B 866 24.71 29.51 28.60
CA MET B 866 24.12 30.83 28.40
C MET B 866 22.90 31.05 29.30
N ILE B 867 22.09 30.00 29.50
CA ILE B 867 20.96 30.11 30.43
C ILE B 867 21.48 30.33 31.85
N ALA B 868 22.56 29.64 32.22
CA ALA B 868 23.17 29.83 33.52
C ALA B 868 23.72 31.25 33.66
N GLN B 869 24.28 31.78 32.57
CA GLN B 869 24.79 33.16 32.56
C GLN B 869 23.65 34.16 32.74
N TYR B 870 22.50 33.90 32.10
CA TYR B 870 21.33 34.76 32.27
C TYR B 870 20.83 34.73 33.71
N THR B 871 20.77 33.53 34.31
CA THR B 871 20.37 33.42 35.72
C THR B 871 21.37 34.14 36.62
N SER B 872 22.66 34.05 36.30
CA SER B 872 23.69 34.75 37.07
C SER B 872 23.50 36.26 36.99
N ALA B 873 23.17 36.75 35.80
CA ALA B 873 22.93 38.18 35.61
C ALA B 873 21.71 38.63 36.41
N LEU B 874 20.65 37.81 36.41
CA LEU B 874 19.45 38.14 37.17
C LEU B 874 19.72 38.13 38.67
N LEU B 875 20.50 37.15 39.13
CA LEU B 875 20.86 37.07 40.54
C LEU B 875 21.71 38.26 40.96
N ALA B 876 22.67 38.65 40.11
CA ALA B 876 23.53 39.79 40.41
C ALA B 876 22.71 41.09 40.47
N GLY B 877 21.77 41.24 39.53
CA GLY B 877 20.90 42.41 39.55
C GLY B 877 20.00 42.45 40.77
N THR B 878 19.43 41.30 41.15
CA THR B 878 18.48 41.31 42.26
C THR B 878 19.20 41.38 43.61
N ILE B 879 20.49 41.05 43.66
CA ILE B 879 21.23 41.11 44.91
C ILE B 879 21.86 42.48 45.10
N THR B 880 22.51 43.01 44.05
CA THR B 880 23.21 44.28 44.20
C THR B 880 22.29 45.48 44.00
N SER B 881 21.21 45.34 43.24
CA SER B 881 20.38 46.49 42.89
C SER B 881 18.92 46.37 43.29
N GLY B 882 18.51 45.28 43.94
CA GLY B 882 17.11 45.07 44.28
C GLY B 882 16.21 44.93 43.08
N TRP B 883 15.10 45.66 43.07
CA TRP B 883 14.17 45.63 41.96
C TRP B 883 14.38 46.77 40.96
N THR B 884 15.40 47.60 41.16
CA THR B 884 15.60 48.76 40.30
C THR B 884 16.00 48.37 38.89
N PHE B 885 16.77 47.29 38.75
CA PHE B 885 17.29 46.88 37.44
C PHE B 885 16.19 46.39 36.52
N GLY B 886 15.09 45.87 37.09
CA GLY B 886 13.99 45.38 36.29
C GLY B 886 13.11 46.48 35.73
N ALA B 887 13.19 47.69 36.28
CA ALA B 887 12.36 48.81 35.88
C ALA B 887 13.15 49.92 35.23
N GLY B 888 14.42 49.67 34.90
CA GLY B 888 15.30 50.69 34.38
C GLY B 888 16.74 50.40 34.73
N PRO B 889 17.54 51.45 34.92
CA PRO B 889 18.95 51.27 35.28
C PRO B 889 19.10 50.63 36.65
N ALA B 890 20.17 49.87 36.82
CA ALA B 890 20.45 49.21 38.07
C ALA B 890 21.03 50.22 39.05
N LEU B 891 20.32 50.45 40.16
CA LEU B 891 20.76 51.38 41.20
C LEU B 891 21.24 50.56 42.38
N GLN B 892 22.51 50.73 42.74
CA GLN B 892 23.07 49.97 43.85
C GLN B 892 22.41 50.36 45.16
N ILE B 893 22.20 49.37 46.01
CA ILE B 893 21.66 49.58 47.35
C ILE B 893 22.25 48.49 48.23
N PRO B 894 22.63 48.78 49.47
CA PRO B 894 23.08 47.71 50.38
C PRO B 894 21.98 46.69 50.60
N PHE B 895 22.38 45.42 50.72
CA PHE B 895 21.39 44.35 50.85
C PHE B 895 20.54 44.43 52.12
N PRO B 896 21.04 44.80 53.32
CA PRO B 896 20.11 45.00 54.44
C PRO B 896 19.09 46.10 54.18
N MET B 897 19.47 47.17 53.50
CA MET B 897 18.49 48.20 53.19
C MET B 897 17.49 47.71 52.16
N GLN B 898 17.92 46.86 51.23
CA GLN B 898 16.98 46.23 50.30
C GLN B 898 16.01 45.34 51.05
N MET B 899 16.51 44.59 52.03
CA MET B 899 15.67 43.67 52.78
C MET B 899 14.72 44.44 53.68
N ALA B 900 15.11 45.66 54.08
CA ALA B 900 14.23 46.53 54.86
C ALA B 900 13.16 47.13 53.96
N TYR B 901 13.50 47.43 52.71
CA TYR B 901 12.51 47.89 51.74
C TYR B 901 11.48 46.82 51.49
N ARG B 902 11.94 45.57 51.37
CA ARG B 902 11.06 44.43 51.19
C ARG B 902 10.22 44.17 52.43
N PHE B 903 10.78 44.42 53.61
CA PHE B 903 10.00 44.32 54.84
C PHE B 903 8.89 45.37 54.87
N ASN B 904 9.20 46.59 54.40
CA ASN B 904 8.18 47.63 54.29
C ASN B 904 7.11 47.25 53.27
N GLY B 905 7.50 46.52 52.22
CA GLY B 905 6.53 46.11 51.21
C GLY B 905 5.45 45.20 51.77
N ILE B 906 5.81 44.33 52.71
CA ILE B 906 4.84 43.41 53.31
C ILE B 906 4.24 44.00 54.57
N GLY B 907 4.49 45.28 54.83
CA GLY B 907 3.86 45.97 55.94
C GLY B 907 4.55 45.87 57.28
N VAL B 908 5.83 45.54 57.32
CA VAL B 908 6.61 45.47 58.56
C VAL B 908 7.64 46.59 58.53
N THR B 909 7.74 47.35 59.62
CA THR B 909 8.65 48.49 59.69
C THR B 909 10.10 48.03 59.58
N GLN B 910 10.95 48.92 59.01
CA GLN B 910 12.35 48.60 58.76
C GLN B 910 13.16 48.35 60.02
N ASN B 911 12.73 48.90 61.17
CA ASN B 911 13.47 48.74 62.42
C ASN B 911 13.53 47.27 62.81
N VAL B 912 12.46 46.53 62.51
CA VAL B 912 12.39 45.10 62.80
C VAL B 912 13.48 44.36 62.03
N LEU B 913 13.70 44.76 60.77
CA LEU B 913 14.77 44.16 59.97
C LEU B 913 16.15 44.53 60.51
N TYR B 914 16.36 45.81 60.84
CA TYR B 914 17.68 46.26 61.29
C TYR B 914 18.07 45.68 62.64
N GLU B 915 17.12 45.65 63.59
CA GLU B 915 17.41 45.13 64.91
C GLU B 915 17.70 43.62 64.87
N ASN B 916 17.02 42.89 64.00
CA ASN B 916 17.15 41.45 63.92
C ASN B 916 17.91 41.00 62.67
N GLN B 917 18.86 41.81 62.20
CA GLN B 917 19.58 41.56 60.95
C GLN B 917 20.38 40.26 60.98
N LYS B 918 21.01 39.96 62.11
CA LYS B 918 21.79 38.73 62.24
C LYS B 918 20.88 37.52 62.26
N LEU B 919 19.77 37.59 62.99
CA LEU B 919 18.84 36.47 63.08
C LEU B 919 18.20 36.19 61.72
N ILE B 920 17.83 37.26 60.99
CA ILE B 920 17.22 37.10 59.67
C ILE B 920 18.23 36.50 58.69
N ALA B 921 19.49 36.95 58.76
CA ALA B 921 20.53 36.41 57.88
C ALA B 921 20.78 34.93 58.18
N ASN B 922 20.80 34.57 59.47
CA ASN B 922 21.01 33.18 59.86
C ASN B 922 19.86 32.30 59.40
N GLN B 923 18.62 32.81 59.54
CA GLN B 923 17.44 32.06 59.11
C GLN B 923 17.46 31.85 57.61
N PHE B 924 17.84 32.88 56.85
CA PHE B 924 17.92 32.77 55.39
C PHE B 924 18.97 31.75 54.97
N ASN B 925 20.15 31.77 55.62
CA ASN B 925 21.21 30.82 55.29
C ASN B 925 20.78 29.40 55.62
N SER B 926 20.12 29.22 56.77
CA SER B 926 19.63 27.91 57.17
C SER B 926 18.60 27.39 56.18
N ALA B 927 17.70 28.27 55.71
CA ALA B 927 16.65 27.88 54.78
C ALA B 927 17.25 27.48 53.44
N ILE B 928 18.27 28.21 52.98
CA ILE B 928 18.92 27.90 51.70
C ILE B 928 19.63 26.55 51.78
N GLY B 929 20.30 26.29 52.92
CA GLY B 929 20.91 24.98 53.12
C GLY B 929 19.89 23.87 53.18
N LYS B 930 18.74 24.13 53.82
CA LYS B 930 17.67 23.15 53.89
C LYS B 930 17.13 22.86 52.49
N ILE B 931 17.08 23.89 51.63
CA ILE B 931 16.60 23.73 50.26
C ILE B 931 17.53 22.81 49.48
N GLN B 932 18.84 23.00 49.64
CA GLN B 932 19.80 22.15 48.95
C GLN B 932 19.71 20.71 49.45
N ASP B 933 19.58 20.53 50.76
CA ASP B 933 19.45 19.19 51.34
C ASP B 933 18.16 18.51 50.88
N SER B 934 17.06 19.26 50.86
CA SER B 934 15.76 18.73 50.45
C SER B 934 15.77 18.32 48.99
N LEU B 935 16.40 19.12 48.13
CA LEU B 935 16.50 18.73 46.72
C LEU B 935 17.41 17.51 46.55
N SER B 936 18.52 17.46 47.30
CA SER B 936 19.43 16.33 47.20
C SER B 936 18.86 15.04 47.77
N SER B 937 17.89 15.12 48.67
CA SER B 937 17.42 13.95 49.40
C SER B 937 16.09 13.41 48.91
N THR B 938 15.39 14.10 48.00
CA THR B 938 14.08 13.65 47.56
C THR B 938 14.16 13.30 46.08
N PRO B 939 13.84 12.07 45.68
CA PRO B 939 13.86 11.72 44.25
C PRO B 939 12.75 12.38 43.43
N SER B 940 11.58 12.61 44.02
CA SER B 940 10.42 13.10 43.29
C SER B 940 10.28 14.62 43.37
N ALA B 941 11.33 15.32 43.79
CA ALA B 941 11.28 16.78 43.81
C ALA B 941 11.19 17.36 42.41
N LEU B 942 11.95 16.82 41.47
CA LEU B 942 12.05 17.37 40.12
C LEU B 942 11.29 16.52 39.12
N GLY B 943 10.14 15.98 39.53
CA GLY B 943 9.34 15.15 38.66
C GLY B 943 8.77 15.86 37.46
N LYS B 944 8.43 17.15 37.62
CA LYS B 944 7.74 17.93 36.58
C LYS B 944 8.60 18.06 35.33
N LEU B 945 9.89 18.34 35.50
CA LEU B 945 10.76 18.40 34.35
C LEU B 945 11.03 17.00 33.79
N GLN B 946 11.17 16.02 34.69
CA GLN B 946 11.44 14.64 34.29
C GLN B 946 10.31 14.06 33.46
N ASP B 947 9.07 14.42 33.82
CA ASP B 947 7.89 13.96 33.08
C ASP B 947 7.94 14.46 31.65
N VAL B 948 8.40 15.71 31.46
CA VAL B 948 8.47 16.30 30.13
C VAL B 948 9.45 15.51 29.28
N VAL B 949 10.60 15.16 29.88
CA VAL B 949 11.62 14.39 29.18
C VAL B 949 11.05 13.02 28.85
N ASN B 950 10.35 12.44 29.84
CA ASN B 950 9.76 11.12 29.68
C ASN B 950 8.70 11.15 28.60
N HIS B 951 7.86 12.22 28.61
CA HIS B 951 6.79 12.31 27.63
C HIS B 951 7.37 12.45 26.24
N ASN B 952 8.44 13.22 26.10
CA ASN B 952 9.01 13.38 24.77
C ASN B 952 9.62 12.07 24.29
N ALA B 953 10.39 11.40 25.18
CA ALA B 953 11.08 10.16 24.80
C ALA B 953 10.11 9.04 24.50
N GLN B 954 9.07 8.91 25.32
CA GLN B 954 8.08 7.86 25.12
C GLN B 954 7.33 8.08 23.82
N ALA B 955 7.01 9.35 23.52
CA ALA B 955 6.32 9.67 22.28
C ALA B 955 7.18 9.32 21.09
N LEU B 956 8.47 9.63 21.18
CA LEU B 956 9.40 9.34 20.09
C LEU B 956 9.51 7.83 19.91
N ASN B 957 9.57 7.11 21.05
CA ASN B 957 9.71 5.66 21.01
C ASN B 957 8.49 5.04 20.38
N THR B 958 7.31 5.55 20.74
CA THR B 958 6.05 5.03 20.20
C THR B 958 5.97 5.26 18.71
N LEU B 959 6.47 6.42 18.25
CA LEU B 959 6.43 6.73 16.83
C LEU B 959 7.29 5.76 16.05
N VAL B 960 8.48 5.43 16.59
CA VAL B 960 9.33 4.45 15.92
C VAL B 960 8.71 3.07 16.02
N LYS B 961 8.05 2.78 17.15
CA LYS B 961 7.40 1.48 17.32
C LYS B 961 6.30 1.30 16.28
N GLN B 962 5.70 2.40 15.81
CA GLN B 962 4.63 2.29 14.84
C GLN B 962 5.16 1.80 13.49
N LEU B 963 6.47 1.90 13.26
CA LEU B 963 7.06 1.35 12.05
C LEU B 963 7.00 -0.17 12.03
N SER B 964 6.92 -0.81 13.20
CA SER B 964 6.86 -2.26 13.29
C SER B 964 5.42 -2.78 13.33
N SER B 965 4.49 -2.02 12.78
CA SER B 965 3.08 -2.41 12.72
C SER B 965 2.68 -2.70 11.29
N LYS B 966 2.08 -3.88 11.09
CA LYS B 966 1.67 -4.31 9.75
C LYS B 966 0.57 -3.41 9.20
N PHE B 967 -0.35 -2.94 10.06
CA PHE B 967 -1.50 -2.11 9.72
C PHE B 967 -2.47 -2.86 8.82
N GLY B 968 -2.54 -4.18 8.98
CA GLY B 968 -3.45 -5.00 8.20
C GLY B 968 -2.91 -5.42 6.86
N ALA B 969 -1.60 -5.37 6.66
CA ALA B 969 -0.95 -5.84 5.45
C ALA B 969 -0.22 -7.15 5.75
N ILE B 970 0.27 -7.79 4.69
CA ILE B 970 0.96 -9.06 4.86
C ILE B 970 2.28 -8.89 5.61
N SER B 971 2.94 -7.74 5.45
CA SER B 971 4.23 -7.52 6.09
C SER B 971 4.43 -6.02 6.35
N SER B 972 5.30 -5.73 7.31
CA SER B 972 5.64 -4.36 7.64
C SER B 972 6.87 -3.89 6.85
N VAL B 973 7.44 -4.77 6.04
CA VAL B 973 8.63 -4.50 5.23
C VAL B 973 8.17 -4.28 3.80
N LEU B 974 8.53 -3.13 3.23
CA LEU B 974 8.12 -2.80 1.87
C LEU B 974 8.72 -3.75 0.85
N ASN B 975 9.98 -4.17 1.07
CA ASN B 975 10.71 -5.03 0.14
C ASN B 975 10.01 -6.38 0.00
N ASP B 976 9.47 -6.89 1.11
CA ASP B 976 8.74 -8.15 1.10
C ASP B 976 7.50 -8.03 0.22
N ILE B 977 6.84 -6.87 0.26
CA ILE B 977 5.66 -6.63 -0.57
C ILE B 977 6.05 -6.58 -2.04
N PHE B 978 7.17 -5.91 -2.37
CA PHE B 978 7.61 -5.88 -3.78
C PHE B 978 7.98 -7.28 -4.28
N SER B 979 8.64 -8.08 -3.44
CA SER B 979 9.10 -9.38 -3.89
C SER B 979 8.02 -10.46 -3.87
N ARG B 980 7.00 -10.31 -3.03
CA ARG B 980 6.02 -11.38 -2.84
C ARG B 980 4.71 -11.20 -3.59
N LEU B 981 4.40 -9.99 -4.06
CA LEU B 981 3.10 -9.73 -4.68
C LEU B 981 3.29 -8.98 -5.99
N ASP B 982 2.27 -9.08 -6.84
CA ASP B 982 2.23 -8.34 -8.09
C ASP B 982 1.91 -6.88 -7.82
N PRO B 983 2.27 -5.97 -8.74
CA PRO B 983 2.01 -4.52 -8.54
C PRO B 983 0.56 -4.11 -8.28
N PRO B 984 -0.49 -4.73 -8.90
CA PRO B 984 -1.87 -4.32 -8.54
C PRO B 984 -2.21 -4.49 -7.07
N GLU B 985 -1.75 -5.55 -6.42
CA GLU B 985 -1.95 -5.71 -4.99
C GLU B 985 -0.85 -5.03 -4.18
N ALA B 986 0.35 -4.92 -4.76
CA ALA B 986 1.46 -4.29 -4.07
C ALA B 986 1.16 -2.83 -3.79
N GLU B 987 0.52 -2.14 -4.75
CA GLU B 987 0.19 -0.72 -4.56
C GLU B 987 -0.80 -0.55 -3.41
N VAL B 988 -1.75 -1.48 -3.27
CA VAL B 988 -2.70 -1.46 -2.16
C VAL B 988 -1.96 -1.67 -0.83
N GLN B 989 -1.04 -2.63 -0.79
CA GLN B 989 -0.33 -2.91 0.47
C GLN B 989 0.58 -1.75 0.89
N ILE B 990 1.30 -1.14 -0.06
CA ILE B 990 2.13 0.02 0.25
C ILE B 990 1.23 1.19 0.64
N ASP B 991 0.04 1.30 0.04
CA ASP B 991 -0.87 2.38 0.39
C ASP B 991 -1.34 2.21 1.83
N ARG B 992 -1.58 0.97 2.27
CA ARG B 992 -1.98 0.70 3.64
C ARG B 992 -0.86 1.05 4.61
N LEU B 993 0.37 0.67 4.26
CA LEU B 993 1.50 0.97 5.15
C LEU B 993 1.73 2.48 5.23
N ILE B 994 1.61 3.17 4.09
CA ILE B 994 1.83 4.61 4.04
C ILE B 994 0.75 5.34 4.85
N THR B 995 -0.52 4.94 4.70
CA THR B 995 -1.58 5.60 5.46
C THR B 995 -1.44 5.32 6.96
N GLY B 996 -1.07 4.10 7.34
CA GLY B 996 -0.87 3.79 8.76
C GLY B 996 0.26 4.60 9.36
N ARG B 997 1.40 4.68 8.66
CA ARG B 997 2.54 5.44 9.16
C ARG B 997 2.23 6.94 9.19
N LEU B 998 1.52 7.44 8.17
CA LEU B 998 1.14 8.84 8.12
C LEU B 998 0.16 9.17 9.24
N GLN B 999 -0.77 8.26 9.55
CA GLN B 999 -1.69 8.46 10.66
C GLN B 999 -0.94 8.47 11.99
N SER B 1000 0.08 7.60 12.12
CA SER B 1000 0.90 7.56 13.32
C SER B 1000 1.64 8.89 13.48
N LEU B 1001 2.18 9.41 12.38
CA LEU B 1001 2.94 10.65 12.42
C LEU B 1001 2.03 11.83 12.74
N GLN B 1002 0.81 11.80 12.20
CA GLN B 1002 -0.17 12.86 12.47
C GLN B 1002 -0.58 12.82 13.94
N THR B 1003 -0.74 11.61 14.50
CA THR B 1003 -1.07 11.45 15.91
C THR B 1003 0.04 12.02 16.79
N TYR B 1004 1.29 11.74 16.40
CA TYR B 1004 2.44 12.21 17.16
C TYR B 1004 2.52 13.73 17.11
N VAL B 1005 2.30 14.31 15.93
CA VAL B 1005 2.36 15.77 15.77
C VAL B 1005 1.24 16.44 16.56
N THR B 1006 0.05 15.83 16.58
CA THR B 1006 -1.06 16.36 17.37
C THR B 1006 -0.74 16.34 18.86
N GLN B 1007 -0.14 15.24 19.35
CA GLN B 1007 0.24 15.15 20.76
C GLN B 1007 1.30 16.20 21.07
N GLN B 1008 2.25 16.39 20.14
CA GLN B 1008 3.30 17.38 20.33
C GLN B 1008 2.72 18.78 20.39
N LEU B 1009 1.71 19.06 19.57
CA LEU B 1009 1.09 20.38 19.54
C LEU B 1009 0.35 20.67 20.85
N ILE B 1010 -0.37 19.67 21.37
CA ILE B 1010 -1.08 19.85 22.64
C ILE B 1010 -0.10 20.03 23.80
N ARG B 1011 0.97 19.22 23.82
CA ARG B 1011 2.00 19.36 24.85
C ARG B 1011 2.72 20.69 24.71
N ALA B 1012 2.95 21.14 23.47
CA ALA B 1012 3.60 22.42 23.23
C ALA B 1012 2.73 23.56 23.75
N ALA B 1013 1.41 23.45 23.59
CA ALA B 1013 0.50 24.46 24.14
C ALA B 1013 0.58 24.48 25.67
N GLU B 1014 0.65 23.30 26.29
CA GLU B 1014 0.75 23.22 27.75
C GLU B 1014 2.07 23.82 28.24
N ILE B 1015 3.17 23.49 27.56
CA ILE B 1015 4.50 23.99 27.92
C ILE B 1015 4.57 25.49 27.66
N ARG B 1016 3.91 25.98 26.60
CA ARG B 1016 3.87 27.41 26.35
C ARG B 1016 3.14 28.14 27.46
N ALA B 1017 2.05 27.56 27.96
CA ALA B 1017 1.33 28.15 29.09
C ALA B 1017 2.21 28.17 30.34
N SER B 1018 2.94 27.07 30.56
CA SER B 1018 3.84 26.98 31.70
C SER B 1018 5.00 27.97 31.59
N ALA B 1019 5.53 28.14 30.38
CA ALA B 1019 6.60 29.11 30.12
C ALA B 1019 6.10 30.54 30.31
N ASN B 1020 4.87 30.83 29.87
CA ASN B 1020 4.30 32.16 30.09
C ASN B 1020 4.14 32.42 31.59
N LEU B 1021 3.72 31.40 32.34
CA LEU B 1021 3.62 31.53 33.79
C LEU B 1021 5.00 31.75 34.41
N ALA B 1022 6.01 31.03 33.92
CA ALA B 1022 7.37 31.16 34.43
C ALA B 1022 7.94 32.55 34.14
N ALA B 1023 7.65 33.08 32.96
CA ALA B 1023 8.07 34.44 32.61
C ALA B 1023 7.38 35.47 33.52
N THR B 1024 6.10 35.23 33.82
CA THR B 1024 5.38 36.10 34.74
C THR B 1024 5.98 36.05 36.14
N LYS B 1025 6.35 34.86 36.60
CA LYS B 1025 7.01 34.71 37.90
C LYS B 1025 8.38 35.39 37.89
N MET B 1026 9.10 35.28 36.78
CA MET B 1026 10.42 35.90 36.68
C MET B 1026 10.31 37.41 36.75
N SER B 1027 9.31 37.97 36.07
CA SER B 1027 9.10 39.41 36.10
C SER B 1027 8.59 39.88 37.47
N GLU B 1028 7.63 39.16 38.06
CA GLU B 1028 6.95 39.65 39.25
C GLU B 1028 7.49 39.14 40.58
N CYS B 1029 8.22 38.03 40.61
CA CYS B 1029 8.81 37.56 41.86
C CYS B 1029 10.29 37.88 41.96
N VAL B 1030 11.03 37.78 40.86
CA VAL B 1030 12.48 37.99 40.88
C VAL B 1030 12.82 39.46 40.64
N LEU B 1031 12.16 40.10 39.69
CA LEU B 1031 12.48 41.47 39.31
C LEU B 1031 11.69 42.50 40.11
N GLY B 1032 10.86 42.05 41.04
CA GLY B 1032 10.11 42.94 41.90
C GLY B 1032 9.55 42.15 43.06
N GLN B 1033 8.89 42.87 43.96
CA GLN B 1033 8.23 42.24 45.09
C GLN B 1033 6.73 42.18 44.78
N SER B 1034 6.15 41.00 44.92
CA SER B 1034 4.78 40.75 44.52
C SER B 1034 3.84 40.71 45.73
N LYS B 1035 2.72 41.43 45.61
CA LYS B 1035 1.68 41.41 46.63
C LYS B 1035 0.63 40.36 46.35
N ARG B 1036 0.77 39.60 45.27
CA ARG B 1036 -0.16 38.53 44.95
C ARG B 1036 0.02 37.36 45.89
N VAL B 1037 -1.07 36.91 46.51
CA VAL B 1037 -1.01 35.85 47.51
C VAL B 1037 -0.76 34.52 46.81
N ASP B 1038 0.27 33.80 47.26
CA ASP B 1038 0.68 32.45 46.83
C ASP B 1038 1.23 32.41 45.42
N PHE B 1039 1.44 33.56 44.79
CA PHE B 1039 2.07 33.58 43.47
C PHE B 1039 3.56 33.31 43.59
N CYS B 1040 4.19 33.83 44.64
CA CYS B 1040 5.64 33.70 44.77
C CYS B 1040 5.97 33.03 46.10
N GLY B 1041 5.37 31.89 46.38
CA GLY B 1041 5.68 31.15 47.58
C GLY B 1041 4.60 31.28 48.63
N LYS B 1042 4.65 30.37 49.62
CA LYS B 1042 3.73 30.43 50.74
C LYS B 1042 4.25 31.44 51.75
N GLY B 1043 3.41 32.40 52.10
CA GLY B 1043 3.79 33.44 53.04
C GLY B 1043 3.88 34.79 52.35
N TYR B 1044 4.23 35.80 53.14
CA TYR B 1044 4.39 37.14 52.59
C TYR B 1044 5.69 37.18 51.80
N HIS B 1045 5.60 37.49 50.52
CA HIS B 1045 6.75 37.38 49.63
C HIS B 1045 7.75 38.49 49.84
N LEU B 1046 9.02 38.10 50.00
CA LEU B 1046 10.11 39.06 50.14
C LEU B 1046 10.91 39.17 48.86
N MET B 1047 11.44 38.06 48.36
CA MET B 1047 12.21 38.08 47.12
C MET B 1047 12.25 36.67 46.53
N SER B 1048 12.79 36.56 45.32
CA SER B 1048 12.90 35.27 44.68
C SER B 1048 14.22 35.20 43.92
N PHE B 1049 14.72 33.97 43.76
CA PHE B 1049 15.98 33.74 43.08
C PHE B 1049 15.79 32.71 41.96
N PRO B 1050 16.18 33.01 40.73
CA PRO B 1050 16.07 32.03 39.65
C PRO B 1050 17.26 31.08 39.55
N GLN B 1051 16.97 29.82 39.24
CA GLN B 1051 17.99 28.82 39.00
C GLN B 1051 17.64 28.09 37.71
N SER B 1052 18.64 27.92 36.84
CA SER B 1052 18.43 27.16 35.62
C SER B 1052 18.26 25.68 35.94
N ALA B 1053 17.42 25.01 35.17
CA ALA B 1053 17.23 23.58 35.32
C ALA B 1053 17.01 22.99 33.93
N PRO B 1054 17.26 21.68 33.75
CA PRO B 1054 17.03 21.05 32.43
C PRO B 1054 15.58 21.20 32.00
N HIS B 1055 15.39 21.92 30.89
CA HIS B 1055 14.09 22.25 30.32
C HIS B 1055 13.21 23.05 31.29
N GLY B 1056 13.80 23.85 32.16
CA GLY B 1056 12.94 24.50 33.14
C GLY B 1056 13.67 25.49 34.01
N VAL B 1057 12.90 26.10 34.91
CA VAL B 1057 13.39 27.08 35.85
C VAL B 1057 12.93 26.68 37.24
N VAL B 1058 13.78 26.90 38.24
CA VAL B 1058 13.45 26.67 39.64
C VAL B 1058 13.55 28.01 40.35
N PHE B 1059 12.45 28.44 40.95
CA PHE B 1059 12.40 29.69 41.69
C PHE B 1059 12.53 29.38 43.18
N LEU B 1060 13.51 30.00 43.83
CA LEU B 1060 13.65 29.92 45.28
C LEU B 1060 12.94 31.14 45.82
N HIS B 1061 11.74 30.95 46.37
CA HIS B 1061 10.94 32.03 46.90
C HIS B 1061 11.29 32.23 48.37
N VAL B 1062 11.79 33.42 48.71
CA VAL B 1062 12.09 33.81 50.07
C VAL B 1062 10.89 34.60 50.56
N THR B 1063 10.22 34.05 51.57
CA THR B 1063 8.99 34.62 52.11
C THR B 1063 9.12 34.79 53.62
N TYR B 1064 8.29 35.67 54.15
CA TYR B 1064 8.22 35.98 55.57
C TYR B 1064 6.99 35.25 56.12
N VAL B 1065 7.19 34.37 57.08
CA VAL B 1065 6.09 33.65 57.71
C VAL B 1065 5.97 34.11 59.15
N PRO B 1066 4.81 34.61 59.59
CA PRO B 1066 4.66 34.96 61.01
C PRO B 1066 4.70 33.73 61.91
N ALA B 1067 5.23 33.91 63.12
CA ALA B 1067 5.33 32.80 64.06
C ALA B 1067 5.28 33.34 65.49
N GLN B 1068 5.00 32.40 66.41
CA GLN B 1068 4.94 32.66 67.85
C GLN B 1068 3.89 33.73 68.20
N GLU B 1069 2.69 33.55 67.68
CA GLU B 1069 1.62 34.50 67.89
C GLU B 1069 1.13 34.48 69.34
N LYS B 1070 0.60 35.61 69.78
CA LYS B 1070 0.11 35.78 71.14
C LYS B 1070 -1.24 36.47 71.12
N ASN B 1071 -2.13 36.05 72.02
CA ASN B 1071 -3.44 36.65 72.18
C ASN B 1071 -3.34 38.03 72.82
N PHE B 1072 -4.18 38.96 72.38
CA PHE B 1072 -4.31 40.26 72.98
C PHE B 1072 -5.77 40.68 72.92
N THR B 1073 -6.18 41.55 73.85
CA THR B 1073 -7.54 42.08 73.81
C THR B 1073 -7.52 43.30 72.89
N THR B 1074 -8.43 43.34 71.92
CA THR B 1074 -8.37 44.40 70.94
C THR B 1074 -9.65 45.23 70.93
N ALA B 1075 -9.52 46.48 70.49
CA ALA B 1075 -10.63 47.40 70.37
C ALA B 1075 -10.55 48.15 69.05
N PRO B 1076 -11.69 48.50 68.45
CA PRO B 1076 -11.63 49.30 67.22
C PRO B 1076 -11.09 50.71 67.40
N ALA B 1077 -11.44 51.36 68.50
CA ALA B 1077 -11.03 52.75 68.72
C ALA B 1077 -10.83 53.00 70.21
N ILE B 1078 -10.16 54.11 70.52
CA ILE B 1078 -9.90 54.53 71.89
C ILE B 1078 -10.67 55.81 72.14
N CYS B 1079 -11.46 55.83 73.21
CA CYS B 1079 -12.23 57.01 73.56
C CYS B 1079 -11.42 57.88 74.53
N HIS B 1080 -11.08 59.09 74.10
CA HIS B 1080 -10.36 60.04 74.93
C HIS B 1080 -10.94 61.42 74.71
N ASP B 1081 -11.32 62.10 75.81
CA ASP B 1081 -11.84 63.47 75.81
C ASP B 1081 -13.09 63.59 74.95
N GLY B 1082 -13.89 62.54 74.88
CA GLY B 1082 -15.09 62.57 74.09
C GLY B 1082 -14.82 62.43 72.60
N LYS B 1083 -13.61 62.04 72.22
CA LYS B 1083 -13.21 61.87 70.84
C LYS B 1083 -12.75 60.44 70.61
N ALA B 1084 -13.00 59.94 69.39
CA ALA B 1084 -12.61 58.59 69.01
C ALA B 1084 -11.28 58.65 68.28
N HIS B 1085 -10.33 57.83 68.72
CA HIS B 1085 -9.01 57.75 68.12
C HIS B 1085 -8.87 56.39 67.44
N PHE B 1086 -8.37 56.41 66.21
CA PHE B 1086 -8.18 55.22 65.40
C PHE B 1086 -6.71 55.11 65.03
N PRO B 1087 -6.16 53.90 64.88
CA PRO B 1087 -4.74 53.77 64.58
C PRO B 1087 -4.40 54.24 63.18
N ARG B 1088 -3.32 55.01 63.08
CA ARG B 1088 -2.91 55.53 61.78
C ARG B 1088 -2.39 54.40 60.89
N GLU B 1089 -1.56 53.52 61.44
CA GLU B 1089 -1.04 52.41 60.67
C GLU B 1089 -1.14 51.07 61.38
N GLY B 1090 -1.44 51.03 62.68
CA GLY B 1090 -1.43 49.78 63.41
C GLY B 1090 -2.78 49.28 63.89
N VAL B 1091 -2.77 48.67 65.08
CA VAL B 1091 -3.94 48.10 65.71
C VAL B 1091 -3.80 48.29 67.22
N PHE B 1092 -4.92 48.50 67.91
CA PHE B 1092 -4.90 48.62 69.36
C PHE B 1092 -4.92 47.24 70.01
N VAL B 1093 -3.98 47.02 70.93
CA VAL B 1093 -3.87 45.77 71.64
C VAL B 1093 -3.77 46.06 73.14
N SER B 1094 -4.21 45.10 73.94
CA SER B 1094 -4.13 45.19 75.39
C SER B 1094 -3.59 43.88 75.92
N ASN B 1095 -2.61 43.97 76.81
CA ASN B 1095 -2.02 42.80 77.46
C ASN B 1095 -2.74 42.45 78.75
N GLY B 1096 -3.79 43.18 79.09
CA GLY B 1096 -4.61 42.88 80.25
C GLY B 1096 -4.94 44.12 81.04
N THR B 1097 -3.97 45.02 81.21
CA THR B 1097 -4.19 46.21 82.02
C THR B 1097 -3.89 47.50 81.26
N HIS B 1098 -3.00 47.44 80.28
CA HIS B 1098 -2.57 48.63 79.55
C HIS B 1098 -2.88 48.48 78.07
N TRP B 1099 -3.13 49.61 77.42
CA TRP B 1099 -3.44 49.66 76.00
C TRP B 1099 -2.24 50.21 75.23
N PHE B 1100 -1.95 49.57 74.09
CA PHE B 1100 -0.86 49.98 73.22
C PHE B 1100 -1.33 49.90 71.78
N VAL B 1101 -0.56 50.50 70.88
CA VAL B 1101 -0.79 50.39 69.44
C VAL B 1101 0.44 49.70 68.85
N THR B 1102 0.21 48.70 68.01
CA THR B 1102 1.30 47.97 67.39
C THR B 1102 1.04 47.74 65.92
N GLN B 1103 2.10 47.48 65.17
CA GLN B 1103 1.95 47.12 63.77
C GLN B 1103 1.27 45.75 63.69
N ARG B 1104 0.49 45.56 62.63
CA ARG B 1104 -0.34 44.36 62.50
C ARG B 1104 0.44 43.06 62.35
N ASN B 1105 1.60 43.07 61.69
CA ASN B 1105 2.28 41.83 61.37
C ASN B 1105 3.45 41.49 62.31
N PHE B 1106 3.71 42.32 63.32
CA PHE B 1106 4.74 42.01 64.29
C PHE B 1106 4.37 42.68 65.61
N TYR B 1107 4.64 42.03 66.73
CA TYR B 1107 4.25 42.62 68.00
C TYR B 1107 5.32 43.61 68.44
N GLU B 1108 4.99 44.89 68.38
CA GLU B 1108 5.88 45.95 68.85
C GLU B 1108 5.00 46.99 69.52
N PRO B 1109 4.69 46.81 70.81
CA PRO B 1109 3.77 47.72 71.50
C PRO B 1109 4.37 49.10 71.71
N GLN B 1110 3.58 50.12 71.39
CA GLN B 1110 3.98 51.50 71.57
C GLN B 1110 2.85 52.25 72.26
N ILE B 1111 3.21 53.34 72.94
CA ILE B 1111 2.24 54.10 73.71
C ILE B 1111 1.29 54.80 72.76
N ILE B 1112 0.00 54.83 73.11
CA ILE B 1112 -1.00 55.44 72.24
C ILE B 1112 -0.88 56.95 72.39
N THR B 1113 -0.45 57.61 71.33
CA THR B 1113 -0.24 59.05 71.31
C THR B 1113 -1.07 59.66 70.19
N THR B 1114 -0.94 60.98 70.03
CA THR B 1114 -1.66 61.67 68.98
C THR B 1114 -0.92 61.60 67.65
N ASP B 1115 0.28 61.03 67.64
CA ASP B 1115 1.09 60.94 66.44
C ASP B 1115 0.84 59.66 65.66
N ASN B 1116 0.38 58.60 66.32
CA ASN B 1116 0.10 57.33 65.68
C ASN B 1116 -1.39 57.04 65.62
N THR B 1117 -2.23 57.98 66.02
CA THR B 1117 -3.67 57.86 65.94
C THR B 1117 -4.25 59.10 65.27
N PHE B 1118 -5.46 58.96 64.74
CA PHE B 1118 -6.19 60.07 64.14
C PHE B 1118 -7.59 60.12 64.74
N VAL B 1119 -8.16 61.31 64.76
CA VAL B 1119 -9.46 61.54 65.40
C VAL B 1119 -10.53 61.69 64.34
N SER B 1120 -11.62 60.93 64.48
CA SER B 1120 -12.78 61.06 63.60
C SER B 1120 -14.03 60.84 64.44
N GLY B 1121 -14.70 61.93 64.81
CA GLY B 1121 -15.97 61.82 65.51
C GLY B 1121 -15.84 61.63 67.00
N ASN B 1122 -16.98 61.45 67.63
CA ASN B 1122 -17.07 61.26 69.07
C ASN B 1122 -17.11 59.77 69.38
N CYS B 1123 -17.35 59.42 70.64
CA CYS B 1123 -17.32 58.03 71.08
C CYS B 1123 -18.67 57.34 71.01
N ASP B 1124 -19.71 58.01 70.53
CA ASP B 1124 -21.06 57.46 70.58
C ASP B 1124 -21.42 56.57 69.40
N VAL B 1125 -20.63 56.55 68.32
CA VAL B 1125 -21.01 55.85 67.11
C VAL B 1125 -20.31 54.50 66.98
N VAL B 1126 -19.03 54.44 67.34
CA VAL B 1126 -18.25 53.22 67.13
C VAL B 1126 -18.66 52.15 68.13
N ILE B 1127 -18.95 50.95 67.63
CA ILE B 1127 -19.37 49.84 68.47
C ILE B 1127 -18.12 49.16 69.03
N GLY B 1128 -18.03 49.06 70.35
CA GLY B 1128 -16.90 48.41 70.97
C GLY B 1128 -15.76 49.33 71.36
N ILE B 1129 -15.96 50.65 71.29
CA ILE B 1129 -14.94 51.59 71.71
C ILE B 1129 -14.68 51.47 73.22
N VAL B 1130 -13.42 51.51 73.61
CA VAL B 1130 -13.04 51.43 75.02
C VAL B 1130 -12.42 52.75 75.46
N ASN B 1131 -12.49 53.01 76.76
CA ASN B 1131 -11.96 54.22 77.35
C ASN B 1131 -10.50 54.02 77.72
N ASN B 1132 -9.63 54.88 77.20
CA ASN B 1132 -8.22 54.85 77.57
C ASN B 1132 -7.64 56.24 77.30
N THR B 1133 -6.55 56.55 78.00
CA THR B 1133 -5.90 57.83 77.81
C THR B 1133 -5.09 57.84 76.52
N VAL B 1134 -4.96 59.03 75.94
CA VAL B 1134 -4.13 59.24 74.75
C VAL B 1134 -3.08 60.28 75.10
N TYR B 1135 -1.82 59.90 75.03
CA TYR B 1135 -0.73 60.79 75.43
C TYR B 1135 -0.53 61.88 74.38
N ASP B 1136 -0.11 63.05 74.85
CA ASP B 1136 0.22 64.13 73.94
C ASP B 1136 1.70 64.42 74.03
N PRO B 1137 2.45 64.32 72.93
CA PRO B 1137 3.88 64.67 72.97
C PRO B 1137 4.14 66.13 73.30
N LEU B 1138 3.26 67.03 72.87
CA LEU B 1138 3.47 68.46 73.09
C LEU B 1138 3.25 68.88 74.54
N GLN B 1139 2.54 68.07 75.34
CA GLN B 1139 2.17 68.46 76.69
C GLN B 1139 3.36 68.68 77.64
N PRO B 1140 4.38 67.79 77.72
CA PRO B 1140 5.55 68.14 78.57
C PRO B 1140 6.33 69.35 78.11
N GLU B 1141 6.30 69.69 76.81
CA GLU B 1141 7.12 70.80 76.35
C GLU B 1141 6.56 72.13 76.82
N LEU B 1142 5.24 72.36 76.68
CA LEU B 1142 4.70 73.60 77.21
C LEU B 1142 4.53 73.53 78.71
N ASP B 1143 4.42 72.32 79.27
CA ASP B 1143 4.32 72.17 80.72
C ASP B 1143 5.61 72.60 81.41
N SER B 1144 6.76 72.27 80.84
CA SER B 1144 8.04 72.65 81.41
C SER B 1144 8.51 74.01 80.89
N GLN C 14 -67.25 -10.60 -16.18
CA GLN C 14 -68.39 -9.73 -16.45
C GLN C 14 -68.04 -8.29 -16.11
N CYS C 15 -68.41 -7.36 -16.99
CA CYS C 15 -68.18 -5.93 -16.78
C CYS C 15 -69.47 -5.17 -17.05
N VAL C 16 -69.67 -4.08 -16.30
CA VAL C 16 -70.83 -3.21 -16.47
C VAL C 16 -70.34 -1.77 -16.51
N ASN C 17 -70.73 -1.04 -17.57
CA ASN C 17 -70.43 0.39 -17.63
C ASN C 17 -71.38 1.18 -16.75
N LEU C 18 -70.84 2.11 -15.96
CA LEU C 18 -71.64 3.02 -15.16
C LEU C 18 -71.68 4.37 -15.87
N THR C 19 -72.86 4.77 -16.32
CA THR C 19 -73.04 5.98 -17.13
C THR C 19 -73.84 7.06 -16.42
N THR C 20 -74.00 6.97 -15.10
CA THR C 20 -74.82 7.92 -14.35
C THR C 20 -73.97 8.85 -13.49
N ARG C 21 -72.69 9.01 -13.81
CA ARG C 21 -71.83 9.88 -13.02
C ARG C 21 -72.16 11.35 -13.27
N THR C 22 -71.80 12.18 -12.29
CA THR C 22 -71.93 13.64 -12.39
C THR C 22 -70.53 14.24 -12.55
N GLN C 23 -70.36 15.09 -13.57
CA GLN C 23 -69.03 15.63 -13.85
C GLN C 23 -68.64 16.67 -12.82
N LEU C 24 -67.48 16.48 -12.19
CA LEU C 24 -66.94 17.42 -11.22
C LEU C 24 -65.44 17.25 -11.18
N PRO C 25 -64.65 18.31 -11.08
CA PRO C 25 -63.21 18.15 -10.93
C PRO C 25 -62.87 17.62 -9.55
N PRO C 26 -61.78 16.86 -9.41
CA PRO C 26 -61.35 16.40 -8.08
C PRO C 26 -60.88 17.55 -7.21
N ALA C 27 -61.13 17.41 -5.91
CA ALA C 27 -60.80 18.48 -4.97
C ALA C 27 -59.38 18.31 -4.45
N TYR C 28 -58.91 19.31 -3.71
CA TYR C 28 -57.63 19.22 -3.03
C TYR C 28 -57.78 19.76 -1.62
N THR C 29 -57.01 19.20 -0.69
CA THR C 29 -57.03 19.64 0.69
C THR C 29 -55.66 19.40 1.33
N ASN C 30 -55.57 19.68 2.62
CA ASN C 30 -54.32 19.63 3.34
C ASN C 30 -54.11 18.27 4.00
N SER C 31 -52.88 17.77 3.90
CA SER C 31 -52.53 16.48 4.50
C SER C 31 -52.39 16.55 6.01
N PHE C 32 -52.11 17.73 6.57
CA PHE C 32 -51.82 17.98 7.99
C PHE C 32 -50.60 17.15 8.37
N THR C 33 -50.65 16.35 9.43
CA THR C 33 -49.53 15.53 9.87
C THR C 33 -49.82 14.04 9.69
N ARG C 34 -50.50 13.68 8.60
CA ARG C 34 -50.89 12.29 8.36
C ARG C 34 -49.91 11.66 7.37
N GLY C 35 -50.03 10.34 7.22
CA GLY C 35 -49.20 9.60 6.30
C GLY C 35 -47.92 9.06 6.89
N VAL C 36 -47.69 9.23 8.19
CA VAL C 36 -46.53 8.68 8.85
C VAL C 36 -46.74 7.19 9.10
N TYR C 37 -45.68 6.41 8.89
CA TYR C 37 -45.69 4.98 9.13
C TYR C 37 -44.39 4.56 9.78
N TYR C 38 -44.36 3.34 10.30
CA TYR C 38 -43.15 2.81 10.91
C TYR C 38 -42.17 2.43 9.80
N PRO C 39 -40.96 3.01 9.76
CA PRO C 39 -40.05 2.75 8.64
C PRO C 39 -39.53 1.32 8.55
N ASP C 40 -39.54 0.57 9.64
CA ASP C 40 -38.93 -0.75 9.67
C ASP C 40 -39.59 -1.57 10.77
N LYS C 41 -39.11 -2.81 10.94
CA LYS C 41 -39.67 -3.74 11.91
C LYS C 41 -38.91 -3.70 13.23
N VAL C 42 -38.24 -2.59 13.54
CA VAL C 42 -37.36 -2.47 14.69
C VAL C 42 -38.04 -1.68 15.81
N PHE C 43 -38.08 -2.26 17.00
CA PHE C 43 -38.58 -1.56 18.18
C PHE C 43 -37.56 -0.53 18.62
N ARG C 44 -38.04 0.66 18.98
CA ARG C 44 -37.20 1.69 19.57
C ARG C 44 -37.95 2.33 20.73
N SER C 45 -37.22 2.62 21.80
CA SER C 45 -37.81 3.14 23.03
C SER C 45 -37.12 4.40 23.50
N SER C 46 -37.93 5.46 23.70
CA SER C 46 -37.52 6.75 24.27
C SER C 46 -36.40 7.44 23.48
N VAL C 47 -36.38 7.29 22.16
CA VAL C 47 -35.33 7.85 21.33
C VAL C 47 -35.94 8.59 20.16
N LEU C 48 -35.13 9.44 19.54
CA LEU C 48 -35.50 10.16 18.32
C LEU C 48 -34.69 9.55 17.19
N HIS C 49 -35.36 9.10 16.14
CA HIS C 49 -34.67 8.42 15.05
C HIS C 49 -34.95 9.10 13.72
N SER C 50 -33.90 9.35 12.95
CA SER C 50 -34.00 10.00 11.64
C SER C 50 -33.96 8.95 10.54
N THR C 51 -34.95 9.00 9.64
CA THR C 51 -35.04 8.04 8.54
C THR C 51 -35.18 8.76 7.21
N GLN C 52 -34.49 8.24 6.20
CA GLN C 52 -34.61 8.71 4.81
C GLN C 52 -35.38 7.60 4.09
N ASP C 53 -36.70 7.81 3.95
CA ASP C 53 -37.60 6.84 3.34
C ASP C 53 -38.57 7.57 2.42
N LEU C 54 -39.47 6.79 1.81
CA LEU C 54 -40.51 7.36 0.96
C LEU C 54 -41.64 7.80 1.87
N PHE C 55 -41.78 9.11 2.07
CA PHE C 55 -42.77 9.64 2.99
C PHE C 55 -43.65 10.66 2.30
N LEU C 56 -44.79 10.93 2.93
CA LEU C 56 -45.71 11.96 2.46
C LEU C 56 -45.40 13.26 3.20
N PRO C 57 -45.21 14.37 2.49
CA PRO C 57 -44.88 15.63 3.16
C PRO C 57 -46.02 16.14 4.03
N PHE C 58 -45.65 16.78 5.14
CA PHE C 58 -46.65 17.38 6.01
C PHE C 58 -47.26 18.59 5.34
N PHE C 59 -48.57 18.79 5.58
CA PHE C 59 -49.36 19.90 5.03
C PHE C 59 -49.30 19.95 3.50
N SER C 60 -49.27 18.79 2.88
CA SER C 60 -49.17 18.71 1.43
C SER C 60 -50.55 18.78 0.79
N ASN C 61 -50.54 18.92 -0.53
CA ASN C 61 -51.77 19.02 -1.32
C ASN C 61 -52.21 17.60 -1.67
N VAL C 62 -53.21 17.10 -0.94
CA VAL C 62 -53.71 15.74 -1.12
C VAL C 62 -55.02 15.79 -1.89
N THR C 63 -55.16 14.93 -2.90
CA THR C 63 -56.33 14.94 -3.76
C THR C 63 -57.52 14.32 -3.03
N TRP C 64 -58.67 14.96 -3.15
CA TRP C 64 -59.89 14.58 -2.44
C TRP C 64 -60.94 14.12 -3.44
N PHE C 65 -61.48 12.93 -3.19
CA PHE C 65 -62.56 12.33 -3.96
C PHE C 65 -63.71 11.99 -3.01
N HIS C 66 -64.94 12.08 -3.52
CA HIS C 66 -66.13 11.84 -2.72
C HIS C 66 -66.92 10.69 -3.32
N VAL C 67 -67.69 10.00 -2.48
CA VAL C 67 -68.62 8.96 -2.90
C VAL C 67 -69.94 9.28 -2.21
N ILE C 68 -70.89 9.79 -2.97
CA ILE C 68 -72.17 10.23 -2.39
C ILE C 68 -73.27 10.11 -3.44
N LYS C 75 -75.15 12.61 -7.09
CA LYS C 75 -74.63 11.29 -7.44
C LYS C 75 -73.16 11.36 -7.83
N ARG C 76 -72.29 11.09 -6.87
CA ARG C 76 -70.84 11.08 -7.08
C ARG C 76 -70.33 9.65 -6.95
N PHE C 77 -69.62 9.19 -7.97
CA PHE C 77 -68.96 7.88 -7.96
C PHE C 77 -67.55 8.09 -8.51
N ASP C 78 -66.60 8.35 -7.62
CA ASP C 78 -65.24 8.68 -8.04
C ASP C 78 -64.41 7.41 -8.09
N ASN C 79 -64.18 6.90 -9.30
CA ASN C 79 -63.22 5.81 -9.51
C ASN C 79 -62.32 6.10 -10.71
N PRO C 80 -61.42 7.09 -10.62
CA PRO C 80 -60.43 7.26 -11.69
C PRO C 80 -59.25 6.31 -11.45
N VAL C 81 -58.40 6.21 -12.45
CA VAL C 81 -57.20 5.39 -12.35
C VAL C 81 -56.00 6.32 -12.24
N LEU C 82 -55.23 6.21 -11.13
CA LEU C 82 -54.17 7.18 -10.87
C LEU C 82 -52.78 6.55 -10.98
N PRO C 83 -51.77 7.33 -11.39
CA PRO C 83 -50.39 6.81 -11.38
C PRO C 83 -49.89 6.51 -9.97
N PHE C 84 -49.20 5.37 -9.83
CA PHE C 84 -48.73 4.94 -8.51
C PHE C 84 -47.57 5.80 -8.03
N ASN C 85 -46.67 6.20 -8.94
CA ASN C 85 -45.43 6.97 -8.67
C ASN C 85 -44.56 6.11 -7.75
N ASP C 86 -43.88 6.69 -6.78
CA ASP C 86 -42.95 5.94 -5.93
C ASP C 86 -43.61 5.40 -4.68
N GLY C 87 -44.86 5.81 -4.41
CA GLY C 87 -45.60 5.39 -3.24
C GLY C 87 -46.92 6.12 -3.14
N VAL C 88 -47.89 5.54 -2.44
CA VAL C 88 -49.25 6.07 -2.40
C VAL C 88 -49.75 6.09 -0.96
N TYR C 89 -50.27 7.23 -0.52
CA TYR C 89 -50.97 7.32 0.75
C TYR C 89 -52.46 7.40 0.42
N PHE C 90 -53.24 6.49 1.00
CA PHE C 90 -54.68 6.45 0.80
C PHE C 90 -55.35 6.69 2.14
N ALA C 91 -56.20 7.71 2.20
CA ALA C 91 -56.96 8.02 3.40
C ALA C 91 -58.43 7.77 3.11
N SER C 92 -59.13 7.16 4.05
CA SER C 92 -60.53 6.83 3.88
C SER C 92 -61.34 7.28 5.08
N ILE C 93 -62.21 8.27 4.88
CA ILE C 93 -63.18 8.65 5.89
C ILE C 93 -64.41 7.80 5.52
N GLU C 94 -64.57 6.70 6.25
CA GLU C 94 -65.46 5.62 5.90
C GLU C 94 -66.40 5.26 7.04
N LYS C 95 -67.64 4.95 6.67
CA LYS C 95 -68.61 4.30 7.53
C LYS C 95 -69.30 3.25 6.68
N SER C 96 -69.68 2.12 7.31
CA SER C 96 -70.41 0.99 6.75
C SER C 96 -69.59 0.18 5.74
N ASN C 97 -68.27 0.44 5.63
CA ASN C 97 -67.31 -0.35 4.85
C ASN C 97 -67.67 -0.45 3.36
N ILE C 98 -67.82 0.71 2.72
CA ILE C 98 -68.05 0.72 1.27
C ILE C 98 -66.79 0.31 0.53
N ILE C 99 -65.63 0.82 0.94
CA ILE C 99 -64.39 0.56 0.23
C ILE C 99 -63.91 -0.83 0.59
N ARG C 100 -63.64 -1.66 -0.42
CA ARG C 100 -63.32 -3.06 -0.17
C ARG C 100 -61.92 -3.48 -0.61
N GLY C 101 -61.27 -2.75 -1.51
CA GLY C 101 -59.98 -3.20 -1.98
C GLY C 101 -59.41 -2.30 -3.05
N TRP C 102 -58.27 -2.74 -3.59
CA TRP C 102 -57.52 -1.97 -4.57
C TRP C 102 -56.96 -2.88 -5.65
N ILE C 103 -56.62 -2.23 -6.78
CA ILE C 103 -56.06 -2.88 -7.95
C ILE C 103 -54.77 -2.16 -8.30
N PHE C 104 -53.69 -2.92 -8.50
CA PHE C 104 -52.40 -2.36 -8.85
C PHE C 104 -51.85 -3.05 -10.10
N GLY C 105 -51.13 -2.29 -10.91
CA GLY C 105 -50.51 -2.86 -12.09
C GLY C 105 -49.89 -1.79 -12.95
N THR C 106 -49.62 -2.15 -14.20
CA THR C 106 -49.07 -1.22 -15.19
C THR C 106 -50.04 -0.95 -16.32
N THR C 107 -50.59 -2.00 -16.92
CA THR C 107 -51.53 -1.86 -18.03
C THR C 107 -52.92 -2.38 -17.67
N LEU C 108 -53.04 -3.09 -16.54
CA LEU C 108 -54.31 -3.62 -16.00
C LEU C 108 -55.01 -4.56 -16.97
N ASP C 109 -54.23 -5.39 -17.66
CA ASP C 109 -54.77 -6.39 -18.57
C ASP C 109 -53.91 -7.65 -18.47
N SER C 110 -54.17 -8.60 -19.36
CA SER C 110 -53.44 -9.87 -19.40
C SER C 110 -52.04 -9.73 -19.98
N LYS C 111 -51.71 -8.58 -20.58
CA LYS C 111 -50.37 -8.37 -21.12
C LYS C 111 -49.32 -8.37 -20.03
N THR C 112 -49.62 -7.73 -18.90
CA THR C 112 -48.73 -7.66 -17.76
C THR C 112 -49.33 -8.44 -16.60
N GLN C 113 -48.66 -8.41 -15.45
CA GLN C 113 -49.10 -9.11 -14.26
C GLN C 113 -49.57 -8.07 -13.24
N SER C 114 -50.72 -8.33 -12.61
CA SER C 114 -51.34 -7.37 -11.72
C SER C 114 -51.59 -7.93 -10.33
N LEU C 115 -51.64 -7.01 -9.36
CA LEU C 115 -51.90 -7.34 -7.96
C LEU C 115 -53.31 -6.89 -7.59
N LEU C 116 -54.04 -7.77 -6.89
CA LEU C 116 -55.41 -7.53 -6.48
C LEU C 116 -55.52 -7.70 -4.98
N ILE C 117 -56.11 -6.71 -4.30
CA ILE C 117 -56.37 -6.77 -2.87
C ILE C 117 -57.86 -6.63 -2.70
N VAL C 118 -58.52 -7.63 -2.10
CA VAL C 118 -59.96 -7.53 -1.84
C VAL C 118 -60.28 -8.04 -0.44
N ASN C 119 -61.34 -7.47 0.12
CA ASN C 119 -61.94 -7.93 1.38
C ASN C 119 -63.45 -8.03 1.15
N ASN C 120 -63.94 -9.23 0.88
CA ASN C 120 -65.38 -9.41 0.72
C ASN C 120 -66.02 -9.69 2.08
N ALA C 121 -67.26 -10.21 2.07
CA ALA C 121 -68.03 -10.41 3.30
C ALA C 121 -67.41 -11.41 4.27
N THR C 122 -66.52 -12.28 3.81
CA THR C 122 -66.00 -13.36 4.64
C THR C 122 -64.51 -13.24 4.96
N ASN C 123 -63.66 -13.02 3.96
CA ASN C 123 -62.23 -13.16 4.23
C ASN C 123 -61.44 -12.19 3.37
N VAL C 124 -60.18 -11.97 3.73
CA VAL C 124 -59.31 -11.03 3.03
C VAL C 124 -58.43 -11.83 2.08
N VAL C 125 -58.50 -11.50 0.79
CA VAL C 125 -57.83 -12.23 -0.27
C VAL C 125 -56.85 -11.31 -0.97
N ILE C 126 -55.62 -11.79 -1.15
CA ILE C 126 -54.56 -11.12 -1.87
C ILE C 126 -54.16 -12.03 -3.02
N LYS C 127 -54.23 -11.54 -4.25
CA LYS C 127 -53.90 -12.38 -5.39
C LYS C 127 -52.94 -11.63 -6.32
N VAL C 128 -52.07 -12.39 -6.98
CA VAL C 128 -51.19 -11.85 -8.00
C VAL C 128 -51.44 -12.67 -9.25
N CYS C 129 -52.18 -12.11 -10.21
CA CYS C 129 -52.55 -12.87 -11.40
C CYS C 129 -52.51 -11.93 -12.59
N GLU C 130 -52.68 -12.49 -13.78
CA GLU C 130 -52.82 -11.67 -14.98
C GLU C 130 -54.31 -11.50 -15.28
N PHE C 131 -54.91 -10.55 -14.58
CA PHE C 131 -56.35 -10.34 -14.69
C PHE C 131 -56.68 -9.52 -15.93
N GLN C 132 -57.79 -9.88 -16.58
CA GLN C 132 -58.36 -9.05 -17.62
C GLN C 132 -59.37 -8.16 -16.92
N PHE C 133 -58.91 -6.99 -16.50
CA PHE C 133 -59.70 -6.09 -15.68
C PHE C 133 -60.78 -5.37 -16.48
N CYS C 134 -61.87 -5.06 -15.81
CA CYS C 134 -62.94 -4.25 -16.36
C CYS C 134 -62.50 -2.78 -16.39
N ASN C 135 -63.15 -2.02 -17.28
CA ASN C 135 -62.91 -0.57 -17.29
C ASN C 135 -63.44 0.07 -16.02
N ASP C 136 -64.58 -0.41 -15.54
CA ASP C 136 -65.17 0.04 -14.28
C ASP C 136 -65.40 -1.19 -13.41
N PRO C 137 -64.38 -1.62 -12.67
CA PRO C 137 -64.55 -2.77 -11.77
C PRO C 137 -65.06 -2.35 -10.40
N PHE C 138 -65.97 -3.17 -9.85
CA PHE C 138 -66.56 -2.85 -8.56
C PHE C 138 -67.10 -4.12 -7.91
N LEU C 139 -67.51 -3.95 -6.65
CA LEU C 139 -68.18 -4.98 -5.89
C LEU C 139 -69.63 -4.53 -5.73
N ASP C 140 -70.50 -5.47 -5.35
CA ASP C 140 -71.94 -5.24 -5.16
C ASP C 140 -72.40 -6.21 -4.08
N MET C 148 -77.16 -8.25 1.59
CA MET C 148 -76.10 -9.23 1.34
C MET C 148 -75.35 -8.91 0.05
N GLU C 149 -74.07 -9.26 0.02
CA GLU C 149 -73.20 -9.00 -1.12
C GLU C 149 -73.05 -10.28 -1.94
N SER C 150 -73.58 -10.27 -3.17
CA SER C 150 -73.53 -11.47 -3.99
C SER C 150 -73.20 -11.18 -5.45
N GLU C 151 -72.55 -10.07 -5.76
CA GLU C 151 -72.25 -9.70 -7.14
C GLU C 151 -70.84 -9.12 -7.17
N PHE C 152 -69.94 -9.80 -7.90
CA PHE C 152 -68.53 -9.43 -7.98
C PHE C 152 -68.15 -9.15 -9.43
N ARG C 153 -67.92 -7.87 -9.80
CA ARG C 153 -67.48 -7.61 -11.18
C ARG C 153 -66.18 -6.81 -11.16
N VAL C 154 -65.08 -7.53 -11.01
CA VAL C 154 -63.74 -6.95 -10.93
C VAL C 154 -62.93 -7.32 -12.16
N TYR C 155 -62.89 -8.61 -12.51
CA TYR C 155 -62.10 -9.10 -13.63
C TYR C 155 -62.90 -10.14 -14.38
N SER C 156 -62.59 -10.31 -15.67
CA SER C 156 -63.26 -11.31 -16.47
C SER C 156 -62.49 -12.63 -16.55
N SER C 157 -61.18 -12.61 -16.33
CA SER C 157 -60.37 -13.83 -16.43
C SER C 157 -59.13 -13.67 -15.57
N ALA C 158 -58.55 -14.82 -15.21
CA ALA C 158 -57.28 -14.86 -14.49
C ALA C 158 -56.52 -16.09 -14.96
N ASN C 159 -55.50 -15.89 -15.78
CA ASN C 159 -54.84 -17.03 -16.44
C ASN C 159 -53.65 -17.55 -15.63
N ASN C 160 -52.65 -16.70 -15.40
CA ASN C 160 -51.41 -17.13 -14.75
C ASN C 160 -51.33 -16.51 -13.37
N CYS C 161 -51.68 -17.29 -12.35
CA CYS C 161 -51.65 -16.85 -10.97
C CYS C 161 -50.40 -17.40 -10.31
N THR C 162 -49.55 -16.51 -9.80
CA THR C 162 -48.28 -16.92 -9.21
C THR C 162 -48.26 -16.85 -7.71
N PHE C 163 -49.20 -16.15 -7.07
CA PHE C 163 -49.17 -15.99 -5.63
C PHE C 163 -50.59 -15.72 -5.11
N GLU C 164 -50.93 -16.40 -4.02
CA GLU C 164 -52.19 -16.24 -3.32
C GLU C 164 -51.88 -16.10 -1.84
N TYR C 165 -52.62 -15.24 -1.15
CA TYR C 165 -52.40 -15.04 0.28
C TYR C 165 -53.71 -14.67 0.94
N VAL C 166 -54.11 -15.48 1.92
CA VAL C 166 -55.37 -15.31 2.65
C VAL C 166 -55.01 -14.83 4.05
N SER C 167 -55.63 -13.74 4.49
CA SER C 167 -55.22 -13.13 5.76
C SER C 167 -56.42 -12.72 6.58
N GLN C 168 -56.14 -12.15 7.75
CA GLN C 168 -57.15 -11.79 8.72
C GLN C 168 -57.97 -10.60 8.21
N PRO C 169 -59.19 -10.39 8.74
CA PRO C 169 -59.96 -9.18 8.40
C PRO C 169 -59.25 -7.91 8.80
N PHE C 170 -58.96 -7.07 7.80
CA PHE C 170 -58.26 -5.81 8.07
C PHE C 170 -59.19 -4.79 8.71
N LEU C 171 -60.45 -4.73 8.27
CA LEU C 171 -61.34 -3.65 8.69
C LEU C 171 -61.81 -3.84 10.13
N ASN C 180 -73.04 10.61 10.94
CA ASN C 180 -71.69 10.91 11.41
C ASN C 180 -70.72 9.85 10.88
N PHE C 181 -69.59 10.31 10.34
CA PHE C 181 -68.55 9.41 9.91
C PHE C 181 -67.80 8.88 11.12
N LYS C 182 -67.61 7.56 11.18
CA LYS C 182 -67.01 6.96 12.36
C LYS C 182 -65.62 6.35 12.18
N ASN C 183 -65.20 6.02 10.96
CA ASN C 183 -63.91 5.33 10.81
C ASN C 183 -62.95 6.08 9.90
N LEU C 184 -61.70 6.17 10.34
CA LEU C 184 -60.61 6.66 9.50
C LEU C 184 -59.70 5.47 9.21
N ARG C 185 -59.58 5.13 7.94
CA ARG C 185 -58.71 4.04 7.50
C ARG C 185 -57.57 4.60 6.68
N GLU C 186 -56.35 4.48 7.20
CA GLU C 186 -55.17 5.03 6.53
C GLU C 186 -54.30 3.89 6.03
N PHE C 187 -53.89 3.96 4.77
CA PHE C 187 -53.06 2.95 4.16
C PHE C 187 -51.91 3.63 3.43
N VAL C 188 -50.76 2.98 3.42
CA VAL C 188 -49.61 3.43 2.65
C VAL C 188 -49.11 2.23 1.85
N PHE C 189 -49.02 2.40 0.53
CA PHE C 189 -48.53 1.37 -0.36
C PHE C 189 -47.20 1.82 -0.93
N LYS C 190 -46.19 0.95 -0.83
CA LYS C 190 -44.89 1.22 -1.41
C LYS C 190 -44.44 0.04 -2.26
N ASN C 191 -43.69 0.35 -3.32
CA ASN C 191 -43.16 -0.67 -4.22
C ASN C 191 -41.66 -0.37 -4.38
N ILE C 192 -40.86 -0.87 -3.45
CA ILE C 192 -39.43 -0.60 -3.45
C ILE C 192 -38.74 -1.93 -3.69
N ASP C 193 -37.88 -1.96 -4.72
CA ASP C 193 -37.07 -3.12 -5.10
C ASP C 193 -37.98 -4.31 -5.43
N GLY C 194 -39.18 -4.03 -5.94
CA GLY C 194 -40.13 -5.07 -6.25
C GLY C 194 -40.86 -5.61 -5.04
N TYR C 195 -40.72 -4.97 -3.89
CA TYR C 195 -41.35 -5.41 -2.65
C TYR C 195 -42.46 -4.40 -2.33
N PHE C 196 -43.69 -4.89 -2.13
CA PHE C 196 -44.87 -4.03 -1.93
C PHE C 196 -45.29 -4.05 -0.46
N LYS C 197 -45.10 -2.91 0.21
CA LYS C 197 -45.38 -2.76 1.63
C LYS C 197 -46.71 -2.06 1.82
N ILE C 198 -47.59 -2.67 2.62
CA ILE C 198 -48.88 -2.12 2.99
C ILE C 198 -48.82 -1.78 4.47
N TYR C 199 -48.96 -0.50 4.79
CA TYR C 199 -49.03 -0.02 6.16
C TYR C 199 -50.46 0.43 6.41
N SER C 200 -51.01 0.09 7.58
CA SER C 200 -52.41 0.38 7.84
C SER C 200 -52.61 0.92 9.25
N LYS C 201 -53.66 1.71 9.39
CA LYS C 201 -54.08 2.20 10.70
C LYS C 201 -55.58 2.46 10.67
N HIS C 202 -56.24 2.08 11.76
CA HIS C 202 -57.67 2.32 11.96
C HIS C 202 -57.84 3.28 13.12
N THR C 203 -58.65 4.32 12.92
CA THR C 203 -58.85 5.33 13.94
C THR C 203 -60.35 5.55 14.14
N PRO C 204 -60.85 5.51 15.37
CA PRO C 204 -62.26 5.89 15.62
C PRO C 204 -62.40 7.40 15.55
N ILE C 205 -63.22 7.88 14.62
CA ILE C 205 -63.41 9.31 14.43
C ILE C 205 -64.90 9.64 14.46
N ASP C 212 -63.50 17.22 6.33
CA ASP C 212 -62.11 17.13 5.89
C ASP C 212 -61.36 16.12 6.77
N LEU C 213 -60.04 16.03 6.55
CA LEU C 213 -59.22 15.16 7.37
C LEU C 213 -59.07 15.75 8.77
N PRO C 214 -59.06 14.93 9.81
CA PRO C 214 -58.81 15.46 11.16
C PRO C 214 -57.36 15.88 11.32
N GLN C 215 -57.12 16.82 12.23
CA GLN C 215 -55.80 17.31 12.51
C GLN C 215 -55.29 16.59 13.76
N GLY C 216 -54.23 15.81 13.60
CA GLY C 216 -53.71 15.03 14.70
C GLY C 216 -52.58 14.15 14.21
N PHE C 217 -52.14 13.25 15.08
CA PHE C 217 -51.05 12.35 14.76
C PHE C 217 -51.48 10.92 14.96
N SER C 218 -51.21 10.07 13.97
CA SER C 218 -51.49 8.64 14.08
C SER C 218 -50.49 7.91 13.20
N ALA C 219 -49.65 7.10 13.82
CA ALA C 219 -48.64 6.35 13.07
C ALA C 219 -49.28 5.12 12.46
N LEU C 220 -48.89 4.81 11.23
CA LEU C 220 -49.47 3.68 10.52
C LEU C 220 -48.63 2.45 10.81
N GLU C 221 -49.24 1.43 11.38
CA GLU C 221 -48.50 0.21 11.64
C GLU C 221 -48.36 -0.60 10.35
N PRO C 222 -47.20 -1.21 10.13
CA PRO C 222 -47.06 -2.11 8.98
C PRO C 222 -47.96 -3.33 9.13
N LEU C 223 -48.70 -3.61 8.07
CA LEU C 223 -49.70 -4.67 8.07
C LEU C 223 -49.24 -5.84 7.21
N VAL C 224 -48.87 -5.59 5.95
CA VAL C 224 -48.50 -6.66 5.04
C VAL C 224 -47.20 -6.29 4.36
N ASP C 225 -46.21 -7.19 4.41
CA ASP C 225 -45.00 -7.05 3.62
C ASP C 225 -45.18 -8.07 2.50
N LEU C 226 -45.32 -7.61 1.26
CA LEU C 226 -45.71 -8.51 0.20
C LEU C 226 -44.60 -8.67 -0.82
N PRO C 227 -44.16 -9.91 -1.02
CA PRO C 227 -43.15 -10.20 -2.05
C PRO C 227 -43.72 -10.45 -3.44
N ILE C 228 -43.93 -9.41 -4.25
CA ILE C 228 -44.52 -9.58 -5.58
C ILE C 228 -43.46 -9.61 -6.68
N GLY C 229 -42.51 -8.68 -6.66
CA GLY C 229 -41.51 -8.56 -7.72
C GLY C 229 -42.10 -8.25 -9.09
N ILE C 230 -43.13 -7.38 -9.14
CA ILE C 230 -43.74 -6.99 -10.39
C ILE C 230 -43.75 -5.47 -10.47
N ASN C 231 -43.90 -4.95 -11.69
CA ASN C 231 -43.96 -3.51 -11.91
C ASN C 231 -45.35 -2.98 -11.63
N ILE C 232 -45.43 -1.92 -10.83
CA ILE C 232 -46.68 -1.22 -10.56
C ILE C 232 -46.46 0.24 -10.86
N THR C 233 -47.25 0.80 -11.76
CA THR C 233 -47.20 2.22 -12.07
C THR C 233 -48.56 2.89 -12.01
N ARG C 234 -49.65 2.13 -11.92
CA ARG C 234 -50.98 2.71 -11.94
C ARG C 234 -51.88 1.86 -11.05
N PHE C 235 -52.84 2.52 -10.39
CA PHE C 235 -53.72 1.84 -9.46
C PHE C 235 -55.15 2.37 -9.60
N GLN C 236 -56.09 1.59 -9.09
CA GLN C 236 -57.50 1.98 -9.08
C GLN C 236 -58.18 1.30 -7.89
N THR C 237 -58.95 2.06 -7.11
CA THR C 237 -59.65 1.47 -5.98
C THR C 237 -60.99 0.86 -6.39
N LEU C 238 -61.47 -0.06 -5.57
CA LEU C 238 -62.72 -0.77 -5.80
C LEU C 238 -63.73 -0.35 -4.77
N LEU C 239 -64.92 0.05 -5.22
CA LEU C 239 -66.00 0.48 -4.37
C LEU C 239 -67.11 -0.56 -4.37
N ALA C 240 -68.08 -0.36 -3.48
CA ALA C 240 -69.24 -1.24 -3.41
C ALA C 240 -70.50 -0.41 -3.62
N LEU C 241 -71.35 -0.86 -4.53
CA LEU C 241 -72.62 -0.22 -4.75
C LEU C 241 -73.68 -0.74 -3.78
N HIS C 242 -74.73 0.05 -3.61
CA HIS C 242 -75.92 -0.36 -2.87
C HIS C 242 -77.07 -0.35 -3.85
N ARG C 243 -77.79 -1.46 -3.94
CA ARG C 243 -78.88 -1.62 -4.88
C ARG C 243 -80.20 -1.72 -4.14
N SER C 244 -81.20 -0.99 -4.62
CA SER C 244 -82.54 -1.02 -4.03
C SER C 244 -83.58 -1.31 -5.09
N GLY C 254 -81.87 1.75 -9.96
CA GLY C 254 -80.48 1.49 -10.30
C GLY C 254 -79.62 1.16 -9.10
N TRP C 255 -78.61 1.99 -8.85
CA TRP C 255 -77.71 1.81 -7.72
C TRP C 255 -77.57 3.12 -6.96
N THR C 256 -77.20 3.01 -5.69
CA THR C 256 -76.98 4.14 -4.82
C THR C 256 -75.60 4.01 -4.17
N ALA C 257 -74.90 5.14 -4.06
CA ALA C 257 -73.59 5.19 -3.46
C ALA C 257 -73.68 5.62 -2.00
N GLY C 258 -73.10 4.81 -1.11
CA GLY C 258 -73.05 5.16 0.29
C GLY C 258 -72.09 6.30 0.55
N ALA C 259 -72.28 6.97 1.68
CA ALA C 259 -71.47 8.14 2.02
C ALA C 259 -70.06 7.73 2.39
N ALA C 260 -69.08 8.18 1.61
CA ALA C 260 -67.68 7.87 1.86
C ALA C 260 -66.82 8.96 1.25
N ALA C 261 -65.59 9.08 1.74
CA ALA C 261 -64.65 10.02 1.13
C ALA C 261 -63.26 9.44 1.18
N TYR C 262 -62.48 9.64 0.11
CA TYR C 262 -61.11 9.15 0.13
C TYR C 262 -60.16 10.22 -0.40
N TYR C 263 -58.90 10.05 -0.03
CA TYR C 263 -57.84 11.00 -0.32
C TYR C 263 -56.64 10.25 -0.86
N VAL C 264 -56.02 10.79 -1.91
CA VAL C 264 -54.87 10.18 -2.55
C VAL C 264 -53.69 11.15 -2.46
N GLY C 265 -52.57 10.67 -1.92
CA GLY C 265 -51.36 11.45 -1.85
C GLY C 265 -50.20 10.62 -2.37
N TYR C 266 -49.12 11.30 -2.74
CA TYR C 266 -47.97 10.62 -3.31
C TYR C 266 -46.76 10.77 -2.40
N LEU C 267 -45.97 9.70 -2.33
CA LEU C 267 -44.79 9.68 -1.47
C LEU C 267 -43.58 10.16 -2.25
N GLN C 268 -42.68 10.86 -1.57
CA GLN C 268 -41.42 11.33 -2.12
C GLN C 268 -40.30 10.93 -1.17
N PRO C 269 -39.07 10.75 -1.68
CA PRO C 269 -37.97 10.40 -0.79
C PRO C 269 -37.55 11.60 0.05
N ARG C 270 -37.63 11.44 1.37
CA ARG C 270 -37.27 12.51 2.29
C ARG C 270 -36.94 11.92 3.64
N THR C 271 -36.46 12.78 4.53
CA THR C 271 -36.09 12.40 5.89
C THR C 271 -37.13 12.91 6.87
N PHE C 272 -37.51 12.04 7.79
CA PHE C 272 -38.34 12.41 8.93
C PHE C 272 -37.57 12.14 10.22
N LEU C 273 -37.85 12.98 11.21
CA LEU C 273 -37.35 12.78 12.56
C LEU C 273 -38.53 12.24 13.38
N LEU C 274 -38.42 10.99 13.81
CA LEU C 274 -39.52 10.32 14.49
C LEU C 274 -39.25 10.33 15.97
N LYS C 275 -40.30 10.55 16.77
CA LYS C 275 -40.20 10.51 18.22
C LYS C 275 -40.88 9.24 18.72
N TYR C 276 -40.17 8.49 19.54
CA TYR C 276 -40.63 7.23 20.10
C TYR C 276 -40.77 7.42 21.60
N ASN C 277 -41.91 7.04 22.16
CA ASN C 277 -42.16 7.28 23.58
C ASN C 277 -41.58 6.12 24.39
N GLU C 278 -41.94 6.05 25.68
CA GLU C 278 -41.45 4.99 26.53
C GLU C 278 -42.02 3.62 26.16
N ASN C 279 -43.17 3.59 25.49
CA ASN C 279 -43.83 2.35 25.10
C ASN C 279 -43.53 1.95 23.66
N GLY C 280 -42.67 2.70 22.97
CA GLY C 280 -42.31 2.37 21.60
C GLY C 280 -43.33 2.74 20.55
N THR C 281 -44.24 3.66 20.86
CA THR C 281 -45.27 4.09 19.93
C THR C 281 -44.89 5.46 19.39
N ILE C 282 -44.94 5.62 18.06
CA ILE C 282 -44.57 6.89 17.46
C ILE C 282 -45.66 7.91 17.75
N THR C 283 -45.28 9.02 18.38
CA THR C 283 -46.23 10.03 18.80
C THR C 283 -46.09 11.35 18.04
N ASP C 284 -44.91 11.66 17.52
CA ASP C 284 -44.65 12.91 16.81
C ASP C 284 -43.60 12.69 15.74
N ALA C 285 -43.63 13.53 14.71
CA ALA C 285 -42.66 13.46 13.63
C ALA C 285 -42.39 14.87 13.12
N VAL C 286 -41.21 15.04 12.53
CA VAL C 286 -40.78 16.30 11.94
C VAL C 286 -40.37 16.04 10.50
N ASP C 287 -40.92 16.82 9.57
CA ASP C 287 -40.53 16.77 8.16
C ASP C 287 -39.38 17.75 7.99
N CYS C 288 -38.18 17.23 7.69
CA CYS C 288 -36.98 18.05 7.63
C CYS C 288 -36.96 19.03 6.46
N ALA C 289 -37.76 18.80 5.42
CA ALA C 289 -37.73 19.64 4.23
C ALA C 289 -38.97 20.51 4.07
N LEU C 290 -39.79 20.65 5.12
CA LEU C 290 -41.04 21.39 4.99
C LEU C 290 -40.83 22.89 5.15
N ASP C 291 -40.24 23.30 6.27
CA ASP C 291 -40.01 24.69 6.62
C ASP C 291 -38.68 24.77 7.36
N PRO C 292 -38.03 25.94 7.38
CA PRO C 292 -36.75 26.08 8.09
C PRO C 292 -36.78 25.73 9.58
N LEU C 293 -37.90 25.93 10.26
CA LEU C 293 -37.99 25.59 11.68
C LEU C 293 -37.86 24.07 11.88
N SER C 294 -38.56 23.30 11.05
CA SER C 294 -38.46 21.86 11.15
C SER C 294 -37.11 21.37 10.67
N GLU C 295 -36.49 22.09 9.72
CA GLU C 295 -35.14 21.75 9.29
C GLU C 295 -34.16 21.93 10.46
N THR C 296 -34.36 22.99 11.24
CA THR C 296 -33.53 23.21 12.44
C THR C 296 -33.77 22.11 13.47
N LYS C 297 -35.03 21.70 13.61
CA LYS C 297 -35.39 20.62 14.55
C LYS C 297 -34.73 19.32 14.12
N CYS C 298 -34.71 19.05 12.81
CA CYS C 298 -34.10 17.85 12.27
C CYS C 298 -32.58 17.89 12.43
N THR C 299 -31.98 19.07 12.23
CA THR C 299 -30.53 19.21 12.33
C THR C 299 -30.06 19.04 13.76
N LEU C 300 -30.77 19.65 14.71
CA LEU C 300 -30.36 19.58 16.11
C LEU C 300 -30.82 18.30 16.80
N LYS C 301 -31.62 17.49 16.12
CA LYS C 301 -32.17 16.21 16.63
C LYS C 301 -32.99 16.43 17.90
N SER C 302 -33.76 17.51 17.93
CA SER C 302 -34.61 17.81 19.06
C SER C 302 -35.89 18.46 18.57
N PHE C 303 -36.98 18.23 19.31
CA PHE C 303 -38.26 18.83 18.97
C PHE C 303 -38.42 20.22 19.54
N THR C 304 -37.54 20.63 20.45
CA THR C 304 -37.54 21.99 21.00
C THR C 304 -36.25 22.65 20.61
N VAL C 305 -36.35 23.85 20.03
CA VAL C 305 -35.20 24.62 19.60
C VAL C 305 -35.09 25.86 20.48
N GLU C 306 -33.90 26.07 21.05
CA GLU C 306 -33.64 27.22 21.89
C GLU C 306 -33.42 28.46 21.01
N LYS C 307 -33.43 29.62 21.65
CA LYS C 307 -33.24 30.87 20.94
C LYS C 307 -31.81 30.98 20.43
N GLY C 308 -31.66 31.32 19.16
CA GLY C 308 -30.34 31.53 18.60
C GLY C 308 -30.37 31.37 17.09
N ILE C 309 -29.17 31.38 16.52
CA ILE C 309 -28.96 31.19 15.08
C ILE C 309 -28.31 29.82 14.90
N TYR C 310 -28.83 29.02 13.97
CA TYR C 310 -28.33 27.68 13.75
C TYR C 310 -28.03 27.44 12.27
N GLN C 311 -26.82 26.97 11.99
CA GLN C 311 -26.44 26.58 10.64
C GLN C 311 -27.10 25.24 10.35
N THR C 312 -28.00 25.20 9.36
CA THR C 312 -28.78 24.00 9.08
C THR C 312 -28.33 23.25 7.84
N SER C 313 -28.22 23.93 6.71
CA SER C 313 -27.90 23.26 5.45
C SER C 313 -27.23 24.27 4.52
N ASN C 314 -26.95 23.83 3.30
CA ASN C 314 -26.34 24.70 2.30
C ASN C 314 -27.23 24.74 1.06
N PHE C 315 -27.81 25.92 0.80
CA PHE C 315 -28.59 26.12 -0.41
C PHE C 315 -27.68 26.01 -1.62
N ARG C 316 -28.11 25.21 -2.61
CA ARG C 316 -27.42 25.13 -3.87
C ARG C 316 -28.42 24.94 -5.01
N VAL C 317 -28.27 25.74 -6.07
CA VAL C 317 -29.18 25.64 -7.20
C VAL C 317 -28.86 24.38 -8.00
N GLN C 318 -29.92 23.63 -8.40
CA GLN C 318 -29.83 22.35 -9.07
C GLN C 318 -29.76 22.54 -10.59
N PRO C 319 -29.16 21.60 -11.33
CA PRO C 319 -29.09 21.76 -12.79
C PRO C 319 -30.45 21.58 -13.45
N THR C 320 -30.64 22.27 -14.57
CA THR C 320 -31.92 22.24 -15.26
C THR C 320 -31.97 21.20 -16.38
N GLU C 321 -30.89 21.05 -17.15
CA GLU C 321 -30.86 20.03 -18.19
C GLU C 321 -29.43 19.58 -18.43
N SER C 322 -29.30 18.39 -19.01
CA SER C 322 -28.00 17.79 -19.29
C SER C 322 -27.59 18.08 -20.74
N ILE C 323 -26.37 18.59 -20.92
CA ILE C 323 -25.80 18.83 -22.25
C ILE C 323 -24.61 17.91 -22.44
N VAL C 324 -24.62 17.17 -23.55
CA VAL C 324 -23.49 16.32 -23.93
C VAL C 324 -22.82 16.97 -25.14
N ARG C 325 -21.52 17.24 -25.03
CA ARG C 325 -20.75 17.76 -26.16
C ARG C 325 -19.66 16.77 -26.54
N PHE C 326 -19.72 16.29 -27.77
CA PHE C 326 -18.79 15.37 -28.40
C PHE C 326 -18.41 15.96 -29.75
N PRO C 327 -17.26 15.56 -30.33
CA PRO C 327 -16.90 16.04 -31.67
C PRO C 327 -17.93 15.64 -32.72
N ASN C 328 -18.22 16.58 -33.63
CA ASN C 328 -19.24 16.36 -34.66
C ASN C 328 -18.83 15.27 -35.65
N ILE C 329 -17.52 15.16 -35.91
CA ILE C 329 -17.01 14.23 -36.93
C ILE C 329 -17.37 12.79 -36.60
N THR C 330 -17.97 12.11 -37.58
CA THR C 330 -18.38 10.72 -37.40
C THR C 330 -17.87 9.89 -38.56
N ASN C 331 -16.96 8.97 -38.25
CA ASN C 331 -16.44 7.98 -39.19
C ASN C 331 -16.55 6.63 -38.50
N LEU C 332 -17.14 5.64 -39.18
CA LEU C 332 -17.22 4.29 -38.63
C LEU C 332 -15.82 3.76 -38.35
N CYS C 333 -15.59 3.34 -37.12
CA CYS C 333 -14.23 3.00 -36.74
C CYS C 333 -13.88 1.58 -37.19
N PRO C 334 -12.68 1.38 -37.76
CA PRO C 334 -12.35 0.05 -38.32
C PRO C 334 -11.96 -0.99 -37.27
N PHE C 335 -12.92 -1.36 -36.42
CA PHE C 335 -12.70 -2.48 -35.51
C PHE C 335 -12.85 -3.81 -36.21
N ASP C 336 -13.56 -3.82 -37.34
CA ASP C 336 -13.73 -5.02 -38.15
C ASP C 336 -12.40 -5.51 -38.70
N GLU C 337 -11.53 -4.58 -39.10
CA GLU C 337 -10.22 -4.95 -39.63
C GLU C 337 -9.37 -5.66 -38.58
N VAL C 338 -9.37 -5.15 -37.35
CA VAL C 338 -8.57 -5.74 -36.29
C VAL C 338 -9.16 -7.05 -35.81
N PHE C 339 -10.47 -7.09 -35.54
CA PHE C 339 -11.05 -8.24 -34.87
C PHE C 339 -11.50 -9.37 -35.79
N ASN C 340 -11.67 -9.13 -37.08
CA ASN C 340 -12.21 -10.15 -37.99
C ASN C 340 -11.18 -10.58 -39.02
N ALA C 341 -9.92 -10.18 -38.84
CA ALA C 341 -8.87 -10.50 -39.80
C ALA C 341 -8.61 -12.00 -39.87
N THR C 342 -8.28 -12.47 -41.06
CA THR C 342 -7.95 -13.89 -41.26
C THR C 342 -6.66 -14.28 -40.55
N ARG C 343 -5.64 -13.44 -40.62
CA ARG C 343 -4.32 -13.77 -40.09
C ARG C 343 -3.89 -12.75 -39.05
N PHE C 344 -3.35 -13.24 -37.94
CA PHE C 344 -2.74 -12.42 -36.92
C PHE C 344 -1.23 -12.63 -36.90
N ALA C 345 -0.54 -11.68 -36.31
CA ALA C 345 0.91 -11.78 -36.19
C ALA C 345 1.28 -12.67 -35.01
N SER C 346 2.55 -13.08 -34.98
CA SER C 346 3.06 -13.85 -33.86
C SER C 346 3.27 -12.95 -32.65
N VAL C 347 3.44 -13.59 -31.48
CA VAL C 347 3.54 -12.82 -30.24
C VAL C 347 4.88 -12.07 -30.14
N TYR C 348 5.95 -12.59 -30.73
CA TYR C 348 7.22 -11.85 -30.72
C TYR C 348 7.15 -10.63 -31.63
N ALA C 349 6.35 -10.69 -32.70
CA ALA C 349 6.24 -9.61 -33.66
C ALA C 349 4.79 -9.13 -33.71
N TRP C 350 4.20 -8.87 -32.53
CA TRP C 350 2.80 -8.50 -32.39
C TRP C 350 2.46 -7.23 -33.14
N ASN C 351 1.29 -7.21 -33.78
CA ASN C 351 0.91 -6.10 -34.64
C ASN C 351 0.25 -4.99 -33.84
N ARG C 352 0.73 -3.77 -34.02
CA ARG C 352 0.19 -2.59 -33.34
C ARG C 352 -0.49 -1.70 -34.36
N LYS C 353 -1.78 -1.45 -34.17
CA LYS C 353 -2.53 -0.55 -35.04
C LYS C 353 -3.00 0.66 -34.26
N ARG C 354 -2.76 1.84 -34.81
CA ARG C 354 -3.23 3.08 -34.21
C ARG C 354 -4.68 3.32 -34.61
N ILE C 355 -5.51 3.70 -33.63
CA ILE C 355 -6.90 4.05 -33.88
C ILE C 355 -7.06 5.53 -33.53
N SER C 356 -7.41 6.33 -34.54
CA SER C 356 -7.61 7.76 -34.33
C SER C 356 -8.58 8.29 -35.38
N ASN C 357 -9.24 9.41 -35.02
CA ASN C 357 -10.17 10.15 -35.89
C ASN C 357 -11.31 9.24 -36.35
N CYS C 358 -11.97 8.61 -35.37
CA CYS C 358 -13.12 7.77 -35.65
C CYS C 358 -14.04 7.82 -34.44
N VAL C 359 -15.31 7.47 -34.65
CA VAL C 359 -16.23 7.29 -33.55
C VAL C 359 -16.40 5.79 -33.37
N ALA C 360 -16.18 5.32 -32.15
CA ALA C 360 -16.15 3.88 -31.90
C ALA C 360 -17.36 3.48 -31.09
N ASP C 361 -18.06 2.46 -31.57
CA ASP C 361 -19.18 1.86 -30.87
C ASP C 361 -18.66 0.58 -30.24
N TYR C 362 -18.37 0.60 -28.95
CA TYR C 362 -17.90 -0.63 -28.36
C TYR C 362 -19.04 -1.52 -27.93
N SER C 363 -20.29 -1.00 -27.99
CA SER C 363 -21.42 -1.80 -27.58
C SER C 363 -21.63 -2.96 -28.53
N VAL C 364 -21.29 -2.78 -29.82
CA VAL C 364 -21.40 -3.91 -30.73
C VAL C 364 -20.29 -4.92 -30.47
N LEU C 365 -19.21 -4.54 -29.80
CA LEU C 365 -18.20 -5.54 -29.48
C LEU C 365 -18.57 -6.26 -28.19
N TYR C 366 -19.05 -5.50 -27.20
CA TYR C 366 -19.46 -6.08 -25.94
C TYR C 366 -20.72 -6.93 -26.07
N ASN C 367 -21.73 -6.45 -26.81
CA ASN C 367 -22.99 -7.18 -26.82
C ASN C 367 -22.91 -8.44 -27.67
N LEU C 368 -21.97 -8.52 -28.63
CA LEU C 368 -21.81 -9.76 -29.37
C LEU C 368 -21.16 -10.76 -28.43
N ALA C 369 -21.67 -11.97 -28.41
CA ALA C 369 -21.23 -13.06 -27.55
C ALA C 369 -20.10 -14.04 -27.92
N PRO C 370 -19.42 -14.02 -29.09
CA PRO C 370 -18.40 -15.07 -29.33
C PRO C 370 -17.12 -15.02 -28.49
N PHE C 371 -16.72 -13.89 -27.90
CA PHE C 371 -15.43 -13.77 -27.21
C PHE C 371 -15.56 -14.28 -25.78
N PHE C 372 -14.73 -15.30 -25.47
CA PHE C 372 -14.69 -15.89 -24.13
C PHE C 372 -14.16 -14.93 -23.07
N THR C 373 -13.11 -14.15 -23.37
CA THR C 373 -12.54 -13.27 -22.36
C THR C 373 -12.55 -11.84 -22.89
N PHE C 374 -13.19 -10.95 -22.13
CA PHE C 374 -13.25 -9.51 -22.40
C PHE C 374 -12.90 -8.88 -21.06
N LYS C 375 -11.62 -8.69 -20.73
CA LYS C 375 -11.26 -8.29 -19.37
C LYS C 375 -10.53 -6.96 -19.42
N CYS C 376 -11.09 -5.97 -18.73
CA CYS C 376 -10.56 -4.62 -18.72
C CYS C 376 -9.97 -4.30 -17.34
N TYR C 377 -8.90 -3.50 -17.34
CA TYR C 377 -8.18 -3.19 -16.11
C TYR C 377 -8.41 -1.76 -15.64
N GLY C 378 -8.14 -0.77 -16.47
CA GLY C 378 -8.24 0.62 -16.06
C GLY C 378 -9.54 1.30 -16.39
N VAL C 379 -10.50 0.58 -16.94
CA VAL C 379 -11.78 1.15 -17.37
C VAL C 379 -12.84 0.06 -17.25
N SER C 380 -14.08 0.47 -17.01
CA SER C 380 -15.18 -0.49 -16.99
C SER C 380 -15.54 -0.93 -18.40
N PRO C 381 -15.91 -2.20 -18.60
CA PRO C 381 -16.37 -2.63 -19.93
C PRO C 381 -17.62 -1.91 -20.42
N THR C 382 -18.55 -1.60 -19.53
CA THR C 382 -19.81 -1.00 -19.93
C THR C 382 -19.74 0.51 -20.12
N LYS C 383 -18.65 1.15 -19.70
CA LYS C 383 -18.51 2.59 -19.80
C LYS C 383 -17.78 3.04 -21.05
N LEU C 384 -17.33 2.09 -21.90
CA LEU C 384 -16.53 2.43 -23.06
C LEU C 384 -17.29 3.26 -24.09
N ASN C 385 -18.62 3.12 -24.13
CA ASN C 385 -19.44 3.91 -25.03
C ASN C 385 -19.66 5.34 -24.54
N ASP C 386 -19.35 5.63 -23.28
CA ASP C 386 -19.63 6.93 -22.71
C ASP C 386 -18.39 7.82 -22.61
N LEU C 387 -17.25 7.33 -23.07
CA LEU C 387 -15.99 8.05 -22.91
C LEU C 387 -15.37 8.36 -24.25
N CYS C 388 -14.46 9.34 -24.23
CA CYS C 388 -13.69 9.75 -25.39
C CYS C 388 -12.23 9.43 -25.11
N PHE C 389 -11.53 8.93 -26.12
CA PHE C 389 -10.14 8.55 -25.93
C PHE C 389 -9.27 9.05 -27.08
N THR C 390 -7.97 9.08 -26.79
CA THR C 390 -6.91 9.24 -27.76
C THR C 390 -5.84 8.26 -27.30
N ASN C 391 -4.79 8.11 -28.12
CA ASN C 391 -3.71 7.13 -27.88
C ASN C 391 -4.26 5.72 -27.87
N VAL C 392 -5.16 5.42 -28.79
CA VAL C 392 -5.79 4.10 -28.82
C VAL C 392 -4.94 3.19 -29.70
N TYR C 393 -4.57 2.04 -29.15
CA TYR C 393 -3.77 1.07 -29.89
C TYR C 393 -4.30 -0.34 -29.72
N ALA C 394 -4.35 -1.07 -30.82
CA ALA C 394 -4.74 -2.47 -30.80
C ALA C 394 -3.50 -3.31 -31.08
N ASP C 395 -3.11 -4.14 -30.11
CA ASP C 395 -1.97 -5.05 -30.25
C ASP C 395 -2.52 -6.47 -30.41
N SER C 396 -2.31 -7.05 -31.59
CA SER C 396 -2.87 -8.34 -31.93
C SER C 396 -1.75 -9.38 -32.00
N PHE C 397 -2.01 -10.53 -31.37
CA PHE C 397 -1.09 -11.67 -31.43
C PHE C 397 -1.88 -12.95 -31.09
N VAL C 398 -1.21 -14.08 -31.25
CA VAL C 398 -1.78 -15.39 -30.95
C VAL C 398 -0.89 -16.10 -29.93
N ILE C 399 -1.51 -16.63 -28.87
CA ILE C 399 -0.80 -17.32 -27.80
C ILE C 399 -1.52 -18.62 -27.49
N ARG C 400 -1.08 -19.30 -26.44
CA ARG C 400 -1.70 -20.55 -26.00
C ARG C 400 -2.96 -20.27 -25.19
N GLY C 401 -3.69 -21.35 -24.89
CA GLY C 401 -4.88 -21.23 -24.04
C GLY C 401 -4.56 -20.90 -22.61
N ASP C 402 -3.48 -21.46 -22.07
CA ASP C 402 -3.16 -21.25 -20.66
C ASP C 402 -2.39 -19.96 -20.41
N GLU C 403 -1.90 -19.31 -21.47
CA GLU C 403 -1.08 -18.12 -21.35
C GLU C 403 -1.89 -16.83 -21.37
N VAL C 404 -3.22 -16.93 -21.49
CA VAL C 404 -4.07 -15.74 -21.52
C VAL C 404 -4.11 -15.02 -20.17
N ARG C 405 -3.78 -15.71 -19.09
CA ARG C 405 -3.67 -15.05 -17.78
C ARG C 405 -2.44 -14.16 -17.71
N GLN C 406 -1.43 -14.41 -18.53
CA GLN C 406 -0.18 -13.67 -18.47
C GLN C 406 -0.25 -12.36 -19.24
N ILE C 407 -1.28 -12.16 -20.06
CA ILE C 407 -1.50 -10.88 -20.74
C ILE C 407 -2.29 -10.02 -19.76
N ALA C 408 -1.57 -9.48 -18.79
CA ALA C 408 -2.13 -8.67 -17.71
C ALA C 408 -1.00 -7.84 -17.14
N PRO C 409 -1.30 -6.69 -16.52
CA PRO C 409 -0.26 -5.94 -15.82
C PRO C 409 0.31 -6.72 -14.64
N GLY C 410 1.62 -6.60 -14.46
CA GLY C 410 2.26 -7.15 -13.28
C GLY C 410 2.41 -8.65 -13.23
N GLN C 411 2.30 -9.35 -14.36
CA GLN C 411 2.36 -10.80 -14.36
C GLN C 411 3.77 -11.30 -14.62
N THR C 412 4.12 -12.40 -13.97
CA THR C 412 5.37 -13.10 -14.21
C THR C 412 5.13 -14.30 -15.11
N GLY C 413 5.90 -14.40 -16.18
CA GLY C 413 5.68 -15.43 -17.18
C GLY C 413 6.74 -15.36 -18.25
N ASN C 414 6.54 -16.18 -19.28
CA ASN C 414 7.56 -16.28 -20.32
C ASN C 414 7.28 -15.29 -21.45
N ILE C 415 6.04 -15.30 -21.96
CA ILE C 415 5.68 -14.33 -22.98
C ILE C 415 5.49 -12.95 -22.37
N ALA C 416 5.23 -12.86 -21.06
CA ALA C 416 5.16 -11.57 -20.39
C ALA C 416 6.52 -10.90 -20.36
N ASP C 417 7.58 -11.67 -20.13
CA ASP C 417 8.92 -11.12 -20.00
C ASP C 417 9.62 -10.97 -21.35
N TYR C 418 9.49 -11.94 -22.26
CA TYR C 418 10.29 -11.93 -23.46
C TYR C 418 9.51 -11.69 -24.74
N ASN C 419 8.19 -11.58 -24.69
CA ASN C 419 7.40 -11.36 -25.90
C ASN C 419 6.56 -10.10 -25.84
N TYR C 420 5.73 -9.94 -24.82
CA TYR C 420 4.82 -8.80 -24.73
C TYR C 420 4.63 -8.45 -23.27
N LYS C 421 5.07 -7.25 -22.88
CA LYS C 421 5.01 -6.81 -21.50
C LYS C 421 4.02 -5.66 -21.36
N LEU C 422 3.18 -5.72 -20.33
CA LEU C 422 2.26 -4.64 -20.01
C LEU C 422 2.79 -3.84 -18.82
N PRO C 423 2.61 -2.52 -18.80
CA PRO C 423 3.07 -1.73 -17.65
C PRO C 423 2.18 -1.92 -16.44
N ASP C 424 2.73 -1.54 -15.28
CA ASP C 424 1.96 -1.62 -14.03
C ASP C 424 0.78 -0.66 -14.03
N ASP C 425 0.92 0.48 -14.69
CA ASP C 425 -0.13 1.50 -14.76
C ASP C 425 -0.92 1.39 -16.06
N PHE C 426 -1.03 0.18 -16.60
CA PHE C 426 -1.74 -0.03 -17.86
C PHE C 426 -3.23 0.16 -17.69
N THR C 427 -3.82 0.89 -18.62
CA THR C 427 -5.27 1.05 -18.72
C THR C 427 -5.71 0.57 -20.09
N GLY C 428 -6.82 -0.12 -20.15
CA GLY C 428 -7.29 -0.68 -21.38
C GLY C 428 -7.89 -2.05 -21.14
N CYS C 429 -8.11 -2.78 -22.24
CA CYS C 429 -8.77 -4.07 -22.16
C CYS C 429 -8.00 -5.15 -22.93
N VAL C 430 -7.90 -6.33 -22.35
CA VAL C 430 -7.33 -7.49 -23.03
C VAL C 430 -8.50 -8.36 -23.51
N ILE C 431 -8.45 -8.74 -24.78
CA ILE C 431 -9.50 -9.53 -25.40
C ILE C 431 -8.85 -10.86 -25.79
N ALA C 432 -9.46 -11.96 -25.37
CA ALA C 432 -8.95 -13.26 -25.75
C ALA C 432 -10.10 -14.13 -26.20
N TRP C 433 -9.94 -14.79 -27.33
CA TRP C 433 -10.95 -15.75 -27.78
C TRP C 433 -10.27 -16.93 -28.47
N ASN C 434 -10.94 -18.08 -28.39
CA ASN C 434 -10.41 -19.31 -28.97
C ASN C 434 -10.44 -19.22 -30.49
N SER C 435 -9.34 -19.64 -31.12
CA SER C 435 -9.22 -19.62 -32.57
C SER C 435 -8.73 -20.96 -33.08
N ASN C 436 -9.29 -22.05 -32.52
CA ASN C 436 -8.94 -23.40 -32.99
C ASN C 436 -9.47 -23.65 -34.40
N LYS C 437 -10.61 -23.04 -34.74
CA LYS C 437 -11.21 -23.26 -36.05
C LYS C 437 -10.41 -22.59 -37.17
N LEU C 438 -9.69 -21.51 -36.87
CA LEU C 438 -9.01 -20.74 -37.89
C LEU C 438 -7.49 -20.81 -37.81
N ASP C 439 -6.90 -20.81 -36.62
CA ASP C 439 -5.46 -20.73 -36.47
C ASP C 439 -4.84 -22.08 -36.13
N SER C 440 -5.45 -23.16 -36.60
CA SER C 440 -4.94 -24.50 -36.34
C SER C 440 -5.06 -25.34 -37.61
N LYS C 441 -4.14 -26.27 -37.77
CA LYS C 441 -4.16 -27.21 -38.87
C LYS C 441 -3.95 -28.61 -38.33
N VAL C 442 -4.51 -29.60 -39.05
CA VAL C 442 -4.39 -31.00 -38.64
C VAL C 442 -2.95 -31.46 -38.71
N SER C 443 -2.18 -30.97 -39.69
CA SER C 443 -0.78 -31.33 -39.80
C SER C 443 0.10 -30.50 -38.88
N GLY C 444 -0.45 -29.47 -38.24
CA GLY C 444 0.30 -28.59 -37.38
C GLY C 444 0.48 -27.21 -37.99
N ASN C 445 -0.07 -26.19 -37.34
CA ASN C 445 0.08 -24.81 -37.79
C ASN C 445 1.28 -24.21 -37.07
N TYR C 446 2.39 -24.06 -37.78
CA TYR C 446 3.65 -23.60 -37.19
C TYR C 446 3.97 -22.17 -37.59
N ASN C 447 2.99 -21.41 -38.04
CA ASN C 447 3.24 -20.05 -38.49
C ASN C 447 3.38 -19.08 -37.32
N TYR C 448 2.97 -19.48 -36.13
CA TYR C 448 3.01 -18.62 -34.96
C TYR C 448 4.20 -19.02 -34.09
N LEU C 449 5.08 -18.06 -33.83
CA LEU C 449 6.33 -18.30 -33.12
C LEU C 449 6.41 -17.40 -31.91
N TYR C 450 7.10 -17.87 -30.87
CA TYR C 450 7.30 -17.07 -29.66
C TYR C 450 8.79 -17.05 -29.30
N ARG C 451 9.17 -15.98 -28.60
CA ARG C 451 10.55 -15.79 -28.17
C ARG C 451 10.74 -16.53 -26.86
N LEU C 452 11.31 -17.73 -26.94
CA LEU C 452 11.60 -18.51 -25.74
C LEU C 452 12.75 -17.92 -24.93
N PHE C 453 13.78 -17.41 -25.61
CA PHE C 453 15.00 -17.02 -24.95
C PHE C 453 15.35 -15.57 -25.24
N ARG C 454 15.70 -14.82 -24.19
CA ARG C 454 16.19 -13.46 -24.29
C ARG C 454 17.07 -13.20 -23.06
N LYS C 455 18.00 -12.26 -23.20
CA LYS C 455 18.92 -11.94 -22.12
C LYS C 455 18.21 -11.22 -20.97
N SER C 456 17.28 -10.33 -21.28
CA SER C 456 16.64 -9.50 -20.27
C SER C 456 15.16 -9.36 -20.61
N ASN C 457 14.37 -8.98 -19.60
CA ASN C 457 12.95 -8.78 -19.80
C ASN C 457 12.70 -7.53 -20.61
N LEU C 458 11.59 -7.54 -21.35
CA LEU C 458 11.26 -6.42 -22.21
C LEU C 458 10.66 -5.27 -21.41
N LYS C 459 10.64 -4.10 -22.04
CA LYS C 459 9.94 -2.95 -21.51
C LYS C 459 8.47 -3.05 -21.90
N PRO C 460 7.59 -2.30 -21.23
CA PRO C 460 6.20 -2.21 -21.70
C PRO C 460 6.09 -1.62 -23.09
N PHE C 461 5.19 -2.23 -23.90
CA PHE C 461 4.94 -1.85 -25.30
C PHE C 461 6.22 -1.87 -26.14
N GLU C 462 7.05 -2.88 -25.90
CA GLU C 462 8.29 -3.07 -26.64
C GLU C 462 8.22 -4.35 -27.46
N ARG C 463 8.64 -4.25 -28.72
CA ARG C 463 8.64 -5.37 -29.65
C ARG C 463 10.08 -5.74 -29.99
N ASP C 464 10.39 -7.03 -29.92
CA ASP C 464 11.72 -7.54 -30.27
C ASP C 464 11.55 -8.50 -31.44
N ILE C 465 12.08 -8.13 -32.60
CA ILE C 465 12.05 -8.97 -33.79
C ILE C 465 13.45 -9.39 -34.21
N SER C 466 14.44 -9.19 -33.35
CA SER C 466 15.83 -9.49 -33.70
C SER C 466 16.04 -10.99 -33.65
N THR C 467 16.46 -11.56 -34.79
CA THR C 467 16.69 -13.00 -34.88
C THR C 467 18.16 -13.34 -34.60
N GLU C 468 18.63 -12.91 -33.43
CA GLU C 468 19.98 -13.21 -32.97
C GLU C 468 20.00 -14.42 -32.05
N ILE C 469 21.13 -15.13 -32.06
CA ILE C 469 21.25 -16.33 -31.24
C ILE C 469 21.38 -15.93 -29.77
N TYR C 470 21.03 -16.84 -28.87
CA TYR C 470 21.13 -16.58 -27.43
C TYR C 470 22.26 -17.41 -26.84
N GLN C 471 23.00 -16.84 -25.89
CA GLN C 471 24.03 -17.57 -25.16
C GLN C 471 23.44 -17.99 -23.83
N ALA C 472 23.11 -19.28 -23.73
CA ALA C 472 22.49 -19.84 -22.54
C ALA C 472 23.50 -20.38 -21.52
N GLY C 473 24.78 -20.46 -21.87
CA GLY C 473 25.78 -21.02 -20.98
C GLY C 473 26.97 -20.11 -20.83
N ASN C 474 28.04 -20.58 -20.16
CA ASN C 474 29.25 -19.78 -20.06
C ASN C 474 29.92 -19.63 -21.41
N LYS C 475 29.83 -20.65 -22.26
CA LYS C 475 30.52 -20.63 -23.54
C LYS C 475 29.81 -19.72 -24.54
N PRO C 476 30.52 -18.80 -25.20
CA PRO C 476 29.92 -17.98 -26.26
C PRO C 476 29.52 -18.79 -27.49
N CYS C 477 28.47 -18.31 -28.17
CA CYS C 477 27.89 -19.03 -29.29
C CYS C 477 28.38 -18.53 -30.64
N ASN C 478 28.77 -17.25 -30.75
CA ASN C 478 29.32 -16.62 -31.96
C ASN C 478 28.39 -16.71 -33.17
N GLY C 479 27.09 -16.66 -32.93
CA GLY C 479 26.14 -16.68 -34.02
C GLY C 479 25.90 -18.05 -34.61
N VAL C 480 26.43 -19.10 -33.99
CA VAL C 480 26.30 -20.46 -34.53
C VAL C 480 25.59 -21.30 -33.49
N ALA C 481 24.61 -22.07 -33.94
CA ALA C 481 23.91 -22.97 -33.05
C ALA C 481 24.84 -24.11 -32.63
N GLY C 482 24.51 -24.73 -31.50
CA GLY C 482 25.33 -25.76 -30.90
C GLY C 482 24.78 -26.10 -29.52
N PHE C 483 25.69 -26.51 -28.63
CA PHE C 483 25.29 -26.83 -27.25
C PHE C 483 24.89 -25.56 -26.50
N ASN C 484 23.64 -25.53 -25.96
CA ASN C 484 23.05 -24.40 -25.22
C ASN C 484 22.98 -23.14 -26.08
N CYS C 485 22.93 -23.31 -27.41
CA CYS C 485 22.79 -22.21 -28.34
C CYS C 485 21.56 -22.60 -29.15
N TYR C 486 20.50 -21.89 -28.93
CA TYR C 486 19.22 -22.23 -29.50
C TYR C 486 18.66 -21.03 -30.22
N PHE C 487 17.84 -21.29 -31.24
CA PHE C 487 17.17 -20.18 -31.86
C PHE C 487 16.13 -19.68 -30.85
N PRO C 488 16.00 -18.37 -30.68
CA PRO C 488 15.07 -17.86 -29.66
C PRO C 488 13.62 -18.04 -30.01
N LEU C 489 13.27 -18.10 -31.29
CA LEU C 489 11.89 -18.13 -31.72
C LEU C 489 11.55 -19.58 -32.04
N ARG C 490 10.59 -20.13 -31.31
CA ARG C 490 10.11 -21.48 -31.55
C ARG C 490 8.63 -21.44 -31.85
N SER C 491 8.18 -22.36 -32.70
CA SER C 491 6.80 -22.36 -33.17
C SER C 491 5.91 -23.21 -32.29
N TYR C 492 4.66 -22.79 -32.17
CA TYR C 492 3.63 -23.57 -31.48
C TYR C 492 3.16 -24.72 -32.37
N SER C 493 2.96 -25.89 -31.76
CA SER C 493 2.41 -27.04 -32.48
C SER C 493 0.89 -27.08 -32.31
N PHE C 494 0.22 -26.19 -33.04
CA PHE C 494 -1.23 -26.07 -32.91
C PHE C 494 -1.93 -27.17 -33.71
N ARG C 495 -2.64 -28.04 -33.02
CA ARG C 495 -3.48 -29.06 -33.65
C ARG C 495 -4.88 -28.99 -33.05
N PRO C 496 -5.91 -29.23 -33.86
CA PRO C 496 -7.29 -29.20 -33.34
C PRO C 496 -7.62 -30.30 -32.33
N THR C 497 -6.85 -31.38 -32.27
CA THR C 497 -7.19 -32.48 -31.37
C THR C 497 -6.88 -32.20 -29.90
N TYR C 498 -6.11 -31.16 -29.60
CA TYR C 498 -5.77 -30.90 -28.19
C TYR C 498 -6.97 -30.33 -27.43
N GLY C 499 -6.93 -30.53 -26.11
CA GLY C 499 -7.96 -30.05 -25.21
C GLY C 499 -7.78 -28.57 -24.95
N VAL C 500 -8.71 -28.01 -24.18
CA VAL C 500 -8.60 -26.59 -23.82
C VAL C 500 -7.38 -26.39 -22.93
N GLY C 501 -6.81 -25.20 -23.01
CA GLY C 501 -5.58 -24.88 -22.30
C GLY C 501 -4.36 -24.89 -23.19
N HIS C 502 -4.42 -25.60 -24.32
CA HIS C 502 -3.35 -25.65 -25.31
C HIS C 502 -3.79 -25.18 -26.68
N GLN C 503 -5.10 -25.02 -26.90
CA GLN C 503 -5.63 -24.54 -28.17
C GLN C 503 -5.21 -23.09 -28.42
N PRO C 504 -5.07 -22.69 -29.69
CA PRO C 504 -4.63 -21.31 -29.98
C PRO C 504 -5.70 -20.30 -29.60
N TYR C 505 -5.25 -19.21 -28.95
CA TYR C 505 -6.12 -18.11 -28.57
C TYR C 505 -5.61 -16.81 -29.16
N ARG C 506 -6.52 -16.07 -29.80
CA ARG C 506 -6.22 -14.77 -30.37
C ARG C 506 -6.45 -13.71 -29.30
N VAL C 507 -5.43 -12.90 -29.04
CA VAL C 507 -5.46 -11.86 -28.02
C VAL C 507 -5.21 -10.51 -28.67
N VAL C 508 -6.11 -9.57 -28.41
CA VAL C 508 -5.99 -8.18 -28.83
C VAL C 508 -5.98 -7.31 -27.58
N VAL C 509 -4.98 -6.45 -27.46
CA VAL C 509 -4.84 -5.57 -26.31
C VAL C 509 -5.17 -4.15 -26.77
N LEU C 510 -6.23 -3.59 -26.22
CA LEU C 510 -6.60 -2.21 -26.47
C LEU C 510 -6.01 -1.34 -25.38
N SER C 511 -5.19 -0.38 -25.78
CA SER C 511 -4.49 0.53 -24.87
C SER C 511 -5.02 1.94 -25.12
N PHE C 512 -5.32 2.65 -24.04
CA PHE C 512 -5.89 3.99 -24.08
C PHE C 512 -5.05 4.92 -23.21
N GLU C 513 -5.43 6.20 -23.20
CA GLU C 513 -4.95 7.14 -22.20
C GLU C 513 -6.20 7.86 -21.72
N LEU C 514 -6.22 8.29 -20.48
CA LEU C 514 -7.44 8.86 -19.91
C LEU C 514 -7.39 10.38 -19.77
N LEU C 515 -8.04 11.06 -20.70
CA LEU C 515 -8.47 12.47 -20.63
C LEU C 515 -7.33 13.50 -20.62
N HIS C 516 -6.07 13.08 -20.66
CA HIS C 516 -4.96 14.02 -20.49
C HIS C 516 -4.47 14.60 -21.81
N ALA C 517 -5.28 14.51 -22.86
CA ALA C 517 -4.93 15.04 -24.18
C ALA C 517 -6.24 15.27 -24.94
N PRO C 518 -6.21 16.05 -26.03
CA PRO C 518 -7.40 16.10 -26.90
C PRO C 518 -7.73 14.74 -27.47
N ALA C 519 -9.00 14.37 -27.41
CA ALA C 519 -9.43 13.04 -27.81
C ALA C 519 -9.91 13.01 -29.26
N THR C 520 -9.64 11.90 -29.93
CA THR C 520 -10.04 11.68 -31.31
C THR C 520 -10.95 10.48 -31.49
N VAL C 521 -11.05 9.59 -30.51
CA VAL C 521 -11.91 8.42 -30.56
C VAL C 521 -12.96 8.60 -29.47
N CYS C 522 -14.24 8.55 -29.86
CA CYS C 522 -15.34 8.82 -28.94
C CYS C 522 -16.44 7.78 -29.09
N GLY C 523 -17.36 7.79 -28.13
CA GLY C 523 -18.51 6.92 -28.16
C GLY C 523 -19.64 7.46 -29.01
N PRO C 524 -20.69 6.65 -29.17
CA PRO C 524 -21.80 7.03 -30.05
C PRO C 524 -22.76 8.07 -29.50
N LYS C 525 -22.47 8.70 -28.36
CA LYS C 525 -23.37 9.68 -27.77
C LYS C 525 -23.50 10.94 -28.64
N LYS C 526 -24.73 11.42 -28.77
CA LYS C 526 -25.02 12.54 -29.66
C LYS C 526 -24.72 13.87 -28.96
N SER C 527 -24.23 14.82 -29.75
CA SER C 527 -23.93 16.15 -29.22
C SER C 527 -25.19 17.00 -29.09
N THR C 528 -25.30 17.71 -27.98
CA THR C 528 -26.42 18.59 -27.69
C THR C 528 -25.93 20.03 -27.93
N ASN C 529 -26.84 21.00 -27.89
CA ASN C 529 -26.48 22.40 -28.04
C ASN C 529 -25.87 22.91 -26.73
N LEU C 530 -25.17 24.04 -26.81
CA LEU C 530 -24.54 24.65 -25.64
C LEU C 530 -25.42 25.77 -25.10
N VAL C 531 -25.53 25.83 -23.78
CA VAL C 531 -26.30 26.87 -23.09
C VAL C 531 -25.38 27.67 -22.18
N LYS C 532 -25.55 28.98 -22.20
CA LYS C 532 -24.72 29.90 -21.44
C LYS C 532 -25.43 30.37 -20.17
N ASN C 533 -24.63 30.63 -19.12
CA ASN C 533 -25.09 31.26 -17.87
C ASN C 533 -26.19 30.49 -17.15
N LYS C 534 -26.23 29.16 -17.29
CA LYS C 534 -27.22 28.38 -16.56
C LYS C 534 -26.56 27.15 -15.94
N CYS C 535 -27.12 26.71 -14.82
CA CYS C 535 -26.58 25.57 -14.10
C CYS C 535 -26.99 24.31 -14.85
N VAL C 536 -26.01 23.61 -15.41
CA VAL C 536 -26.25 22.38 -16.15
C VAL C 536 -25.25 21.31 -15.74
N ASN C 537 -25.65 20.06 -15.93
CA ASN C 537 -24.76 18.92 -15.73
C ASN C 537 -24.27 18.52 -17.12
N PHE C 538 -23.02 18.84 -17.41
CA PHE C 538 -22.42 18.69 -18.72
C PHE C 538 -21.51 17.47 -18.79
N ASN C 539 -21.29 17.02 -20.03
CA ASN C 539 -20.38 15.91 -20.33
C ASN C 539 -19.55 16.36 -21.54
N PHE C 540 -18.31 16.79 -21.30
CA PHE C 540 -17.39 17.19 -22.35
C PHE C 540 -16.33 16.10 -22.50
N ASN C 541 -16.44 15.31 -23.57
CA ASN C 541 -15.48 14.26 -23.94
C ASN C 541 -15.23 13.27 -22.80
N GLY C 542 -16.27 12.96 -22.04
CA GLY C 542 -16.15 12.01 -20.96
C GLY C 542 -15.91 12.67 -19.62
N LEU C 543 -15.79 14.00 -19.59
CA LEU C 543 -15.62 14.75 -18.35
C LEU C 543 -16.99 15.27 -17.93
N LYS C 544 -17.48 14.76 -16.80
CA LYS C 544 -18.79 15.11 -16.27
C LYS C 544 -18.64 16.16 -15.19
N GLY C 545 -19.51 17.17 -15.22
CA GLY C 545 -19.49 18.17 -14.17
C GLY C 545 -20.82 18.88 -14.09
N THR C 546 -21.04 19.55 -12.97
CA THR C 546 -22.24 20.37 -12.80
C THR C 546 -21.81 21.81 -12.54
N GLY C 547 -22.16 22.70 -13.45
CA GLY C 547 -21.71 24.07 -13.33
C GLY C 547 -22.38 24.96 -14.35
N VAL C 548 -22.02 26.24 -14.30
CA VAL C 548 -22.46 27.24 -15.25
C VAL C 548 -21.33 27.48 -16.24
N LEU C 549 -21.65 27.43 -17.51
CA LEU C 549 -20.69 27.63 -18.58
C LEU C 549 -20.78 29.09 -19.01
N THR C 550 -19.67 29.80 -18.92
CA THR C 550 -19.66 31.23 -19.24
C THR C 550 -18.56 31.55 -20.25
N GLU C 551 -18.65 32.75 -20.79
CA GLU C 551 -17.63 33.27 -21.68
C GLU C 551 -16.37 33.54 -20.87
N SER C 552 -15.22 33.46 -21.53
CA SER C 552 -13.96 33.63 -20.81
C SER C 552 -13.06 34.61 -21.53
N ASN C 553 -12.12 35.18 -20.78
CA ASN C 553 -11.12 36.10 -21.29
C ASN C 553 -9.72 35.54 -21.12
N LYS C 554 -9.60 34.23 -20.96
CA LYS C 554 -8.32 33.58 -20.74
C LYS C 554 -7.73 33.20 -22.10
N LYS C 555 -6.55 33.72 -22.40
CA LYS C 555 -5.94 33.50 -23.70
C LYS C 555 -5.22 32.15 -23.72
N PHE C 556 -5.98 31.12 -24.11
CA PHE C 556 -5.43 29.77 -24.21
C PHE C 556 -4.48 29.68 -25.40
N LEU C 557 -3.40 28.92 -25.24
CA LEU C 557 -2.52 28.67 -26.35
C LEU C 557 -3.14 27.58 -27.24
N PRO C 558 -2.76 27.52 -28.53
CA PRO C 558 -3.40 26.54 -29.45
C PRO C 558 -3.33 25.08 -29.03
N PHE C 559 -2.22 24.61 -28.46
CA PHE C 559 -2.15 23.24 -27.98
C PHE C 559 -3.07 23.02 -26.79
N GLN C 560 -3.18 24.03 -25.91
CA GLN C 560 -3.92 23.92 -24.65
C GLN C 560 -5.41 23.69 -24.91
N GLN C 561 -6.00 22.73 -24.19
CA GLN C 561 -7.41 22.43 -24.35
C GLN C 561 -8.22 22.79 -23.12
N PHE C 562 -7.90 22.24 -21.96
CA PHE C 562 -8.66 22.55 -20.75
C PHE C 562 -7.73 23.15 -19.70
N GLY C 563 -8.30 23.56 -18.59
CA GLY C 563 -7.55 24.24 -17.55
C GLY C 563 -7.86 23.68 -16.19
N ARG C 564 -6.88 23.80 -15.29
CA ARG C 564 -7.00 23.24 -13.96
C ARG C 564 -6.61 24.31 -12.95
N ASP C 565 -7.35 24.36 -11.84
CA ASP C 565 -7.13 25.35 -10.79
C ASP C 565 -6.12 24.79 -9.79
N ILE C 566 -6.00 25.47 -8.64
CA ILE C 566 -5.07 25.06 -7.58
C ILE C 566 -5.41 23.67 -7.09
N ALA C 567 -6.71 23.37 -6.95
CA ALA C 567 -7.19 22.09 -6.46
C ALA C 567 -7.05 20.97 -7.48
N ASP C 568 -6.80 21.29 -8.75
CA ASP C 568 -6.67 20.45 -9.96
C ASP C 568 -8.01 20.05 -10.56
N THR C 569 -9.12 20.55 -10.06
CA THR C 569 -10.40 20.32 -10.70
C THR C 569 -10.52 21.22 -11.92
N THR C 570 -11.17 20.71 -12.97
CA THR C 570 -11.24 21.45 -14.23
C THR C 570 -12.05 22.73 -14.07
N ASP C 571 -11.46 23.85 -14.49
CA ASP C 571 -12.09 25.17 -14.37
C ASP C 571 -12.51 25.75 -15.70
N ALA C 572 -11.92 25.29 -16.80
CA ALA C 572 -12.23 25.76 -18.14
C ALA C 572 -12.02 24.58 -19.08
N VAL C 573 -12.73 24.61 -20.20
CA VAL C 573 -12.67 23.52 -21.16
C VAL C 573 -12.82 24.11 -22.56
N ARG C 574 -12.30 23.41 -23.57
CA ARG C 574 -12.47 23.84 -24.94
C ARG C 574 -13.53 22.93 -25.54
N ASP C 575 -14.63 23.53 -26.00
CA ASP C 575 -15.71 22.69 -26.49
C ASP C 575 -15.38 22.17 -27.89
N PRO C 576 -15.67 20.91 -28.19
CA PRO C 576 -15.49 20.43 -29.55
C PRO C 576 -16.55 21.06 -30.46
N GLN C 577 -16.34 20.88 -31.77
CA GLN C 577 -17.15 21.35 -32.90
C GLN C 577 -17.01 22.85 -33.12
N THR C 578 -16.93 23.64 -32.04
CA THR C 578 -16.91 25.09 -32.13
C THR C 578 -15.56 25.67 -31.72
N LEU C 579 -14.72 24.89 -31.02
CA LEU C 579 -13.34 25.19 -30.61
C LEU C 579 -13.24 26.36 -29.63
N GLU C 580 -14.37 26.85 -29.12
CA GLU C 580 -14.42 27.97 -28.19
C GLU C 580 -13.99 27.50 -26.80
N ILE C 581 -13.56 28.45 -25.98
CA ILE C 581 -13.10 28.18 -24.63
C ILE C 581 -14.19 28.63 -23.66
N LEU C 582 -14.75 27.67 -22.93
CA LEU C 582 -15.82 27.93 -21.98
C LEU C 582 -15.28 27.84 -20.56
N ASP C 583 -15.56 28.88 -19.77
CA ASP C 583 -15.21 28.85 -18.36
C ASP C 583 -16.26 28.07 -17.59
N ILE C 584 -15.82 27.29 -16.61
CA ILE C 584 -16.72 26.48 -15.80
C ILE C 584 -16.71 27.05 -14.38
N THR C 585 -17.85 27.54 -13.94
CA THR C 585 -17.97 28.07 -12.59
C THR C 585 -18.99 27.24 -11.83
N PRO C 586 -18.68 26.76 -10.62
CA PRO C 586 -19.65 25.97 -9.87
C PRO C 586 -20.92 26.77 -9.55
N CYS C 587 -22.05 26.06 -9.52
CA CYS C 587 -23.36 26.69 -9.37
C CYS C 587 -23.48 27.36 -8.01
N SER C 588 -24.36 28.37 -7.95
CA SER C 588 -24.52 29.20 -6.76
C SER C 588 -24.90 28.38 -5.53
N PHE C 589 -24.22 28.65 -4.42
CA PHE C 589 -24.40 27.90 -3.19
C PHE C 589 -24.02 28.81 -2.03
N GLY C 590 -24.45 28.41 -0.84
CA GLY C 590 -24.17 29.18 0.36
C GLY C 590 -24.81 28.52 1.55
N GLY C 591 -24.45 29.03 2.73
CA GLY C 591 -24.96 28.45 3.96
C GLY C 591 -26.26 29.11 4.38
N VAL C 592 -27.20 28.29 4.83
CA VAL C 592 -28.49 28.75 5.33
C VAL C 592 -28.45 28.69 6.84
N SER C 593 -28.70 29.82 7.50
CA SER C 593 -28.78 29.86 8.95
C SER C 593 -30.21 30.23 9.32
N VAL C 594 -30.79 29.49 10.25
CA VAL C 594 -32.16 29.73 10.69
C VAL C 594 -32.13 30.45 12.03
N ILE C 595 -32.51 31.72 12.01
CA ILE C 595 -32.58 32.55 13.20
C ILE C 595 -33.96 32.34 13.81
N THR C 596 -33.99 31.89 15.05
CA THR C 596 -35.27 31.62 15.69
C THR C 596 -35.20 31.89 17.19
N PRO C 597 -36.32 32.31 17.78
CA PRO C 597 -36.41 32.33 19.25
C PRO C 597 -36.75 30.93 19.73
N GLY C 598 -37.01 30.76 21.02
CA GLY C 598 -37.43 29.46 21.51
C GLY C 598 -38.78 29.05 20.93
N THR C 599 -38.95 27.73 20.75
CA THR C 599 -40.25 27.21 20.34
C THR C 599 -41.31 27.40 21.41
N ASN C 600 -40.90 27.58 22.67
CA ASN C 600 -41.84 27.93 23.72
C ASN C 600 -42.44 29.31 23.46
N THR C 601 -41.63 30.23 22.92
CA THR C 601 -42.09 31.60 22.69
C THR C 601 -42.85 31.73 21.38
N SER C 602 -42.27 31.28 20.28
CA SER C 602 -42.90 31.45 18.97
C SER C 602 -42.32 30.45 17.98
N ASN C 603 -43.03 30.26 16.87
CA ASN C 603 -42.59 29.38 15.80
C ASN C 603 -42.08 30.14 14.59
N GLN C 604 -42.00 31.47 14.66
CA GLN C 604 -41.53 32.27 13.54
C GLN C 604 -40.02 32.13 13.40
N VAL C 605 -39.53 32.06 12.17
CA VAL C 605 -38.11 31.96 11.89
C VAL C 605 -37.75 32.94 10.79
N ALA C 606 -36.46 33.23 10.70
CA ALA C 606 -35.89 34.02 9.62
C ALA C 606 -34.70 33.25 9.08
N VAL C 607 -34.35 33.48 7.82
CA VAL C 607 -33.25 32.74 7.20
C VAL C 607 -32.19 33.71 6.72
N LEU C 608 -30.94 33.36 6.96
CA LEU C 608 -29.78 34.12 6.50
C LEU C 608 -29.06 33.27 5.47
N TYR C 609 -28.89 33.81 4.28
CA TYR C 609 -28.10 33.18 3.23
C TYR C 609 -26.74 33.86 3.30
N GLN C 610 -25.74 33.10 3.75
CA GLN C 610 -24.41 33.65 4.02
C GLN C 610 -23.65 33.87 2.73
N GLY C 611 -23.04 35.06 2.62
CA GLY C 611 -22.20 35.40 1.48
C GLY C 611 -22.94 35.42 0.16
N VAL C 612 -24.23 35.68 0.19
CA VAL C 612 -25.08 35.70 -0.99
C VAL C 612 -25.83 37.02 -1.03
N ASN C 613 -25.70 37.74 -2.15
CA ASN C 613 -26.42 38.98 -2.33
C ASN C 613 -27.91 38.68 -2.48
N CYS C 614 -28.75 39.66 -2.12
CA CYS C 614 -30.19 39.42 -2.07
C CYS C 614 -30.84 39.22 -3.44
N THR C 615 -30.17 39.56 -4.53
CA THR C 615 -30.79 39.46 -5.84
C THR C 615 -30.53 38.11 -6.50
N GLU C 616 -29.79 37.21 -5.86
CA GLU C 616 -29.54 35.86 -6.36
C GLU C 616 -30.16 34.79 -5.47
N VAL C 617 -31.22 35.14 -4.75
CA VAL C 617 -31.94 34.14 -3.95
C VAL C 617 -33.45 34.29 -4.17
N ASN C 638 -39.91 41.47 3.62
CA ASN C 638 -38.92 41.47 4.68
C ASN C 638 -37.58 40.96 4.15
N VAL C 639 -36.96 41.74 3.27
CA VAL C 639 -35.65 41.43 2.70
C VAL C 639 -34.67 42.48 3.18
N PHE C 640 -33.56 42.05 3.77
CA PHE C 640 -32.56 42.99 4.26
C PHE C 640 -31.17 42.50 3.86
N GLN C 641 -30.37 43.39 3.28
CA GLN C 641 -29.03 43.04 2.83
C GLN C 641 -28.01 43.40 3.90
N THR C 642 -27.26 42.41 4.36
CA THR C 642 -26.20 42.59 5.34
C THR C 642 -24.88 42.15 4.73
N ARG C 643 -23.78 42.54 5.39
CA ARG C 643 -22.47 42.08 4.96
C ARG C 643 -22.34 40.58 5.15
N ALA C 644 -23.00 40.03 6.18
CA ALA C 644 -22.99 38.59 6.43
C ALA C 644 -23.73 37.83 5.34
N GLY C 645 -24.74 38.44 4.77
CA GLY C 645 -25.52 37.81 3.72
C GLY C 645 -26.90 38.43 3.65
N CYS C 646 -27.79 37.74 2.95
CA CYS C 646 -29.15 38.21 2.77
C CYS C 646 -30.04 37.64 3.87
N LEU C 647 -30.81 38.50 4.54
CA LEU C 647 -31.69 38.09 5.61
C LEU C 647 -33.14 38.21 5.15
N ILE C 648 -33.86 37.09 5.21
CA ILE C 648 -35.24 37.00 4.76
C ILE C 648 -36.09 36.69 6.00
N GLY C 649 -37.16 37.45 6.19
CA GLY C 649 -38.09 37.18 7.26
C GLY C 649 -37.95 38.05 8.49
N ALA C 650 -36.91 38.87 8.55
CA ALA C 650 -36.72 39.82 9.64
C ALA C 650 -36.81 41.24 9.08
N GLU C 651 -37.35 42.15 9.89
CA GLU C 651 -37.57 43.53 9.48
C GLU C 651 -36.55 44.42 10.16
N TYR C 652 -35.80 45.18 9.36
CA TYR C 652 -34.78 46.07 9.91
C TYR C 652 -35.45 47.22 10.66
N VAL C 653 -34.97 47.50 11.86
CA VAL C 653 -35.47 48.59 12.70
C VAL C 653 -34.31 49.54 12.97
N ASN C 654 -34.51 50.83 12.69
CA ASN C 654 -33.45 51.81 12.87
C ASN C 654 -33.09 52.03 14.34
N ASN C 655 -33.92 51.56 15.27
CA ASN C 655 -33.59 51.65 16.69
C ASN C 655 -32.50 50.65 17.04
N SER C 656 -31.71 50.97 18.05
CA SER C 656 -30.60 50.13 18.49
C SER C 656 -30.90 49.53 19.85
N TYR C 657 -30.73 48.21 19.95
CA TYR C 657 -30.93 47.48 21.20
C TYR C 657 -29.71 46.61 21.46
N GLU C 658 -29.72 45.92 22.59
CA GLU C 658 -28.64 44.98 22.89
C GLU C 658 -28.77 43.75 21.99
N CYS C 659 -27.66 43.06 21.81
CA CYS C 659 -27.64 41.92 20.91
C CYS C 659 -28.30 40.73 21.58
N ASP C 660 -29.34 40.20 20.93
CA ASP C 660 -30.08 39.05 21.44
C ASP C 660 -29.69 37.78 20.67
N ILE C 661 -29.81 37.80 19.36
CA ILE C 661 -29.34 36.72 18.50
C ILE C 661 -28.32 37.33 17.57
N PRO C 662 -27.05 36.91 17.62
CA PRO C 662 -26.03 37.54 16.78
C PRO C 662 -26.14 37.08 15.33
N ILE C 663 -26.17 38.05 14.41
CA ILE C 663 -26.21 37.76 12.99
C ILE C 663 -24.83 37.95 12.38
N GLY C 664 -24.18 39.06 12.71
CA GLY C 664 -22.88 39.35 12.16
C GLY C 664 -22.79 40.72 11.55
N ALA C 665 -21.56 41.24 11.45
CA ALA C 665 -21.25 42.55 10.88
C ALA C 665 -22.04 43.67 11.55
N GLY C 666 -22.20 43.55 12.87
CA GLY C 666 -22.89 44.56 13.63
C GLY C 666 -24.38 44.39 13.67
N ILE C 667 -24.92 43.38 12.99
CA ILE C 667 -26.35 43.15 12.89
C ILE C 667 -26.72 42.06 13.88
N CYS C 668 -27.78 42.28 14.64
CA CYS C 668 -28.31 41.32 15.59
C CYS C 668 -29.81 41.22 15.38
N ALA C 669 -30.41 40.13 15.84
CA ALA C 669 -31.84 39.90 15.67
C ALA C 669 -32.48 39.63 17.02
N SER C 670 -33.78 39.92 17.09
CA SER C 670 -34.53 39.71 18.32
C SER C 670 -35.99 39.45 17.98
N TYR C 671 -36.75 39.03 18.99
CA TYR C 671 -38.18 38.83 18.88
C TYR C 671 -38.90 39.83 19.77
N GLN C 672 -39.85 40.55 19.18
CA GLN C 672 -40.67 41.50 19.94
C GLN C 672 -42.12 41.45 19.50
N SER C 688 -43.09 39.61 15.95
CA SER C 688 -42.28 39.43 14.76
C SER C 688 -40.79 39.49 15.11
N ILE C 689 -39.95 39.04 14.17
CA ILE C 689 -38.51 39.06 14.35
C ILE C 689 -37.96 40.33 13.73
N ILE C 690 -37.23 41.12 14.52
CA ILE C 690 -36.64 42.36 14.06
C ILE C 690 -35.12 42.18 13.96
N ALA C 691 -34.51 42.94 13.06
CA ALA C 691 -33.07 42.98 12.89
C ALA C 691 -32.61 44.41 13.08
N TYR C 692 -31.50 44.60 13.78
CA TYR C 692 -31.06 45.94 14.13
C TYR C 692 -29.55 45.98 14.24
N THR C 693 -29.02 47.19 14.26
CA THR C 693 -27.60 47.39 14.56
C THR C 693 -27.44 47.40 16.07
N MET C 694 -26.54 46.56 16.59
CA MET C 694 -26.43 46.38 18.03
C MET C 694 -25.89 47.63 18.71
N SER C 695 -26.46 47.96 19.87
CA SER C 695 -26.06 49.13 20.63
C SER C 695 -24.88 48.75 21.51
N LEU C 696 -23.77 49.49 21.36
CA LEU C 696 -22.60 49.23 22.18
C LEU C 696 -22.86 49.55 23.65
N GLY C 697 -23.56 50.64 23.91
CA GLY C 697 -23.94 50.98 25.27
C GLY C 697 -24.58 52.34 25.30
N ALA C 698 -24.92 52.77 26.52
CA ALA C 698 -25.50 54.09 26.72
C ALA C 698 -24.40 55.15 26.68
N GLU C 699 -24.67 56.24 25.98
CA GLU C 699 -23.71 57.34 25.93
C GLU C 699 -23.64 58.06 27.27
N ASN C 700 -22.42 58.35 27.71
CA ASN C 700 -22.19 59.03 28.99
C ASN C 700 -21.05 60.02 28.79
N SER C 701 -21.38 61.28 28.56
CA SER C 701 -20.36 62.30 28.39
C SER C 701 -19.91 62.78 29.77
N VAL C 702 -18.66 62.49 30.13
CA VAL C 702 -18.15 62.85 31.44
C VAL C 702 -17.82 64.34 31.43
N ALA C 703 -18.26 65.06 32.46
CA ALA C 703 -18.10 66.51 32.51
C ALA C 703 -16.69 66.84 32.97
N TYR C 704 -15.75 66.75 32.05
CA TYR C 704 -14.36 67.03 32.38
C TYR C 704 -14.09 68.53 32.35
N SER C 705 -13.41 69.01 33.37
CA SER C 705 -12.88 70.37 33.38
C SER C 705 -11.58 70.34 34.16
N ASN C 706 -10.79 71.39 34.01
CA ASN C 706 -9.45 71.43 34.58
C ASN C 706 -9.43 71.69 36.08
N ASN C 707 -10.55 72.04 36.71
CA ASN C 707 -10.52 72.37 38.13
C ASN C 707 -11.68 71.78 38.92
N SER C 708 -12.34 70.75 38.40
CA SER C 708 -13.47 70.12 39.08
C SER C 708 -13.22 68.64 39.29
N ILE C 709 -13.61 68.13 40.46
CA ILE C 709 -13.45 66.74 40.80
C ILE C 709 -14.79 66.22 41.30
N ALA C 710 -15.01 64.92 41.18
CA ALA C 710 -16.21 64.27 41.68
C ALA C 710 -15.79 63.33 42.80
N ILE C 711 -16.34 63.52 43.98
CA ILE C 711 -15.97 62.73 45.15
C ILE C 711 -17.18 61.91 45.57
N PRO C 712 -17.04 60.60 45.80
CA PRO C 712 -18.18 59.81 46.27
C PRO C 712 -18.56 60.15 47.71
N THR C 713 -19.85 60.20 47.96
CA THR C 713 -20.36 60.47 49.30
C THR C 713 -20.98 59.25 49.94
N ASN C 714 -21.01 58.12 49.25
CA ASN C 714 -21.67 56.91 49.75
C ASN C 714 -21.10 55.71 49.01
N PHE C 715 -21.52 54.52 49.41
CA PHE C 715 -20.97 53.31 48.82
C PHE C 715 -22.01 52.20 48.83
N THR C 716 -21.80 51.23 47.97
CA THR C 716 -22.64 50.05 47.83
C THR C 716 -21.73 48.83 47.99
N ILE C 717 -22.10 47.93 48.89
CA ILE C 717 -21.36 46.68 49.06
C ILE C 717 -21.98 45.70 48.07
N SER C 718 -21.27 45.44 46.98
CA SER C 718 -21.81 44.62 45.91
C SER C 718 -21.17 43.24 45.91
N VAL C 719 -22.00 42.22 45.90
CA VAL C 719 -21.54 40.83 45.82
C VAL C 719 -21.88 40.32 44.43
N THR C 720 -20.88 39.81 43.72
CA THR C 720 -21.05 39.33 42.36
C THR C 720 -20.59 37.88 42.28
N THR C 721 -21.09 37.16 41.28
CA THR C 721 -20.79 35.75 41.13
C THR C 721 -19.82 35.54 39.97
N GLU C 722 -18.86 34.65 40.17
CA GLU C 722 -17.96 34.23 39.10
C GLU C 722 -17.90 32.72 39.08
N ILE C 723 -18.35 32.12 37.99
CA ILE C 723 -18.43 30.67 37.86
C ILE C 723 -17.27 30.19 37.00
N LEU C 724 -16.44 29.31 37.53
CA LEU C 724 -15.30 28.79 36.78
C LEU C 724 -15.32 27.26 36.80
N PRO C 725 -15.32 26.61 35.64
CA PRO C 725 -15.19 25.15 35.61
C PRO C 725 -13.80 24.73 36.05
N VAL C 726 -13.74 23.61 36.78
CA VAL C 726 -12.49 23.13 37.36
C VAL C 726 -12.08 21.77 36.79
N SER C 727 -13.03 20.84 36.66
CA SER C 727 -12.72 19.49 36.23
C SER C 727 -13.75 19.03 35.21
N MET C 728 -13.43 17.95 34.51
CA MET C 728 -14.33 17.32 33.56
C MET C 728 -14.65 15.91 34.01
N THR C 729 -15.49 15.26 33.22
CA THR C 729 -15.84 13.88 33.47
C THR C 729 -14.66 12.99 33.06
N LYS C 730 -14.23 12.14 33.98
CA LYS C 730 -13.08 11.26 33.74
C LYS C 730 -13.60 10.04 32.98
N THR C 731 -13.21 9.91 31.71
CA THR C 731 -13.71 8.82 30.87
C THR C 731 -12.60 7.84 30.54
N SER C 732 -12.92 6.55 30.57
CA SER C 732 -12.03 5.48 30.16
C SER C 732 -12.73 4.71 29.06
N VAL C 733 -12.03 4.43 27.96
CA VAL C 733 -12.60 3.72 26.83
C VAL C 733 -11.83 2.43 26.60
N ASP C 734 -12.55 1.30 26.59
CA ASP C 734 -11.94 0.02 26.24
C ASP C 734 -11.86 0.00 24.72
N CYS C 735 -10.63 0.11 24.20
CA CYS C 735 -10.40 0.24 22.76
C CYS C 735 -10.84 -1.03 22.01
N THR C 736 -10.49 -2.20 22.55
CA THR C 736 -10.85 -3.47 21.94
C THR C 736 -12.35 -3.69 21.94
N MET C 737 -13.03 -3.38 23.04
CA MET C 737 -14.47 -3.63 23.10
C MET C 737 -15.25 -2.60 22.29
N TYR C 738 -14.75 -1.37 22.20
CA TYR C 738 -15.44 -0.37 21.38
C TYR C 738 -15.31 -0.71 19.90
N ILE C 739 -14.10 -1.00 19.43
CA ILE C 739 -13.90 -1.25 18.01
C ILE C 739 -14.46 -2.61 17.61
N CYS C 740 -14.27 -3.64 18.43
CA CYS C 740 -14.54 -5.01 18.03
C CYS C 740 -15.69 -5.69 18.76
N GLY C 741 -16.17 -5.14 19.86
CA GLY C 741 -17.16 -5.85 20.67
C GLY C 741 -16.60 -7.13 21.24
N ASP C 742 -17.19 -8.26 20.87
CA ASP C 742 -16.82 -9.56 21.42
C ASP C 742 -16.14 -10.47 20.40
N SER C 743 -15.82 -9.96 19.22
CA SER C 743 -15.27 -10.79 18.17
C SER C 743 -13.77 -11.04 18.39
N THR C 744 -13.38 -12.31 18.53
CA THR C 744 -11.98 -12.62 18.73
C THR C 744 -11.14 -12.38 17.47
N GLU C 745 -11.73 -12.64 16.29
CA GLU C 745 -11.03 -12.41 15.02
C GLU C 745 -10.79 -10.92 14.80
N CYS C 746 -11.74 -10.09 15.22
CA CYS C 746 -11.56 -8.64 15.11
C CYS C 746 -10.41 -8.17 15.98
N SER C 747 -10.28 -8.74 17.18
CA SER C 747 -9.17 -8.36 18.07
C SER C 747 -7.85 -8.83 17.46
N ASN C 748 -7.86 -10.01 16.84
CA ASN C 748 -6.65 -10.51 16.18
C ASN C 748 -6.24 -9.61 15.02
N LEU C 749 -7.22 -9.13 14.25
CA LEU C 749 -6.94 -8.18 13.18
C LEU C 749 -6.53 -6.82 13.74
N LEU C 750 -7.05 -6.44 14.91
CA LEU C 750 -6.78 -5.15 15.51
C LEU C 750 -5.36 -5.10 16.07
N LEU C 751 -4.83 -6.25 16.49
CA LEU C 751 -3.45 -6.32 16.99
C LEU C 751 -2.42 -5.95 15.93
N GLN C 752 -2.78 -6.04 14.64
CA GLN C 752 -1.87 -5.72 13.55
C GLN C 752 -1.61 -4.22 13.44
N TYR C 753 -2.46 -3.38 14.03
CA TYR C 753 -2.35 -1.93 13.96
C TYR C 753 -1.41 -1.35 15.00
N GLY C 754 -0.93 -2.16 15.94
CA GLY C 754 0.10 -1.71 16.85
C GLY C 754 -0.41 -1.17 18.17
N SER C 755 0.22 -0.11 18.65
CA SER C 755 -0.07 0.48 19.95
C SER C 755 -0.95 1.71 19.85
N PHE C 756 -1.93 1.72 18.94
CA PHE C 756 -2.90 2.80 18.94
C PHE C 756 -3.78 2.76 20.18
N CYS C 757 -4.20 1.55 20.58
CA CYS C 757 -5.10 1.40 21.74
C CYS C 757 -4.39 1.85 23.01
N THR C 758 -3.11 1.52 23.14
CA THR C 758 -2.32 1.92 24.30
C THR C 758 -2.14 3.42 24.34
N GLN C 759 -1.95 4.05 23.17
CA GLN C 759 -1.85 5.51 23.10
C GLN C 759 -3.14 6.18 23.55
N LEU C 760 -4.28 5.65 23.11
CA LEU C 760 -5.56 6.25 23.48
C LEU C 760 -5.83 6.09 24.99
N LYS C 761 -5.52 4.90 25.52
CA LYS C 761 -5.71 4.66 26.96
C LYS C 761 -4.79 5.54 27.79
N ARG C 762 -3.55 5.73 27.33
CA ARG C 762 -2.59 6.56 28.06
C ARG C 762 -3.02 8.02 28.06
N ALA C 763 -3.54 8.51 26.92
CA ALA C 763 -4.03 9.89 26.85
C ALA C 763 -5.24 10.09 27.76
N LEU C 764 -6.17 9.13 27.77
CA LEU C 764 -7.33 9.24 28.64
C LEU C 764 -6.94 9.15 30.11
N THR C 765 -5.95 8.32 30.44
CA THR C 765 -5.46 8.23 31.82
C THR C 765 -4.80 9.54 32.24
N GLY C 766 -4.08 10.18 31.31
CA GLY C 766 -3.49 11.48 31.61
C GLY C 766 -4.53 12.55 31.87
N ILE C 767 -5.61 12.54 31.08
CA ILE C 767 -6.71 13.48 31.30
C ILE C 767 -7.39 13.19 32.65
N ALA C 768 -7.56 11.91 32.98
CA ALA C 768 -8.23 11.51 34.22
C ALA C 768 -7.45 11.94 35.45
N VAL C 769 -6.12 11.75 35.45
CA VAL C 769 -5.33 12.22 36.58
C VAL C 769 -5.25 13.75 36.58
N GLU C 770 -5.33 14.38 35.40
CA GLU C 770 -5.27 15.83 35.31
C GLU C 770 -6.48 16.49 35.96
N GLN C 771 -7.66 15.87 35.83
CA GLN C 771 -8.86 16.42 36.45
C GLN C 771 -8.77 16.42 37.97
N ASP C 772 -8.23 15.33 38.53
CA ASP C 772 -8.05 15.25 39.98
C ASP C 772 -7.00 16.23 40.45
N LYS C 773 -5.95 16.42 39.65
CA LYS C 773 -4.93 17.43 39.97
C LYS C 773 -5.53 18.84 39.94
N ASN C 774 -6.44 19.09 39.00
CA ASN C 774 -7.10 20.39 38.91
C ASN C 774 -7.95 20.66 40.14
N THR C 775 -8.73 19.66 40.58
CA THR C 775 -9.54 19.82 41.78
C THR C 775 -8.68 20.00 43.02
N GLN C 776 -7.55 19.26 43.08
CA GLN C 776 -6.63 19.36 44.21
C GLN C 776 -5.97 20.74 44.27
N GLU C 777 -5.61 21.30 43.11
CA GLU C 777 -5.01 22.62 43.07
C GLU C 777 -6.01 23.71 43.45
N VAL C 778 -7.26 23.59 42.99
CA VAL C 778 -8.24 24.65 43.25
C VAL C 778 -8.70 24.62 44.70
N PHE C 779 -9.13 23.46 45.20
CA PHE C 779 -9.78 23.45 46.51
C PHE C 779 -8.87 23.12 47.67
N ALA C 780 -7.83 22.33 47.48
CA ALA C 780 -6.99 21.91 48.60
C ALA C 780 -5.80 22.85 48.74
N GLN C 781 -6.10 24.10 49.07
CA GLN C 781 -5.07 25.11 49.26
C GLN C 781 -4.78 25.36 50.72
N VAL C 782 -5.43 24.63 51.62
CA VAL C 782 -5.17 24.70 53.05
C VAL C 782 -4.93 23.29 53.58
N LYS C 783 -3.97 23.16 54.48
CA LYS C 783 -3.67 21.88 55.09
C LYS C 783 -4.28 21.73 56.48
N GLN C 784 -5.02 22.75 56.93
CA GLN C 784 -5.73 22.70 58.20
C GLN C 784 -7.21 22.90 57.91
N ILE C 785 -8.05 22.07 58.51
CA ILE C 785 -9.50 22.18 58.35
C ILE C 785 -10.01 23.12 59.44
N TYR C 786 -10.28 24.36 59.07
CA TYR C 786 -10.74 25.35 60.03
C TYR C 786 -12.24 25.20 60.27
N LYS C 787 -12.67 25.54 61.48
CA LYS C 787 -14.07 25.49 61.85
C LYS C 787 -14.51 26.83 62.45
N THR C 788 -15.76 27.20 62.17
CA THR C 788 -16.34 28.43 62.67
C THR C 788 -16.72 28.28 64.14
N PRO C 789 -16.76 29.38 64.90
CA PRO C 789 -17.25 29.28 66.27
C PRO C 789 -18.73 28.94 66.31
N PRO C 790 -19.20 28.29 67.39
CA PRO C 790 -20.64 28.00 67.51
C PRO C 790 -21.53 29.23 67.55
N ILE C 791 -21.09 30.30 68.21
CA ILE C 791 -21.86 31.55 68.23
C ILE C 791 -21.52 32.31 66.96
N LYS C 792 -22.31 32.12 65.91
CA LYS C 792 -22.01 32.71 64.61
C LYS C 792 -22.57 34.13 64.51
N TYR C 793 -21.99 35.02 65.31
CA TYR C 793 -22.27 36.45 65.22
C TYR C 793 -20.97 37.12 64.85
N PHE C 794 -20.94 37.83 63.72
CA PHE C 794 -19.69 38.40 63.24
C PHE C 794 -19.80 39.90 63.01
N GLY C 795 -20.47 40.60 63.92
CA GLY C 795 -20.53 42.04 63.83
C GLY C 795 -21.68 42.54 62.99
N GLY C 796 -22.82 41.86 63.07
CA GLY C 796 -23.94 42.15 62.21
C GLY C 796 -23.90 41.48 60.85
N PHE C 797 -22.79 40.83 60.50
CA PHE C 797 -22.63 40.21 59.19
C PHE C 797 -23.21 38.80 59.25
N ASN C 798 -23.98 38.45 58.23
CA ASN C 798 -24.70 37.19 58.16
C ASN C 798 -24.07 36.34 57.09
N PHE C 799 -23.64 35.13 57.46
CA PHE C 799 -23.02 34.19 56.54
C PHE C 799 -23.77 32.87 56.47
N SER C 800 -25.07 32.87 56.80
CA SER C 800 -25.84 31.63 56.79
C SER C 800 -25.98 31.05 55.40
N GLN C 801 -26.01 31.90 54.37
CA GLN C 801 -26.19 31.41 53.02
C GLN C 801 -24.94 30.76 52.45
N ILE C 802 -23.78 31.01 53.05
CA ILE C 802 -22.53 30.43 52.57
C ILE C 802 -21.91 29.45 53.54
N LEU C 803 -22.27 29.47 54.82
CA LEU C 803 -21.75 28.49 55.75
C LEU C 803 -22.53 27.19 55.60
N PRO C 804 -21.94 26.05 55.97
CA PRO C 804 -22.65 24.77 55.86
C PRO C 804 -23.89 24.70 56.75
N ASP C 805 -24.90 24.01 56.22
CA ASP C 805 -26.16 23.84 56.94
C ASP C 805 -26.09 22.56 57.75
N PRO C 806 -26.19 22.63 59.09
CA PRO C 806 -26.22 21.39 59.89
C PRO C 806 -27.44 20.53 59.63
N SER C 807 -28.57 21.13 59.24
CA SER C 807 -29.81 20.39 59.02
C SER C 807 -29.72 19.48 57.79
N LYS C 808 -28.85 19.82 56.84
CA LYS C 808 -28.82 19.05 55.60
C LYS C 808 -27.82 17.91 55.72
N PRO C 809 -28.17 16.71 55.23
CA PRO C 809 -27.24 15.57 55.32
C PRO C 809 -25.96 15.75 54.52
N SER C 810 -25.99 16.56 53.46
CA SER C 810 -24.82 16.74 52.60
C SER C 810 -23.83 17.75 53.17
N LYS C 811 -24.20 18.46 54.25
CA LYS C 811 -23.36 19.47 54.92
C LYS C 811 -22.95 20.60 53.98
N ARG C 812 -23.86 20.98 53.09
CA ARG C 812 -23.60 22.04 52.13
C ARG C 812 -24.31 23.32 52.54
N SER C 813 -23.86 24.42 51.98
CA SER C 813 -24.48 25.71 52.21
C SER C 813 -25.77 25.80 51.38
N PRO C 814 -26.68 26.71 51.72
CA PRO C 814 -27.86 26.91 50.88
C PRO C 814 -27.53 27.32 49.45
N ILE C 815 -26.53 28.18 49.28
CA ILE C 815 -26.07 28.55 47.94
C ILE C 815 -25.48 27.35 47.23
N GLU C 816 -24.66 26.54 47.93
CA GLU C 816 -24.04 25.36 47.31
C GLU C 816 -25.09 24.33 46.97
N ASP C 817 -26.11 24.16 47.82
CA ASP C 817 -27.19 23.22 47.55
C ASP C 817 -27.98 23.67 46.33
N LEU C 818 -28.19 24.98 46.18
CA LEU C 818 -28.86 25.53 45.00
C LEU C 818 -28.02 25.27 43.75
N LEU C 819 -26.70 25.42 43.86
CA LEU C 819 -25.81 25.21 42.72
C LEU C 819 -25.82 23.74 42.28
N PHE C 820 -25.78 22.81 43.24
CA PHE C 820 -25.86 21.39 42.89
C PHE C 820 -27.22 21.00 42.35
N ASN C 821 -28.30 21.65 42.81
CA ASN C 821 -29.60 21.37 42.21
C ASN C 821 -29.73 21.92 40.80
N LYS C 822 -29.11 23.06 40.51
CA LYS C 822 -29.32 23.70 39.22
C LYS C 822 -28.45 23.15 38.10
N VAL C 823 -27.49 22.28 38.38
CA VAL C 823 -26.69 21.64 37.35
C VAL C 823 -27.17 20.21 37.21
N THR C 824 -27.56 19.83 36.00
CA THR C 824 -28.08 18.49 35.73
C THR C 824 -27.24 17.77 34.69
N LYS C 853 -20.29 -1.38 26.23
CA LYS C 853 -19.87 -0.77 24.98
C LYS C 853 -18.45 -0.23 25.09
N GLY C 854 -17.79 -0.57 26.19
CA GLY C 854 -16.40 -0.22 26.42
C GLY C 854 -16.20 1.14 27.04
N LEU C 855 -17.27 1.90 27.25
CA LEU C 855 -17.18 3.25 27.77
C LEU C 855 -17.46 3.19 29.27
N THR C 856 -16.59 3.79 30.08
CA THR C 856 -16.80 3.90 31.52
C THR C 856 -16.50 5.32 31.98
N VAL C 857 -17.18 5.74 33.04
CA VAL C 857 -16.91 7.01 33.68
C VAL C 857 -16.34 6.72 35.06
N LEU C 858 -15.14 7.20 35.31
CA LEU C 858 -14.42 7.04 36.56
C LEU C 858 -14.87 8.12 37.54
N PRO C 859 -15.10 7.76 38.82
CA PRO C 859 -15.47 8.78 39.78
C PRO C 859 -14.29 9.68 40.11
N PRO C 860 -14.55 10.93 40.47
CA PRO C 860 -13.46 11.82 40.91
C PRO C 860 -12.88 11.37 42.24
N LEU C 861 -11.61 11.71 42.45
CA LEU C 861 -10.92 11.33 43.68
C LEU C 861 -11.52 12.04 44.89
N LEU C 862 -11.86 13.31 44.74
CA LEU C 862 -12.50 14.07 45.80
C LEU C 862 -14.01 14.07 45.57
N THR C 863 -14.75 13.56 46.55
CA THR C 863 -16.21 13.56 46.48
C THR C 863 -16.74 14.96 46.73
N ASP C 864 -18.05 15.14 46.47
CA ASP C 864 -18.69 16.43 46.68
C ASP C 864 -18.66 16.85 48.15
N GLU C 865 -18.75 15.87 49.05
CA GLU C 865 -18.70 16.15 50.49
C GLU C 865 -17.33 16.70 50.89
N MET C 866 -16.25 16.12 50.37
CA MET C 866 -14.91 16.58 50.74
C MET C 866 -14.58 17.93 50.12
N ILE C 867 -15.06 18.18 48.89
CA ILE C 867 -14.89 19.50 48.27
C ILE C 867 -15.67 20.55 49.06
N ALA C 868 -16.87 20.18 49.53
CA ALA C 868 -17.65 21.08 50.37
C ALA C 868 -16.95 21.33 51.70
N GLN C 869 -16.29 20.31 52.24
CA GLN C 869 -15.51 20.46 53.47
C GLN C 869 -14.31 21.39 53.27
N TYR C 870 -13.65 21.30 52.11
CA TYR C 870 -12.55 22.20 51.81
C TYR C 870 -13.02 23.64 51.66
N THR C 871 -14.15 23.85 50.99
CA THR C 871 -14.72 25.20 50.89
C THR C 871 -15.14 25.72 52.26
N SER C 872 -15.67 24.83 53.12
CA SER C 872 -16.05 25.23 54.47
C SER C 872 -14.82 25.65 55.28
N ALA C 873 -13.71 24.93 55.11
CA ALA C 873 -12.47 25.27 55.80
C ALA C 873 -11.94 26.61 55.32
N LEU C 874 -12.02 26.87 54.01
CA LEU C 874 -11.56 28.15 53.47
C LEU C 874 -12.45 29.30 53.94
N LEU C 875 -13.77 29.07 54.01
CA LEU C 875 -14.69 30.08 54.52
C LEU C 875 -14.45 30.36 55.99
N ALA C 876 -14.22 29.32 56.79
CA ALA C 876 -13.95 29.49 58.21
C ALA C 876 -12.65 30.24 58.44
N GLY C 877 -11.62 29.94 57.64
CA GLY C 877 -10.37 30.66 57.74
C GLY C 877 -10.49 32.12 57.33
N THR C 878 -11.25 32.39 56.27
CA THR C 878 -11.32 33.78 55.80
C THR C 878 -12.29 34.60 56.64
N ILE C 879 -13.16 33.96 57.40
CA ILE C 879 -14.07 34.69 58.29
C ILE C 879 -13.43 34.93 59.64
N THR C 880 -12.82 33.91 60.24
CA THR C 880 -12.28 34.05 61.58
C THR C 880 -10.87 34.64 61.60
N SER C 881 -10.09 34.47 60.53
CA SER C 881 -8.70 34.85 60.54
C SER C 881 -8.29 35.85 59.47
N GLY C 882 -9.21 36.28 58.61
CA GLY C 882 -8.87 37.17 57.51
C GLY C 882 -7.97 36.52 56.47
N TRP C 883 -6.89 37.21 56.09
CA TRP C 883 -5.93 36.66 55.15
C TRP C 883 -4.73 36.03 55.83
N THR C 884 -4.73 35.95 57.16
CA THR C 884 -3.55 35.45 57.87
C THR C 884 -3.35 33.95 57.66
N PHE C 885 -4.44 33.20 57.48
CA PHE C 885 -4.32 31.74 57.34
C PHE C 885 -3.72 31.35 56.00
N GLY C 886 -3.85 32.21 54.98
CA GLY C 886 -3.26 31.91 53.69
C GLY C 886 -1.78 32.15 53.61
N ALA C 887 -1.22 32.90 54.56
CA ALA C 887 0.18 33.27 54.55
C ALA C 887 0.96 32.66 55.72
N GLY C 888 0.32 31.77 56.47
CA GLY C 888 0.92 31.21 57.67
C GLY C 888 -0.13 30.74 58.64
N PRO C 889 0.15 30.84 59.93
CA PRO C 889 -0.83 30.43 60.95
C PRO C 889 -2.04 31.36 60.95
N ALA C 890 -3.18 30.79 61.33
CA ALA C 890 -4.42 31.56 61.37
C ALA C 890 -4.44 32.41 62.63
N LEU C 891 -4.47 33.72 62.46
CA LEU C 891 -4.51 34.66 63.56
C LEU C 891 -5.92 35.23 63.64
N GLN C 892 -6.58 35.01 64.78
CA GLN C 892 -7.95 35.48 64.94
C GLN C 892 -7.99 37.00 64.97
N ILE C 893 -9.04 37.56 64.38
CA ILE C 893 -9.29 38.99 64.38
C ILE C 893 -10.80 39.15 64.32
N PRO C 894 -11.38 40.11 65.03
CA PRO C 894 -12.82 40.37 64.88
C PRO C 894 -13.16 40.77 63.46
N PHE C 895 -14.32 40.33 62.98
CA PHE C 895 -14.70 40.60 61.59
C PHE C 895 -14.87 42.08 61.25
N PRO C 896 -15.41 42.97 62.10
CA PRO C 896 -15.38 44.39 61.73
C PRO C 896 -13.96 44.93 61.59
N MET C 897 -13.02 44.45 62.40
CA MET C 897 -11.65 44.92 62.25
C MET C 897 -11.01 44.37 60.97
N GLN C 898 -11.39 43.14 60.58
CA GLN C 898 -10.95 42.61 59.30
C GLN C 898 -11.51 43.44 58.15
N MET C 899 -12.77 43.85 58.28
CA MET C 899 -13.41 44.61 57.22
C MET C 899 -12.86 46.03 57.17
N ALA C 900 -12.33 46.51 58.30
CA ALA C 900 -11.67 47.81 58.31
C ALA C 900 -10.29 47.72 57.71
N TYR C 901 -9.60 46.58 57.91
CA TYR C 901 -8.32 46.35 57.27
C TYR C 901 -8.49 46.30 55.75
N ARG C 902 -9.56 45.62 55.31
CA ARG C 902 -9.87 45.55 53.89
C ARG C 902 -10.30 46.90 53.33
N PHE C 903 -10.97 47.72 54.16
CA PHE C 903 -11.28 49.08 53.75
C PHE C 903 -10.01 49.90 53.55
N ASN C 904 -9.03 49.72 54.46
CA ASN C 904 -7.74 50.39 54.29
C ASN C 904 -7.01 49.91 53.06
N GLY C 905 -7.21 48.65 52.67
CA GLY C 905 -6.55 48.12 51.49
C GLY C 905 -6.96 48.83 50.21
N ILE C 906 -8.23 49.26 50.12
CA ILE C 906 -8.72 49.94 48.93
C ILE C 906 -8.63 51.45 49.11
N GLY C 907 -7.94 51.90 50.15
CA GLY C 907 -7.71 53.32 50.36
C GLY C 907 -8.79 54.10 51.06
N VAL C 908 -9.64 53.44 51.85
CA VAL C 908 -10.66 54.10 52.64
C VAL C 908 -10.33 53.91 54.11
N THR C 909 -10.35 55.00 54.88
CA THR C 909 -9.97 54.96 56.28
C THR C 909 -10.93 54.08 57.09
N GLN C 910 -10.40 53.45 58.14
CA GLN C 910 -11.15 52.50 58.96
C GLN C 910 -12.33 53.12 59.67
N ASN C 911 -12.28 54.44 59.93
CA ASN C 911 -13.36 55.11 60.66
C ASN C 911 -14.65 55.04 59.87
N VAL C 912 -14.56 55.07 58.54
CA VAL C 912 -15.72 54.97 57.67
C VAL C 912 -16.41 53.63 57.89
N LEU C 913 -15.63 52.56 58.03
CA LEU C 913 -16.18 51.24 58.30
C LEU C 913 -16.82 51.18 59.68
N TYR C 914 -16.14 51.71 60.71
CA TYR C 914 -16.67 51.62 62.07
C TYR C 914 -17.92 52.46 62.27
N GLU C 915 -17.96 53.67 61.72
CA GLU C 915 -19.12 54.54 61.87
C GLU C 915 -20.34 53.96 61.16
N ASN C 916 -20.14 53.31 60.01
CA ASN C 916 -21.22 52.78 59.18
C ASN C 916 -21.31 51.26 59.24
N GLN C 917 -20.93 50.66 60.39
CA GLN C 917 -20.86 49.20 60.51
C GLN C 917 -22.21 48.52 60.32
N LYS C 918 -23.28 49.14 60.82
CA LYS C 918 -24.61 48.57 60.65
C LYS C 918 -25.07 48.65 59.20
N LEU C 919 -24.85 49.80 58.56
CA LEU C 919 -25.24 49.97 57.16
C LEU C 919 -24.45 49.04 56.25
N ILE C 920 -23.15 48.87 56.51
CA ILE C 920 -22.32 47.98 55.71
C ILE C 920 -22.75 46.52 55.89
N ALA C 921 -23.07 46.13 57.13
CA ALA C 921 -23.52 44.75 57.38
C ALA C 921 -24.86 44.49 56.69
N ASN C 922 -25.77 45.47 56.75
CA ASN C 922 -27.08 45.33 56.11
C ASN C 922 -26.95 45.25 54.59
N GLN C 923 -26.05 46.06 54.01
CA GLN C 923 -25.81 46.03 52.57
C GLN C 923 -25.24 44.70 52.14
N PHE C 924 -24.31 44.15 52.93
CA PHE C 924 -23.71 42.85 52.62
C PHE C 924 -24.76 41.74 52.67
N ASN C 925 -25.63 41.77 53.69
CA ASN C 925 -26.67 40.75 53.81
C ASN C 925 -27.67 40.85 52.66
N SER C 926 -28.04 42.09 52.28
CA SER C 926 -28.95 42.30 51.16
C SER C 926 -28.35 41.78 49.86
N ALA C 927 -27.04 42.02 49.66
CA ALA C 927 -26.37 41.57 48.44
C ALA C 927 -26.29 40.05 48.39
N ILE C 928 -26.05 39.40 49.54
CA ILE C 928 -25.99 37.94 49.59
C ILE C 928 -27.35 37.33 49.27
N GLY C 929 -28.43 37.95 49.82
CA GLY C 929 -29.77 37.50 49.49
C GLY C 929 -30.10 37.69 48.02
N LYS C 930 -29.66 38.81 47.46
CA LYS C 930 -29.86 39.07 46.02
C LYS C 930 -29.11 38.05 45.18
N ILE C 931 -27.93 37.60 45.64
CA ILE C 931 -27.16 36.61 44.92
C ILE C 931 -27.89 35.27 44.89
N GLN C 932 -28.46 34.88 46.04
CA GLN C 932 -29.22 33.62 46.07
C GLN C 932 -30.46 33.71 45.20
N ASP C 933 -31.16 34.84 45.24
CA ASP C 933 -32.35 35.02 44.41
C ASP C 933 -32.00 35.02 42.92
N SER C 934 -30.90 35.69 42.55
CA SER C 934 -30.46 35.76 41.16
C SER C 934 -30.05 34.39 40.64
N LEU C 935 -29.38 33.59 41.46
CA LEU C 935 -29.04 32.24 41.02
C LEU C 935 -30.30 31.38 40.89
N SER C 936 -31.24 31.51 41.83
CA SER C 936 -32.46 30.72 41.77
C SER C 936 -33.40 31.15 40.65
N SER C 937 -33.27 32.38 40.14
CA SER C 937 -34.23 32.92 39.20
C SER C 937 -33.73 33.01 37.76
N THR C 938 -32.45 32.72 37.51
CA THR C 938 -31.89 32.83 36.17
C THR C 938 -31.48 31.44 35.70
N PRO C 939 -32.01 30.95 34.57
CA PRO C 939 -31.58 29.64 34.07
C PRO C 939 -30.16 29.61 33.54
N SER C 940 -29.68 30.72 32.98
CA SER C 940 -28.38 30.76 32.33
C SER C 940 -27.28 31.29 33.24
N ALA C 941 -27.51 31.30 34.57
CA ALA C 941 -26.48 31.72 35.50
C ALA C 941 -25.32 30.72 35.52
N LEU C 942 -25.64 29.42 35.51
CA LEU C 942 -24.66 28.35 35.63
C LEU C 942 -24.40 27.70 34.29
N GLY C 943 -24.35 28.51 33.22
CA GLY C 943 -24.19 27.96 31.89
C GLY C 943 -22.85 27.28 31.63
N LYS C 944 -21.77 27.76 32.27
CA LYS C 944 -20.44 27.24 31.97
C LYS C 944 -20.26 25.79 32.42
N LEU C 945 -20.78 25.46 33.61
CA LEU C 945 -20.73 24.08 34.09
C LEU C 945 -21.67 23.20 33.29
N GLN C 946 -22.85 23.73 32.94
CA GLN C 946 -23.81 22.98 32.16
C GLN C 946 -23.21 22.66 30.80
N ASP C 947 -22.44 23.61 30.23
CA ASP C 947 -21.75 23.39 28.97
C ASP C 947 -20.70 22.30 29.10
N VAL C 948 -19.99 22.25 30.23
CA VAL C 948 -18.97 21.20 30.40
C VAL C 948 -19.64 19.83 30.44
N VAL C 949 -20.74 19.72 31.18
CA VAL C 949 -21.49 18.47 31.27
C VAL C 949 -22.07 18.10 29.91
N ASN C 950 -22.61 19.09 29.19
CA ASN C 950 -23.23 18.86 27.88
C ASN C 950 -22.19 18.44 26.84
N HIS C 951 -21.01 19.07 26.82
CA HIS C 951 -20.00 18.68 25.83
C HIS C 951 -19.49 17.28 26.11
N ASN C 952 -19.29 16.92 27.39
CA ASN C 952 -18.82 15.57 27.69
C ASN C 952 -19.86 14.52 27.32
N ALA C 953 -21.14 14.77 27.67
CA ALA C 953 -22.21 13.83 27.34
C ALA C 953 -22.45 13.74 25.84
N GLN C 954 -22.36 14.89 25.14
CA GLN C 954 -22.55 14.92 23.69
C GLN C 954 -21.42 14.20 22.97
N ALA C 955 -20.18 14.36 23.45
CA ALA C 955 -19.05 13.65 22.85
C ALA C 955 -19.19 12.15 23.05
N LEU C 956 -19.63 11.73 24.25
CA LEU C 956 -19.83 10.30 24.50
C LEU C 956 -20.95 9.75 23.61
N ASN C 957 -22.04 10.53 23.47
CA ASN C 957 -23.19 10.12 22.67
C ASN C 957 -22.80 10.00 21.20
N THR C 958 -22.02 10.95 20.69
CA THR C 958 -21.55 10.92 19.31
C THR C 958 -20.63 9.73 19.08
N LEU C 959 -19.82 9.41 20.11
CA LEU C 959 -18.91 8.27 20.02
C LEU C 959 -19.71 6.96 19.89
N VAL C 960 -20.82 6.86 20.63
CA VAL C 960 -21.68 5.68 20.47
C VAL C 960 -22.41 5.72 19.13
N LYS C 961 -22.78 6.92 18.65
CA LYS C 961 -23.44 7.04 17.35
C LYS C 961 -22.54 6.59 16.21
N GLN C 962 -21.22 6.70 16.38
CA GLN C 962 -20.31 6.26 15.34
C GLN C 962 -20.29 4.75 15.14
N LEU C 963 -20.78 3.98 16.12
CA LEU C 963 -20.90 2.53 15.96
C LEU C 963 -21.97 2.16 14.95
N SER C 964 -22.93 3.04 14.68
CA SER C 964 -23.98 2.79 13.71
C SER C 964 -23.65 3.34 12.34
N SER C 965 -22.38 3.46 12.00
CA SER C 965 -21.96 3.92 10.69
C SER C 965 -21.30 2.78 9.95
N LYS C 966 -21.79 2.50 8.73
CA LYS C 966 -21.26 1.42 7.91
C LYS C 966 -19.82 1.69 7.50
N PHE C 967 -19.49 2.97 7.25
CA PHE C 967 -18.19 3.44 6.77
C PHE C 967 -17.87 2.86 5.40
N GLY C 968 -18.90 2.58 4.62
CA GLY C 968 -18.71 2.07 3.27
C GLY C 968 -18.59 0.56 3.21
N ALA C 969 -19.08 -0.15 4.22
CA ALA C 969 -19.12 -1.60 4.22
C ALA C 969 -20.56 -2.07 4.04
N ILE C 970 -20.71 -3.38 3.85
CA ILE C 970 -22.04 -3.95 3.66
C ILE C 970 -22.91 -3.85 4.92
N SER C 971 -22.29 -3.86 6.10
CA SER C 971 -23.05 -3.81 7.34
C SER C 971 -22.19 -3.22 8.45
N SER C 972 -22.86 -2.68 9.45
CA SER C 972 -22.18 -2.13 10.62
C SER C 972 -22.00 -3.17 11.72
N VAL C 973 -22.50 -4.37 11.53
CA VAL C 973 -22.41 -5.45 12.50
C VAL C 973 -21.32 -6.42 12.05
N LEU C 974 -20.34 -6.65 12.92
CA LEU C 974 -19.24 -7.55 12.59
C LEU C 974 -19.71 -8.99 12.40
N ASN C 975 -20.70 -9.41 13.21
CA ASN C 975 -21.20 -10.78 13.17
C ASN C 975 -21.86 -11.06 11.82
N ASP C 976 -22.52 -10.06 11.25
CA ASP C 976 -23.11 -10.17 9.93
C ASP C 976 -22.03 -10.41 8.89
N ILE C 977 -20.89 -9.74 9.04
CA ILE C 977 -19.77 -9.94 8.11
C ILE C 977 -19.21 -11.36 8.24
N PHE C 978 -19.06 -11.88 9.47
CA PHE C 978 -18.59 -13.26 9.61
C PHE C 978 -19.58 -14.27 9.05
N SER C 979 -20.87 -14.02 9.22
CA SER C 979 -21.87 -14.98 8.79
C SER C 979 -22.20 -14.86 7.30
N ARG C 980 -21.99 -13.70 6.69
CA ARG C 980 -22.41 -13.47 5.32
C ARG C 980 -21.29 -13.61 4.29
N LEU C 981 -20.02 -13.55 4.69
CA LEU C 981 -18.95 -13.54 3.71
C LEU C 981 -17.86 -14.54 4.07
N ASP C 982 -17.10 -14.91 3.04
CA ASP C 982 -15.94 -15.74 3.19
C ASP C 982 -14.82 -14.89 3.79
N PRO C 983 -13.83 -15.50 4.44
CA PRO C 983 -12.71 -14.73 5.08
C PRO C 983 -11.93 -13.80 4.14
N PRO C 984 -11.67 -14.12 2.84
CA PRO C 984 -10.96 -13.12 2.00
C PRO C 984 -11.67 -11.78 1.87
N GLU C 985 -13.00 -11.77 1.77
CA GLU C 985 -13.72 -10.50 1.76
C GLU C 985 -14.08 -10.04 3.17
N ALA C 986 -14.24 -10.99 4.11
CA ALA C 986 -14.57 -10.62 5.48
C ALA C 986 -13.45 -9.81 6.11
N GLU C 987 -12.19 -10.16 5.81
CA GLU C 987 -11.07 -9.40 6.35
C GLU C 987 -11.09 -7.96 5.88
N VAL C 988 -11.46 -7.74 4.62
CA VAL C 988 -11.60 -6.39 4.08
C VAL C 988 -12.71 -5.63 4.78
N GLN C 989 -13.87 -6.26 4.99
CA GLN C 989 -15.00 -5.56 5.62
C GLN C 989 -14.72 -5.21 7.08
N ILE C 990 -14.15 -6.16 7.83
CA ILE C 990 -13.78 -5.87 9.22
C ILE C 990 -12.66 -4.84 9.27
N ASP C 991 -11.78 -4.83 8.26
CA ASP C 991 -10.72 -3.83 8.21
C ASP C 991 -11.30 -2.45 8.03
N ARG C 992 -12.37 -2.35 7.24
CA ARG C 992 -13.04 -1.07 7.03
C ARG C 992 -13.72 -0.59 8.30
N LEU C 993 -14.38 -1.51 9.00
CA LEU C 993 -15.06 -1.12 10.24
C LEU C 993 -14.04 -0.73 11.31
N ILE C 994 -12.92 -1.45 11.37
CA ILE C 994 -11.87 -1.17 12.35
C ILE C 994 -11.25 0.20 12.10
N THR C 995 -10.94 0.52 10.82
CA THR C 995 -10.32 1.83 10.56
C THR C 995 -11.31 2.97 10.81
N GLY C 996 -12.60 2.78 10.48
CA GLY C 996 -13.59 3.82 10.75
C GLY C 996 -13.77 4.07 12.24
N ARG C 997 -13.88 2.99 13.03
CA ARG C 997 -14.08 3.13 14.46
C ARG C 997 -12.83 3.67 15.14
N LEU C 998 -11.64 3.26 14.68
CA LEU C 998 -10.40 3.77 15.23
C LEU C 998 -10.24 5.25 14.94
N GLN C 999 -10.64 5.69 13.74
CA GLN C 999 -10.57 7.12 13.43
C GLN C 999 -11.55 7.91 14.29
N SER C 1000 -12.74 7.36 14.54
CA SER C 1000 -13.72 8.00 15.41
C SER C 1000 -13.18 8.12 16.83
N LEU C 1001 -12.53 7.06 17.32
CA LEU C 1001 -12.01 7.04 18.68
C LEU C 1001 -10.85 8.02 18.83
N GLN C 1002 -10.00 8.10 17.80
CA GLN C 1002 -8.90 9.06 17.82
C GLN C 1002 -9.41 10.49 17.79
N THR C 1003 -10.47 10.74 17.01
CA THR C 1003 -11.10 12.06 16.98
C THR C 1003 -11.63 12.42 18.36
N TYR C 1004 -12.26 11.44 19.05
CA TYR C 1004 -12.81 11.70 20.37
C TYR C 1004 -11.71 12.00 21.38
N VAL C 1005 -10.61 11.25 21.32
CA VAL C 1005 -9.50 11.46 22.24
C VAL C 1005 -8.84 12.82 21.99
N THR C 1006 -8.73 13.22 20.73
CA THR C 1006 -8.18 14.54 20.40
C THR C 1006 -9.06 15.66 20.93
N GLN C 1007 -10.39 15.51 20.78
CA GLN C 1007 -11.31 16.52 21.33
C GLN C 1007 -11.22 16.58 22.85
N GLN C 1008 -11.08 15.41 23.49
CA GLN C 1008 -10.95 15.36 24.93
C GLN C 1008 -9.67 16.03 25.40
N LEU C 1009 -8.58 15.86 24.65
CA LEU C 1009 -7.31 16.48 25.02
C LEU C 1009 -7.38 18.00 24.89
N ILE C 1010 -8.02 18.51 23.83
CA ILE C 1010 -8.17 19.96 23.67
C ILE C 1010 -9.08 20.54 24.76
N ARG C 1011 -10.19 19.86 25.06
CA ARG C 1011 -11.06 20.32 26.14
C ARG C 1011 -10.37 20.22 27.50
N ALA C 1012 -9.54 19.20 27.69
CA ALA C 1012 -8.78 19.06 28.93
C ALA C 1012 -7.79 20.21 29.09
N ALA C 1013 -7.17 20.64 27.98
CA ALA C 1013 -6.28 21.80 28.04
C ALA C 1013 -7.04 23.06 28.40
N GLU C 1014 -8.26 23.23 27.86
CA GLU C 1014 -9.07 24.40 28.16
C GLU C 1014 -9.50 24.41 29.64
N ILE C 1015 -9.93 23.25 30.13
CA ILE C 1015 -10.36 23.10 31.53
C ILE C 1015 -9.17 23.25 32.46
N ARG C 1016 -7.98 22.80 32.05
CA ARG C 1016 -6.77 23.00 32.85
C ARG C 1016 -6.44 24.48 32.97
N ALA C 1017 -6.61 25.24 31.88
CA ALA C 1017 -6.37 26.68 31.94
C ALA C 1017 -7.39 27.36 32.86
N SER C 1018 -8.65 26.93 32.78
CA SER C 1018 -9.69 27.47 33.64
C SER C 1018 -9.45 27.12 35.11
N ALA C 1019 -9.00 25.90 35.37
CA ALA C 1019 -8.66 25.48 36.74
C ALA C 1019 -7.46 26.24 37.29
N ASN C 1020 -6.47 26.52 36.44
CA ASN C 1020 -5.33 27.33 36.88
C ASN C 1020 -5.79 28.75 37.21
N LEU C 1021 -6.71 29.29 36.41
CA LEU C 1021 -7.29 30.59 36.72
C LEU C 1021 -8.08 30.56 38.02
N ALA C 1022 -8.83 29.48 38.25
CA ALA C 1022 -9.62 29.34 39.46
C ALA C 1022 -8.74 29.21 40.70
N ALA C 1023 -7.62 28.50 40.57
CA ALA C 1023 -6.65 28.41 41.67
C ALA C 1023 -6.02 29.77 41.96
N THR C 1024 -5.74 30.55 40.91
CA THR C 1024 -5.22 31.89 41.09
C THR C 1024 -6.23 32.80 41.78
N LYS C 1025 -7.52 32.68 41.42
CA LYS C 1025 -8.56 33.45 42.09
C LYS C 1025 -8.73 33.01 43.54
N MET C 1026 -8.59 31.71 43.80
CA MET C 1026 -8.71 31.20 45.16
C MET C 1026 -7.59 31.73 46.03
N SER C 1027 -6.38 31.79 45.49
CA SER C 1027 -5.25 32.31 46.24
C SER C 1027 -5.35 33.81 46.44
N GLU C 1028 -5.69 34.56 45.38
CA GLU C 1028 -5.59 36.00 45.42
C GLU C 1028 -6.87 36.75 45.77
N CYS C 1029 -8.04 36.13 45.63
CA CYS C 1029 -9.28 36.80 46.02
C CYS C 1029 -9.81 36.29 47.35
N VAL C 1030 -9.68 35.00 47.62
CA VAL C 1030 -10.23 34.42 48.84
C VAL C 1030 -9.23 34.45 49.98
N LEU C 1031 -7.97 34.12 49.71
CA LEU C 1031 -6.95 34.01 50.73
C LEU C 1031 -6.24 35.33 50.96
N GLY C 1032 -6.63 36.38 50.26
CA GLY C 1032 -6.02 37.70 50.39
C GLY C 1032 -6.90 38.71 49.68
N GLN C 1033 -6.49 39.97 49.78
CA GLN C 1033 -7.19 41.05 49.10
C GLN C 1033 -6.36 41.47 47.89
N SER C 1034 -6.99 41.50 46.73
CA SER C 1034 -6.31 41.76 45.47
C SER C 1034 -6.49 43.20 44.99
N LYS C 1035 -5.38 43.80 44.58
CA LYS C 1035 -5.39 45.13 43.99
C LYS C 1035 -5.57 45.09 42.48
N ARG C 1036 -5.71 43.90 41.90
CA ARG C 1036 -5.86 43.74 40.47
C ARG C 1036 -7.28 44.12 40.06
N VAL C 1037 -7.38 45.03 39.09
CA VAL C 1037 -8.69 45.53 38.68
C VAL C 1037 -9.43 44.46 37.89
N ASP C 1038 -10.67 44.18 38.30
CA ASP C 1038 -11.62 43.25 37.66
C ASP C 1038 -11.20 41.79 37.77
N PHE C 1039 -10.14 41.48 38.52
CA PHE C 1039 -9.79 40.09 38.74
C PHE C 1039 -10.73 39.44 39.74
N CYS C 1040 -11.17 40.20 40.75
CA CYS C 1040 -12.01 39.64 41.79
C CYS C 1040 -13.31 40.44 41.89
N GLY C 1041 -13.97 40.65 40.76
CA GLY C 1041 -15.25 41.32 40.75
C GLY C 1041 -15.16 42.73 40.21
N LYS C 1042 -16.33 43.29 39.87
CA LYS C 1042 -16.40 44.67 39.43
C LYS C 1042 -16.38 45.57 40.64
N GLY C 1043 -15.46 46.52 40.68
CA GLY C 1043 -15.33 47.43 41.80
C GLY C 1043 -14.05 47.18 42.57
N TYR C 1044 -13.88 47.95 43.64
CA TYR C 1044 -12.71 47.79 44.50
C TYR C 1044 -12.94 46.55 45.35
N HIS C 1045 -12.03 45.59 45.24
CA HIS C 1045 -12.23 44.28 45.86
C HIS C 1045 -12.01 44.32 47.37
N LEU C 1046 -12.97 43.78 48.11
CA LEU C 1046 -12.85 43.68 49.56
C LEU C 1046 -12.52 42.25 49.99
N MET C 1047 -13.34 41.28 49.59
CA MET C 1047 -13.07 39.88 49.94
C MET C 1047 -13.82 38.98 48.98
N SER C 1048 -13.59 37.69 49.09
CA SER C 1048 -14.27 36.71 48.24
C SER C 1048 -14.57 35.46 49.05
N PHE C 1049 -15.62 34.75 48.63
CA PHE C 1049 -16.06 33.54 49.30
C PHE C 1049 -16.17 32.39 48.30
N PRO C 1050 -15.54 31.26 48.54
CA PRO C 1050 -15.67 30.11 47.63
C PRO C 1050 -16.88 29.23 47.91
N GLN C 1051 -17.50 28.75 46.84
CA GLN C 1051 -18.59 27.80 46.94
C GLN C 1051 -18.33 26.66 45.97
N SER C 1052 -18.52 25.43 46.42
CA SER C 1052 -18.37 24.28 45.54
C SER C 1052 -19.53 24.21 44.56
N ALA C 1053 -19.26 23.73 43.36
CA ALA C 1053 -20.29 23.56 42.34
C ALA C 1053 -19.96 22.31 41.54
N PRO C 1054 -20.97 21.70 40.86
CA PRO C 1054 -20.68 20.51 40.04
C PRO C 1054 -19.67 20.81 38.94
N HIS C 1055 -18.50 20.18 39.05
CA HIS C 1055 -17.35 20.37 38.17
C HIS C 1055 -16.86 21.81 38.17
N GLY C 1056 -16.97 22.51 39.30
CA GLY C 1056 -16.58 23.91 39.25
C GLY C 1056 -16.59 24.59 40.60
N VAL C 1057 -16.20 25.86 40.57
CA VAL C 1057 -16.17 26.70 41.76
C VAL C 1057 -16.91 27.99 41.44
N VAL C 1058 -17.63 28.52 42.42
CA VAL C 1058 -18.34 29.79 42.31
C VAL C 1058 -17.76 30.73 43.35
N PHE C 1059 -17.21 31.85 42.89
CA PHE C 1059 -16.65 32.86 43.78
C PHE C 1059 -17.67 33.97 43.99
N LEU C 1060 -17.99 34.24 45.24
CA LEU C 1060 -18.82 35.39 45.60
C LEU C 1060 -17.86 36.52 45.94
N HIS C 1061 -17.71 37.46 45.02
CA HIS C 1061 -16.80 38.58 45.20
C HIS C 1061 -17.54 39.72 45.88
N VAL C 1062 -17.09 40.09 47.06
CA VAL C 1062 -17.60 41.22 47.82
C VAL C 1062 -16.70 42.40 47.50
N THR C 1063 -17.26 43.40 46.83
CA THR C 1063 -16.53 44.58 46.37
C THR C 1063 -17.21 45.85 46.88
N TYR C 1064 -16.43 46.92 46.89
CA TYR C 1064 -16.86 48.24 47.31
C TYR C 1064 -17.09 49.07 46.06
N VAL C 1065 -18.30 49.56 45.87
CA VAL C 1065 -18.63 50.38 44.71
C VAL C 1065 -18.94 51.79 45.20
N PRO C 1066 -18.25 52.82 44.71
CA PRO C 1066 -18.60 54.19 45.08
C PRO C 1066 -19.97 54.58 44.54
N ALA C 1067 -20.66 55.43 45.29
CA ALA C 1067 -21.98 55.88 44.86
C ALA C 1067 -22.27 57.26 45.44
N GLN C 1068 -23.28 57.92 44.84
CA GLN C 1068 -23.78 59.23 45.23
C GLN C 1068 -22.67 60.30 45.19
N GLU C 1069 -21.96 60.35 44.07
CA GLU C 1069 -20.86 61.28 43.90
C GLU C 1069 -21.36 62.72 43.80
N LYS C 1070 -20.49 63.65 44.19
CA LYS C 1070 -20.83 65.07 44.21
C LYS C 1070 -19.68 65.87 43.64
N ASN C 1071 -20.01 66.92 42.88
CA ASN C 1071 -19.02 67.82 42.32
C ASN C 1071 -18.37 68.68 43.40
N PHE C 1072 -17.08 68.92 43.27
CA PHE C 1072 -16.34 69.83 44.11
C PHE C 1072 -15.30 70.55 43.26
N THR C 1073 -14.91 71.75 43.70
CA THR C 1073 -13.86 72.48 43.01
C THR C 1073 -12.52 72.02 43.58
N THR C 1074 -11.59 71.62 42.71
CA THR C 1074 -10.34 71.05 43.20
C THR C 1074 -9.16 71.89 42.78
N ALA C 1075 -8.08 71.78 43.55
CA ALA C 1075 -6.83 72.46 43.29
C ALA C 1075 -5.67 71.52 43.55
N PRO C 1076 -4.57 71.66 42.79
CA PRO C 1076 -3.41 70.80 43.06
C PRO C 1076 -2.71 71.09 44.38
N ALA C 1077 -2.64 72.36 44.77
CA ALA C 1077 -1.93 72.74 45.98
C ALA C 1077 -2.59 73.97 46.59
N ILE C 1078 -2.25 74.22 47.85
CA ILE C 1078 -2.74 75.37 48.60
C ILE C 1078 -1.56 76.31 48.85
N CYS C 1079 -1.69 77.57 48.50
CA CYS C 1079 -0.63 78.54 48.72
C CYS C 1079 -0.87 79.22 50.06
N HIS C 1080 0.08 79.04 50.99
CA HIS C 1080 0.01 79.67 52.29
C HIS C 1080 1.40 80.12 52.70
N ASP C 1081 1.52 81.40 53.08
CA ASP C 1081 2.76 82.03 53.54
C ASP C 1081 3.88 81.91 52.52
N GLY C 1082 3.53 81.93 51.23
CA GLY C 1082 4.53 81.81 50.20
C GLY C 1082 5.03 80.40 50.00
N LYS C 1083 4.35 79.41 50.59
CA LYS C 1083 4.72 78.01 50.49
C LYS C 1083 3.58 77.22 49.88
N ALA C 1084 3.92 76.17 49.15
CA ALA C 1084 2.94 75.30 48.52
C ALA C 1084 2.71 74.08 49.40
N HIS C 1085 1.44 73.80 49.70
CA HIS C 1085 1.05 72.67 50.51
C HIS C 1085 0.33 71.66 49.63
N PHE C 1086 0.71 70.40 49.77
CA PHE C 1086 0.15 69.32 48.99
C PHE C 1086 -0.46 68.31 49.96
N PRO C 1087 -1.53 67.61 49.58
CA PRO C 1087 -2.16 66.67 50.52
C PRO C 1087 -1.29 65.46 50.76
N ARG C 1088 -1.20 65.06 52.04
CA ARG C 1088 -0.38 63.92 52.40
C ARG C 1088 -1.02 62.61 51.93
N GLU C 1089 -2.32 62.46 52.14
CA GLU C 1089 -3.02 61.28 51.67
C GLU C 1089 -4.31 61.58 50.92
N GLY C 1090 -4.81 62.81 50.98
CA GLY C 1090 -6.09 63.12 50.36
C GLY C 1090 -6.04 63.98 49.12
N VAL C 1091 -7.04 64.85 48.98
CA VAL C 1091 -7.20 65.75 47.86
C VAL C 1091 -7.88 67.01 48.37
N PHE C 1092 -7.53 68.15 47.77
CA PHE C 1092 -8.15 69.41 48.15
C PHE C 1092 -9.47 69.56 47.41
N VAL C 1093 -10.54 69.86 48.15
CA VAL C 1093 -11.86 70.07 47.58
C VAL C 1093 -12.42 71.37 48.14
N SER C 1094 -13.32 71.97 47.39
CA SER C 1094 -13.99 73.18 47.79
C SER C 1094 -15.47 73.06 47.49
N ASN C 1095 -16.30 73.39 48.47
CA ASN C 1095 -17.75 73.38 48.32
C ASN C 1095 -18.28 74.72 47.82
N GLY C 1096 -17.39 75.67 47.55
CA GLY C 1096 -17.78 76.95 46.99
C GLY C 1096 -17.11 78.11 47.67
N THR C 1097 -16.98 78.05 49.00
CA THR C 1097 -16.40 79.16 49.75
C THR C 1097 -15.24 78.72 50.62
N HIS C 1098 -15.22 77.46 51.04
CA HIS C 1098 -14.22 76.96 51.96
C HIS C 1098 -13.46 75.79 51.34
N TRP C 1099 -12.20 75.65 51.72
CA TRP C 1099 -11.33 74.60 51.21
C TRP C 1099 -11.13 73.55 52.29
N PHE C 1100 -11.16 72.28 51.89
CA PHE C 1100 -10.98 71.16 52.79
C PHE C 1100 -10.11 70.11 52.11
N VAL C 1101 -9.65 69.15 52.89
CA VAL C 1101 -8.90 68.01 52.39
C VAL C 1101 -9.68 66.74 52.74
N THR C 1102 -9.87 65.87 51.77
CA THR C 1102 -10.65 64.66 51.99
C THR C 1102 -9.97 63.48 51.32
N GLN C 1103 -10.31 62.28 51.80
CA GLN C 1103 -9.79 61.08 51.17
C GLN C 1103 -10.41 60.93 49.78
N ARG C 1104 -9.66 60.32 48.87
CA ARG C 1104 -10.05 60.31 47.46
C ARG C 1104 -11.30 59.46 47.19
N ASN C 1105 -11.53 58.40 47.94
CA ASN C 1105 -12.60 57.46 47.63
C ASN C 1105 -13.85 57.62 48.49
N PHE C 1106 -13.87 58.59 49.40
CA PHE C 1106 -15.07 58.87 50.19
C PHE C 1106 -15.05 60.34 50.60
N TYR C 1107 -16.21 60.97 50.61
CA TYR C 1107 -16.24 62.39 50.95
C TYR C 1107 -16.24 62.53 52.47
N GLU C 1108 -15.12 63.01 53.02
CA GLU C 1108 -15.00 63.29 54.44
C GLU C 1108 -14.16 64.55 54.57
N PRO C 1109 -14.78 65.73 54.50
CA PRO C 1109 -14.02 66.98 54.50
C PRO C 1109 -13.39 67.27 55.86
N GLN C 1110 -12.11 67.63 55.84
CA GLN C 1110 -11.37 67.99 57.04
C GLN C 1110 -10.62 69.29 56.78
N ILE C 1111 -10.33 70.00 57.88
CA ILE C 1111 -9.70 71.31 57.77
C ILE C 1111 -8.26 71.14 57.31
N ILE C 1112 -7.81 72.01 56.40
CA ILE C 1112 -6.47 71.89 55.85
C ILE C 1112 -5.49 72.39 56.92
N THR C 1113 -4.71 71.47 57.46
CA THR C 1113 -3.73 71.74 58.50
C THR C 1113 -2.35 71.34 58.02
N THR C 1114 -1.36 71.50 58.91
CA THR C 1114 0.00 71.10 58.59
C THR C 1114 0.25 69.62 58.86
N ASP C 1115 -0.74 68.92 59.40
CA ASP C 1115 -0.59 67.51 59.74
C ASP C 1115 -1.01 66.59 58.61
N ASN C 1116 -1.88 67.06 57.72
CA ASN C 1116 -2.35 66.28 56.58
C ASN C 1116 -1.84 66.84 55.27
N THR C 1117 -0.95 67.83 55.32
CA THR C 1117 -0.32 68.39 54.14
C THR C 1117 1.20 68.43 54.36
N PHE C 1118 1.93 68.52 53.24
CA PHE C 1118 3.37 68.66 53.28
C PHE C 1118 3.78 69.81 52.38
N VAL C 1119 4.91 70.42 52.69
CA VAL C 1119 5.37 71.63 52.02
C VAL C 1119 6.53 71.27 51.10
N SER C 1120 6.42 71.68 49.84
CA SER C 1120 7.52 71.50 48.88
C SER C 1120 7.51 72.69 47.93
N GLY C 1121 8.42 73.63 48.16
CA GLY C 1121 8.59 74.74 47.25
C GLY C 1121 7.62 75.88 47.52
N ASN C 1122 7.71 76.89 46.67
CA ASN C 1122 6.89 78.10 46.78
C ASN C 1122 5.67 77.98 45.86
N CYS C 1123 4.93 79.06 45.72
CA CYS C 1123 3.69 79.05 44.96
C CYS C 1123 3.89 79.43 43.49
N ASP C 1124 5.12 79.70 43.07
CA ASP C 1124 5.35 80.20 41.72
C ASP C 1124 5.46 79.09 40.67
N VAL C 1125 5.59 77.84 41.07
CA VAL C 1125 5.88 76.76 40.14
C VAL C 1125 4.64 75.93 39.82
N VAL C 1126 3.80 75.65 40.81
CA VAL C 1126 2.65 74.77 40.61
C VAL C 1126 1.57 75.50 39.81
N ILE C 1127 1.09 74.87 38.74
CA ILE C 1127 0.08 75.46 37.88
C ILE C 1127 -1.28 75.19 38.50
N GLY C 1128 -2.05 76.25 38.75
CA GLY C 1128 -3.37 76.11 39.32
C GLY C 1128 -3.44 76.17 40.82
N ILE C 1129 -2.36 76.57 41.49
CA ILE C 1129 -2.36 76.71 42.95
C ILE C 1129 -3.30 77.85 43.35
N VAL C 1130 -4.07 77.63 44.41
CA VAL C 1130 -5.00 78.64 44.93
C VAL C 1130 -4.56 79.06 46.32
N ASN C 1131 -5.00 80.26 46.70
CA ASN C 1131 -4.65 80.85 48.00
C ASN C 1131 -5.67 80.44 49.05
N ASN C 1132 -5.19 79.83 50.13
CA ASN C 1132 -6.05 79.50 51.25
C ASN C 1132 -5.17 79.36 52.50
N THR C 1133 -5.79 79.54 53.66
CA THR C 1133 -5.06 79.43 54.92
C THR C 1133 -4.81 77.96 55.27
N VAL C 1134 -3.72 77.73 56.00
CA VAL C 1134 -3.41 76.40 56.52
C VAL C 1134 -3.30 76.51 58.03
N TYR C 1135 -4.15 75.76 58.73
CA TYR C 1135 -4.23 75.84 60.19
C TYR C 1135 -3.03 75.15 60.83
N ASP C 1136 -2.61 75.67 61.98
CA ASP C 1136 -1.53 75.04 62.73
C ASP C 1136 -2.07 74.54 64.06
N PRO C 1137 -1.97 73.24 64.35
CA PRO C 1137 -2.40 72.74 65.66
C PRO C 1137 -1.61 73.29 66.84
N LEU C 1138 -0.32 73.59 66.64
CA LEU C 1138 0.52 74.09 67.72
C LEU C 1138 0.21 75.55 68.05
N GLN C 1139 -0.44 76.29 67.15
CA GLN C 1139 -0.66 77.72 67.35
C GLN C 1139 -1.53 78.09 68.56
N PRO C 1140 -2.68 77.44 68.86
CA PRO C 1140 -3.39 77.76 70.11
C PRO C 1140 -2.63 77.41 71.37
N GLU C 1141 -1.68 76.47 71.32
CA GLU C 1141 -0.99 76.07 72.55
C GLU C 1141 -0.04 77.16 73.02
N LEU C 1142 0.81 77.68 72.12
CA LEU C 1142 1.70 78.75 72.53
C LEU C 1142 0.96 80.08 72.58
N ASP C 1143 -0.15 80.21 71.85
CA ASP C 1143 -0.96 81.41 71.91
C ASP C 1143 -1.60 81.60 73.29
N SER C 1144 -2.06 80.50 73.90
CA SER C 1144 -2.65 80.57 75.23
C SER C 1144 -1.59 80.35 76.31
N LEU D 20 -6.30 -63.25 -35.29
CA LEU D 20 -6.37 -63.04 -36.72
C LEU D 20 -4.98 -63.31 -37.33
N THR D 21 -4.95 -63.80 -38.57
CA THR D 21 -3.73 -64.37 -39.13
C THR D 21 -2.69 -63.30 -39.44
N GLU D 22 -3.15 -62.12 -39.89
CA GLU D 22 -2.22 -61.06 -40.29
C GLU D 22 -1.50 -60.46 -39.08
N GLU D 23 -2.19 -60.34 -37.95
CA GLU D 23 -1.55 -59.87 -36.73
C GLU D 23 -0.57 -60.89 -36.18
N ASN D 24 -0.87 -62.18 -36.33
CA ASN D 24 0.07 -63.23 -35.98
C ASN D 24 1.32 -63.17 -36.85
N ALA D 25 1.14 -62.88 -38.14
CA ALA D 25 2.29 -62.75 -39.03
C ALA D 25 3.10 -61.50 -38.70
N LYS D 26 2.43 -60.42 -38.29
CA LYS D 26 3.14 -59.20 -37.87
C LYS D 26 3.97 -59.44 -36.62
N THR D 27 3.42 -60.11 -35.62
CA THR D 27 4.20 -60.42 -34.42
C THR D 27 5.30 -61.43 -34.69
N PHE D 28 5.06 -62.38 -35.59
CA PHE D 28 6.11 -63.33 -35.98
C PHE D 28 7.26 -62.63 -36.68
N LEU D 29 6.96 -61.69 -37.57
CA LEU D 29 8.01 -60.94 -38.26
C LEU D 29 8.74 -60.01 -37.30
N ASN D 30 8.01 -59.44 -36.33
CA ASN D 30 8.64 -58.59 -35.32
C ASN D 30 9.60 -59.40 -34.44
N ASN D 31 9.23 -60.63 -34.10
CA ASN D 31 10.13 -61.49 -33.32
C ASN D 31 11.30 -61.96 -34.18
N PHE D 32 11.05 -62.24 -35.46
CA PHE D 32 12.08 -62.76 -36.35
C PHE D 32 13.14 -61.73 -36.73
N ASN D 33 12.75 -60.45 -36.88
CA ASN D 33 13.63 -59.44 -37.49
C ASN D 33 14.87 -59.16 -36.66
N GLN D 34 14.74 -59.04 -35.35
CA GLN D 34 15.87 -58.66 -34.52
C GLN D 34 16.89 -59.80 -34.38
N GLU D 35 16.41 -61.04 -34.23
CA GLU D 35 17.30 -62.18 -34.17
C GLU D 35 17.95 -62.47 -35.52
N ALA D 36 17.21 -62.24 -36.61
CA ALA D 36 17.78 -62.37 -37.95
C ALA D 36 18.86 -61.33 -38.18
N GLU D 37 18.64 -60.09 -37.72
CA GLU D 37 19.64 -59.04 -37.85
C GLU D 37 20.89 -59.37 -37.03
N ASP D 38 20.71 -59.90 -35.81
CA ASP D 38 21.85 -60.24 -34.97
C ASP D 38 22.66 -61.39 -35.55
N LEU D 39 21.99 -62.47 -35.97
CA LEU D 39 22.70 -63.61 -36.51
C LEU D 39 23.29 -63.33 -37.89
N SER D 40 22.62 -62.50 -38.69
CA SER D 40 23.17 -62.09 -39.99
C SER D 40 24.38 -61.19 -39.80
N TYR D 41 24.37 -60.34 -38.77
CA TYR D 41 25.54 -59.53 -38.47
C TYR D 41 26.70 -60.40 -38.01
N GLN D 42 26.43 -61.43 -37.20
CA GLN D 42 27.49 -62.33 -36.76
C GLN D 42 28.08 -63.11 -37.94
N SER D 43 27.22 -63.60 -38.84
CA SER D 43 27.68 -64.32 -40.02
C SER D 43 28.46 -63.40 -40.97
N SER D 44 27.97 -62.19 -41.19
CA SER D 44 28.64 -61.25 -42.08
C SER D 44 29.95 -60.75 -41.48
N LEU D 45 30.01 -60.59 -40.16
CA LEU D 45 31.25 -60.17 -39.51
C LEU D 45 32.28 -61.29 -39.54
N ALA D 46 31.84 -62.54 -39.40
CA ALA D 46 32.77 -63.67 -39.53
C ALA D 46 33.28 -63.81 -40.96
N SER D 47 32.40 -63.56 -41.95
CA SER D 47 32.82 -63.58 -43.34
C SER D 47 33.79 -62.45 -43.66
N TRP D 48 33.57 -61.26 -43.08
CA TRP D 48 34.51 -60.16 -43.23
C TRP D 48 35.85 -60.47 -42.56
N ASN D 49 35.81 -61.10 -41.39
CA ASN D 49 37.04 -61.45 -40.69
C ASN D 49 37.81 -62.54 -41.42
N TYR D 50 37.11 -63.42 -42.14
CA TYR D 50 37.83 -64.36 -43.01
C TYR D 50 38.37 -63.67 -44.25
N ASN D 51 37.60 -62.75 -44.84
CA ASN D 51 37.98 -62.20 -46.14
C ASN D 51 39.14 -61.22 -46.05
N THR D 52 39.28 -60.50 -44.94
CA THR D 52 40.41 -59.61 -44.74
C THR D 52 41.53 -60.23 -43.92
N ASN D 53 41.34 -61.43 -43.41
CA ASN D 53 42.34 -62.11 -42.59
C ASN D 53 42.11 -63.61 -42.80
N ILE D 54 42.84 -64.20 -43.75
CA ILE D 54 42.59 -65.58 -44.12
C ILE D 54 43.43 -66.47 -43.21
N THR D 55 42.75 -67.30 -42.42
CA THR D 55 43.37 -68.33 -41.60
C THR D 55 42.33 -69.42 -41.35
N GLU D 56 42.76 -70.48 -40.68
CA GLU D 56 41.86 -71.59 -40.39
C GLU D 56 40.85 -71.24 -39.31
N GLU D 57 41.24 -70.40 -38.34
CA GLU D 57 40.32 -70.03 -37.25
C GLU D 57 39.19 -69.15 -37.77
N ASN D 58 39.50 -68.18 -38.63
CA ASN D 58 38.46 -67.36 -39.23
C ASN D 58 37.58 -68.16 -40.18
N ALA D 59 38.17 -69.12 -40.89
CA ALA D 59 37.38 -70.01 -41.76
C ALA D 59 36.40 -70.85 -40.97
N GLN D 60 36.83 -71.42 -39.84
CA GLN D 60 35.90 -72.25 -39.08
C GLN D 60 34.89 -71.39 -38.33
N LYS D 61 35.27 -70.19 -37.87
CA LYS D 61 34.31 -69.28 -37.26
C LYS D 61 33.23 -68.86 -38.25
N MET D 62 33.63 -68.59 -39.50
CA MET D 62 32.67 -68.39 -40.58
C MET D 62 31.80 -69.62 -40.81
N SER D 63 32.38 -70.83 -40.65
CA SER D 63 31.62 -72.05 -40.89
C SER D 63 30.48 -72.24 -39.87
N GLU D 64 30.78 -72.13 -38.56
CA GLU D 64 29.66 -72.23 -37.61
C GLU D 64 28.75 -71.00 -37.64
N ALA D 65 29.27 -69.80 -37.97
CA ALA D 65 28.41 -68.63 -38.05
C ALA D 65 27.38 -68.77 -39.17
N ALA D 66 27.84 -69.20 -40.35
CA ALA D 66 26.94 -69.44 -41.48
C ALA D 66 26.02 -70.63 -41.21
N ALA D 67 26.50 -71.65 -40.48
CA ALA D 67 25.67 -72.80 -40.18
C ALA D 67 24.53 -72.43 -39.23
N LYS D 68 24.83 -71.66 -38.18
CA LYS D 68 23.80 -71.20 -37.25
C LYS D 68 22.82 -70.26 -37.92
N TRP D 69 23.32 -69.34 -38.77
CA TRP D 69 22.42 -68.41 -39.45
C TRP D 69 21.52 -69.12 -40.45
N SER D 70 22.06 -70.10 -41.19
CA SER D 70 21.25 -70.86 -42.14
C SER D 70 20.23 -71.73 -41.43
N ALA D 71 20.62 -72.36 -40.31
CA ALA D 71 19.71 -73.20 -39.56
C ALA D 71 18.57 -72.37 -38.95
N PHE D 72 18.90 -71.19 -38.43
CA PHE D 72 17.86 -70.29 -37.91
C PHE D 72 16.92 -69.82 -39.01
N TYR D 73 17.47 -69.47 -40.18
CA TYR D 73 16.64 -69.03 -41.30
C TYR D 73 15.71 -70.14 -41.77
N GLU D 74 16.20 -71.38 -41.82
CA GLU D 74 15.36 -72.48 -42.27
C GLU D 74 14.30 -72.85 -41.24
N GLU D 75 14.64 -72.82 -39.95
CA GLU D 75 13.62 -73.16 -38.95
C GLU D 75 12.59 -72.06 -38.80
N GLN D 76 12.94 -70.81 -39.12
CA GLN D 76 11.92 -69.78 -39.17
C GLN D 76 11.11 -69.86 -40.46
N SER D 77 11.71 -70.31 -41.55
CA SER D 77 10.97 -70.44 -42.81
C SER D 77 9.97 -71.59 -42.77
N LYS D 78 10.28 -72.67 -42.05
CA LYS D 78 9.31 -73.75 -41.86
C LYS D 78 8.08 -73.26 -41.11
N THR D 79 8.27 -72.41 -40.09
CA THR D 79 7.13 -71.83 -39.40
C THR D 79 6.41 -70.80 -40.26
N ALA D 80 7.16 -70.06 -41.08
CA ALA D 80 6.55 -69.03 -41.93
C ALA D 80 5.74 -69.64 -43.07
N GLN D 81 6.06 -70.86 -43.50
CA GLN D 81 5.25 -71.54 -44.50
C GLN D 81 3.90 -71.99 -43.98
N SER D 82 3.67 -71.98 -42.67
CA SER D 82 2.37 -72.34 -42.12
C SER D 82 1.33 -71.25 -42.36
N PHE D 83 1.76 -70.01 -42.56
CA PHE D 83 0.83 -68.93 -42.86
C PHE D 83 0.24 -69.08 -44.25
N SER D 84 -1.04 -68.77 -44.39
CA SER D 84 -1.71 -68.75 -45.69
C SER D 84 -1.84 -67.32 -46.16
N LEU D 85 -1.35 -67.04 -47.36
CA LEU D 85 -1.26 -65.68 -47.88
C LEU D 85 -2.56 -65.19 -48.51
N GLN D 86 -3.61 -66.01 -48.55
CA GLN D 86 -4.86 -65.59 -49.17
C GLN D 86 -5.68 -64.70 -48.27
N GLU D 87 -5.35 -64.59 -46.98
CA GLU D 87 -6.06 -63.72 -46.05
C GLU D 87 -5.17 -62.61 -45.51
N ILE D 88 -4.06 -62.32 -46.19
CA ILE D 88 -3.16 -61.23 -45.82
C ILE D 88 -3.38 -60.09 -46.80
N GLN D 89 -3.77 -58.94 -46.28
CA GLN D 89 -4.12 -57.78 -47.10
C GLN D 89 -2.98 -56.78 -47.23
N THR D 90 -2.15 -56.63 -46.20
CA THR D 90 -1.06 -55.67 -46.24
C THR D 90 0.05 -56.17 -47.17
N PRO D 91 0.42 -55.42 -48.21
CA PRO D 91 1.37 -55.96 -49.19
C PRO D 91 2.81 -56.01 -48.71
N ILE D 92 3.21 -55.21 -47.73
CA ILE D 92 4.57 -55.29 -47.21
C ILE D 92 4.76 -56.54 -46.34
N ILE D 93 3.74 -56.90 -45.56
CA ILE D 93 3.78 -58.13 -44.78
C ILE D 93 3.74 -59.34 -45.69
N LYS D 94 2.92 -59.28 -46.75
CA LYS D 94 2.85 -60.36 -47.73
C LYS D 94 4.16 -60.52 -48.49
N ARG D 95 4.83 -59.40 -48.80
CA ARG D 95 6.12 -59.48 -49.49
C ARG D 95 7.21 -60.02 -48.56
N GLN D 96 7.17 -59.64 -47.27
CA GLN D 96 8.10 -60.21 -46.31
C GLN D 96 7.90 -61.71 -46.14
N LEU D 97 6.65 -62.16 -46.10
CA LEU D 97 6.39 -63.59 -45.95
C LEU D 97 6.69 -64.35 -47.24
N GLN D 98 6.59 -63.67 -48.39
CA GLN D 98 7.06 -64.27 -49.64
C GLN D 98 8.57 -64.43 -49.64
N ALA D 99 9.29 -63.43 -49.14
CA ALA D 99 10.75 -63.50 -49.06
C ALA D 99 11.21 -64.55 -48.06
N LEU D 100 10.48 -64.72 -46.96
CA LEU D 100 10.86 -65.71 -45.95
C LEU D 100 10.54 -67.14 -46.36
N GLN D 101 9.51 -67.35 -47.17
CA GLN D 101 9.07 -68.71 -47.50
C GLN D 101 9.90 -69.36 -48.60
N GLN D 102 10.89 -68.67 -49.15
CA GLN D 102 11.78 -69.30 -50.13
C GLN D 102 12.72 -70.26 -49.43
N SER D 103 12.34 -71.54 -49.38
CA SER D 103 13.16 -72.54 -48.69
C SER D 103 14.42 -72.87 -49.48
N GLY D 104 14.34 -72.88 -50.80
CA GLY D 104 15.52 -73.16 -51.61
C GLY D 104 15.78 -74.65 -51.70
N SER D 105 17.01 -75.06 -51.44
CA SER D 105 17.41 -76.46 -51.58
C SER D 105 17.07 -77.31 -50.37
N SER D 106 16.49 -76.74 -49.31
CA SER D 106 16.12 -77.51 -48.13
C SER D 106 14.82 -78.26 -48.28
N ALA D 107 14.10 -78.11 -49.39
CA ALA D 107 12.84 -78.80 -49.61
C ALA D 107 13.02 -80.29 -49.91
N LEU D 108 14.24 -80.73 -50.17
CA LEU D 108 14.52 -82.10 -50.56
C LEU D 108 14.71 -82.98 -49.32
N SER D 109 14.99 -84.27 -49.57
CA SER D 109 15.45 -85.17 -48.53
C SER D 109 16.91 -84.88 -48.19
N ALA D 110 17.38 -85.50 -47.10
CA ALA D 110 18.76 -85.30 -46.66
C ALA D 110 19.76 -85.95 -47.63
N ASP D 111 19.40 -87.10 -48.21
CA ASP D 111 20.30 -87.78 -49.14
C ASP D 111 20.46 -86.99 -50.44
N LYS D 112 19.36 -86.51 -51.00
CA LYS D 112 19.43 -85.77 -52.26
C LYS D 112 20.08 -84.40 -52.07
N ASN D 113 19.83 -83.75 -50.93
CA ASN D 113 20.48 -82.48 -50.64
C ASN D 113 21.97 -82.67 -50.39
N LYS D 114 22.36 -83.77 -49.75
CA LYS D 114 23.78 -84.07 -49.55
C LYS D 114 24.47 -84.38 -50.87
N GLN D 115 23.78 -85.10 -51.77
CA GLN D 115 24.34 -85.37 -53.09
C GLN D 115 24.50 -84.09 -53.91
N LEU D 116 23.50 -83.19 -53.85
CA LEU D 116 23.60 -81.92 -54.58
C LEU D 116 24.70 -81.02 -54.02
N ASN D 117 24.84 -80.97 -52.68
CA ASN D 117 25.90 -80.17 -52.08
C ASN D 117 27.28 -80.75 -52.37
N THR D 118 27.38 -82.09 -52.42
CA THR D 118 28.63 -82.74 -52.80
C THR D 118 29.01 -82.43 -54.24
N ILE D 119 28.01 -82.46 -55.14
CA ILE D 119 28.26 -82.17 -56.55
C ILE D 119 28.68 -80.71 -56.73
N LEU D 120 28.00 -79.78 -56.04
CA LEU D 120 28.37 -78.37 -56.12
C LEU D 120 29.77 -78.10 -55.56
N ASN D 121 30.10 -78.73 -54.42
CA ASN D 121 31.40 -78.47 -53.81
C ASN D 121 32.53 -79.12 -54.63
N THR D 122 32.28 -80.28 -55.24
CA THR D 122 33.33 -80.86 -56.07
C THR D 122 33.46 -80.12 -57.40
N MET D 123 32.37 -79.51 -57.89
CA MET D 123 32.47 -78.62 -59.04
C MET D 123 33.31 -77.40 -58.72
N SER D 124 33.11 -76.81 -57.53
CA SER D 124 33.90 -75.65 -57.12
C SER D 124 35.38 -76.00 -56.94
N THR D 125 35.67 -77.14 -56.32
CA THR D 125 37.06 -77.53 -56.12
C THR D 125 37.73 -78.06 -57.39
N ILE D 126 36.96 -78.48 -58.40
CA ILE D 126 37.60 -78.91 -59.64
C ILE D 126 37.71 -77.74 -60.62
N TYR D 127 36.89 -76.70 -60.46
CA TYR D 127 37.08 -75.47 -61.23
C TYR D 127 38.23 -74.64 -60.69
N SER D 128 38.38 -74.60 -59.35
CA SER D 128 39.44 -73.79 -58.76
C SER D 128 40.82 -74.39 -58.98
N THR D 129 40.92 -75.72 -59.10
CA THR D 129 42.21 -76.40 -59.21
C THR D 129 42.38 -77.12 -60.54
N GLY D 130 41.68 -76.71 -61.59
CA GLY D 130 41.88 -77.32 -62.89
C GLY D 130 43.19 -76.87 -63.52
N LYS D 131 43.89 -77.82 -64.13
CA LYS D 131 45.19 -77.54 -64.72
C LYS D 131 45.22 -78.04 -66.16
N VAL D 132 45.65 -77.17 -67.08
CA VAL D 132 45.70 -77.48 -68.51
C VAL D 132 47.09 -77.18 -69.03
N CYS D 133 47.79 -78.20 -69.52
CA CYS D 133 49.15 -78.00 -69.97
C CYS D 133 49.49 -78.94 -71.12
N ASN D 134 50.73 -78.72 -71.69
CA ASN D 134 51.15 -78.73 -73.09
C ASN D 134 51.59 -80.12 -73.55
N PRO D 135 51.41 -80.43 -74.83
CA PRO D 135 52.06 -81.61 -75.42
C PRO D 135 53.57 -81.40 -75.51
N LYS D 136 54.32 -82.38 -74.99
CA LYS D 136 55.79 -82.49 -74.94
C LYS D 136 56.46 -81.54 -73.95
N ASN D 137 55.70 -80.63 -73.32
CA ASN D 137 56.25 -79.71 -72.34
C ASN D 137 55.42 -79.77 -71.06
N PRO D 138 55.63 -80.80 -70.22
CA PRO D 138 54.77 -80.94 -69.03
C PRO D 138 55.17 -80.06 -67.85
N GLN D 139 56.37 -79.49 -67.84
CA GLN D 139 56.86 -78.87 -66.60
C GLN D 139 56.31 -77.48 -66.34
N GLU D 140 55.90 -76.75 -67.37
CA GLU D 140 55.39 -75.38 -67.20
C GLU D 140 53.86 -75.43 -67.16
N CYS D 141 53.32 -76.01 -66.09
CA CYS D 141 51.95 -76.52 -66.14
C CYS D 141 51.06 -75.67 -65.25
N LEU D 142 50.00 -75.13 -65.85
CA LEU D 142 49.42 -73.85 -65.48
C LEU D 142 48.00 -73.98 -64.96
N LEU D 143 47.68 -73.18 -63.94
CA LEU D 143 46.30 -72.86 -63.59
C LEU D 143 45.76 -71.78 -64.52
N LEU D 144 44.44 -71.61 -64.52
CA LEU D 144 43.84 -70.56 -65.35
C LEU D 144 44.14 -69.19 -64.78
N GLU D 145 43.95 -69.00 -63.47
CA GLU D 145 43.92 -67.70 -62.83
C GLU D 145 45.25 -66.91 -62.90
N PRO D 146 46.46 -67.52 -62.73
CA PRO D 146 47.66 -66.73 -63.06
C PRO D 146 47.99 -66.66 -64.55
N GLY D 147 47.76 -67.74 -65.31
CA GLY D 147 48.38 -67.82 -66.62
C GLY D 147 47.49 -67.87 -67.85
N LEU D 148 46.33 -68.51 -67.77
CA LEU D 148 45.53 -68.67 -68.98
C LEU D 148 44.77 -67.40 -69.31
N ASP D 149 44.35 -66.64 -68.30
CA ASP D 149 43.69 -65.37 -68.58
C ASP D 149 44.69 -64.39 -69.18
N GLU D 150 45.96 -64.50 -68.78
CA GLU D 150 47.03 -63.71 -69.39
C GLU D 150 47.28 -64.13 -70.83
N ILE D 151 47.17 -65.44 -71.13
CA ILE D 151 47.32 -65.91 -72.51
C ILE D 151 46.16 -65.41 -73.38
N MET D 152 44.94 -65.45 -72.85
CA MET D 152 43.81 -64.95 -73.61
C MET D 152 43.84 -63.43 -73.75
N ALA D 153 44.41 -62.70 -72.77
CA ALA D 153 44.41 -61.25 -72.84
C ALA D 153 45.54 -60.71 -73.70
N THR D 154 46.72 -61.33 -73.64
CA THR D 154 47.93 -60.74 -74.21
C THR D 154 48.43 -61.41 -75.48
N SER D 155 48.42 -62.74 -75.53
CA SER D 155 49.07 -63.48 -76.61
C SER D 155 48.37 -63.25 -77.95
N THR D 156 49.15 -63.30 -79.02
CA THR D 156 48.69 -63.01 -80.36
C THR D 156 48.81 -64.25 -81.25
N ASP D 157 49.53 -65.27 -80.81
CA ASP D 157 49.73 -66.49 -81.59
C ASP D 157 48.44 -67.30 -81.68
N TYR D 158 48.09 -67.69 -82.90
CA TYR D 158 46.83 -68.41 -83.15
C TYR D 158 46.87 -69.81 -82.55
N ASN D 159 48.00 -70.51 -82.71
CA ASN D 159 48.09 -71.90 -82.26
C ASN D 159 48.15 -72.01 -80.75
N SER D 160 48.77 -71.05 -80.06
CA SER D 160 48.80 -71.08 -78.60
C SER D 160 47.42 -70.82 -78.01
N ARG D 161 46.63 -69.96 -78.65
CA ARG D 161 45.28 -69.74 -78.19
C ARG D 161 44.39 -70.94 -78.50
N LEU D 162 44.60 -71.57 -79.66
CA LEU D 162 43.86 -72.79 -79.99
C LEU D 162 44.19 -73.92 -79.02
N TRP D 163 45.48 -74.08 -78.69
CA TRP D 163 45.97 -74.89 -77.59
C TRP D 163 45.20 -74.67 -76.29
N ALA D 164 45.23 -73.44 -75.78
CA ALA D 164 44.67 -73.20 -74.45
C ALA D 164 43.16 -73.34 -74.44
N TRP D 165 42.49 -72.93 -75.53
CA TRP D 165 41.04 -73.04 -75.63
C TRP D 165 40.59 -74.49 -75.69
N GLU D 166 41.18 -75.27 -76.62
CA GLU D 166 40.79 -76.67 -76.77
C GLU D 166 41.18 -77.49 -75.55
N GLY D 167 42.32 -77.17 -74.92
CA GLY D 167 42.74 -77.89 -73.74
C GLY D 167 41.85 -77.62 -72.54
N TRP D 168 41.43 -76.36 -72.35
CA TRP D 168 40.56 -76.08 -71.21
C TRP D 168 39.15 -76.61 -71.46
N ARG D 169 38.70 -76.61 -72.73
CA ARG D 169 37.42 -77.22 -73.10
C ARG D 169 37.44 -78.72 -72.84
N ALA D 170 38.53 -79.41 -73.19
CA ALA D 170 38.67 -80.83 -72.94
C ALA D 170 38.75 -81.12 -71.44
N GLU D 171 39.81 -80.61 -70.79
CA GLU D 171 40.10 -80.82 -69.37
C GLU D 171 39.09 -80.20 -68.41
N VAL D 172 38.02 -79.56 -68.89
CA VAL D 172 36.85 -79.28 -68.06
C VAL D 172 35.64 -80.10 -68.48
N GLY D 173 35.31 -80.10 -69.78
CA GLY D 173 34.07 -80.72 -70.22
C GLY D 173 34.04 -82.23 -70.07
N LYS D 174 35.18 -82.90 -70.31
CA LYS D 174 35.24 -84.35 -70.15
C LYS D 174 35.06 -84.78 -68.69
N GLN D 175 35.40 -83.92 -67.74
CA GLN D 175 35.22 -84.24 -66.34
C GLN D 175 33.91 -83.70 -65.77
N LEU D 176 33.28 -82.74 -66.44
CA LEU D 176 32.09 -82.08 -65.92
C LEU D 176 30.82 -82.41 -66.69
N ARG D 177 30.88 -83.20 -67.76
CA ARG D 177 29.67 -83.60 -68.46
C ARG D 177 28.73 -84.47 -67.61
N PRO D 178 29.15 -85.58 -66.97
CA PRO D 178 28.17 -86.33 -66.16
C PRO D 178 27.80 -85.61 -64.88
N LEU D 179 28.72 -84.81 -64.33
CA LEU D 179 28.39 -83.99 -63.17
C LEU D 179 27.27 -83.02 -63.50
N TYR D 180 27.31 -82.43 -64.70
CA TYR D 180 26.19 -81.62 -65.16
C TYR D 180 24.96 -82.45 -65.46
N GLU D 181 25.12 -83.72 -65.86
CA GLU D 181 23.98 -84.59 -66.14
C GLU D 181 23.14 -84.85 -64.88
N GLU D 182 23.78 -85.21 -63.76
CA GLU D 182 22.98 -85.25 -62.53
C GLU D 182 22.70 -83.88 -61.93
N TYR D 183 23.52 -82.85 -62.22
CA TYR D 183 23.26 -81.51 -61.68
C TYR D 183 21.93 -80.95 -62.21
N VAL D 184 21.65 -81.16 -63.49
CA VAL D 184 20.41 -80.69 -64.10
C VAL D 184 19.21 -81.38 -63.47
N VAL D 185 19.30 -82.70 -63.26
CA VAL D 185 18.19 -83.47 -62.72
C VAL D 185 17.92 -83.11 -61.27
N LEU D 186 18.98 -82.98 -60.45
CA LEU D 186 18.79 -82.60 -59.05
C LEU D 186 18.31 -81.15 -58.90
N LYS D 187 18.77 -80.23 -59.77
CA LYS D 187 18.24 -78.87 -59.68
C LYS D 187 16.81 -78.77 -60.17
N ASN D 188 16.42 -79.61 -61.15
CA ASN D 188 15.03 -79.68 -61.57
C ASN D 188 14.14 -80.23 -60.46
N GLU D 189 14.64 -81.23 -59.72
CA GLU D 189 13.91 -81.76 -58.58
C GLU D 189 13.80 -80.73 -57.46
N MET D 190 14.86 -79.93 -57.27
CA MET D 190 14.84 -78.84 -56.30
C MET D 190 13.79 -77.79 -56.66
N ALA D 191 13.68 -77.46 -57.94
CA ALA D 191 12.72 -76.45 -58.37
C ALA D 191 11.30 -76.98 -58.28
N ARG D 192 11.05 -78.21 -58.74
CA ARG D 192 9.72 -78.78 -58.70
C ARG D 192 9.28 -79.22 -57.31
N ALA D 193 10.21 -79.28 -56.35
CA ALA D 193 9.79 -79.41 -54.96
C ALA D 193 9.26 -78.09 -54.38
N ASN D 194 9.57 -76.96 -55.02
CA ASN D 194 9.10 -75.65 -54.59
C ASN D 194 7.99 -75.12 -55.50
N ASN D 195 7.25 -76.02 -56.15
CA ASN D 195 6.12 -75.71 -57.04
C ASN D 195 6.52 -74.81 -58.21
N TYR D 196 7.73 -75.04 -58.74
CA TYR D 196 8.17 -74.39 -59.97
C TYR D 196 8.22 -75.40 -61.12
N ASN D 197 8.10 -74.88 -62.33
CA ASN D 197 8.13 -75.74 -63.51
C ASN D 197 9.52 -76.32 -63.76
N ASP D 198 10.55 -75.47 -63.70
CA ASP D 198 11.92 -75.92 -63.91
C ASP D 198 12.85 -74.97 -63.16
N TYR D 199 14.15 -75.28 -63.21
CA TYR D 199 15.12 -74.49 -62.44
C TYR D 199 15.35 -73.12 -63.06
N GLY D 200 15.19 -73.02 -64.38
CA GLY D 200 15.15 -71.70 -65.01
C GLY D 200 13.97 -70.89 -64.57
N ASP D 201 12.82 -71.55 -64.34
CA ASP D 201 11.66 -70.86 -63.79
C ASP D 201 11.88 -70.45 -62.34
N TYR D 202 12.66 -71.25 -61.59
CA TYR D 202 13.06 -70.86 -60.25
C TYR D 202 13.94 -69.62 -60.26
N TRP D 203 14.87 -69.54 -61.21
CA TRP D 203 15.67 -68.32 -61.36
C TRP D 203 14.84 -67.14 -61.85
N ARG D 204 13.87 -67.39 -62.73
CA ARG D 204 12.99 -66.32 -63.22
C ARG D 204 11.97 -65.87 -62.18
N GLY D 205 11.77 -66.63 -61.10
CA GLY D 205 10.92 -66.17 -60.01
C GLY D 205 11.50 -65.03 -59.19
N ASP D 206 12.77 -64.67 -59.41
CA ASP D 206 13.34 -63.48 -58.80
C ASP D 206 12.84 -62.20 -59.47
N TYR D 207 12.33 -62.30 -60.69
CA TYR D 207 11.80 -61.15 -61.42
C TYR D 207 10.27 -61.09 -61.36
N GLU D 208 9.65 -61.98 -60.59
CA GLU D 208 8.20 -62.01 -60.49
C GLU D 208 7.71 -60.87 -59.60
N ALA D 209 6.67 -60.17 -60.06
CA ALA D 209 6.05 -59.10 -59.30
C ALA D 209 4.55 -59.31 -59.22
N GLU D 210 3.99 -59.21 -58.01
CA GLU D 210 2.61 -59.56 -57.75
C GLU D 210 1.79 -58.38 -57.22
N GLY D 211 2.43 -57.31 -56.77
CA GLY D 211 1.71 -56.22 -56.13
C GLY D 211 0.92 -55.39 -57.12
N ALA D 212 -0.25 -54.91 -56.66
CA ALA D 212 -1.13 -53.97 -57.33
C ALA D 212 -1.63 -54.46 -58.69
N ASP D 213 -2.13 -53.53 -59.50
CA ASP D 213 -2.65 -53.83 -60.83
C ASP D 213 -1.91 -52.96 -61.85
N GLY D 214 -1.48 -53.58 -62.95
CA GLY D 214 -0.59 -52.94 -63.89
C GLY D 214 0.88 -53.10 -63.57
N TYR D 215 1.22 -53.53 -62.36
CA TYR D 215 2.59 -53.81 -61.96
C TYR D 215 2.89 -55.29 -61.91
N ASN D 216 1.98 -56.12 -62.41
CA ASN D 216 2.09 -57.57 -62.36
C ASN D 216 3.09 -58.05 -63.42
N TYR D 217 4.16 -58.70 -62.98
CA TYR D 217 5.15 -59.28 -63.87
C TYR D 217 5.25 -60.78 -63.62
N ASN D 218 5.35 -61.54 -64.69
CA ASN D 218 5.33 -63.00 -64.65
C ASN D 218 6.68 -63.55 -65.08
N ARG D 219 6.93 -64.80 -64.69
CA ARG D 219 8.16 -65.48 -65.08
C ARG D 219 8.21 -65.72 -66.58
N ASN D 220 7.11 -66.26 -67.15
CA ASN D 220 7.05 -66.56 -68.58
C ASN D 220 7.07 -65.32 -69.46
N GLN D 221 6.75 -64.15 -68.90
CA GLN D 221 6.88 -62.89 -69.63
C GLN D 221 8.34 -62.55 -69.88
N LEU D 222 9.22 -62.90 -68.92
CA LEU D 222 10.58 -62.36 -68.89
C LEU D 222 11.37 -62.77 -70.13
N ILE D 223 11.24 -64.04 -70.55
CA ILE D 223 11.96 -64.55 -71.73
C ILE D 223 11.58 -63.77 -72.98
N GLU D 224 10.28 -63.47 -73.17
CA GLU D 224 9.86 -62.77 -74.37
C GLU D 224 10.27 -61.30 -74.29
N ASP D 225 10.31 -60.74 -73.07
CA ASP D 225 10.83 -59.39 -72.88
C ASP D 225 12.31 -59.30 -73.25
N VAL D 226 13.08 -60.31 -72.85
CA VAL D 226 14.51 -60.38 -73.20
C VAL D 226 14.68 -60.48 -74.71
N GLU D 227 13.86 -61.32 -75.38
CA GLU D 227 13.94 -61.43 -76.83
C GLU D 227 13.55 -60.12 -77.52
N ARG D 228 12.54 -59.41 -76.97
CA ARG D 228 12.14 -58.12 -77.52
C ARG D 228 13.25 -57.09 -77.36
N THR D 229 13.93 -57.08 -76.21
CA THR D 229 15.04 -56.15 -76.01
C THR D 229 16.30 -56.59 -76.76
N PHE D 230 16.36 -57.84 -77.20
CA PHE D 230 17.45 -58.32 -78.05
C PHE D 230 17.14 -58.16 -79.52
N ALA D 231 15.92 -57.75 -79.87
CA ALA D 231 15.55 -57.63 -81.27
C ALA D 231 16.16 -56.40 -81.93
N GLU D 232 16.55 -55.38 -81.15
CA GLU D 232 17.03 -54.13 -81.71
C GLU D 232 18.40 -53.70 -81.17
N ILE D 233 18.99 -54.44 -80.24
CA ILE D 233 20.43 -54.36 -80.00
C ILE D 233 21.18 -55.12 -81.10
N LYS D 234 20.50 -56.07 -81.74
CA LYS D 234 21.07 -56.91 -82.79
C LYS D 234 21.70 -56.16 -83.98
N PRO D 235 21.14 -55.06 -84.53
CA PRO D 235 21.91 -54.34 -85.56
C PRO D 235 23.19 -53.69 -85.06
N LEU D 236 23.17 -53.11 -83.85
CA LEU D 236 24.38 -52.52 -83.28
C LEU D 236 25.44 -53.59 -83.02
N TYR D 237 25.02 -54.74 -82.49
CA TYR D 237 25.96 -55.83 -82.29
C TYR D 237 26.46 -56.40 -83.60
N GLU D 238 25.61 -56.42 -84.64
CA GLU D 238 26.03 -56.91 -85.95
C GLU D 238 27.08 -56.00 -86.57
N HIS D 239 26.89 -54.68 -86.46
CA HIS D 239 27.88 -53.73 -86.96
C HIS D 239 29.18 -53.80 -86.17
N LEU D 240 29.08 -53.92 -84.84
CA LEU D 240 30.27 -54.05 -84.00
C LEU D 240 31.02 -55.35 -84.30
N HIS D 241 30.28 -56.44 -84.51
CA HIS D 241 30.88 -57.72 -84.85
C HIS D 241 31.57 -57.67 -86.21
N ALA D 242 30.96 -56.98 -87.18
CA ALA D 242 31.58 -56.84 -88.49
C ALA D 242 32.87 -56.02 -88.42
N TYR D 243 32.86 -54.92 -87.64
CA TYR D 243 34.07 -54.11 -87.48
C TYR D 243 35.18 -54.88 -86.75
N VAL D 244 34.81 -55.64 -85.70
CA VAL D 244 35.78 -56.42 -84.96
C VAL D 244 36.34 -57.55 -85.83
N ARG D 245 35.48 -58.14 -86.66
CA ARG D 245 35.90 -59.18 -87.60
C ARG D 245 36.86 -58.64 -88.65
N ARG D 246 36.60 -57.42 -89.15
CA ARG D 246 37.50 -56.81 -90.13
C ARG D 246 38.84 -56.46 -89.52
N LYS D 247 38.84 -55.95 -88.28
CA LYS D 247 40.10 -55.63 -87.63
C LYS D 247 40.88 -56.88 -87.25
N LEU D 248 40.18 -57.97 -86.93
CA LEU D 248 40.87 -59.24 -86.67
C LEU D 248 41.37 -59.87 -87.97
N MET D 249 40.68 -59.63 -89.09
CA MET D 249 41.21 -60.01 -90.39
C MET D 249 42.46 -59.22 -90.74
N ASP D 250 42.51 -57.96 -90.30
CA ASP D 250 43.76 -57.20 -90.39
C ASP D 250 44.83 -57.85 -89.50
N THR D 251 44.42 -58.34 -88.32
CA THR D 251 45.36 -59.04 -87.44
C THR D 251 45.72 -60.42 -88.00
N TYR D 252 44.71 -61.27 -88.20
CA TYR D 252 44.93 -62.61 -88.73
C TYR D 252 44.57 -62.63 -90.21
N PRO D 253 45.54 -62.79 -91.12
CA PRO D 253 45.27 -62.49 -92.55
C PRO D 253 44.35 -63.47 -93.27
N SER D 254 44.56 -64.78 -93.11
CA SER D 254 43.79 -65.78 -93.82
C SER D 254 43.00 -66.71 -92.92
N TYR D 255 43.11 -66.58 -91.60
CA TYR D 255 42.45 -67.50 -90.68
C TYR D 255 41.01 -67.13 -90.39
N ILE D 256 40.56 -65.93 -90.77
CA ILE D 256 39.19 -65.48 -90.52
C ILE D 256 38.57 -65.07 -91.84
N SER D 257 37.39 -65.62 -92.12
CA SER D 257 36.60 -65.38 -93.31
C SER D 257 35.86 -64.05 -93.21
N PRO D 258 35.69 -63.32 -94.32
CA PRO D 258 34.95 -62.05 -94.25
C PRO D 258 33.47 -62.23 -94.01
N THR D 259 32.86 -63.29 -94.52
CA THR D 259 31.43 -63.52 -94.36
C THR D 259 31.15 -64.55 -93.26
N GLY D 260 32.18 -65.13 -92.67
CA GLY D 260 32.00 -66.20 -91.70
C GLY D 260 31.96 -65.68 -90.27
N CYS D 261 31.82 -66.61 -89.34
CA CYS D 261 31.79 -66.26 -87.93
C CYS D 261 33.21 -66.13 -87.37
N LEU D 262 33.32 -65.49 -86.21
CA LEU D 262 34.60 -65.36 -85.52
C LEU D 262 34.97 -66.67 -84.83
N PRO D 263 36.26 -67.02 -84.82
CA PRO D 263 36.70 -68.16 -83.99
C PRO D 263 36.58 -67.86 -82.51
N ALA D 264 36.34 -68.92 -81.73
CA ALA D 264 36.01 -68.76 -80.32
C ALA D 264 37.21 -68.40 -79.46
N HIS D 265 38.43 -68.58 -79.95
CA HIS D 265 39.64 -68.34 -79.16
C HIS D 265 40.35 -67.04 -79.53
N LEU D 266 39.73 -66.18 -80.33
CA LEU D 266 40.33 -64.91 -80.71
C LEU D 266 39.56 -63.72 -80.15
N LEU D 267 38.79 -63.91 -79.08
CA LEU D 267 37.89 -62.89 -78.56
C LEU D 267 38.43 -62.21 -77.32
N GLY D 268 39.68 -62.49 -76.94
CA GLY D 268 40.33 -61.81 -75.83
C GLY D 268 40.07 -62.39 -74.47
N ASP D 269 39.09 -63.27 -74.31
CA ASP D 269 38.82 -63.94 -73.05
C ASP D 269 38.95 -65.44 -73.21
N MET D 270 38.71 -66.16 -72.11
CA MET D 270 38.71 -67.63 -72.14
C MET D 270 37.50 -68.13 -72.91
N TRP D 271 36.37 -67.44 -72.78
CA TRP D 271 35.11 -67.87 -73.36
C TRP D 271 34.55 -66.89 -74.37
N GLY D 272 35.09 -65.68 -74.46
CA GLY D 272 34.48 -64.64 -75.25
C GLY D 272 33.43 -63.83 -74.52
N ARG D 273 33.45 -63.85 -73.18
CA ARG D 273 32.44 -63.14 -72.40
C ARG D 273 32.61 -61.64 -72.53
N PHE D 274 33.83 -61.14 -72.43
CA PHE D 274 34.13 -59.73 -72.61
C PHE D 274 35.09 -59.54 -73.78
N TRP D 275 34.78 -58.60 -74.66
CA TRP D 275 35.62 -58.28 -75.80
C TRP D 275 36.61 -57.16 -75.50
N THR D 276 36.78 -56.81 -74.22
CA THR D 276 37.56 -55.63 -73.84
C THR D 276 39.06 -55.81 -74.03
N ASN D 277 39.54 -57.04 -74.24
CA ASN D 277 40.95 -57.28 -74.51
C ASN D 277 41.28 -57.17 -75.99
N LEU D 278 40.29 -56.89 -76.83
CA LEU D 278 40.50 -56.65 -78.25
C LEU D 278 40.72 -55.18 -78.58
N TYR D 279 40.76 -54.31 -77.58
CA TYR D 279 40.90 -52.87 -77.83
C TYR D 279 42.23 -52.46 -78.48
N PRO D 280 43.41 -52.98 -78.10
CA PRO D 280 44.61 -52.69 -78.92
C PRO D 280 44.53 -53.23 -80.33
N LEU D 281 43.85 -54.36 -80.54
CA LEU D 281 43.70 -54.90 -81.89
C LEU D 281 42.68 -54.14 -82.71
N THR D 282 41.62 -53.61 -82.09
CA THR D 282 40.50 -53.02 -82.82
C THR D 282 40.40 -51.52 -82.55
N VAL D 283 41.52 -50.85 -82.33
CA VAL D 283 41.48 -49.41 -82.03
C VAL D 283 41.18 -48.64 -83.32
N PRO D 284 40.32 -47.61 -83.27
CA PRO D 284 40.10 -46.79 -84.46
C PRO D 284 41.29 -45.90 -84.78
N PHE D 285 41.79 -45.22 -83.75
CA PHE D 285 42.86 -44.23 -83.87
C PHE D 285 43.93 -44.55 -82.83
N ALA D 286 45.01 -45.19 -83.27
CA ALA D 286 46.08 -45.59 -82.37
C ALA D 286 46.90 -44.40 -81.90
N GLN D 287 46.98 -43.33 -82.70
CA GLN D 287 47.78 -42.17 -82.33
C GLN D 287 47.13 -41.33 -81.23
N LYS D 288 45.82 -41.45 -81.04
CA LYS D 288 45.16 -40.73 -79.96
C LYS D 288 45.23 -41.54 -78.66
N PRO D 289 45.73 -40.95 -77.58
CA PRO D 289 45.76 -41.66 -76.29
C PRO D 289 44.36 -41.81 -75.69
N ASN D 290 44.31 -42.54 -74.59
CA ASN D 290 43.06 -42.85 -73.91
C ASN D 290 42.82 -41.74 -72.88
N ILE D 291 41.84 -41.90 -71.99
CA ILE D 291 41.45 -40.84 -71.05
C ILE D 291 42.02 -41.21 -69.67
N ASP D 292 43.10 -42.00 -69.69
CA ASP D 292 43.75 -42.46 -68.46
C ASP D 292 44.39 -41.31 -67.71
N VAL D 293 44.06 -41.18 -66.43
CA VAL D 293 44.53 -40.09 -65.59
C VAL D 293 45.32 -40.62 -64.39
N THR D 294 45.88 -41.84 -64.52
CA THR D 294 46.67 -42.44 -63.45
C THR D 294 47.94 -41.66 -63.16
N ASP D 295 48.64 -41.20 -64.22
CA ASP D 295 49.88 -40.45 -64.06
C ASP D 295 49.63 -39.10 -63.39
N ALA D 296 48.45 -38.51 -63.61
CA ALA D 296 48.09 -37.29 -62.91
C ALA D 296 47.85 -37.54 -61.44
N MET D 297 47.34 -38.73 -61.08
CA MET D 297 47.22 -39.10 -59.67
C MET D 297 48.59 -39.29 -59.03
N MET D 298 49.52 -39.93 -59.75
CA MET D 298 50.87 -40.12 -59.22
C MET D 298 51.63 -38.80 -59.10
N ASN D 299 51.40 -37.84 -60.00
CA ASN D 299 52.12 -36.58 -59.92
C ASN D 299 51.60 -35.69 -58.80
N GLN D 300 50.33 -35.82 -58.42
CA GLN D 300 49.77 -35.06 -57.32
C GLN D 300 49.82 -35.81 -55.99
N GLY D 301 50.39 -37.00 -55.97
CA GLY D 301 50.54 -37.77 -54.74
C GLY D 301 49.25 -38.28 -54.14
N TRP D 302 48.31 -38.70 -54.98
CA TRP D 302 47.05 -39.24 -54.49
C TRP D 302 47.26 -40.64 -53.91
N ASP D 303 46.47 -40.95 -52.88
CA ASP D 303 46.43 -42.29 -52.32
C ASP D 303 44.98 -42.77 -52.29
N ALA D 304 44.77 -43.95 -51.71
CA ALA D 304 43.44 -44.58 -51.72
C ALA D 304 42.43 -43.82 -50.86
N GLU D 305 42.91 -43.19 -49.78
CA GLU D 305 42.04 -42.37 -48.94
C GLU D 305 41.51 -41.18 -49.72
N ARG D 306 42.36 -40.55 -50.54
CA ARG D 306 41.89 -39.43 -51.34
C ARG D 306 40.96 -39.88 -52.46
N ILE D 307 41.16 -41.10 -52.98
CA ILE D 307 40.25 -41.67 -53.97
C ILE D 307 38.85 -41.85 -53.38
N PHE D 308 38.77 -42.45 -52.18
CA PHE D 308 37.46 -42.67 -51.58
C PHE D 308 36.86 -41.37 -51.06
N GLN D 309 37.69 -40.39 -50.69
CA GLN D 309 37.18 -39.08 -50.32
C GLN D 309 36.63 -38.32 -51.52
N GLU D 310 37.25 -38.49 -52.69
CA GLU D 310 36.71 -37.87 -53.91
C GLU D 310 35.43 -38.55 -54.33
N ALA D 311 35.34 -39.87 -54.14
CA ALA D 311 34.07 -40.58 -54.38
C ALA D 311 32.97 -40.09 -53.44
N GLU D 312 33.31 -39.90 -52.16
CA GLU D 312 32.34 -39.35 -51.21
C GLU D 312 31.97 -37.91 -51.54
N LYS D 313 32.92 -37.13 -52.06
CA LYS D 313 32.64 -35.76 -52.50
C LYS D 313 31.69 -35.76 -53.69
N PHE D 314 31.87 -36.70 -54.62
CA PHE D 314 30.93 -36.87 -55.73
C PHE D 314 29.53 -37.24 -55.22
N PHE D 315 29.46 -38.15 -54.25
CA PHE D 315 28.15 -38.58 -53.77
C PHE D 315 27.45 -37.51 -52.93
N VAL D 316 28.21 -36.67 -52.21
CA VAL D 316 27.53 -35.57 -51.52
C VAL D 316 27.26 -34.41 -52.47
N SER D 317 27.96 -34.33 -53.61
CA SER D 317 27.62 -33.33 -54.61
C SER D 317 26.36 -33.71 -55.38
N VAL D 318 26.12 -35.01 -55.60
CA VAL D 318 24.90 -35.41 -56.30
C VAL D 318 23.71 -35.44 -55.34
N GLY D 319 23.94 -35.50 -54.03
CA GLY D 319 22.87 -35.47 -53.05
C GLY D 319 22.80 -36.68 -52.14
N LEU D 320 23.60 -37.72 -52.38
CA LEU D 320 23.61 -38.89 -51.51
C LEU D 320 24.25 -38.54 -50.17
N PRO D 321 23.93 -39.26 -49.09
CA PRO D 321 24.47 -38.93 -47.77
C PRO D 321 25.98 -39.16 -47.67
N HIS D 322 26.55 -38.62 -46.59
CA HIS D 322 27.95 -38.86 -46.27
C HIS D 322 28.19 -40.30 -45.85
N MET D 323 29.44 -40.72 -45.95
CA MET D 323 29.87 -42.00 -45.38
C MET D 323 29.89 -41.95 -43.87
N THR D 324 29.59 -43.10 -43.26
CA THR D 324 29.59 -43.20 -41.80
C THR D 324 31.02 -43.22 -41.26
N GLN D 325 31.14 -42.96 -39.95
CA GLN D 325 32.45 -43.05 -39.31
C GLN D 325 32.95 -44.48 -39.20
N GLY D 326 32.02 -45.44 -39.05
CA GLY D 326 32.40 -46.84 -39.04
C GLY D 326 32.88 -47.35 -40.38
N PHE D 327 32.44 -46.71 -41.47
CA PHE D 327 32.94 -47.04 -42.79
C PHE D 327 34.42 -46.71 -42.91
N TRP D 328 34.81 -45.52 -42.46
CA TRP D 328 36.22 -45.13 -42.50
C TRP D 328 37.04 -45.91 -41.47
N ALA D 329 36.43 -46.25 -40.33
CA ALA D 329 37.16 -46.95 -39.28
C ALA D 329 37.43 -48.41 -39.62
N ASN D 330 36.44 -49.11 -40.20
CA ASN D 330 36.52 -50.56 -40.29
C ASN D 330 36.95 -51.08 -41.66
N SER D 331 36.80 -50.30 -42.73
CA SER D 331 37.20 -50.76 -44.05
C SER D 331 38.70 -50.84 -44.19
N MET D 332 39.16 -51.81 -44.97
CA MET D 332 40.55 -51.88 -45.43
C MET D 332 40.58 -51.41 -46.88
N LEU D 333 41.39 -50.40 -47.17
CA LEU D 333 41.46 -49.79 -48.48
C LEU D 333 42.86 -49.85 -49.07
N THR D 334 43.73 -50.68 -48.51
CA THR D 334 45.11 -50.82 -48.97
C THR D 334 45.52 -52.26 -48.67
N GLU D 335 46.43 -52.79 -49.49
CA GLU D 335 47.15 -54.02 -49.13
C GLU D 335 47.83 -53.83 -47.78
N PRO D 336 47.49 -54.62 -46.76
CA PRO D 336 47.97 -54.31 -45.41
C PRO D 336 49.43 -54.65 -45.19
N ALA D 337 49.95 -55.69 -45.87
CA ALA D 337 51.34 -56.16 -45.78
C ALA D 337 51.74 -56.51 -44.35
N ASP D 338 50.78 -57.00 -43.56
CA ASP D 338 51.01 -57.37 -42.17
C ASP D 338 51.05 -58.88 -41.98
N GLY D 339 51.26 -59.63 -43.05
CA GLY D 339 51.29 -61.08 -42.97
C GLY D 339 49.95 -61.76 -43.10
N ARG D 340 48.86 -61.01 -43.19
CA ARG D 340 47.53 -61.57 -43.35
C ARG D 340 47.14 -61.62 -44.82
N LYS D 341 46.66 -62.78 -45.27
CA LYS D 341 46.22 -62.94 -46.65
C LYS D 341 44.85 -62.29 -46.84
N VAL D 342 44.67 -61.65 -48.00
CA VAL D 342 43.42 -60.96 -48.31
C VAL D 342 42.96 -61.41 -49.68
N VAL D 343 41.68 -61.18 -49.96
CA VAL D 343 41.11 -61.42 -51.28
C VAL D 343 41.22 -60.13 -52.09
N CYS D 344 41.81 -60.23 -53.28
CA CYS D 344 42.02 -59.06 -54.11
C CYS D 344 40.73 -58.51 -54.72
N HIS D 345 39.65 -59.30 -54.72
CA HIS D 345 38.39 -58.88 -55.32
C HIS D 345 37.73 -57.80 -54.47
N PRO D 346 37.41 -56.63 -55.02
CA PRO D 346 36.72 -55.60 -54.24
C PRO D 346 35.26 -55.98 -54.00
N THR D 347 34.81 -55.80 -52.76
CA THR D 347 33.45 -56.15 -52.39
C THR D 347 32.95 -55.15 -51.35
N ALA D 348 31.73 -54.66 -51.54
CA ALA D 348 31.07 -53.78 -50.59
C ALA D 348 30.17 -54.61 -49.69
N TRP D 349 30.35 -54.46 -48.38
CA TRP D 349 29.71 -55.31 -47.38
C TRP D 349 28.69 -54.51 -46.59
N ASP D 350 27.46 -55.03 -46.53
CA ASP D 350 26.41 -54.51 -45.67
C ASP D 350 26.25 -55.53 -44.55
N LEU D 351 26.98 -55.31 -43.45
CA LEU D 351 27.00 -56.31 -42.38
C LEU D 351 25.72 -56.29 -41.56
N GLY D 352 24.97 -55.20 -41.58
CA GLY D 352 23.81 -55.05 -40.73
C GLY D 352 24.10 -54.12 -39.56
N HIS D 353 22.99 -53.64 -38.94
CA HIS D 353 23.02 -52.69 -37.83
C HIS D 353 23.78 -51.41 -38.18
N GLY D 354 23.62 -50.96 -39.42
CA GLY D 354 24.29 -49.75 -39.85
C GLY D 354 25.78 -49.89 -40.10
N ASP D 355 26.28 -51.10 -40.36
CA ASP D 355 27.69 -51.33 -40.64
C ASP D 355 27.88 -51.53 -42.15
N PHE D 356 28.61 -50.61 -42.77
CA PHE D 356 28.87 -50.63 -44.20
C PHE D 356 30.37 -50.51 -44.42
N ARG D 357 30.96 -51.51 -45.08
CA ARG D 357 32.41 -51.58 -45.27
C ARG D 357 32.74 -51.83 -46.73
N ILE D 358 34.00 -51.60 -47.10
CA ILE D 358 34.50 -51.91 -48.43
C ILE D 358 35.83 -52.65 -48.30
N LYS D 359 35.91 -53.85 -48.86
CA LYS D 359 37.16 -54.60 -48.97
C LYS D 359 37.74 -54.38 -50.36
N MET D 360 38.83 -53.63 -50.44
CA MET D 360 39.45 -53.35 -51.72
C MET D 360 40.95 -53.23 -51.54
N CYS D 361 41.71 -53.84 -52.45
CA CYS D 361 43.16 -53.67 -52.49
C CYS D 361 43.45 -52.58 -53.52
N THR D 362 43.31 -51.33 -53.06
CA THR D 362 43.33 -50.19 -53.96
C THR D 362 44.77 -49.82 -54.33
N LYS D 363 45.09 -49.92 -55.62
CA LYS D 363 46.25 -49.27 -56.18
C LYS D 363 45.85 -47.90 -56.70
N VAL D 364 46.84 -47.04 -56.91
CA VAL D 364 46.58 -45.68 -57.37
C VAL D 364 46.49 -45.77 -58.89
N THR D 365 45.29 -46.09 -59.37
CA THR D 365 45.00 -46.20 -60.80
C THR D 365 43.62 -45.59 -61.06
N MET D 366 43.34 -45.34 -62.34
CA MET D 366 42.02 -44.84 -62.73
C MET D 366 40.97 -45.94 -62.60
N ASP D 367 41.35 -47.19 -62.91
CA ASP D 367 40.41 -48.30 -62.85
C ASP D 367 39.98 -48.58 -61.41
N ASN D 368 40.91 -48.45 -60.46
CA ASN D 368 40.55 -48.61 -59.05
C ASN D 368 39.75 -47.42 -58.55
N PHE D 369 39.93 -46.25 -59.15
CA PHE D 369 39.09 -45.09 -58.85
C PHE D 369 37.65 -45.33 -59.27
N LEU D 370 37.46 -45.83 -60.49
CA LEU D 370 36.11 -46.17 -60.96
C LEU D 370 35.52 -47.34 -60.17
N THR D 371 36.35 -48.30 -59.76
CA THR D 371 35.87 -49.40 -58.93
C THR D 371 35.48 -48.92 -57.54
N ALA D 372 36.20 -47.92 -57.00
CA ALA D 372 35.82 -47.32 -55.73
C ALA D 372 34.48 -46.59 -55.83
N HIS D 373 34.25 -45.89 -56.95
CA HIS D 373 32.93 -45.29 -57.19
C HIS D 373 31.83 -46.35 -57.32
N HIS D 374 32.14 -47.48 -57.96
CA HIS D 374 31.18 -48.57 -58.11
C HIS D 374 30.81 -49.16 -56.75
N GLU D 375 31.81 -49.44 -55.91
CA GLU D 375 31.54 -50.05 -54.62
C GLU D 375 30.93 -49.04 -53.64
N MET D 376 31.23 -47.75 -53.79
CA MET D 376 30.51 -46.76 -53.01
C MET D 376 29.07 -46.60 -53.48
N GLY D 377 28.80 -46.86 -54.77
CA GLY D 377 27.42 -46.94 -55.22
C GLY D 377 26.69 -48.11 -54.58
N HIS D 378 27.37 -49.25 -54.46
CA HIS D 378 26.83 -50.39 -53.71
C HIS D 378 26.58 -50.03 -52.25
N ILE D 379 27.51 -49.29 -51.64
CA ILE D 379 27.39 -48.92 -50.24
C ILE D 379 26.21 -47.97 -50.04
N GLN D 380 26.04 -47.00 -50.94
CA GLN D 380 24.90 -46.08 -50.83
C GLN D 380 23.57 -46.80 -51.07
N TYR D 381 23.55 -47.77 -51.99
CA TYR D 381 22.37 -48.60 -52.19
C TYR D 381 22.03 -49.39 -50.92
N ASP D 382 23.04 -49.95 -50.26
CA ASP D 382 22.80 -50.67 -49.01
C ASP D 382 22.38 -49.73 -47.88
N MET D 383 22.93 -48.52 -47.86
CA MET D 383 22.62 -47.55 -46.82
C MET D 383 21.21 -47.00 -46.95
N ALA D 384 20.69 -46.91 -48.18
CA ALA D 384 19.42 -46.22 -48.37
C ALA D 384 18.24 -47.06 -47.91
N TYR D 385 18.25 -48.38 -48.11
CA TYR D 385 17.15 -49.21 -47.65
C TYR D 385 17.38 -49.77 -46.24
N ALA D 386 18.21 -49.13 -45.43
CA ALA D 386 18.41 -49.57 -44.06
C ALA D 386 17.18 -49.36 -43.20
N ARG D 387 16.30 -48.43 -43.58
CA ARG D 387 15.06 -48.18 -42.85
C ARG D 387 14.00 -49.25 -43.12
N GLN D 388 14.20 -50.09 -44.14
CA GLN D 388 13.28 -51.17 -44.43
C GLN D 388 13.43 -52.29 -43.41
N PRO D 389 12.43 -53.18 -43.29
CA PRO D 389 12.62 -54.41 -42.52
C PRO D 389 13.66 -55.33 -43.15
N PHE D 390 14.10 -56.32 -42.35
CA PHE D 390 15.28 -57.12 -42.67
C PHE D 390 15.09 -57.96 -43.93
N LEU D 391 13.88 -58.49 -44.13
CA LEU D 391 13.63 -59.33 -45.30
C LEU D 391 13.50 -58.51 -46.58
N LEU D 392 13.33 -57.19 -46.47
CA LEU D 392 13.23 -56.33 -47.63
C LEU D 392 14.47 -55.48 -47.81
N ARG D 393 15.59 -55.85 -47.17
CA ARG D 393 16.84 -55.13 -47.35
C ARG D 393 17.68 -55.79 -48.44
N ASN D 394 17.12 -55.80 -49.64
CA ASN D 394 17.77 -56.35 -50.83
C ASN D 394 17.54 -55.39 -51.99
N GLY D 395 18.03 -55.76 -53.16
CA GLY D 395 17.67 -55.04 -54.37
C GLY D 395 16.26 -55.35 -54.82
N ALA D 396 15.77 -54.50 -55.73
CA ALA D 396 14.44 -54.71 -56.31
C ALA D 396 14.40 -55.99 -57.13
N ASN D 397 15.45 -56.23 -57.92
CA ASN D 397 15.79 -57.55 -58.42
C ASN D 397 17.31 -57.66 -58.41
N GLU D 398 17.84 -58.70 -59.07
CA GLU D 398 19.27 -58.95 -59.04
C GLU D 398 20.05 -57.97 -59.90
N GLY D 399 19.39 -57.28 -60.84
CA GLY D 399 20.08 -56.35 -61.71
C GLY D 399 20.20 -54.94 -61.17
N PHE D 400 19.28 -54.56 -60.26
CA PHE D 400 19.25 -53.21 -59.72
C PHE D 400 20.50 -52.89 -58.90
N HIS D 401 20.96 -53.87 -58.12
CA HIS D 401 22.08 -53.65 -57.20
C HIS D 401 23.36 -53.35 -57.95
N GLU D 402 23.59 -54.04 -59.06
CA GLU D 402 24.79 -53.75 -59.85
C GLU D 402 24.58 -52.59 -60.80
N ALA D 403 23.33 -52.32 -61.23
CA ALA D 403 23.06 -51.18 -62.10
C ALA D 403 23.28 -49.86 -61.38
N VAL D 404 22.93 -49.78 -60.09
CA VAL D 404 23.14 -48.54 -59.35
C VAL D 404 24.59 -48.31 -58.98
N GLY D 405 25.47 -49.27 -59.23
CA GLY D 405 26.90 -49.06 -59.12
C GLY D 405 27.50 -48.75 -60.48
N GLU D 406 26.95 -49.37 -61.52
CA GLU D 406 27.42 -49.11 -62.88
C GLU D 406 27.08 -47.70 -63.35
N ILE D 407 26.01 -47.09 -62.82
CA ILE D 407 25.74 -45.71 -63.20
C ILE D 407 26.76 -44.76 -62.58
N MET D 408 27.22 -45.06 -61.35
CA MET D 408 28.30 -44.28 -60.75
C MET D 408 29.62 -44.50 -61.47
N SER D 409 29.87 -45.74 -61.93
CA SER D 409 31.05 -46.00 -62.74
C SER D 409 30.98 -45.28 -64.09
N LEU D 410 29.77 -45.09 -64.61
CA LEU D 410 29.60 -44.30 -65.84
C LEU D 410 29.89 -42.84 -65.58
N SER D 411 29.33 -42.26 -64.51
CA SER D 411 29.48 -40.84 -64.26
C SER D 411 30.87 -40.47 -63.77
N ALA D 412 31.59 -41.39 -63.12
CA ALA D 412 32.93 -41.08 -62.62
C ALA D 412 33.98 -41.03 -63.72
N ALA D 413 33.71 -41.63 -64.88
CA ALA D 413 34.69 -41.73 -65.95
C ALA D 413 34.60 -40.60 -66.98
N THR D 414 33.68 -39.65 -66.81
CA THR D 414 33.52 -38.60 -67.82
C THR D 414 34.67 -37.60 -67.73
N PRO D 415 35.05 -37.00 -68.87
CA PRO D 415 36.06 -35.94 -68.84
C PRO D 415 35.63 -34.69 -68.08
N LYS D 416 34.33 -34.43 -67.96
CA LYS D 416 33.83 -33.29 -67.20
C LYS D 416 34.12 -33.46 -65.70
N HIS D 417 33.88 -34.65 -65.17
CA HIS D 417 34.14 -34.91 -63.75
C HIS D 417 35.63 -34.86 -63.43
N LEU D 418 36.46 -35.34 -64.35
CA LEU D 418 37.91 -35.31 -64.12
C LEU D 418 38.47 -33.90 -64.28
N LYS D 419 37.86 -33.09 -65.15
CA LYS D 419 38.27 -31.70 -65.25
C LYS D 419 37.78 -30.88 -64.07
N SER D 420 36.66 -31.28 -63.44
CA SER D 420 36.12 -30.52 -62.32
C SER D 420 36.98 -30.68 -61.06
N ILE D 421 37.50 -31.88 -60.83
CA ILE D 421 38.24 -32.19 -59.60
C ILE D 421 39.74 -32.04 -59.78
N GLY D 422 40.18 -31.46 -60.89
CA GLY D 422 41.58 -31.17 -61.12
C GLY D 422 42.42 -32.32 -61.62
N LEU D 423 41.83 -33.50 -61.83
CA LEU D 423 42.58 -34.64 -62.33
C LEU D 423 42.93 -34.47 -63.80
N LEU D 424 42.13 -33.71 -64.54
CA LEU D 424 42.32 -33.44 -65.95
C LEU D 424 42.38 -31.93 -66.17
N PRO D 425 43.28 -31.44 -67.01
CA PRO D 425 43.51 -29.99 -67.09
C PRO D 425 42.33 -29.24 -67.72
N SER D 426 42.24 -27.96 -67.35
CA SER D 426 41.11 -27.12 -67.74
C SER D 426 41.10 -26.81 -69.23
N ASP D 427 42.28 -26.80 -69.88
CA ASP D 427 42.38 -26.55 -71.30
C ASP D 427 42.26 -27.81 -72.15
N PHE D 428 41.60 -28.85 -71.64
CA PHE D 428 41.46 -30.09 -72.39
C PHE D 428 40.53 -29.90 -73.58
N GLN D 429 40.98 -30.37 -74.74
CA GLN D 429 40.18 -30.38 -75.96
C GLN D 429 39.74 -31.82 -76.19
N GLU D 430 38.43 -32.07 -76.10
CA GLU D 430 37.89 -33.41 -76.32
C GLU D 430 37.39 -33.51 -77.76
N ASP D 431 38.27 -33.95 -78.64
CA ASP D 431 37.90 -34.16 -80.03
C ASP D 431 37.11 -35.46 -80.18
N SER D 432 36.59 -35.68 -81.38
CA SER D 432 35.70 -36.81 -81.61
C SER D 432 36.42 -38.14 -81.69
N GLU D 433 37.73 -38.15 -81.97
CA GLU D 433 38.46 -39.41 -82.14
C GLU D 433 38.60 -40.17 -80.82
N THR D 434 39.03 -39.48 -79.75
CA THR D 434 39.12 -40.15 -78.46
C THR D 434 37.74 -40.44 -77.88
N GLU D 435 36.70 -39.69 -78.29
CA GLU D 435 35.36 -39.98 -77.82
C GLU D 435 34.84 -41.27 -78.48
N ILE D 436 35.13 -41.43 -79.77
CA ILE D 436 34.75 -42.65 -80.50
C ILE D 436 35.50 -43.86 -79.96
N ASN D 437 36.81 -43.75 -79.70
CA ASN D 437 37.47 -44.96 -79.22
C ASN D 437 37.18 -45.27 -77.76
N PHE D 438 36.85 -44.25 -76.95
CA PHE D 438 36.29 -44.50 -75.61
C PHE D 438 34.94 -45.21 -75.70
N LEU D 439 34.07 -44.77 -76.61
CA LEU D 439 32.78 -45.42 -76.80
C LEU D 439 32.93 -46.84 -77.34
N LEU D 440 33.98 -47.10 -78.13
CA LEU D 440 34.19 -48.43 -78.66
C LEU D 440 34.72 -49.37 -77.58
N LYS D 441 35.60 -48.85 -76.69
CA LYS D 441 36.04 -49.63 -75.54
C LYS D 441 34.88 -49.95 -74.61
N GLN D 442 33.98 -48.98 -74.40
CA GLN D 442 32.77 -49.23 -73.62
C GLN D 442 31.85 -50.23 -74.32
N ALA D 443 31.79 -50.23 -75.65
CA ALA D 443 30.96 -51.20 -76.36
C ALA D 443 31.54 -52.61 -76.26
N LEU D 444 32.86 -52.73 -76.39
CA LEU D 444 33.51 -54.03 -76.23
C LEU D 444 33.37 -54.58 -74.81
N THR D 445 33.35 -53.68 -73.81
CA THR D 445 33.10 -54.14 -72.45
C THR D 445 31.62 -54.49 -72.22
N ILE D 446 30.72 -53.71 -72.81
CA ILE D 446 29.33 -53.65 -72.39
C ILE D 446 28.41 -54.33 -73.41
N VAL D 447 28.49 -53.92 -74.68
CA VAL D 447 27.59 -54.44 -75.71
C VAL D 447 27.96 -55.88 -76.07
N GLY D 448 29.26 -56.19 -76.10
CA GLY D 448 29.72 -57.51 -76.51
C GLY D 448 29.39 -58.65 -75.56
N THR D 449 29.08 -58.35 -74.30
CA THR D 449 28.68 -59.39 -73.36
C THR D 449 27.19 -59.73 -73.43
N LEU D 450 26.40 -58.94 -74.16
CA LEU D 450 24.95 -59.15 -74.17
C LEU D 450 24.49 -60.35 -75.00
N PRO D 451 24.97 -60.60 -76.24
CA PRO D 451 24.58 -61.87 -76.90
C PRO D 451 25.12 -63.10 -76.20
N PHE D 452 26.30 -63.01 -75.58
CA PHE D 452 26.84 -64.12 -74.80
C PHE D 452 25.95 -64.41 -73.59
N THR D 453 25.50 -63.36 -72.90
CA THR D 453 24.63 -63.51 -71.73
C THR D 453 23.27 -64.09 -72.13
N TYR D 454 22.67 -63.54 -73.19
CA TYR D 454 21.37 -64.02 -73.65
C TYR D 454 21.44 -65.45 -74.16
N MET D 455 22.53 -65.80 -74.86
CA MET D 455 22.79 -67.18 -75.26
C MET D 455 22.90 -68.12 -74.07
N LEU D 456 23.73 -67.77 -73.08
CA LEU D 456 23.98 -68.67 -71.96
C LEU D 456 22.72 -68.89 -71.13
N GLU D 457 21.96 -67.82 -70.87
CA GLU D 457 20.73 -67.98 -70.12
C GLU D 457 19.64 -68.68 -70.93
N LYS D 458 19.59 -68.46 -72.26
CA LYS D 458 18.63 -69.17 -73.09
C LYS D 458 18.93 -70.67 -73.13
N TRP D 459 20.21 -71.03 -73.23
CA TRP D 459 20.61 -72.42 -73.23
C TRP D 459 20.32 -73.08 -71.88
N ARG D 460 20.58 -72.36 -70.78
CA ARG D 460 20.31 -72.93 -69.46
C ARG D 460 18.80 -73.08 -69.22
N TRP D 461 18.01 -72.12 -69.70
CA TRP D 461 16.55 -72.23 -69.59
C TRP D 461 16.00 -73.39 -70.42
N MET D 462 16.53 -73.59 -71.63
CA MET D 462 16.05 -74.71 -72.44
C MET D 462 16.53 -76.06 -71.93
N VAL D 463 17.72 -76.12 -71.31
CA VAL D 463 18.16 -77.38 -70.70
C VAL D 463 17.34 -77.72 -69.47
N PHE D 464 17.12 -76.73 -68.59
CA PHE D 464 16.36 -76.98 -67.37
C PHE D 464 14.87 -77.24 -67.66
N ARG D 465 14.32 -76.58 -68.68
CA ARG D 465 12.93 -76.81 -69.06
C ARG D 465 12.75 -78.17 -69.73
N GLY D 466 13.81 -78.70 -70.36
CA GLY D 466 13.71 -79.91 -71.15
C GLY D 466 13.39 -79.70 -72.62
N GLU D 467 13.46 -78.45 -73.11
CA GLU D 467 13.25 -78.19 -74.53
C GLU D 467 14.39 -78.73 -75.38
N ILE D 468 15.61 -78.77 -74.83
CA ILE D 468 16.74 -79.41 -75.49
C ILE D 468 16.83 -80.86 -74.99
N PRO D 469 16.77 -81.85 -75.88
CA PRO D 469 16.96 -83.24 -75.46
C PRO D 469 18.35 -83.49 -74.90
N LYS D 470 18.46 -84.55 -74.09
CA LYS D 470 19.66 -84.82 -73.32
C LYS D 470 20.83 -85.22 -74.21
N GLU D 471 20.57 -85.93 -75.30
CA GLU D 471 21.61 -86.38 -76.22
C GLU D 471 21.88 -85.38 -77.35
N GLN D 472 21.26 -84.21 -77.33
CA GLN D 472 21.45 -83.21 -78.37
C GLN D 472 21.86 -81.89 -77.72
N TRP D 473 22.79 -81.97 -76.76
CA TRP D 473 23.25 -80.78 -76.05
C TRP D 473 24.24 -79.97 -76.88
N MET D 474 25.40 -80.55 -77.18
CA MET D 474 26.55 -79.78 -77.64
C MET D 474 26.34 -79.20 -79.04
N LYS D 475 25.80 -80.00 -79.96
CA LYS D 475 25.52 -79.54 -81.32
C LYS D 475 24.40 -78.49 -81.35
N LYS D 476 23.53 -78.47 -80.34
CA LYS D 476 22.56 -77.38 -80.22
C LYS D 476 23.28 -76.11 -79.81
N TRP D 477 24.22 -76.23 -78.87
CA TRP D 477 24.92 -75.07 -78.34
C TRP D 477 25.71 -74.41 -79.47
N TRP D 478 26.49 -75.21 -80.21
CA TRP D 478 27.21 -74.62 -81.32
C TRP D 478 26.30 -74.24 -82.50
N GLU D 479 25.03 -74.70 -82.54
CA GLU D 479 24.07 -74.10 -83.46
C GLU D 479 23.75 -72.68 -83.05
N MET D 480 23.43 -72.47 -81.78
CA MET D 480 22.97 -71.14 -81.41
C MET D 480 24.14 -70.16 -81.37
N LYS D 481 25.36 -70.65 -81.11
CA LYS D 481 26.52 -69.77 -81.27
C LYS D 481 26.83 -69.49 -82.75
N ARG D 482 26.44 -70.40 -83.67
CA ARG D 482 26.47 -70.02 -85.07
C ARG D 482 25.34 -69.07 -85.44
N GLU D 483 24.26 -69.06 -84.66
CA GLU D 483 23.06 -68.28 -84.96
C GLU D 483 22.97 -66.95 -84.20
N ILE D 484 23.10 -66.99 -82.87
CA ILE D 484 22.83 -65.81 -82.05
C ILE D 484 24.09 -64.95 -81.89
N VAL D 485 25.14 -65.53 -81.30
CA VAL D 485 26.35 -64.76 -81.04
C VAL D 485 27.16 -64.55 -82.32
N GLY D 486 27.05 -65.46 -83.28
CA GLY D 486 27.84 -65.34 -84.48
C GLY D 486 29.29 -65.75 -84.31
N VAL D 487 29.56 -66.80 -83.52
CA VAL D 487 30.90 -67.28 -83.24
C VAL D 487 30.92 -68.78 -83.52
N VAL D 488 31.83 -69.21 -84.39
CA VAL D 488 31.90 -70.60 -84.80
C VAL D 488 32.96 -71.30 -83.96
N GLU D 489 32.81 -72.62 -83.79
CA GLU D 489 33.81 -73.41 -83.10
C GLU D 489 35.04 -73.60 -83.99
N PRO D 490 36.23 -73.67 -83.40
CA PRO D 490 37.43 -73.93 -84.20
C PRO D 490 37.54 -75.40 -84.59
N LEU D 491 37.15 -76.29 -83.68
CA LEU D 491 37.16 -77.72 -83.92
C LEU D 491 35.81 -78.31 -83.56
N PRO D 492 35.38 -79.37 -84.25
CA PRO D 492 34.09 -80.00 -83.91
C PRO D 492 34.13 -80.68 -82.56
N HIS D 493 33.03 -80.57 -81.82
CA HIS D 493 32.91 -81.15 -80.49
C HIS D 493 31.72 -82.11 -80.47
N ASP D 494 31.93 -83.29 -79.90
CA ASP D 494 30.88 -84.27 -79.75
C ASP D 494 30.22 -84.10 -78.37
N GLU D 495 29.31 -85.00 -78.01
CA GLU D 495 28.53 -84.86 -76.79
C GLU D 495 29.29 -85.30 -75.54
N THR D 496 30.51 -85.80 -75.67
CA THR D 496 31.34 -86.05 -74.50
C THR D 496 31.86 -84.76 -73.88
N TYR D 497 31.86 -83.65 -74.63
CA TYR D 497 32.25 -82.36 -74.08
C TYR D 497 31.10 -81.73 -73.28
N CYS D 498 31.47 -80.81 -72.38
CA CYS D 498 30.53 -79.91 -71.71
C CYS D 498 31.13 -78.51 -71.79
N ASP D 499 30.88 -77.85 -72.92
CA ASP D 499 31.49 -76.56 -73.26
C ASP D 499 30.97 -75.34 -72.50
N PRO D 500 29.66 -75.23 -72.13
CA PRO D 500 29.28 -74.17 -71.18
C PRO D 500 29.98 -74.22 -69.84
N ALA D 501 30.20 -75.42 -69.29
CA ALA D 501 30.66 -75.63 -67.91
C ALA D 501 32.07 -75.12 -67.66
N SER D 502 32.81 -74.73 -68.69
CA SER D 502 34.08 -74.03 -68.54
C SER D 502 33.96 -72.65 -67.90
N LEU D 503 32.76 -72.07 -67.84
CA LEU D 503 32.58 -70.75 -67.26
C LEU D 503 32.36 -70.84 -65.75
N PHE D 504 32.81 -69.78 -65.06
CA PHE D 504 32.77 -69.72 -63.59
C PHE D 504 31.34 -69.69 -63.05
N HIS D 505 30.45 -68.93 -63.69
CA HIS D 505 29.13 -68.68 -63.13
C HIS D 505 28.22 -69.90 -63.22
N VAL D 506 28.47 -70.80 -64.17
CA VAL D 506 27.62 -71.96 -64.33
C VAL D 506 28.13 -73.16 -63.52
N SER D 507 29.45 -73.26 -63.29
CA SER D 507 29.98 -74.31 -62.44
C SER D 507 29.84 -74.01 -60.95
N ASN D 508 29.38 -72.81 -60.58
CA ASN D 508 29.20 -72.44 -59.18
C ASN D 508 27.77 -71.96 -58.90
N ASP D 509 26.83 -72.29 -59.79
CA ASP D 509 25.37 -72.12 -59.61
C ASP D 509 25.01 -70.65 -59.38
N TYR D 510 25.25 -69.85 -60.41
CA TYR D 510 24.94 -68.42 -60.39
C TYR D 510 24.04 -68.06 -61.56
N SER D 511 23.06 -67.19 -61.30
CA SER D 511 22.25 -66.61 -62.35
C SER D 511 23.08 -65.66 -63.20
N PHE D 512 22.83 -65.67 -64.51
CA PHE D 512 23.64 -64.90 -65.44
C PHE D 512 22.87 -63.76 -66.11
N ILE D 513 21.53 -63.74 -66.02
CA ILE D 513 20.73 -62.71 -66.69
C ILE D 513 20.79 -61.38 -65.95
N ARG D 514 21.37 -61.37 -64.74
CA ARG D 514 21.54 -60.14 -63.99
C ARG D 514 22.49 -59.17 -64.70
N TYR D 515 23.42 -59.68 -65.50
CA TYR D 515 24.30 -58.79 -66.26
C TYR D 515 23.56 -58.13 -67.42
N TYR D 516 22.66 -58.88 -68.06
CA TYR D 516 21.81 -58.33 -69.12
C TYR D 516 20.89 -57.25 -68.59
N THR D 517 20.21 -57.55 -67.47
CA THR D 517 19.32 -56.56 -66.87
C THR D 517 20.10 -55.40 -66.27
N ARG D 518 21.30 -55.65 -65.76
CA ARG D 518 22.23 -54.59 -65.34
C ARG D 518 22.52 -53.64 -66.49
N THR D 519 22.86 -54.20 -67.66
CA THR D 519 23.21 -53.38 -68.81
C THR D 519 22.03 -52.54 -69.29
N ILE D 520 20.82 -53.12 -69.25
CA ILE D 520 19.64 -52.35 -69.68
C ILE D 520 19.31 -51.25 -68.66
N TYR D 521 19.25 -51.63 -67.36
CA TYR D 521 18.87 -50.69 -66.31
C TYR D 521 19.90 -49.59 -66.13
N GLN D 522 21.17 -49.87 -66.46
CA GLN D 522 22.25 -48.90 -66.33
C GLN D 522 21.99 -47.69 -67.24
N PHE D 523 21.72 -47.94 -68.52
CA PHE D 523 21.49 -46.82 -69.42
C PHE D 523 20.10 -46.22 -69.25
N GLN D 524 19.12 -47.02 -68.80
CA GLN D 524 17.82 -46.44 -68.44
C GLN D 524 17.95 -45.44 -67.29
N PHE D 525 18.67 -45.84 -66.23
CA PHE D 525 18.93 -44.96 -65.10
C PHE D 525 19.79 -43.77 -65.51
N GLN D 526 20.71 -43.96 -66.46
CA GLN D 526 21.56 -42.86 -66.91
C GLN D 526 20.77 -41.81 -67.67
N GLU D 527 19.85 -42.22 -68.55
CA GLU D 527 18.97 -41.22 -69.18
C GLU D 527 18.04 -40.56 -68.18
N ALA D 528 17.54 -41.30 -67.19
CA ALA D 528 16.67 -40.70 -66.18
C ALA D 528 17.42 -39.65 -65.34
N LEU D 529 18.65 -39.97 -64.93
CA LEU D 529 19.41 -39.02 -64.11
C LEU D 529 19.94 -37.85 -64.93
N CYS D 530 20.20 -38.05 -66.23
CA CYS D 530 20.65 -36.93 -67.04
C CYS D 530 19.50 -36.04 -67.51
N GLN D 531 18.30 -36.60 -67.65
CA GLN D 531 17.12 -35.76 -67.85
C GLN D 531 16.72 -35.05 -66.58
N ALA D 532 16.97 -35.65 -65.42
CA ALA D 532 16.74 -34.96 -64.15
C ALA D 532 17.73 -33.81 -63.96
N ALA D 533 18.99 -34.02 -64.35
CA ALA D 533 20.01 -33.00 -64.17
C ALA D 533 20.00 -31.93 -65.27
N LYS D 534 19.11 -32.06 -66.26
CA LYS D 534 18.92 -31.10 -67.36
C LYS D 534 20.20 -30.92 -68.18
N TYR D 535 20.76 -32.05 -68.64
CA TYR D 535 21.94 -32.03 -69.49
C TYR D 535 21.50 -32.00 -70.95
N ASN D 536 22.01 -31.03 -71.70
CA ASN D 536 21.56 -30.76 -73.06
C ASN D 536 22.45 -31.37 -74.13
N GLY D 537 23.47 -32.13 -73.76
CA GLY D 537 24.38 -32.73 -74.70
C GLY D 537 24.09 -34.19 -74.94
N SER D 538 25.10 -34.89 -75.46
CA SER D 538 25.00 -36.33 -75.66
C SER D 538 25.08 -37.06 -74.31
N LEU D 539 24.54 -38.29 -74.31
CA LEU D 539 24.37 -39.03 -73.07
C LEU D 539 25.71 -39.48 -72.50
N HIS D 540 26.66 -39.86 -73.37
CA HIS D 540 27.92 -40.40 -72.89
C HIS D 540 28.84 -39.33 -72.31
N LYS D 541 28.60 -38.05 -72.61
CA LYS D 541 29.36 -36.97 -72.00
C LYS D 541 28.71 -36.45 -70.72
N CYS D 542 27.59 -37.04 -70.29
CA CYS D 542 26.79 -36.46 -69.22
C CYS D 542 27.38 -36.75 -67.84
N ASP D 543 27.38 -35.72 -66.99
CA ASP D 543 27.82 -35.81 -65.62
C ASP D 543 26.66 -35.40 -64.73
N ILE D 544 26.39 -36.18 -63.68
CA ILE D 544 25.27 -35.91 -62.78
C ILE D 544 25.72 -35.16 -61.53
N SER D 545 26.94 -34.64 -61.51
CA SER D 545 27.47 -33.88 -60.38
C SER D 545 26.76 -32.54 -60.24
N ASN D 546 26.72 -32.04 -59.00
CA ASN D 546 26.09 -30.77 -58.60
C ASN D 546 24.62 -30.69 -58.97
N SER D 547 23.91 -31.82 -58.91
CA SER D 547 22.49 -31.87 -59.28
C SER D 547 21.73 -32.60 -58.17
N THR D 548 21.13 -31.83 -57.26
CA THR D 548 20.44 -32.43 -56.12
C THR D 548 19.11 -33.05 -56.52
N GLU D 549 18.47 -32.56 -57.59
CA GLU D 549 17.20 -33.12 -58.00
C GLU D 549 17.36 -34.51 -58.62
N ALA D 550 18.49 -34.75 -59.30
CA ALA D 550 18.82 -36.10 -59.74
C ALA D 550 19.06 -37.02 -58.55
N GLY D 551 19.68 -36.49 -57.50
CA GLY D 551 19.86 -37.28 -56.29
C GLY D 551 18.56 -37.62 -55.60
N GLN D 552 17.59 -36.70 -55.62
CA GLN D 552 16.28 -36.99 -55.03
C GLN D 552 15.51 -37.98 -55.88
N LYS D 553 15.60 -37.87 -57.21
CA LYS D 553 15.00 -38.84 -58.12
C LYS D 553 15.62 -40.22 -57.94
N LEU D 554 16.91 -40.28 -57.63
CA LEU D 554 17.59 -41.53 -57.35
C LEU D 554 17.14 -42.11 -56.01
N LEU D 555 17.14 -41.28 -54.96
CA LEU D 555 16.76 -41.71 -53.62
C LEU D 555 15.28 -42.07 -53.49
N LYS D 556 14.43 -41.67 -54.44
CA LYS D 556 13.08 -42.21 -54.47
C LYS D 556 13.08 -43.71 -54.75
N MET D 557 14.05 -44.21 -55.51
CA MET D 557 14.17 -45.63 -55.77
C MET D 557 15.02 -46.36 -54.74
N LEU D 558 16.18 -45.79 -54.39
CA LEU D 558 17.08 -46.44 -53.45
C LEU D 558 16.49 -46.60 -52.05
N SER D 559 15.59 -45.71 -51.64
CA SER D 559 14.97 -45.89 -50.32
C SER D 559 13.90 -46.98 -50.31
N LEU D 560 13.46 -47.46 -51.48
CA LEU D 560 12.37 -48.43 -51.54
C LEU D 560 12.83 -49.81 -51.10
N GLY D 561 14.01 -50.25 -51.56
CA GLY D 561 14.37 -51.64 -51.43
C GLY D 561 13.52 -52.50 -52.36
N ASN D 562 13.22 -53.71 -51.93
CA ASN D 562 12.20 -54.53 -52.58
C ASN D 562 10.89 -54.53 -51.81
N SER D 563 10.54 -53.40 -51.16
CA SER D 563 9.25 -53.31 -50.48
C SER D 563 8.10 -53.20 -51.48
N GLU D 564 8.39 -52.66 -52.66
CA GLU D 564 7.47 -52.53 -53.77
C GLU D 564 7.92 -53.41 -54.94
N PRO D 565 7.03 -53.72 -55.89
CA PRO D 565 7.47 -54.39 -57.12
C PRO D 565 8.46 -53.53 -57.91
N TRP D 566 9.37 -54.23 -58.60
CA TRP D 566 10.46 -53.56 -59.31
C TRP D 566 9.97 -52.74 -60.50
N THR D 567 8.79 -53.05 -61.03
CA THR D 567 8.18 -52.22 -62.07
C THR D 567 7.80 -50.85 -61.54
N LYS D 568 7.35 -50.77 -60.28
CA LYS D 568 7.01 -49.49 -59.68
C LYS D 568 8.26 -48.64 -59.45
N ALA D 569 9.35 -49.28 -58.99
CA ALA D 569 10.62 -48.55 -58.83
C ALA D 569 11.17 -48.09 -60.17
N LEU D 570 11.05 -48.94 -61.20
CA LEU D 570 11.49 -48.56 -62.54
C LEU D 570 10.65 -47.41 -63.10
N GLU D 571 9.35 -47.39 -62.81
CA GLU D 571 8.53 -46.25 -63.23
C GLU D 571 8.87 -45.00 -62.41
N ASN D 572 9.28 -45.20 -61.16
CA ASN D 572 9.71 -44.09 -60.31
C ASN D 572 10.98 -43.44 -60.85
N VAL D 573 11.88 -44.23 -61.44
CA VAL D 573 13.08 -43.61 -62.03
C VAL D 573 12.79 -43.10 -63.44
N VAL D 574 12.46 -44.01 -64.36
CA VAL D 574 12.51 -43.68 -65.79
C VAL D 574 11.13 -43.44 -66.38
N GLY D 575 10.06 -43.70 -65.65
CA GLY D 575 8.72 -43.57 -66.20
C GLY D 575 8.29 -44.71 -67.09
N ALA D 576 8.91 -45.88 -66.96
CA ALA D 576 8.53 -47.06 -67.72
C ALA D 576 8.48 -48.27 -66.79
N ARG D 577 7.70 -49.26 -67.20
CA ARG D 577 7.44 -50.44 -66.37
C ARG D 577 8.09 -51.70 -66.93
N ASN D 578 9.06 -51.55 -67.84
CA ASN D 578 9.68 -52.69 -68.48
C ASN D 578 11.07 -52.29 -68.95
N MET D 579 11.82 -53.29 -69.42
CA MET D 579 13.16 -53.06 -69.95
C MET D 579 13.10 -52.28 -71.26
N ASP D 580 13.92 -51.24 -71.36
CA ASP D 580 14.00 -50.41 -72.55
C ASP D 580 15.46 -50.26 -72.97
N VAL D 581 15.73 -50.51 -74.24
CA VAL D 581 17.09 -50.44 -74.79
C VAL D 581 17.28 -49.25 -75.71
N LYS D 582 16.25 -48.41 -75.90
CA LYS D 582 16.44 -47.10 -76.52
C LYS D 582 17.46 -46.22 -75.79
N PRO D 583 17.56 -46.18 -74.45
CA PRO D 583 18.72 -45.50 -73.83
C PRO D 583 20.07 -46.09 -74.20
N LEU D 584 20.15 -47.41 -74.39
CA LEU D 584 21.43 -48.02 -74.77
C LEU D 584 21.83 -47.63 -76.18
N LEU D 585 20.88 -47.58 -77.11
CA LEU D 585 21.20 -47.15 -78.46
C LEU D 585 21.43 -45.64 -78.55
N ASN D 586 20.81 -44.88 -77.64
CA ASN D 586 21.07 -43.44 -77.59
C ASN D 586 22.43 -43.11 -77.00
N TYR D 587 22.91 -43.94 -76.06
CA TYR D 587 24.27 -43.77 -75.54
C TYR D 587 25.32 -43.99 -76.62
N PHE D 588 25.14 -45.03 -77.43
CA PHE D 588 26.11 -45.42 -78.45
C PHE D 588 25.79 -44.85 -79.83
N GLN D 589 24.98 -43.78 -79.89
CA GLN D 589 24.57 -43.22 -81.17
C GLN D 589 25.71 -42.64 -82.02
N PRO D 590 26.67 -41.85 -81.50
CA PRO D 590 27.80 -41.45 -82.37
C PRO D 590 28.63 -42.63 -82.82
N LEU D 591 28.81 -43.62 -81.95
CA LEU D 591 29.54 -44.83 -82.32
C LEU D 591 28.75 -45.67 -83.32
N PHE D 592 27.43 -45.71 -83.19
CA PHE D 592 26.61 -46.46 -84.15
C PHE D 592 26.61 -45.80 -85.52
N ASP D 593 26.64 -44.45 -85.55
CA ASP D 593 26.80 -43.72 -86.80
C ASP D 593 28.18 -43.98 -87.41
N TRP D 594 29.22 -44.00 -86.58
CA TRP D 594 30.57 -44.31 -87.05
C TRP D 594 30.68 -45.73 -87.58
N LEU D 595 29.99 -46.68 -86.94
CA LEU D 595 29.99 -48.06 -87.40
C LEU D 595 29.21 -48.22 -88.69
N LYS D 596 28.16 -47.41 -88.89
CA LYS D 596 27.57 -47.33 -90.23
C LYS D 596 28.55 -46.76 -91.25
N GLU D 597 29.34 -45.76 -90.85
CA GLU D 597 30.20 -45.08 -91.81
C GLU D 597 31.36 -45.94 -92.30
N GLN D 598 31.82 -46.91 -91.50
CA GLN D 598 32.86 -47.84 -91.93
C GLN D 598 32.36 -49.26 -92.12
N ASN D 599 31.09 -49.47 -92.46
CA ASN D 599 30.63 -50.80 -92.87
C ASN D 599 29.88 -50.78 -94.19
N ARG D 600 30.13 -49.79 -95.04
CA ARG D 600 29.43 -49.71 -96.32
C ARG D 600 29.91 -50.77 -97.29
N ASN D 601 31.24 -50.95 -97.39
CA ASN D 601 31.81 -51.94 -98.28
C ASN D 601 31.80 -53.36 -97.71
N SER D 602 31.71 -53.49 -96.39
CA SER D 602 31.78 -54.80 -95.76
C SER D 602 30.41 -55.49 -95.78
N PHE D 603 30.37 -56.70 -95.24
CA PHE D 603 29.15 -57.49 -95.11
C PHE D 603 28.78 -57.52 -93.64
N VAL D 604 27.67 -56.89 -93.28
CA VAL D 604 27.15 -56.91 -91.92
C VAL D 604 26.31 -58.16 -91.76
N GLY D 605 26.63 -58.96 -90.76
CA GLY D 605 26.00 -60.26 -90.58
C GLY D 605 26.97 -61.40 -90.82
N TRP D 606 26.53 -62.59 -90.41
CA TRP D 606 27.35 -63.79 -90.47
C TRP D 606 26.55 -64.94 -91.08
N ASN D 607 27.29 -65.96 -91.51
CA ASN D 607 26.71 -67.17 -92.07
C ASN D 607 26.90 -68.31 -91.06
N THR D 608 25.84 -69.11 -90.90
CA THR D 608 25.90 -70.21 -89.94
C THR D 608 26.79 -71.36 -90.43
N GLU D 609 26.97 -71.48 -91.74
CA GLU D 609 27.84 -72.49 -92.29
C GLU D 609 29.29 -72.12 -91.98
N TRP D 610 30.09 -73.14 -91.63
CA TRP D 610 31.44 -72.95 -91.09
C TRP D 610 32.37 -72.42 -92.18
N SER D 611 32.71 -71.14 -92.09
CA SER D 611 33.70 -70.54 -92.98
C SER D 611 34.96 -70.21 -92.18
N PRO D 612 36.16 -70.60 -92.67
CA PRO D 612 37.42 -70.49 -91.91
C PRO D 612 37.83 -69.03 -91.64
#